data_5WT7
#
_entry.id   5WT7
#
_entity_poly.entity_id   1
_entity_poly.type   'polypeptide(L)'
_entity_poly.pdbx_seq_one_letter_code
;GAMEKSLHEKLKQDKRFSTFLSLLEAADLKELLTQPGDWTLFVPTNDAFKGMTSEEKEILIRDKNALQNIILYHLTPGVF
IGKGFEPGVTNILKTTQGSKIFLKEVNDTLLVNELKSKESDIMTTNGVIHVVDKLLYPAD
;
_entity_poly.pdbx_strand_id   A
#
# COMPACT_ATOMS: atom_id res chain seq x y z
N GLY A 1 -20.70 7.17 -15.80
CA GLY A 1 -19.90 8.23 -15.19
C GLY A 1 -18.81 7.63 -14.31
N ALA A 2 -18.29 8.44 -13.39
CA ALA A 2 -17.26 7.99 -12.48
C ALA A 2 -16.18 7.23 -13.24
N MET A 3 -15.72 7.81 -14.34
CA MET A 3 -14.68 7.18 -15.15
C MET A 3 -13.31 7.43 -14.54
N GLU A 4 -13.29 7.90 -13.30
CA GLU A 4 -12.03 8.18 -12.62
C GLU A 4 -11.62 7.02 -11.72
N LYS A 5 -12.57 6.13 -11.49
CA LYS A 5 -12.34 4.97 -10.63
C LYS A 5 -11.86 5.40 -9.25
N SER A 6 -12.51 4.88 -8.20
CA SER A 6 -12.13 5.21 -6.84
C SER A 6 -11.34 4.07 -6.21
N LEU A 7 -10.74 4.34 -5.05
CA LEU A 7 -9.96 3.31 -4.37
C LEU A 7 -10.77 2.04 -4.18
N HIS A 8 -11.84 2.12 -3.40
CA HIS A 8 -12.68 0.97 -3.14
C HIS A 8 -13.16 0.36 -4.44
N GLU A 9 -13.50 1.21 -5.41
CA GLU A 9 -13.96 0.75 -6.70
C GLU A 9 -12.97 -0.23 -7.31
N LYS A 10 -11.69 0.14 -7.28
CA LYS A 10 -10.65 -0.71 -7.82
C LYS A 10 -10.57 -2.03 -7.06
N LEU A 11 -10.38 -1.94 -5.75
CA LEU A 11 -10.28 -3.15 -4.93
C LEU A 11 -11.52 -4.02 -5.09
N LYS A 12 -12.65 -3.39 -5.37
CA LYS A 12 -13.90 -4.12 -5.54
C LYS A 12 -14.00 -4.70 -6.95
N GLN A 13 -13.32 -4.04 -7.90
CA GLN A 13 -13.35 -4.49 -9.29
C GLN A 13 -12.13 -5.36 -9.60
N ASP A 14 -11.14 -5.34 -8.71
CA ASP A 14 -9.93 -6.13 -8.91
C ASP A 14 -9.91 -7.33 -7.96
N LYS A 15 -10.18 -8.51 -8.49
CA LYS A 15 -10.19 -9.72 -7.67
C LYS A 15 -8.80 -9.99 -7.11
N ARG A 16 -7.79 -9.36 -7.70
CA ARG A 16 -6.42 -9.54 -7.25
C ARG A 16 -6.26 -9.06 -5.81
N PHE A 17 -7.11 -8.10 -5.42
CA PHE A 17 -7.06 -7.57 -4.06
C PHE A 17 -8.29 -7.99 -3.26
N SER A 18 -8.83 -9.16 -3.59
CA SER A 18 -9.99 -9.68 -2.88
C SER A 18 -9.64 -9.88 -1.41
N THR A 19 -8.44 -10.40 -1.17
CA THR A 19 -8.00 -10.64 0.21
C THR A 19 -8.08 -9.34 1.00
N PHE A 20 -7.62 -8.26 0.39
CA PHE A 20 -7.66 -6.96 1.05
C PHE A 20 -9.08 -6.63 1.47
N LEU A 21 -10.00 -6.73 0.54
CA LEU A 21 -11.38 -6.45 0.85
C LEU A 21 -11.83 -7.23 2.08
N SER A 22 -11.34 -8.45 2.21
CA SER A 22 -11.74 -9.28 3.33
C SER A 22 -11.18 -8.78 4.66
N LEU A 23 -9.86 -8.67 4.73
CA LEU A 23 -9.19 -8.24 5.96
C LEU A 23 -9.39 -6.75 6.23
N LEU A 24 -9.39 -5.95 5.18
CA LEU A 24 -9.55 -4.52 5.36
C LEU A 24 -10.96 -4.21 5.82
N GLU A 25 -11.93 -4.93 5.28
CA GLU A 25 -13.31 -4.72 5.67
C GLU A 25 -13.54 -5.20 7.10
N ALA A 26 -12.82 -6.24 7.51
CA ALA A 26 -12.96 -6.76 8.86
C ALA A 26 -12.54 -5.70 9.87
N ALA A 27 -11.47 -4.98 9.56
CA ALA A 27 -10.98 -3.93 10.46
C ALA A 27 -11.88 -2.69 10.37
N ASP A 28 -12.77 -2.69 9.39
CA ASP A 28 -13.68 -1.56 9.17
C ASP A 28 -12.94 -0.39 8.54
N LEU A 29 -12.14 -0.66 7.50
CA LEU A 29 -11.41 0.41 6.82
C LEU A 29 -12.05 0.72 5.47
N LYS A 30 -13.00 -0.12 5.09
CA LYS A 30 -13.70 0.06 3.84
C LYS A 30 -14.18 1.51 3.70
N GLU A 31 -14.44 2.15 4.83
CA GLU A 31 -14.90 3.53 4.82
C GLU A 31 -13.71 4.49 4.74
N LEU A 32 -12.55 4.01 5.19
CA LEU A 32 -11.33 4.80 5.18
C LEU A 32 -10.84 5.05 3.77
N LEU A 33 -11.14 4.11 2.89
CA LEU A 33 -10.73 4.20 1.49
C LEU A 33 -11.63 5.17 0.74
N THR A 34 -12.72 5.55 1.38
CA THR A 34 -13.68 6.45 0.75
C THR A 34 -13.51 7.85 1.31
N GLN A 35 -12.94 7.93 2.50
CA GLN A 35 -12.74 9.22 3.15
C GLN A 35 -12.22 10.26 2.14
N PRO A 36 -12.39 11.54 2.41
CA PRO A 36 -11.92 12.62 1.50
C PRO A 36 -10.48 13.06 1.79
N GLY A 37 -9.59 12.86 0.83
CA GLY A 37 -8.20 13.26 1.00
C GLY A 37 -7.30 12.45 0.09
N ASP A 38 -6.15 13.02 -0.25
CA ASP A 38 -5.20 12.34 -1.13
C ASP A 38 -4.13 11.61 -0.32
N TRP A 39 -4.11 10.29 -0.45
CA TRP A 39 -3.13 9.48 0.27
C TRP A 39 -2.62 8.33 -0.61
N THR A 40 -1.51 7.72 -0.19
CA THR A 40 -0.93 6.60 -0.93
C THR A 40 -0.98 5.32 -0.09
N LEU A 41 -1.24 4.20 -0.76
CA LEU A 41 -1.31 2.91 -0.08
C LEU A 41 -0.46 1.88 -0.80
N PHE A 42 0.17 0.99 -0.03
CA PHE A 42 1.02 -0.05 -0.59
C PHE A 42 0.34 -1.42 -0.48
N VAL A 43 -0.26 -1.86 -1.58
CA VAL A 43 -0.96 -3.15 -1.57
C VAL A 43 -0.12 -4.24 -2.25
N PRO A 44 0.28 -5.29 -1.52
CA PRO A 44 1.08 -6.39 -2.11
C PRO A 44 0.19 -7.39 -2.85
N THR A 45 0.75 -8.07 -3.85
CA THR A 45 -0.03 -9.04 -4.61
C THR A 45 0.14 -10.45 -4.03
N ASN A 46 -0.56 -11.41 -4.62
CA ASN A 46 -0.48 -12.79 -4.14
C ASN A 46 0.98 -13.27 -4.16
N ASP A 47 1.70 -12.92 -5.22
CA ASP A 47 3.09 -13.32 -5.36
C ASP A 47 3.91 -12.90 -4.14
N ALA A 48 3.38 -11.94 -3.40
CA ALA A 48 4.04 -11.44 -2.20
C ALA A 48 3.70 -12.31 -0.99
N PHE A 49 2.52 -12.92 -1.03
CA PHE A 49 2.07 -13.77 0.07
C PHE A 49 2.86 -15.07 0.09
N LYS A 50 3.27 -15.52 -1.09
CA LYS A 50 4.03 -16.75 -1.21
C LYS A 50 5.30 -16.69 -0.35
N GLY A 51 5.32 -17.47 0.72
CA GLY A 51 6.46 -17.50 1.63
C GLY A 51 6.03 -17.30 3.08
N MET A 52 5.11 -16.38 3.30
CA MET A 52 4.61 -16.09 4.63
C MET A 52 4.46 -17.39 5.43
N THR A 53 5.15 -17.46 6.55
CA THR A 53 5.08 -18.65 7.39
C THR A 53 3.80 -18.66 8.20
N SER A 54 3.39 -19.85 8.62
CA SER A 54 2.15 -19.99 9.39
C SER A 54 2.24 -19.20 10.69
N GLU A 55 3.41 -19.21 11.30
CA GLU A 55 3.62 -18.50 12.55
C GLU A 55 3.59 -16.99 12.31
N GLU A 56 4.20 -16.56 11.23
CA GLU A 56 4.24 -15.15 10.90
C GLU A 56 2.83 -14.59 10.80
N LYS A 57 2.01 -15.17 9.92
CA LYS A 57 0.65 -14.69 9.75
C LYS A 57 -0.10 -14.71 11.08
N GLU A 58 0.18 -15.71 11.91
CA GLU A 58 -0.49 -15.82 13.20
C GLU A 58 -0.01 -14.73 14.15
N ILE A 59 1.30 -14.51 14.19
CA ILE A 59 1.85 -13.49 15.07
C ILE A 59 1.26 -12.13 14.72
N LEU A 60 0.80 -11.99 13.48
CA LEU A 60 0.21 -10.73 13.03
C LEU A 60 -1.21 -10.59 13.53
N ILE A 61 -2.06 -11.56 13.19
CA ILE A 61 -3.46 -11.54 13.61
C ILE A 61 -3.57 -11.78 15.11
N ARG A 62 -2.46 -12.20 15.72
CA ARG A 62 -2.44 -12.47 17.16
C ARG A 62 -2.64 -11.18 17.96
N ASP A 63 -2.30 -10.06 17.34
CA ASP A 63 -2.45 -8.77 18.00
C ASP A 63 -3.26 -7.82 17.13
N LYS A 64 -4.25 -7.17 17.74
CA LYS A 64 -5.09 -6.25 17.00
C LYS A 64 -4.27 -5.06 16.49
N ASN A 65 -3.34 -4.62 17.31
CA ASN A 65 -2.50 -3.49 16.92
C ASN A 65 -1.54 -3.87 15.81
N ALA A 66 -1.18 -5.16 15.77
CA ALA A 66 -0.24 -5.64 14.76
C ALA A 66 -0.87 -5.62 13.38
N LEU A 67 -1.95 -6.39 13.22
CA LEU A 67 -2.61 -6.43 11.94
C LEU A 67 -3.02 -5.01 11.55
N GLN A 68 -3.43 -4.23 12.53
CA GLN A 68 -3.87 -2.86 12.25
C GLN A 68 -2.76 -2.07 11.58
N ASN A 69 -1.57 -2.15 12.16
CA ASN A 69 -0.43 -1.46 11.61
C ASN A 69 -0.27 -1.82 10.15
N ILE A 70 -0.37 -3.11 9.85
CA ILE A 70 -0.23 -3.56 8.46
C ILE A 70 -1.45 -3.19 7.62
N ILE A 71 -2.63 -3.24 8.23
CA ILE A 71 -3.85 -2.92 7.51
C ILE A 71 -3.71 -1.58 6.80
N LEU A 72 -3.18 -0.57 7.51
CA LEU A 72 -3.02 0.73 6.89
C LEU A 72 -2.20 0.64 5.61
N TYR A 73 -1.54 -0.50 5.42
CA TYR A 73 -0.73 -0.71 4.22
C TYR A 73 0.28 0.42 4.06
N HIS A 74 0.76 0.95 5.18
CA HIS A 74 1.74 2.03 5.13
C HIS A 74 1.10 3.29 4.55
N LEU A 75 -0.21 3.46 4.77
CA LEU A 75 -0.91 4.63 4.27
C LEU A 75 -0.10 5.88 4.56
N THR A 76 0.13 6.69 3.53
CA THR A 76 0.90 7.92 3.71
C THR A 76 0.10 9.14 3.27
N PRO A 77 0.42 10.33 3.76
CA PRO A 77 -0.30 11.57 3.36
C PRO A 77 0.28 12.21 2.11
N GLY A 78 -0.59 12.74 1.26
CA GLY A 78 -0.13 13.37 0.02
C GLY A 78 0.22 12.32 -1.02
N VAL A 79 -0.50 12.36 -2.13
CA VAL A 79 -0.27 11.39 -3.20
C VAL A 79 1.22 11.34 -3.54
N PHE A 80 1.77 10.13 -3.55
CA PHE A 80 3.20 9.95 -3.84
C PHE A 80 3.50 10.32 -5.28
N ILE A 81 4.46 11.23 -5.45
CA ILE A 81 4.87 11.66 -6.79
C ILE A 81 6.37 11.54 -6.94
N GLY A 82 6.82 11.36 -8.17
CA GLY A 82 8.25 11.26 -8.44
C GLY A 82 8.98 12.49 -7.87
N LYS A 83 8.21 13.43 -7.32
CA LYS A 83 8.80 14.63 -6.74
C LYS A 83 9.76 15.26 -7.74
N GLY A 84 9.56 14.93 -8.99
CA GLY A 84 10.41 15.46 -10.06
C GLY A 84 11.86 15.60 -9.57
N PHE A 85 12.27 14.72 -8.66
CA PHE A 85 13.61 14.75 -8.08
C PHE A 85 14.56 13.85 -8.86
N GLU A 86 15.83 13.85 -8.45
CA GLU A 86 16.83 13.03 -9.13
C GLU A 86 16.53 11.54 -8.96
N PRO A 87 16.43 10.78 -10.05
CA PRO A 87 16.15 9.32 -9.98
C PRO A 87 17.40 8.53 -9.59
N GLY A 88 17.33 7.80 -8.49
CA GLY A 88 18.45 7.01 -8.01
C GLY A 88 18.69 7.24 -6.53
N VAL A 89 18.13 8.32 -6.00
CA VAL A 89 18.30 8.62 -4.58
C VAL A 89 17.09 8.15 -3.78
N THR A 90 17.35 7.53 -2.63
CA THR A 90 16.27 7.04 -1.78
C THR A 90 15.69 8.17 -0.94
N ASN A 91 14.44 8.52 -1.21
CA ASN A 91 13.77 9.59 -0.48
C ASN A 91 13.02 9.01 0.72
N ILE A 92 13.25 9.58 1.90
CA ILE A 92 12.59 9.10 3.12
C ILE A 92 11.23 9.76 3.30
N LEU A 93 10.21 8.94 3.56
CA LEU A 93 8.87 9.46 3.76
C LEU A 93 8.21 8.78 4.96
N LYS A 94 7.43 9.54 5.71
CA LYS A 94 6.76 9.01 6.88
C LYS A 94 5.31 8.66 6.55
N THR A 95 4.84 7.54 7.10
CA THR A 95 3.47 7.10 6.85
C THR A 95 2.68 7.04 8.16
N THR A 96 1.37 6.82 8.06
CA THR A 96 0.52 6.75 9.24
C THR A 96 0.88 5.55 10.10
N GLN A 97 1.38 4.49 9.46
CA GLN A 97 1.73 3.28 10.18
C GLN A 97 2.65 3.60 11.35
N GLY A 98 3.39 4.71 11.23
CA GLY A 98 4.31 5.13 12.29
C GLY A 98 5.76 4.86 11.91
N SER A 99 5.96 4.32 10.71
CA SER A 99 7.30 4.01 10.22
C SER A 99 7.63 4.83 8.98
N LYS A 100 8.88 4.72 8.53
CA LYS A 100 9.32 5.46 7.34
C LYS A 100 9.50 4.51 6.16
N ILE A 101 9.36 5.06 4.96
CA ILE A 101 9.51 4.27 3.75
C ILE A 101 10.45 4.98 2.78
N PHE A 102 11.36 4.20 2.18
CA PHE A 102 12.33 4.76 1.24
C PHE A 102 11.86 4.56 -0.19
N LEU A 103 11.74 5.65 -0.94
CA LEU A 103 11.27 5.57 -2.32
C LEU A 103 12.39 5.92 -3.29
N LYS A 104 12.49 5.15 -4.37
CA LYS A 104 13.51 5.39 -5.36
C LYS A 104 13.03 5.00 -6.75
N GLU A 105 12.95 5.99 -7.63
CA GLU A 105 12.50 5.77 -8.99
C GLU A 105 13.67 5.88 -9.98
N VAL A 106 13.91 4.81 -10.72
CA VAL A 106 14.99 4.78 -11.69
C VAL A 106 14.53 4.19 -13.00
N ASN A 107 15.06 4.70 -14.11
CA ASN A 107 14.68 4.22 -15.43
C ASN A 107 13.17 4.17 -15.58
N ASP A 108 12.50 5.25 -15.20
CA ASP A 108 11.05 5.31 -15.29
C ASP A 108 10.41 4.14 -14.54
N THR A 109 11.18 3.54 -13.62
CA THR A 109 10.67 2.41 -12.85
C THR A 109 10.64 2.77 -11.37
N LEU A 110 9.52 2.50 -10.71
CA LEU A 110 9.41 2.81 -9.29
C LEU A 110 10.03 1.68 -8.47
N LEU A 111 11.11 2.02 -7.77
CA LEU A 111 11.78 1.06 -6.91
C LEU A 111 11.73 1.52 -5.46
N VAL A 112 10.85 0.89 -4.69
CA VAL A 112 10.72 1.21 -3.28
C VAL A 112 11.50 0.19 -2.47
N ASN A 113 11.89 0.54 -1.25
CA ASN A 113 12.67 -0.35 -0.39
C ASN A 113 12.15 -1.77 -0.47
N GLU A 114 12.46 -2.45 -1.57
CA GLU A 114 12.02 -3.83 -1.76
C GLU A 114 12.40 -4.38 -3.13
N LEU A 115 12.15 -3.60 -4.21
CA LEU A 115 12.40 -4.07 -5.59
C LEU A 115 11.53 -3.27 -6.55
N LYS A 116 11.18 -3.87 -7.68
CA LYS A 116 10.36 -3.24 -8.69
C LYS A 116 8.87 -3.42 -8.43
N SER A 117 8.15 -2.32 -8.37
CA SER A 117 6.71 -2.38 -8.12
C SER A 117 5.99 -3.05 -9.29
N LYS A 118 4.81 -3.59 -9.01
CA LYS A 118 4.02 -4.26 -10.03
C LYS A 118 3.14 -3.26 -10.76
N GLU A 119 2.58 -2.32 -10.03
CA GLU A 119 1.73 -1.31 -10.66
C GLU A 119 1.39 -0.21 -9.66
N SER A 120 1.72 1.03 -10.02
CA SER A 120 1.45 2.16 -9.14
C SER A 120 1.17 3.41 -9.96
N ASP A 121 1.05 4.54 -9.28
CA ASP A 121 0.79 5.82 -9.94
C ASP A 121 -0.66 5.94 -10.33
N ILE A 122 -1.40 4.86 -10.18
CA ILE A 122 -2.82 4.86 -10.53
C ILE A 122 -3.53 5.97 -9.78
N MET A 123 -4.02 6.93 -10.55
CA MET A 123 -4.71 8.08 -9.97
C MET A 123 -6.13 7.70 -9.59
N THR A 124 -6.44 7.85 -8.30
CA THR A 124 -7.76 7.54 -7.79
C THR A 124 -8.52 8.80 -7.41
N THR A 125 -9.73 8.63 -6.90
CA THR A 125 -10.55 9.76 -6.49
C THR A 125 -10.24 10.17 -5.05
N ASN A 126 -9.39 9.39 -4.39
CA ASN A 126 -9.02 9.67 -3.01
C ASN A 126 -7.50 9.66 -2.85
N GLY A 127 -6.80 9.68 -3.97
CA GLY A 127 -5.34 9.71 -3.95
C GLY A 127 -4.75 8.85 -5.07
N VAL A 128 -3.69 8.13 -4.74
CA VAL A 128 -3.02 7.27 -5.70
C VAL A 128 -2.88 5.86 -5.15
N ILE A 129 -2.55 4.93 -6.03
CA ILE A 129 -2.39 3.54 -5.63
C ILE A 129 -0.97 3.04 -5.91
N HIS A 130 -0.52 2.10 -5.09
CA HIS A 130 0.80 1.52 -5.26
C HIS A 130 0.74 0.02 -5.01
N VAL A 131 0.94 -0.75 -6.09
CA VAL A 131 0.93 -2.21 -6.02
C VAL A 131 2.36 -2.75 -6.04
N VAL A 132 2.73 -3.45 -4.97
CA VAL A 132 4.08 -4.03 -4.86
C VAL A 132 4.01 -5.55 -4.82
N ASP A 133 5.18 -6.18 -4.78
CA ASP A 133 5.25 -7.64 -4.73
C ASP A 133 6.00 -8.10 -3.49
N LYS A 134 5.84 -7.35 -2.39
CA LYS A 134 6.51 -7.69 -1.14
C LYS A 134 5.98 -6.81 -0.01
N LEU A 135 5.77 -7.41 1.16
CA LEU A 135 5.28 -6.67 2.31
C LEU A 135 6.43 -5.92 2.97
N LEU A 136 6.14 -4.69 3.43
CA LEU A 136 7.15 -3.89 4.08
C LEU A 136 7.01 -3.97 5.59
N TYR A 137 7.92 -4.70 6.24
CA TYR A 137 7.88 -4.86 7.68
C TYR A 137 8.17 -3.53 8.38
N PRO A 138 7.69 -3.35 9.59
CA PRO A 138 7.93 -2.08 10.36
C PRO A 138 9.37 -1.97 10.86
N ALA A 139 9.59 -1.08 11.81
CA ALA A 139 10.93 -0.87 12.37
C ALA A 139 11.03 -1.51 13.75
N ASP A 140 12.26 -1.88 14.14
CA ASP A 140 12.48 -2.51 15.43
C ASP A 140 11.68 -1.79 16.52
N GLY A 1 -10.66 5.56 -20.18
CA GLY A 1 -10.78 4.98 -18.84
C GLY A 1 -9.64 5.45 -17.94
N ALA A 2 -9.53 4.85 -16.76
CA ALA A 2 -8.49 5.22 -15.82
C ALA A 2 -8.42 6.73 -15.66
N MET A 3 -9.51 7.33 -15.21
CA MET A 3 -9.55 8.78 -15.02
C MET A 3 -10.38 9.14 -13.80
N GLU A 4 -10.59 8.16 -12.93
CA GLU A 4 -11.38 8.38 -11.72
C GLU A 4 -11.37 7.13 -10.85
N LYS A 5 -12.55 6.59 -10.61
CA LYS A 5 -12.68 5.38 -9.80
C LYS A 5 -12.13 5.61 -8.40
N SER A 6 -12.89 5.20 -7.39
CA SER A 6 -12.46 5.37 -6.01
C SER A 6 -11.54 4.22 -5.60
N LEU A 7 -10.77 4.45 -4.54
CA LEU A 7 -9.85 3.42 -4.08
C LEU A 7 -10.55 2.08 -3.91
N HIS A 8 -11.54 2.03 -3.00
CA HIS A 8 -12.27 0.79 -2.76
C HIS A 8 -12.88 0.28 -4.05
N GLU A 9 -13.47 1.19 -4.82
CA GLU A 9 -14.08 0.81 -6.09
C GLU A 9 -13.12 -0.06 -6.88
N LYS A 10 -11.85 0.35 -6.91
CA LYS A 10 -10.84 -0.43 -7.63
C LYS A 10 -10.61 -1.77 -6.95
N LEU A 11 -10.32 -1.72 -5.64
CA LEU A 11 -10.08 -2.95 -4.88
C LEU A 11 -11.32 -3.83 -4.90
N LYS A 12 -12.46 -3.23 -5.16
CA LYS A 12 -13.71 -3.96 -5.20
C LYS A 12 -13.96 -4.55 -6.60
N GLN A 13 -13.46 -3.85 -7.61
CA GLN A 13 -13.65 -4.31 -8.98
C GLN A 13 -12.59 -5.37 -9.33
N ASP A 14 -11.55 -5.46 -8.51
CA ASP A 14 -10.48 -6.43 -8.74
C ASP A 14 -10.57 -7.57 -7.73
N LYS A 15 -10.49 -8.81 -8.23
CA LYS A 15 -10.55 -9.97 -7.36
C LYS A 15 -9.18 -10.28 -6.76
N ARG A 16 -8.14 -9.74 -7.37
CA ARG A 16 -6.78 -9.96 -6.88
C ARG A 16 -6.62 -9.33 -5.49
N PHE A 17 -7.30 -8.21 -5.27
CA PHE A 17 -7.22 -7.53 -3.98
C PHE A 17 -8.41 -7.87 -3.09
N SER A 18 -9.00 -9.03 -3.33
CA SER A 18 -10.13 -9.47 -2.54
C SER A 18 -9.72 -9.69 -1.09
N THR A 19 -8.52 -10.25 -0.91
CA THR A 19 -8.02 -10.52 0.44
C THR A 19 -8.07 -9.25 1.27
N PHE A 20 -7.56 -8.16 0.70
CA PHE A 20 -7.56 -6.89 1.38
C PHE A 20 -8.96 -6.51 1.80
N LEU A 21 -9.90 -6.65 0.88
CA LEU A 21 -11.28 -6.33 1.19
C LEU A 21 -11.74 -7.06 2.44
N SER A 22 -11.30 -8.31 2.58
CA SER A 22 -11.70 -9.12 3.74
C SER A 22 -11.10 -8.63 5.05
N LEU A 23 -9.78 -8.57 5.09
CA LEU A 23 -9.07 -8.14 6.30
C LEU A 23 -9.32 -6.67 6.61
N LEU A 24 -9.32 -5.84 5.58
CA LEU A 24 -9.53 -4.41 5.79
C LEU A 24 -10.94 -4.15 6.27
N GLU A 25 -11.89 -4.95 5.80
CA GLU A 25 -13.28 -4.78 6.21
C GLU A 25 -13.48 -5.25 7.65
N ALA A 26 -12.74 -6.29 8.03
CA ALA A 26 -12.84 -6.80 9.38
C ALA A 26 -12.36 -5.76 10.39
N ALA A 27 -11.26 -5.07 10.05
CA ALA A 27 -10.71 -4.05 10.94
C ALA A 27 -11.59 -2.80 10.92
N ASP A 28 -12.52 -2.76 9.96
CA ASP A 28 -13.42 -1.62 9.84
C ASP A 28 -12.72 -0.46 9.15
N LEU A 29 -11.92 -0.75 8.12
CA LEU A 29 -11.20 0.30 7.41
C LEU A 29 -11.93 0.71 6.13
N LYS A 30 -12.91 -0.09 5.77
CA LYS A 30 -13.72 0.16 4.60
C LYS A 30 -14.25 1.59 4.65
N GLU A 31 -14.56 2.06 5.85
CA GLU A 31 -15.07 3.41 6.00
C GLU A 31 -13.95 4.41 5.73
N LEU A 32 -12.93 4.37 6.54
CA LEU A 32 -11.82 5.26 6.35
C LEU A 32 -11.39 5.22 4.88
N LEU A 33 -11.67 4.13 4.20
CA LEU A 33 -11.26 4.00 2.81
C LEU A 33 -12.14 4.82 1.89
N THR A 34 -13.45 4.73 2.09
CA THR A 34 -14.37 5.48 1.26
C THR A 34 -14.33 6.94 1.63
N GLN A 35 -13.58 7.28 2.68
CA GLN A 35 -13.51 8.67 3.10
C GLN A 35 -12.91 9.55 2.01
N PRO A 36 -13.29 10.82 1.94
CA PRO A 36 -12.74 11.75 0.92
C PRO A 36 -11.41 12.35 1.34
N GLY A 37 -10.33 11.92 0.68
CA GLY A 37 -9.01 12.44 1.00
C GLY A 37 -7.98 11.84 0.06
N ASP A 38 -6.84 12.52 -0.07
CA ASP A 38 -5.78 12.05 -0.96
C ASP A 38 -4.65 11.41 -0.14
N TRP A 39 -4.44 10.12 -0.34
CA TRP A 39 -3.39 9.41 0.37
C TRP A 39 -2.75 8.36 -0.52
N THR A 40 -1.63 7.80 -0.07
CA THR A 40 -0.93 6.79 -0.84
C THR A 40 -1.36 5.40 -0.38
N LEU A 41 -1.73 4.55 -1.34
CA LEU A 41 -2.16 3.20 -1.01
C LEU A 41 -1.22 2.16 -1.60
N PHE A 42 -0.61 1.38 -0.70
CA PHE A 42 0.30 0.32 -1.12
C PHE A 42 -0.40 -1.03 -1.00
N VAL A 43 -0.80 -1.58 -2.14
CA VAL A 43 -1.49 -2.86 -2.16
C VAL A 43 -0.65 -3.94 -2.85
N PRO A 44 -0.19 -4.93 -2.14
CA PRO A 44 0.62 -6.02 -2.74
C PRO A 44 -0.25 -7.12 -3.36
N THR A 45 0.33 -7.88 -4.29
CA THR A 45 -0.42 -8.95 -4.94
C THR A 45 -0.18 -10.28 -4.23
N ASN A 46 -0.94 -11.30 -4.63
CA ASN A 46 -0.79 -12.62 -4.03
C ASN A 46 0.67 -13.05 -4.01
N ASP A 47 1.42 -12.64 -5.03
CA ASP A 47 2.83 -12.99 -5.15
C ASP A 47 3.60 -12.51 -3.92
N ALA A 48 2.97 -11.64 -3.14
CA ALA A 48 3.59 -11.11 -1.93
C ALA A 48 3.20 -11.94 -0.70
N PHE A 49 1.97 -12.46 -0.72
CA PHE A 49 1.47 -13.25 0.40
C PHE A 49 2.09 -14.63 0.42
N LYS A 50 2.42 -15.15 -0.76
CA LYS A 50 3.02 -16.46 -0.84
C LYS A 50 4.25 -16.54 0.05
N GLY A 51 4.32 -17.58 0.87
CA GLY A 51 5.45 -17.77 1.78
C GLY A 51 5.02 -17.63 3.24
N MET A 52 4.12 -16.69 3.50
CA MET A 52 3.64 -16.48 4.86
C MET A 52 3.31 -17.80 5.53
N THR A 53 4.06 -18.11 6.59
CA THR A 53 3.83 -19.36 7.32
C THR A 53 2.71 -19.18 8.33
N SER A 54 2.05 -20.28 8.67
CA SER A 54 0.96 -20.23 9.63
C SER A 54 1.36 -19.45 10.88
N GLU A 55 2.61 -19.60 11.28
CA GLU A 55 3.11 -18.91 12.45
C GLU A 55 3.24 -17.41 12.20
N GLU A 56 3.65 -17.06 10.99
CA GLU A 56 3.82 -15.66 10.64
C GLU A 56 2.48 -14.92 10.71
N LYS A 57 1.52 -15.38 9.92
CA LYS A 57 0.20 -14.74 9.91
C LYS A 57 -0.38 -14.72 11.32
N GLU A 58 -0.05 -15.73 12.12
CA GLU A 58 -0.55 -15.81 13.48
C GLU A 58 0.08 -14.74 14.35
N ILE A 59 1.36 -14.50 14.14
CA ILE A 59 2.08 -13.50 14.91
C ILE A 59 1.44 -12.12 14.71
N LEU A 60 0.89 -11.90 13.52
CA LEU A 60 0.24 -10.62 13.22
C LEU A 60 -1.11 -10.50 13.92
N ILE A 61 -1.97 -11.50 13.71
CA ILE A 61 -3.29 -11.49 14.32
C ILE A 61 -3.19 -11.77 15.82
N ARG A 62 -2.00 -12.15 16.26
CA ARG A 62 -1.78 -12.44 17.67
C ARG A 62 -1.91 -11.18 18.51
N ASP A 63 -1.77 -10.02 17.86
CA ASP A 63 -1.88 -8.76 18.57
C ASP A 63 -2.70 -7.78 17.75
N LYS A 64 -3.81 -7.33 18.32
CA LYS A 64 -4.66 -6.39 17.62
C LYS A 64 -3.83 -5.23 17.08
N ASN A 65 -2.89 -4.76 17.88
CA ASN A 65 -2.06 -3.65 17.48
C ASN A 65 -1.10 -4.04 16.37
N ALA A 66 -0.75 -5.32 16.33
CA ALA A 66 0.19 -5.80 15.32
C ALA A 66 -0.48 -5.85 13.96
N LEU A 67 -1.52 -6.65 13.82
CA LEU A 67 -2.19 -6.72 12.56
C LEU A 67 -2.62 -5.32 12.13
N GLN A 68 -3.00 -4.49 13.09
CA GLN A 68 -3.46 -3.14 12.77
C GLN A 68 -2.36 -2.34 12.10
N ASN A 69 -1.19 -2.32 12.76
CA ASN A 69 -0.07 -1.59 12.22
C ASN A 69 0.19 -2.03 10.79
N ILE A 70 -0.12 -3.31 10.50
CA ILE A 70 0.08 -3.83 9.16
C ILE A 70 -1.12 -3.51 8.28
N ILE A 71 -2.31 -3.54 8.86
CA ILE A 71 -3.51 -3.25 8.09
C ILE A 71 -3.33 -1.96 7.30
N LEU A 72 -2.79 -0.94 7.95
CA LEU A 72 -2.60 0.33 7.26
C LEU A 72 -1.66 0.18 6.08
N TYR A 73 -0.97 -0.94 6.02
CA TYR A 73 -0.04 -1.21 4.94
C TYR A 73 0.77 0.04 4.61
N HIS A 74 1.30 0.69 5.65
CA HIS A 74 2.11 1.90 5.45
C HIS A 74 1.29 2.99 4.77
N LEU A 75 0.10 3.24 5.29
CA LEU A 75 -0.75 4.28 4.71
C LEU A 75 -0.10 5.64 4.92
N THR A 76 0.12 6.37 3.83
CA THR A 76 0.72 7.69 3.91
C THR A 76 -0.27 8.77 3.45
N PRO A 77 -0.28 9.92 4.07
CA PRO A 77 -1.16 11.05 3.66
C PRO A 77 -0.65 11.76 2.41
N GLY A 78 -1.57 12.36 1.66
CA GLY A 78 -1.21 13.06 0.45
C GLY A 78 -0.60 12.10 -0.57
N VAL A 79 -1.13 12.15 -1.79
CA VAL A 79 -0.63 11.28 -2.85
C VAL A 79 0.88 11.33 -2.92
N PHE A 80 1.49 10.18 -3.18
CA PHE A 80 2.94 10.09 -3.27
C PHE A 80 3.41 10.48 -4.67
N ILE A 81 4.32 11.45 -4.73
CA ILE A 81 4.85 11.92 -6.00
C ILE A 81 6.37 11.80 -6.02
N GLY A 82 6.95 11.71 -7.21
CA GLY A 82 8.39 11.61 -7.33
C GLY A 82 9.08 12.81 -6.70
N LYS A 83 8.30 13.67 -6.03
CA LYS A 83 8.86 14.85 -5.39
C LYS A 83 9.69 15.65 -6.39
N GLY A 84 9.24 15.67 -7.63
CA GLY A 84 9.97 16.40 -8.67
C GLY A 84 11.46 16.13 -8.60
N PHE A 85 11.83 15.08 -7.86
CA PHE A 85 13.23 14.70 -7.70
C PHE A 85 13.71 13.89 -8.89
N GLU A 86 15.00 13.57 -8.90
CA GLU A 86 15.57 12.80 -10.01
C GLU A 86 15.62 11.31 -9.68
N PRO A 87 15.51 10.46 -10.68
CA PRO A 87 15.58 8.99 -10.48
C PRO A 87 16.94 8.56 -9.98
N GLY A 88 16.95 7.66 -9.00
CA GLY A 88 18.20 7.17 -8.43
C GLY A 88 18.36 7.64 -6.99
N VAL A 89 17.70 8.73 -6.64
CA VAL A 89 17.80 9.25 -5.29
C VAL A 89 16.69 8.66 -4.40
N THR A 90 17.03 8.34 -3.16
CA THR A 90 16.05 7.78 -2.24
C THR A 90 15.36 8.90 -1.46
N ASN A 91 14.04 8.78 -1.30
CA ASN A 91 13.27 9.79 -0.57
C ASN A 91 12.61 9.16 0.66
N ILE A 92 12.75 9.83 1.80
CA ILE A 92 12.17 9.33 3.05
C ILE A 92 10.77 9.89 3.24
N LEU A 93 9.77 9.01 3.20
CA LEU A 93 8.38 9.42 3.36
C LEU A 93 7.78 8.81 4.62
N LYS A 94 7.21 9.67 5.45
CA LYS A 94 6.61 9.22 6.69
C LYS A 94 5.17 8.78 6.45
N THR A 95 4.79 7.65 7.06
CA THR A 95 3.44 7.13 6.90
C THR A 95 2.69 7.20 8.23
N THR A 96 1.37 7.05 8.14
CA THR A 96 0.53 7.09 9.33
C THR A 96 0.81 5.90 10.23
N GLN A 97 1.25 4.79 9.63
CA GLN A 97 1.54 3.58 10.39
C GLN A 97 2.51 3.88 11.53
N GLY A 98 3.23 5.00 11.40
CA GLY A 98 4.19 5.40 12.43
C GLY A 98 5.62 5.22 11.93
N SER A 99 5.78 4.46 10.86
CA SER A 99 7.08 4.22 10.28
C SER A 99 7.27 5.03 9.01
N LYS A 100 8.42 4.86 8.36
CA LYS A 100 8.74 5.58 7.14
C LYS A 100 8.97 4.60 6.00
N ILE A 101 8.77 5.08 4.77
CA ILE A 101 8.95 4.25 3.59
C ILE A 101 9.95 4.89 2.64
N PHE A 102 10.83 4.07 2.06
CA PHE A 102 11.85 4.57 1.14
C PHE A 102 11.38 4.47 -0.30
N LEU A 103 11.38 5.61 -0.99
CA LEU A 103 10.95 5.63 -2.39
C LEU A 103 12.12 6.01 -3.30
N LYS A 104 12.19 5.36 -4.44
CA LYS A 104 13.25 5.62 -5.40
C LYS A 104 12.82 5.20 -6.80
N GLU A 105 13.16 6.04 -7.78
CA GLU A 105 12.82 5.77 -9.16
C GLU A 105 14.08 5.61 -10.00
N VAL A 106 14.08 4.61 -10.88
CA VAL A 106 15.22 4.34 -11.74
C VAL A 106 14.74 3.90 -13.11
N ASN A 107 15.52 4.25 -14.14
CA ASN A 107 15.18 3.90 -15.52
C ASN A 107 13.68 3.86 -15.73
N ASP A 108 13.03 5.00 -15.52
CA ASP A 108 11.58 5.09 -15.67
C ASP A 108 10.90 3.90 -15.01
N THR A 109 11.36 3.55 -13.80
CA THR A 109 10.78 2.43 -13.07
C THR A 109 10.63 2.77 -11.59
N LEU A 110 9.40 2.61 -11.08
CA LEU A 110 9.15 2.89 -9.69
C LEU A 110 9.72 1.78 -8.82
N LEU A 111 10.68 2.14 -7.97
CA LEU A 111 11.31 1.19 -7.07
C LEU A 111 11.09 1.61 -5.63
N VAL A 112 10.47 0.75 -4.84
CA VAL A 112 10.21 1.04 -3.44
C VAL A 112 10.86 0.01 -2.53
N ASN A 113 11.17 0.39 -1.29
CA ASN A 113 11.79 -0.53 -0.34
C ASN A 113 12.69 -1.55 -1.04
N GLU A 114 13.42 -1.07 -2.05
CA GLU A 114 14.31 -1.93 -2.81
C GLU A 114 13.54 -3.07 -3.49
N LEU A 115 12.56 -2.71 -4.31
CA LEU A 115 11.76 -3.70 -5.02
C LEU A 115 11.03 -3.06 -6.20
N LYS A 116 10.92 -3.79 -7.30
CA LYS A 116 10.25 -3.26 -8.48
C LYS A 116 8.74 -3.37 -8.34
N SER A 117 8.05 -2.25 -8.53
CA SER A 117 6.59 -2.25 -8.42
C SER A 117 5.97 -2.86 -9.66
N LYS A 118 4.69 -3.22 -9.57
CA LYS A 118 3.99 -3.79 -10.71
C LYS A 118 3.28 -2.71 -11.51
N GLU A 119 2.66 -1.78 -10.78
CA GLU A 119 1.93 -0.69 -11.43
C GLU A 119 1.38 0.29 -10.41
N SER A 120 1.80 1.55 -10.50
CA SER A 120 1.34 2.57 -9.58
C SER A 120 1.04 3.86 -10.31
N ASP A 121 0.71 4.91 -9.56
CA ASP A 121 0.43 6.23 -10.14
C ASP A 121 -1.01 6.29 -10.61
N ILE A 122 -1.73 5.20 -10.42
CA ILE A 122 -3.12 5.14 -10.82
C ILE A 122 -3.93 6.19 -10.06
N MET A 123 -4.45 7.16 -10.81
CA MET A 123 -5.23 8.24 -10.23
C MET A 123 -6.50 7.72 -9.57
N THR A 124 -6.71 8.13 -8.34
CA THR A 124 -7.89 7.71 -7.59
C THR A 124 -8.61 8.93 -7.01
N THR A 125 -9.92 8.81 -6.89
CA THR A 125 -10.73 9.91 -6.35
C THR A 125 -10.42 10.13 -4.88
N ASN A 126 -9.57 9.26 -4.32
CA ASN A 126 -9.19 9.39 -2.92
C ASN A 126 -7.68 9.41 -2.77
N GLY A 127 -6.98 9.69 -3.87
CA GLY A 127 -5.52 9.76 -3.84
C GLY A 127 -4.90 9.02 -5.01
N VAL A 128 -3.84 8.25 -4.71
CA VAL A 128 -3.15 7.48 -5.73
C VAL A 128 -2.99 6.04 -5.29
N ILE A 129 -3.03 5.13 -6.24
CA ILE A 129 -2.89 3.72 -5.93
C ILE A 129 -1.49 3.22 -6.29
N HIS A 130 -1.05 2.19 -5.58
CA HIS A 130 0.25 1.60 -5.84
C HIS A 130 0.20 0.09 -5.70
N VAL A 131 0.41 -0.60 -6.83
CA VAL A 131 0.40 -2.06 -6.85
C VAL A 131 1.82 -2.59 -6.84
N VAL A 132 2.15 -3.33 -5.79
CA VAL A 132 3.49 -3.90 -5.65
C VAL A 132 3.41 -5.44 -5.56
N ASP A 133 4.58 -6.08 -5.52
CA ASP A 133 4.64 -7.52 -5.42
C ASP A 133 5.48 -7.95 -4.22
N LYS A 134 5.31 -7.24 -3.12
CA LYS A 134 6.05 -7.57 -1.91
C LYS A 134 5.40 -6.89 -0.69
N LEU A 135 5.36 -7.61 0.42
CA LEU A 135 4.78 -7.08 1.64
C LEU A 135 5.82 -6.29 2.43
N LEU A 136 5.48 -5.04 2.75
CA LEU A 136 6.39 -4.20 3.51
C LEU A 136 6.11 -4.33 5.00
N TYR A 137 7.16 -4.26 5.80
CA TYR A 137 7.02 -4.38 7.25
C TYR A 137 7.93 -3.37 7.97
N PRO A 138 7.60 -3.03 9.19
CA PRO A 138 8.42 -2.07 10.00
C PRO A 138 9.93 -2.37 9.92
N ALA A 139 10.72 -1.64 10.69
CA ALA A 139 12.16 -1.83 10.70
C ALA A 139 12.78 -1.22 9.45
N ASP A 140 14.11 -1.29 9.36
CA ASP A 140 14.81 -0.74 8.21
C ASP A 140 14.90 -1.77 7.08
N GLY A 1 -19.29 12.88 -17.70
CA GLY A 1 -19.69 12.61 -16.32
C GLY A 1 -18.66 11.76 -15.60
N ALA A 2 -18.96 11.37 -14.36
CA ALA A 2 -18.04 10.55 -13.58
C ALA A 2 -18.22 9.08 -13.90
N MET A 3 -17.31 8.54 -14.71
CA MET A 3 -17.39 7.13 -15.08
C MET A 3 -16.04 6.45 -14.85
N GLU A 4 -15.35 6.83 -13.78
CA GLU A 4 -14.06 6.24 -13.45
C GLU A 4 -14.19 5.23 -12.32
N LYS A 5 -13.12 5.08 -11.55
CA LYS A 5 -13.14 4.13 -10.44
C LYS A 5 -12.33 4.68 -9.26
N SER A 6 -12.85 4.48 -8.06
CA SER A 6 -12.17 4.96 -6.86
C SER A 6 -11.31 3.85 -6.27
N LEU A 7 -10.70 4.14 -5.12
CA LEU A 7 -9.82 3.16 -4.47
C LEU A 7 -10.56 1.86 -4.22
N HIS A 8 -11.58 1.91 -3.38
CA HIS A 8 -12.36 0.71 -3.06
C HIS A 8 -12.89 0.07 -4.33
N GLU A 9 -13.44 0.88 -5.22
CA GLU A 9 -13.99 0.37 -6.47
C GLU A 9 -12.96 -0.52 -7.15
N LYS A 10 -11.74 -0.01 -7.30
CA LYS A 10 -10.68 -0.78 -7.94
C LYS A 10 -10.45 -2.09 -7.22
N LEU A 11 -10.18 -2.02 -5.92
CA LEU A 11 -9.94 -3.23 -5.14
C LEU A 11 -11.11 -4.20 -5.25
N LYS A 12 -12.32 -3.64 -5.32
CA LYS A 12 -13.53 -4.46 -5.43
C LYS A 12 -13.58 -5.17 -6.78
N GLN A 13 -13.12 -4.49 -7.81
CA GLN A 13 -13.11 -5.07 -9.16
C GLN A 13 -11.88 -5.94 -9.38
N ASP A 14 -10.85 -5.71 -8.56
CA ASP A 14 -9.61 -6.50 -8.69
C ASP A 14 -9.71 -7.82 -7.93
N LYS A 15 -9.81 -8.91 -8.69
CA LYS A 15 -9.91 -10.23 -8.09
C LYS A 15 -8.63 -10.56 -7.30
N ARG A 16 -7.56 -9.82 -7.58
CA ARG A 16 -6.30 -10.02 -6.90
C ARG A 16 -6.33 -9.37 -5.52
N PHE A 17 -6.88 -8.16 -5.46
CA PHE A 17 -6.98 -7.44 -4.20
C PHE A 17 -8.32 -7.70 -3.52
N SER A 18 -9.11 -8.59 -4.10
CA SER A 18 -10.40 -8.92 -3.50
C SER A 18 -10.22 -9.33 -2.04
N THR A 19 -9.18 -10.13 -1.79
CA THR A 19 -8.91 -10.58 -0.43
C THR A 19 -8.66 -9.41 0.49
N PHE A 20 -7.90 -8.44 0.01
CA PHE A 20 -7.57 -7.27 0.80
C PHE A 20 -8.84 -6.55 1.20
N LEU A 21 -9.77 -6.48 0.28
CA LEU A 21 -11.03 -5.82 0.56
C LEU A 21 -11.75 -6.55 1.69
N SER A 22 -11.66 -7.88 1.67
CA SER A 22 -12.30 -8.70 2.71
C SER A 22 -11.69 -8.46 4.10
N LEU A 23 -10.39 -8.69 4.22
CA LEU A 23 -9.70 -8.52 5.49
C LEU A 23 -9.66 -7.04 5.93
N LEU A 24 -9.35 -6.14 5.00
CA LEU A 24 -9.29 -4.72 5.37
C LEU A 24 -10.67 -4.22 5.76
N GLU A 25 -11.70 -4.79 5.16
CA GLU A 25 -13.06 -4.41 5.47
C GLU A 25 -13.42 -4.83 6.89
N ALA A 26 -12.91 -5.98 7.31
CA ALA A 26 -13.18 -6.48 8.65
C ALA A 26 -12.56 -5.55 9.69
N ALA A 27 -11.38 -5.04 9.39
CA ALA A 27 -10.69 -4.13 10.31
C ALA A 27 -11.43 -2.80 10.37
N ASP A 28 -12.31 -2.58 9.40
CA ASP A 28 -13.10 -1.34 9.35
C ASP A 28 -12.32 -0.21 8.69
N LEU A 29 -11.57 -0.53 7.63
CA LEU A 29 -10.81 0.50 6.91
C LEU A 29 -11.45 0.81 5.57
N LYS A 30 -12.49 0.06 5.23
CA LYS A 30 -13.18 0.28 3.97
C LYS A 30 -13.66 1.73 3.87
N GLU A 31 -14.03 2.30 5.01
CA GLU A 31 -14.50 3.68 5.07
C GLU A 31 -13.32 4.65 4.99
N LEU A 32 -12.15 4.17 5.34
CA LEU A 32 -10.96 5.00 5.29
C LEU A 32 -10.58 5.25 3.83
N LEU A 33 -10.78 4.23 3.00
CA LEU A 33 -10.48 4.34 1.57
C LEU A 33 -11.52 5.22 0.86
N THR A 34 -12.78 5.06 1.23
CA THR A 34 -13.85 5.83 0.60
C THR A 34 -13.81 7.28 1.08
N GLN A 35 -13.31 7.48 2.30
CA GLN A 35 -13.25 8.82 2.87
C GLN A 35 -12.28 9.70 2.03
N PRO A 36 -12.75 10.77 1.41
CA PRO A 36 -11.89 11.66 0.60
C PRO A 36 -10.54 11.96 1.26
N GLY A 37 -9.47 11.95 0.45
CA GLY A 37 -8.13 12.23 0.96
C GLY A 37 -7.06 11.61 0.05
N ASP A 38 -6.01 12.37 -0.24
CA ASP A 38 -4.94 11.90 -1.10
C ASP A 38 -3.81 11.27 -0.29
N TRP A 39 -3.56 9.99 -0.52
CA TRP A 39 -2.50 9.29 0.19
C TRP A 39 -1.95 8.15 -0.67
N THR A 40 -0.81 7.59 -0.24
CA THR A 40 -0.20 6.48 -0.95
C THR A 40 -0.09 5.26 -0.04
N LEU A 41 -0.42 4.11 -0.59
CA LEU A 41 -0.39 2.87 0.16
C LEU A 41 0.24 1.76 -0.67
N PHE A 42 0.86 0.82 0.01
CA PHE A 42 1.52 -0.28 -0.67
C PHE A 42 0.67 -1.53 -0.64
N VAL A 43 0.02 -1.82 -1.77
CA VAL A 43 -0.83 -2.99 -1.85
C VAL A 43 -0.09 -4.17 -2.51
N PRO A 44 0.62 -5.00 -1.76
CA PRO A 44 1.30 -6.19 -2.34
C PRO A 44 0.31 -7.13 -3.03
N THR A 45 0.81 -7.91 -3.99
CA THR A 45 -0.03 -8.85 -4.70
C THR A 45 -0.18 -10.16 -3.93
N ASN A 46 -1.02 -11.06 -4.43
CA ASN A 46 -1.24 -12.35 -3.79
C ASN A 46 0.07 -13.09 -3.56
N ASP A 47 0.94 -13.06 -4.57
CA ASP A 47 2.23 -13.73 -4.48
C ASP A 47 3.00 -13.27 -3.25
N ALA A 48 2.72 -12.05 -2.82
CA ALA A 48 3.38 -11.47 -1.65
C ALA A 48 2.61 -11.78 -0.38
N PHE A 49 1.38 -12.26 -0.55
CA PHE A 49 0.55 -12.58 0.60
C PHE A 49 0.53 -14.09 0.82
N LYS A 50 1.19 -14.81 -0.07
CA LYS A 50 1.25 -16.26 0.02
C LYS A 50 1.38 -16.68 1.46
N GLY A 51 0.28 -17.24 2.00
CA GLY A 51 0.21 -17.70 3.40
C GLY A 51 1.51 -17.43 4.15
N MET A 52 1.63 -16.22 4.70
CA MET A 52 2.81 -15.84 5.44
C MET A 52 3.27 -16.97 6.33
N THR A 53 4.43 -16.80 6.90
CA THR A 53 5.01 -17.80 7.77
C THR A 53 4.15 -17.99 9.00
N SER A 54 4.07 -19.23 9.46
CA SER A 54 3.26 -19.54 10.62
C SER A 54 3.53 -18.55 11.74
N GLU A 55 4.72 -17.97 11.73
CA GLU A 55 5.08 -17.00 12.75
C GLU A 55 4.64 -15.60 12.34
N GLU A 56 4.60 -15.35 11.03
CA GLU A 56 4.20 -14.05 10.52
C GLU A 56 2.71 -13.82 10.72
N LYS A 57 1.89 -14.71 10.17
CA LYS A 57 0.45 -14.57 10.28
C LYS A 57 0.05 -14.47 11.74
N GLU A 58 0.89 -15.01 12.61
CA GLU A 58 0.60 -14.96 14.03
C GLU A 58 0.93 -13.59 14.60
N ILE A 59 2.18 -13.15 14.41
CA ILE A 59 2.60 -11.85 14.92
C ILE A 59 1.54 -10.79 14.63
N LEU A 60 0.85 -10.95 13.51
CA LEU A 60 -0.18 -9.99 13.13
C LEU A 60 -1.45 -10.17 13.96
N ILE A 61 -2.07 -11.34 13.84
CA ILE A 61 -3.30 -11.64 14.56
C ILE A 61 -3.03 -11.71 16.07
N ARG A 62 -1.75 -11.69 16.44
CA ARG A 62 -1.37 -11.77 17.85
C ARG A 62 -1.99 -10.63 18.65
N ASP A 63 -2.25 -9.52 17.96
CA ASP A 63 -2.85 -8.37 18.61
C ASP A 63 -3.57 -7.50 17.60
N LYS A 64 -4.83 -7.19 17.89
CA LYS A 64 -5.62 -6.38 16.98
C LYS A 64 -4.85 -5.12 16.59
N ASN A 65 -4.07 -4.60 17.54
CA ASN A 65 -3.29 -3.40 17.27
C ASN A 65 -2.15 -3.70 16.31
N ALA A 66 -1.65 -4.92 16.35
CA ALA A 66 -0.54 -5.31 15.49
C ALA A 66 -1.00 -5.44 14.04
N LEU A 67 -1.93 -6.36 13.79
CA LEU A 67 -2.40 -6.53 12.43
C LEU A 67 -2.92 -5.17 11.94
N GLN A 68 -3.43 -4.34 12.85
CA GLN A 68 -3.94 -3.03 12.45
C GLN A 68 -2.82 -2.18 11.85
N ASN A 69 -1.75 -2.02 12.63
CA ASN A 69 -0.62 -1.23 12.18
C ASN A 69 -0.22 -1.66 10.77
N ILE A 70 -0.26 -2.96 10.53
CA ILE A 70 0.12 -3.48 9.21
C ILE A 70 -1.05 -3.33 8.20
N ILE A 71 -2.27 -3.52 8.66
CA ILE A 71 -3.43 -3.38 7.78
C ILE A 71 -3.32 -2.12 6.95
N LEU A 72 -3.00 -1.01 7.59
CA LEU A 72 -2.88 0.25 6.87
C LEU A 72 -1.98 0.11 5.66
N TYR A 73 -1.33 -1.04 5.54
CA TYR A 73 -0.45 -1.30 4.41
C TYR A 73 0.51 -0.12 4.18
N HIS A 74 0.96 0.51 5.27
CA HIS A 74 1.89 1.63 5.15
C HIS A 74 1.21 2.86 4.55
N LEU A 75 0.00 3.16 5.01
CA LEU A 75 -0.72 4.33 4.52
C LEU A 75 0.15 5.55 4.72
N THR A 76 0.45 6.28 3.65
CA THR A 76 1.27 7.48 3.76
C THR A 76 0.52 8.68 3.19
N PRO A 77 0.59 9.83 3.81
CA PRO A 77 -0.11 11.05 3.31
C PRO A 77 0.60 11.67 2.10
N GLY A 78 -0.18 12.34 1.27
CA GLY A 78 0.37 12.99 0.08
C GLY A 78 0.66 11.98 -1.01
N VAL A 79 -0.09 12.07 -2.11
CA VAL A 79 0.09 11.16 -3.24
C VAL A 79 1.51 11.23 -3.76
N PHE A 80 2.09 10.06 -4.04
CA PHE A 80 3.45 9.99 -4.56
C PHE A 80 3.47 10.36 -6.04
N ILE A 81 4.39 11.25 -6.42
CA ILE A 81 4.50 11.67 -7.81
C ILE A 81 5.88 11.31 -8.36
N GLY A 82 5.89 10.45 -9.37
CA GLY A 82 7.14 10.02 -9.99
C GLY A 82 7.77 11.16 -10.76
N LYS A 83 7.23 12.35 -10.60
CA LYS A 83 7.75 13.53 -11.29
C LYS A 83 7.88 14.71 -10.34
N GLY A 84 7.91 14.40 -9.04
CA GLY A 84 8.03 15.45 -8.02
C GLY A 84 9.36 15.34 -7.27
N PHE A 85 9.76 14.11 -6.96
CA PHE A 85 11.02 13.89 -6.23
C PHE A 85 12.16 13.69 -7.22
N GLU A 86 13.40 13.84 -6.71
CA GLU A 86 14.58 13.68 -7.56
C GLU A 86 14.91 12.18 -7.75
N PRO A 87 15.11 11.72 -8.97
CA PRO A 87 15.46 10.29 -9.22
C PRO A 87 16.92 10.00 -8.88
N GLY A 88 17.19 8.76 -8.49
CA GLY A 88 18.56 8.36 -8.15
C GLY A 88 18.82 8.53 -6.66
N VAL A 89 18.12 9.47 -6.04
CA VAL A 89 18.27 9.71 -4.61
C VAL A 89 17.16 9.03 -3.82
N THR A 90 17.46 8.69 -2.57
CA THR A 90 16.47 8.04 -1.72
C THR A 90 15.78 9.08 -0.83
N ASN A 91 14.49 8.88 -0.58
CA ASN A 91 13.73 9.81 0.26
C ASN A 91 13.02 9.06 1.38
N ILE A 92 13.10 9.63 2.59
CA ILE A 92 12.46 9.01 3.75
C ILE A 92 11.04 9.55 3.92
N LEU A 93 10.06 8.67 3.79
CA LEU A 93 8.67 9.05 3.94
C LEU A 93 8.06 8.44 5.20
N LYS A 94 7.50 9.28 6.05
CA LYS A 94 6.89 8.80 7.29
C LYS A 94 5.44 8.45 7.03
N THR A 95 5.12 7.16 7.15
CA THR A 95 3.75 6.72 6.90
C THR A 95 2.93 6.76 8.18
N THR A 96 1.60 6.75 8.03
CA THR A 96 0.72 6.80 9.18
C THR A 96 0.87 5.54 10.06
N GLN A 97 1.20 4.42 9.42
CA GLN A 97 1.37 3.16 10.14
C GLN A 97 2.34 3.33 11.30
N GLY A 98 3.17 4.38 11.23
CA GLY A 98 4.13 4.65 12.29
C GLY A 98 5.51 4.15 11.90
N SER A 99 5.73 3.95 10.61
CA SER A 99 7.01 3.47 10.11
C SER A 99 7.46 4.29 8.90
N LYS A 100 8.77 4.37 8.70
CA LYS A 100 9.31 5.13 7.57
C LYS A 100 9.60 4.19 6.41
N ILE A 101 9.39 4.69 5.19
CA ILE A 101 9.63 3.90 4.00
C ILE A 101 10.58 4.64 3.07
N PHE A 102 11.52 3.90 2.47
CA PHE A 102 12.50 4.49 1.56
C PHE A 102 12.02 4.42 0.12
N LEU A 103 11.83 5.58 -0.50
CA LEU A 103 11.36 5.63 -1.87
C LEU A 103 12.47 6.12 -2.80
N LYS A 104 12.60 5.48 -3.95
CA LYS A 104 13.62 5.86 -4.92
C LYS A 104 13.17 5.51 -6.33
N GLU A 105 13.28 6.49 -7.23
CA GLU A 105 12.88 6.29 -8.63
C GLU A 105 14.08 6.41 -9.56
N VAL A 106 14.18 5.50 -10.52
CA VAL A 106 15.28 5.52 -11.47
C VAL A 106 14.80 5.08 -12.85
N ASN A 107 15.36 5.69 -13.89
CA ASN A 107 14.97 5.36 -15.26
C ASN A 107 13.45 5.26 -15.39
N ASP A 108 12.75 6.19 -14.74
CA ASP A 108 11.30 6.19 -14.80
C ASP A 108 10.73 4.91 -14.20
N THR A 109 11.43 4.35 -13.22
CA THR A 109 10.99 3.12 -12.57
C THR A 109 10.88 3.32 -11.06
N LEU A 110 9.74 2.93 -10.50
CA LEU A 110 9.54 3.08 -9.06
C LEU A 110 10.28 1.99 -8.30
N LEU A 111 11.29 2.41 -7.54
CA LEU A 111 12.08 1.49 -6.74
C LEU A 111 12.01 1.88 -5.27
N VAL A 112 11.30 1.05 -4.52
CA VAL A 112 11.16 1.26 -3.09
C VAL A 112 12.20 0.43 -2.36
N ASN A 113 13.14 1.08 -1.71
CA ASN A 113 14.19 0.37 -0.99
C ASN A 113 14.93 -0.59 -1.91
N GLU A 114 15.03 -0.22 -3.19
CA GLU A 114 15.72 -1.05 -4.19
C GLU A 114 14.86 -2.23 -4.64
N LEU A 115 13.56 -2.14 -4.46
CA LEU A 115 12.65 -3.19 -4.82
C LEU A 115 11.77 -2.75 -5.98
N LYS A 116 11.81 -3.53 -7.05
CA LYS A 116 11.03 -3.26 -8.22
C LYS A 116 9.54 -3.34 -7.93
N SER A 117 8.81 -2.28 -8.25
CA SER A 117 7.37 -2.28 -8.01
C SER A 117 6.64 -2.98 -9.15
N LYS A 118 5.54 -3.64 -8.82
CA LYS A 118 4.75 -4.35 -9.81
C LYS A 118 3.89 -3.36 -10.59
N GLU A 119 3.43 -2.32 -9.90
CA GLU A 119 2.59 -1.30 -10.53
C GLU A 119 2.32 -0.17 -9.55
N SER A 120 2.29 1.05 -10.05
CA SER A 120 2.03 2.20 -9.20
C SER A 120 1.74 3.44 -10.04
N ASP A 121 1.22 4.48 -9.40
CA ASP A 121 0.92 5.71 -10.11
C ASP A 121 -0.42 5.59 -10.83
N ILE A 122 -1.12 4.51 -10.57
CA ILE A 122 -2.41 4.27 -11.20
C ILE A 122 -3.25 5.53 -11.15
N MET A 123 -3.04 6.33 -10.10
CA MET A 123 -3.79 7.58 -9.92
C MET A 123 -5.27 7.30 -9.80
N THR A 124 -5.79 7.37 -8.58
CA THR A 124 -7.20 7.11 -8.34
C THR A 124 -7.98 8.42 -8.27
N THR A 125 -9.27 8.31 -7.97
CA THR A 125 -10.11 9.49 -7.87
C THR A 125 -10.04 10.11 -6.47
N ASN A 126 -9.31 9.45 -5.57
CA ASN A 126 -9.16 9.94 -4.21
C ASN A 126 -7.70 9.97 -3.78
N GLY A 127 -6.83 9.42 -4.62
CA GLY A 127 -5.40 9.41 -4.32
C GLY A 127 -4.64 8.56 -5.32
N VAL A 128 -3.63 7.83 -4.85
CA VAL A 128 -2.83 6.98 -5.74
C VAL A 128 -2.67 5.58 -5.18
N ILE A 129 -2.22 4.65 -6.02
CA ILE A 129 -2.03 3.28 -5.59
C ILE A 129 -0.59 2.81 -5.90
N HIS A 130 -0.07 1.95 -5.02
CA HIS A 130 1.27 1.39 -5.21
C HIS A 130 1.23 -0.12 -5.00
N VAL A 131 1.45 -0.85 -6.08
CA VAL A 131 1.45 -2.31 -6.05
C VAL A 131 2.87 -2.84 -6.02
N VAL A 132 3.15 -3.64 -5.00
CA VAL A 132 4.49 -4.23 -4.85
C VAL A 132 4.42 -5.75 -4.84
N ASP A 133 5.59 -6.39 -4.79
CA ASP A 133 5.66 -7.84 -4.78
C ASP A 133 6.26 -8.35 -3.48
N LYS A 134 5.89 -7.70 -2.38
CA LYS A 134 6.39 -8.11 -1.07
C LYS A 134 5.68 -7.36 0.05
N LEU A 135 5.79 -7.88 1.26
CA LEU A 135 5.16 -7.24 2.41
C LEU A 135 6.18 -6.49 3.24
N LEU A 136 5.92 -5.20 3.48
CA LEU A 136 6.83 -4.38 4.25
C LEU A 136 6.41 -4.39 5.73
N TYR A 137 7.39 -4.49 6.62
CA TYR A 137 7.09 -4.50 8.05
C TYR A 137 8.36 -4.21 8.86
N PRO A 138 8.23 -3.66 10.05
CA PRO A 138 9.42 -3.37 10.93
C PRO A 138 10.44 -4.51 10.94
N ALA A 139 11.55 -4.29 11.64
CA ALA A 139 12.59 -5.30 11.74
C ALA A 139 12.98 -5.80 10.36
N ASP A 140 13.05 -7.12 10.19
CA ASP A 140 13.42 -7.71 8.91
C ASP A 140 12.21 -7.74 7.98
N GLY A 1 -19.13 5.60 -18.60
CA GLY A 1 -18.04 5.51 -19.56
C GLY A 1 -16.83 6.30 -19.07
N ALA A 2 -17.04 7.59 -18.81
CA ALA A 2 -15.96 8.45 -18.33
C ALA A 2 -15.93 8.48 -16.81
N MET A 3 -16.48 7.45 -16.19
CA MET A 3 -16.51 7.37 -14.73
C MET A 3 -15.19 6.79 -14.21
N GLU A 4 -14.48 7.57 -13.40
CA GLU A 4 -13.20 7.12 -12.85
C GLU A 4 -13.43 6.07 -11.76
N LYS A 5 -12.39 5.79 -11.00
CA LYS A 5 -12.49 4.80 -9.93
C LYS A 5 -11.70 5.25 -8.69
N SER A 6 -12.30 5.05 -7.52
CA SER A 6 -11.65 5.43 -6.27
C SER A 6 -10.75 4.30 -5.79
N LEU A 7 -10.11 4.51 -4.65
CA LEU A 7 -9.23 3.50 -4.09
C LEU A 7 -10.00 2.21 -3.82
N HIS A 8 -10.99 2.29 -2.95
CA HIS A 8 -11.80 1.12 -2.62
C HIS A 8 -12.40 0.51 -3.89
N GLU A 9 -12.90 1.37 -4.77
CA GLU A 9 -13.49 0.90 -6.01
C GLU A 9 -12.56 -0.10 -6.69
N LYS A 10 -11.28 0.26 -6.80
CA LYS A 10 -10.30 -0.62 -7.41
C LYS A 10 -10.15 -1.89 -6.59
N LEU A 11 -9.98 -1.74 -5.28
CA LEU A 11 -9.83 -2.90 -4.40
C LEU A 11 -11.10 -3.74 -4.41
N LYS A 12 -12.21 -3.14 -4.84
CA LYS A 12 -13.48 -3.85 -4.90
C LYS A 12 -13.59 -4.72 -6.14
N GLN A 13 -13.24 -4.16 -7.29
CA GLN A 13 -13.31 -4.91 -8.54
C GLN A 13 -12.07 -5.79 -8.73
N ASP A 14 -11.05 -5.57 -7.88
CA ASP A 14 -9.81 -6.33 -7.99
C ASP A 14 -9.94 -7.68 -7.27
N LYS A 15 -10.11 -8.73 -8.04
CA LYS A 15 -10.24 -10.08 -7.48
C LYS A 15 -8.92 -10.50 -6.83
N ARG A 16 -7.85 -9.79 -7.15
CA ARG A 16 -6.53 -10.10 -6.59
C ARG A 16 -6.39 -9.48 -5.20
N PHE A 17 -7.18 -8.43 -4.96
CA PHE A 17 -7.15 -7.75 -3.66
C PHE A 17 -8.42 -8.04 -2.86
N SER A 18 -9.32 -8.82 -3.44
CA SER A 18 -10.55 -9.17 -2.75
C SER A 18 -10.25 -9.54 -1.28
N THR A 19 -9.18 -10.31 -1.08
CA THR A 19 -8.80 -10.73 0.25
C THR A 19 -8.59 -9.52 1.15
N PHE A 20 -7.91 -8.51 0.63
CA PHE A 20 -7.64 -7.30 1.38
C PHE A 20 -8.96 -6.64 1.77
N LEU A 21 -9.90 -6.65 0.84
CA LEU A 21 -11.21 -6.07 1.11
C LEU A 21 -11.84 -6.76 2.29
N SER A 22 -11.63 -8.06 2.41
CA SER A 22 -12.20 -8.81 3.51
C SER A 22 -11.58 -8.44 4.85
N LEU A 23 -10.27 -8.57 4.95
CA LEU A 23 -9.57 -8.27 6.20
C LEU A 23 -9.53 -6.77 6.50
N LEU A 24 -9.35 -5.93 5.48
CA LEU A 24 -9.29 -4.50 5.72
C LEU A 24 -10.65 -3.98 6.14
N GLU A 25 -11.70 -4.52 5.53
CA GLU A 25 -13.04 -4.10 5.88
C GLU A 25 -13.34 -4.49 7.32
N ALA A 26 -12.85 -5.65 7.75
CA ALA A 26 -13.07 -6.10 9.11
C ALA A 26 -12.51 -5.09 10.10
N ALA A 27 -11.32 -4.56 9.81
CA ALA A 27 -10.70 -3.59 10.71
C ALA A 27 -11.42 -2.25 10.60
N ASP A 28 -12.32 -2.14 9.63
CA ASP A 28 -13.09 -0.91 9.42
C ASP A 28 -12.27 0.14 8.68
N LEU A 29 -11.30 -0.31 7.88
CA LEU A 29 -10.46 0.62 7.13
C LEU A 29 -11.17 1.06 5.87
N LYS A 30 -12.48 0.88 5.87
CA LYS A 30 -13.29 1.26 4.73
C LYS A 30 -14.01 2.57 5.03
N GLU A 31 -14.11 2.91 6.32
CA GLU A 31 -14.79 4.13 6.74
C GLU A 31 -14.01 5.38 6.35
N LEU A 32 -12.69 5.30 6.44
CA LEU A 32 -11.83 6.44 6.10
C LEU A 32 -11.50 6.44 4.60
N LEU A 33 -11.61 5.28 3.99
CA LEU A 33 -11.29 5.11 2.57
C LEU A 33 -12.39 5.70 1.68
N THR A 34 -13.63 5.60 2.14
CA THR A 34 -14.75 6.11 1.37
C THR A 34 -14.76 7.64 1.41
N GLN A 35 -14.00 8.20 2.34
CA GLN A 35 -13.92 9.66 2.47
C GLN A 35 -13.16 10.27 1.30
N PRO A 36 -13.42 11.51 0.94
CA PRO A 36 -12.70 12.17 -0.19
C PRO A 36 -11.38 12.79 0.28
N GLY A 37 -10.27 12.33 -0.30
CA GLY A 37 -8.97 12.85 0.07
C GLY A 37 -7.90 12.33 -0.88
N ASP A 38 -6.65 12.49 -0.48
CA ASP A 38 -5.53 12.02 -1.29
C ASP A 38 -4.49 11.34 -0.41
N TRP A 39 -4.30 10.04 -0.61
CA TRP A 39 -3.32 9.28 0.15
C TRP A 39 -2.75 8.15 -0.68
N THR A 40 -1.67 7.52 -0.20
CA THR A 40 -1.04 6.41 -0.92
C THR A 40 -1.16 5.11 -0.13
N LEU A 41 -1.56 4.04 -0.83
CA LEU A 41 -1.71 2.75 -0.19
C LEU A 41 -0.87 1.68 -0.91
N PHE A 42 -0.24 0.82 -0.12
CA PHE A 42 0.59 -0.25 -0.67
C PHE A 42 -0.18 -1.57 -0.64
N VAL A 43 -0.52 -2.08 -1.81
CA VAL A 43 -1.26 -3.33 -1.90
C VAL A 43 -0.43 -4.41 -2.61
N PRO A 44 0.02 -5.43 -1.90
CA PRO A 44 0.83 -6.52 -2.51
C PRO A 44 -0.04 -7.55 -3.24
N THR A 45 0.49 -8.12 -4.33
CA THR A 45 -0.26 -9.11 -5.09
C THR A 45 -0.02 -10.52 -4.55
N ASN A 46 -0.72 -11.50 -5.11
CA ASN A 46 -0.58 -12.88 -4.69
C ASN A 46 0.90 -13.29 -4.65
N ASP A 47 1.64 -12.86 -5.65
CA ASP A 47 3.07 -13.19 -5.74
C ASP A 47 3.77 -12.88 -4.42
N ALA A 48 3.11 -12.08 -3.59
CA ALA A 48 3.64 -11.68 -2.30
C ALA A 48 3.25 -12.67 -1.22
N PHE A 49 2.07 -13.25 -1.38
CA PHE A 49 1.56 -14.21 -0.40
C PHE A 49 2.35 -15.50 -0.48
N LYS A 50 2.92 -15.77 -1.65
CA LYS A 50 3.70 -16.98 -1.85
C LYS A 50 5.00 -16.91 -1.06
N GLY A 51 5.08 -17.70 0.02
CA GLY A 51 6.27 -17.72 0.85
C GLY A 51 5.93 -17.37 2.30
N MET A 52 4.87 -16.58 2.48
CA MET A 52 4.46 -16.19 3.82
C MET A 52 4.15 -17.41 4.66
N THR A 53 4.86 -17.54 5.77
CA THR A 53 4.65 -18.67 6.66
C THR A 53 3.45 -18.41 7.56
N SER A 54 2.84 -19.49 8.04
CA SER A 54 1.68 -19.37 8.90
C SER A 54 2.04 -18.58 10.16
N GLU A 55 3.26 -18.79 10.66
CA GLU A 55 3.70 -18.08 11.86
C GLU A 55 3.93 -16.61 11.56
N GLU A 56 4.54 -16.33 10.40
CA GLU A 56 4.82 -14.95 10.01
C GLU A 56 3.56 -14.10 10.06
N LYS A 57 2.44 -14.66 9.59
CA LYS A 57 1.19 -13.92 9.57
C LYS A 57 0.49 -14.01 10.93
N GLU A 58 0.65 -15.14 11.61
CA GLU A 58 0.04 -15.33 12.91
C GLU A 58 0.53 -14.28 13.90
N ILE A 59 1.81 -13.94 13.83
CA ILE A 59 2.38 -12.95 14.73
C ILE A 59 1.64 -11.61 14.62
N LEU A 60 1.00 -11.37 13.48
CA LEU A 60 0.29 -10.12 13.28
C LEU A 60 -1.14 -10.19 13.85
N ILE A 61 -1.87 -11.23 13.46
CA ILE A 61 -3.24 -11.39 13.93
C ILE A 61 -3.27 -11.75 15.42
N ARG A 62 -2.10 -12.07 15.98
CA ARG A 62 -2.02 -12.40 17.40
C ARG A 62 -2.33 -11.19 18.26
N ASP A 63 -2.00 -10.00 17.73
CA ASP A 63 -2.25 -8.76 18.45
C ASP A 63 -3.05 -7.80 17.58
N LYS A 64 -4.09 -7.21 18.16
CA LYS A 64 -4.93 -6.28 17.42
C LYS A 64 -4.10 -5.08 16.94
N ASN A 65 -3.20 -4.62 17.79
CA ASN A 65 -2.36 -3.48 17.44
C ASN A 65 -1.35 -3.87 16.38
N ALA A 66 -0.98 -5.16 16.37
CA ALA A 66 -0.01 -5.64 15.40
C ALA A 66 -0.61 -5.70 13.99
N LEU A 67 -1.66 -6.48 13.82
CA LEU A 67 -2.27 -6.56 12.52
C LEU A 67 -2.71 -5.17 12.08
N GLN A 68 -3.10 -4.33 13.04
CA GLN A 68 -3.55 -3.00 12.70
C GLN A 68 -2.43 -2.21 12.03
N ASN A 69 -1.30 -2.13 12.70
CA ASN A 69 -0.15 -1.42 12.15
C ASN A 69 0.14 -1.93 10.75
N ILE A 70 -0.04 -3.22 10.55
CA ILE A 70 0.21 -3.81 9.23
C ILE A 70 -0.97 -3.59 8.29
N ILE A 71 -2.19 -3.64 8.84
CA ILE A 71 -3.38 -3.44 8.03
C ILE A 71 -3.21 -2.18 7.18
N LEU A 72 -2.80 -1.10 7.82
CA LEU A 72 -2.63 0.15 7.09
C LEU A 72 -1.68 -0.02 5.92
N TYR A 73 -1.09 -1.20 5.81
CA TYR A 73 -0.15 -1.46 4.72
C TYR A 73 0.76 -0.27 4.52
N HIS A 74 1.15 0.39 5.60
CA HIS A 74 2.03 1.54 5.51
C HIS A 74 1.30 2.72 4.84
N LEU A 75 0.03 2.92 5.21
CA LEU A 75 -0.74 4.02 4.64
C LEU A 75 0.01 5.32 4.85
N THR A 76 0.14 6.10 3.79
CA THR A 76 0.83 7.37 3.87
C THR A 76 -0.10 8.51 3.44
N PRO A 77 0.06 9.72 3.96
CA PRO A 77 -0.80 10.86 3.57
C PRO A 77 -0.25 11.58 2.36
N GLY A 78 -1.15 12.07 1.51
CA GLY A 78 -0.74 12.78 0.32
C GLY A 78 -0.23 11.81 -0.74
N VAL A 79 -0.81 11.90 -1.93
CA VAL A 79 -0.41 11.03 -3.03
C VAL A 79 1.10 11.02 -3.16
N PHE A 80 1.66 9.86 -3.49
CA PHE A 80 3.10 9.73 -3.64
C PHE A 80 3.54 10.25 -5.00
N ILE A 81 4.48 11.20 -4.98
CA ILE A 81 5.00 11.78 -6.21
C ILE A 81 6.52 11.67 -6.24
N GLY A 82 7.08 11.65 -7.44
CA GLY A 82 8.51 11.56 -7.58
C GLY A 82 9.18 12.77 -6.91
N LYS A 83 8.36 13.63 -6.33
CA LYS A 83 8.87 14.83 -5.67
C LYS A 83 9.80 15.56 -6.59
N GLY A 84 9.49 15.52 -7.88
CA GLY A 84 10.31 16.18 -8.88
C GLY A 84 11.80 16.03 -8.56
N PHE A 85 12.15 14.92 -7.91
CA PHE A 85 13.54 14.66 -7.55
C PHE A 85 14.26 13.91 -8.66
N GLU A 86 15.57 13.71 -8.50
CA GLU A 86 16.35 13.02 -9.51
C GLU A 86 16.23 11.49 -9.34
N PRO A 87 15.96 10.75 -10.39
CA PRO A 87 15.82 9.26 -10.28
C PRO A 87 17.12 8.61 -9.81
N GLY A 88 17.02 7.81 -8.76
CA GLY A 88 18.19 7.14 -8.21
C GLY A 88 18.38 7.50 -6.74
N VAL A 89 17.94 8.70 -6.37
CA VAL A 89 18.08 9.14 -4.98
C VAL A 89 16.95 8.60 -4.12
N THR A 90 17.25 8.29 -2.87
CA THR A 90 16.23 7.76 -1.95
C THR A 90 15.55 8.91 -1.22
N ASN A 91 14.23 8.77 -1.01
CA ASN A 91 13.46 9.79 -0.32
C ASN A 91 12.72 9.20 0.87
N ILE A 92 12.80 9.85 2.02
CA ILE A 92 12.14 9.38 3.23
C ILE A 92 10.70 9.89 3.30
N LEU A 93 9.76 8.96 3.38
CA LEU A 93 8.34 9.31 3.45
C LEU A 93 7.73 8.75 4.75
N LYS A 94 7.20 9.65 5.57
CA LYS A 94 6.59 9.23 6.84
C LYS A 94 5.18 8.71 6.60
N THR A 95 4.89 7.50 7.07
CA THR A 95 3.56 6.92 6.89
C THR A 95 2.75 7.02 8.17
N THR A 96 1.44 6.91 8.02
CA THR A 96 0.53 7.00 9.16
C THR A 96 0.71 5.80 10.10
N GLN A 97 1.15 4.67 9.54
CA GLN A 97 1.36 3.47 10.34
C GLN A 97 2.25 3.77 11.53
N GLY A 98 3.10 4.79 11.40
CA GLY A 98 3.99 5.18 12.49
C GLY A 98 5.45 5.16 12.04
N SER A 99 5.76 4.30 11.07
CA SER A 99 7.13 4.20 10.58
C SER A 99 7.30 4.96 9.26
N LYS A 100 8.54 5.04 8.79
CA LYS A 100 8.82 5.75 7.55
C LYS A 100 9.24 4.77 6.46
N ILE A 101 8.86 5.08 5.23
CA ILE A 101 9.18 4.22 4.10
C ILE A 101 10.06 4.98 3.11
N PHE A 102 11.08 4.30 2.58
CA PHE A 102 11.99 4.92 1.63
C PHE A 102 11.59 4.61 0.20
N LEU A 103 11.44 5.65 -0.61
CA LEU A 103 11.05 5.48 -2.00
C LEU A 103 12.20 5.86 -2.93
N LYS A 104 12.20 5.28 -4.12
CA LYS A 104 13.26 5.56 -5.09
C LYS A 104 12.83 5.14 -6.50
N GLU A 105 12.96 6.04 -7.45
CA GLU A 105 12.59 5.76 -8.83
C GLU A 105 13.83 5.67 -9.72
N VAL A 106 13.92 4.60 -10.49
CA VAL A 106 15.05 4.39 -11.40
C VAL A 106 14.58 3.82 -12.72
N ASN A 107 15.21 4.26 -13.81
CA ASN A 107 14.86 3.78 -15.13
C ASN A 107 13.36 3.90 -15.37
N ASP A 108 12.77 4.98 -14.86
CA ASP A 108 11.34 5.19 -15.02
C ASP A 108 10.54 4.13 -14.28
N THR A 109 11.22 3.39 -13.40
CA THR A 109 10.56 2.35 -12.61
C THR A 109 10.53 2.74 -11.15
N LEU A 110 9.38 2.63 -10.53
CA LEU A 110 9.28 2.98 -9.13
C LEU A 110 9.88 1.87 -8.29
N LEU A 111 10.88 2.22 -7.49
CA LEU A 111 11.53 1.25 -6.63
C LEU A 111 11.47 1.69 -5.17
N VAL A 112 10.97 0.81 -4.32
CA VAL A 112 10.87 1.11 -2.89
C VAL A 112 11.71 0.12 -2.11
N ASN A 113 12.72 0.62 -1.41
CA ASN A 113 13.59 -0.25 -0.63
C ASN A 113 14.18 -1.34 -1.53
N GLU A 114 14.71 -0.92 -2.67
CA GLU A 114 15.32 -1.84 -3.63
C GLU A 114 14.30 -2.84 -4.18
N LEU A 115 13.02 -2.64 -3.85
CA LEU A 115 11.98 -3.52 -4.30
C LEU A 115 11.20 -2.92 -5.46
N LYS A 116 11.24 -3.59 -6.60
CA LYS A 116 10.53 -3.12 -7.78
C LYS A 116 9.03 -3.34 -7.61
N SER A 117 8.28 -2.26 -7.77
CA SER A 117 6.83 -2.36 -7.63
C SER A 117 6.20 -2.90 -8.92
N LYS A 118 5.06 -3.57 -8.78
CA LYS A 118 4.37 -4.13 -9.93
C LYS A 118 3.68 -3.02 -10.71
N GLU A 119 2.99 -2.14 -9.98
CA GLU A 119 2.27 -1.05 -10.61
C GLU A 119 1.93 0.02 -9.58
N SER A 120 2.18 1.28 -9.93
CA SER A 120 1.88 2.38 -9.01
C SER A 120 1.77 3.69 -9.77
N ASP A 121 1.43 4.75 -9.04
CA ASP A 121 1.28 6.07 -9.65
C ASP A 121 -0.10 6.22 -10.26
N ILE A 122 -0.88 5.15 -10.18
CA ILE A 122 -2.23 5.17 -10.73
C ILE A 122 -3.03 6.27 -10.06
N MET A 123 -3.54 7.17 -10.86
CA MET A 123 -4.31 8.29 -10.37
C MET A 123 -5.75 7.87 -10.10
N THR A 124 -6.19 8.07 -8.86
CA THR A 124 -7.54 7.70 -8.47
C THR A 124 -8.36 8.93 -8.11
N THR A 125 -9.60 8.70 -7.70
CA THR A 125 -10.48 9.81 -7.32
C THR A 125 -10.30 10.17 -5.86
N ASN A 126 -9.50 9.40 -5.13
CA ASN A 126 -9.25 9.65 -3.72
C ASN A 126 -7.76 9.63 -3.41
N GLY A 127 -6.94 9.77 -4.44
CA GLY A 127 -5.49 9.78 -4.25
C GLY A 127 -4.79 8.95 -5.32
N VAL A 128 -3.75 8.24 -4.91
CA VAL A 128 -2.99 7.40 -5.83
C VAL A 128 -2.91 5.97 -5.32
N ILE A 129 -2.48 5.05 -6.19
CA ILE A 129 -2.38 3.65 -5.83
C ILE A 129 -0.95 3.13 -6.00
N HIS A 130 -0.56 2.21 -5.11
CA HIS A 130 0.77 1.62 -5.17
C HIS A 130 0.68 0.11 -5.01
N VAL A 131 1.00 -0.61 -6.09
CA VAL A 131 0.97 -2.07 -6.08
C VAL A 131 2.38 -2.65 -6.06
N VAL A 132 2.64 -3.48 -5.05
CA VAL A 132 3.96 -4.11 -4.92
C VAL A 132 3.83 -5.64 -5.02
N ASP A 133 4.97 -6.32 -4.97
CA ASP A 133 4.99 -7.78 -5.06
C ASP A 133 5.52 -8.38 -3.76
N LYS A 134 5.53 -7.58 -2.71
CA LYS A 134 6.02 -8.04 -1.41
C LYS A 134 5.56 -7.10 -0.30
N LEU A 135 5.30 -7.67 0.87
CA LEU A 135 4.86 -6.88 2.02
C LEU A 135 6.06 -6.25 2.71
N LEU A 136 5.87 -5.03 3.21
CA LEU A 136 6.95 -4.33 3.91
C LEU A 136 6.66 -4.26 5.40
N TYR A 137 7.65 -4.58 6.22
CA TYR A 137 7.47 -4.56 7.67
C TYR A 137 8.11 -3.32 8.27
N PRO A 138 7.66 -2.88 9.43
CA PRO A 138 8.23 -1.68 10.11
C PRO A 138 9.60 -1.96 10.72
N ALA A 139 9.62 -2.84 11.71
CA ALA A 139 10.86 -3.19 12.39
C ALA A 139 11.63 -4.24 11.60
N ASP A 140 11.05 -5.42 11.47
CA ASP A 140 11.67 -6.51 10.74
C ASP A 140 10.63 -7.41 10.11
N GLY A 1 -16.04 9.17 -19.56
CA GLY A 1 -15.29 10.25 -18.93
C GLY A 1 -16.01 10.73 -17.67
N ALA A 2 -16.15 9.85 -16.69
CA ALA A 2 -16.81 10.19 -15.44
C ALA A 2 -16.08 9.58 -14.26
N MET A 3 -16.38 8.32 -13.97
CA MET A 3 -15.75 7.63 -12.86
C MET A 3 -14.26 7.40 -13.15
N GLU A 4 -13.42 7.74 -12.18
CA GLU A 4 -11.98 7.58 -12.34
C GLU A 4 -11.46 6.44 -11.47
N LYS A 5 -12.28 5.41 -11.30
CA LYS A 5 -11.91 4.25 -10.51
C LYS A 5 -11.50 4.67 -9.10
N SER A 6 -12.29 4.27 -8.11
CA SER A 6 -12.00 4.61 -6.72
C SER A 6 -11.23 3.48 -6.06
N LEU A 7 -10.76 3.75 -4.85
CA LEU A 7 -10.02 2.74 -4.10
C LEU A 7 -10.86 1.49 -3.89
N HIS A 8 -12.00 1.66 -3.22
CA HIS A 8 -12.88 0.52 -2.94
C HIS A 8 -13.22 -0.22 -4.22
N GLU A 9 -13.63 0.52 -5.24
CA GLU A 9 -13.99 -0.09 -6.51
C GLU A 9 -12.83 -0.94 -7.02
N LYS A 10 -11.60 -0.48 -6.77
CA LYS A 10 -10.43 -1.22 -7.21
C LYS A 10 -10.30 -2.54 -6.47
N LEU A 11 -10.23 -2.47 -5.15
CA LEU A 11 -10.09 -3.68 -4.33
C LEU A 11 -11.30 -4.58 -4.48
N LYS A 12 -12.41 -4.01 -4.92
CA LYS A 12 -13.64 -4.78 -5.10
C LYS A 12 -13.66 -5.45 -6.47
N GLN A 13 -13.19 -4.75 -7.49
CA GLN A 13 -13.19 -5.31 -8.84
C GLN A 13 -11.87 -6.04 -9.12
N ASP A 14 -10.99 -6.09 -8.13
CA ASP A 14 -9.71 -6.77 -8.27
C ASP A 14 -9.62 -7.96 -7.32
N LYS A 15 -9.84 -9.16 -7.86
CA LYS A 15 -9.78 -10.36 -7.05
C LYS A 15 -8.37 -10.55 -6.48
N ARG A 16 -7.40 -9.88 -7.08
CA ARG A 16 -6.02 -9.97 -6.62
C ARG A 16 -5.90 -9.46 -5.19
N PHE A 17 -6.83 -8.60 -4.80
CA PHE A 17 -6.82 -8.02 -3.46
C PHE A 17 -8.09 -8.39 -2.70
N SER A 18 -8.67 -9.52 -3.05
CA SER A 18 -9.89 -9.98 -2.38
C SER A 18 -9.62 -10.19 -0.90
N THR A 19 -8.47 -10.79 -0.60
CA THR A 19 -8.11 -11.04 0.79
C THR A 19 -8.13 -9.75 1.59
N PHE A 20 -7.51 -8.72 1.01
CA PHE A 20 -7.42 -7.42 1.65
C PHE A 20 -8.83 -6.90 1.96
N LEU A 21 -9.73 -7.07 1.01
CA LEU A 21 -11.10 -6.63 1.21
C LEU A 21 -11.68 -7.26 2.46
N SER A 22 -11.40 -8.55 2.63
CA SER A 22 -11.92 -9.29 3.80
C SER A 22 -11.33 -8.79 5.12
N LEU A 23 -10.02 -8.86 5.23
CA LEU A 23 -9.33 -8.44 6.47
C LEU A 23 -9.50 -6.95 6.74
N LEU A 24 -9.39 -6.12 5.71
CA LEU A 24 -9.53 -4.69 5.89
C LEU A 24 -10.95 -4.34 6.29
N GLU A 25 -11.90 -5.13 5.80
CA GLU A 25 -13.29 -4.91 6.12
C GLU A 25 -13.56 -5.25 7.58
N ALA A 26 -12.86 -6.25 8.09
CA ALA A 26 -13.02 -6.67 9.48
C ALA A 26 -12.55 -5.55 10.42
N ALA A 27 -11.44 -4.89 10.05
CA ALA A 27 -10.91 -3.81 10.86
C ALA A 27 -11.79 -2.57 10.74
N ASP A 28 -12.71 -2.61 9.77
CA ASP A 28 -13.62 -1.49 9.54
C ASP A 28 -12.91 -0.34 8.82
N LEU A 29 -12.08 -0.68 7.82
CA LEU A 29 -11.36 0.34 7.07
C LEU A 29 -12.02 0.55 5.71
N LYS A 30 -12.97 -0.31 5.40
CA LYS A 30 -13.69 -0.21 4.13
C LYS A 30 -14.21 1.21 3.93
N GLU A 31 -14.53 1.87 5.03
CA GLU A 31 -15.03 3.25 4.97
C GLU A 31 -13.87 4.23 4.88
N LEU A 32 -12.70 3.80 5.33
CA LEU A 32 -11.51 4.65 5.29
C LEU A 32 -11.06 4.89 3.86
N LEU A 33 -11.17 3.85 3.04
CA LEU A 33 -10.77 3.93 1.64
C LEU A 33 -11.56 4.97 0.88
N THR A 34 -12.76 5.29 1.36
CA THR A 34 -13.60 6.27 0.68
C THR A 34 -13.48 7.62 1.35
N GLN A 35 -13.03 7.60 2.61
CA GLN A 35 -12.88 8.84 3.34
C GLN A 35 -12.05 9.85 2.53
N PRO A 36 -12.66 10.93 2.06
CA PRO A 36 -11.93 11.96 1.25
C PRO A 36 -10.53 12.26 1.78
N GLY A 37 -9.56 12.34 0.87
CA GLY A 37 -8.18 12.64 1.25
C GLY A 37 -7.20 11.98 0.30
N ASP A 38 -6.16 12.74 -0.10
CA ASP A 38 -5.16 12.22 -1.03
C ASP A 38 -3.94 11.68 -0.28
N TRP A 39 -3.63 10.40 -0.53
CA TRP A 39 -2.50 9.75 0.12
C TRP A 39 -1.96 8.62 -0.74
N THR A 40 -0.82 8.07 -0.30
CA THR A 40 -0.18 6.97 -1.02
C THR A 40 -0.36 5.67 -0.23
N LEU A 41 -0.85 4.63 -0.91
CA LEU A 41 -1.06 3.34 -0.28
C LEU A 41 -0.30 2.25 -1.03
N PHE A 42 0.30 1.32 -0.27
CA PHE A 42 1.06 0.24 -0.88
C PHE A 42 0.25 -1.07 -0.84
N VAL A 43 -0.27 -1.48 -1.99
CA VAL A 43 -1.07 -2.70 -2.05
C VAL A 43 -0.25 -3.85 -2.67
N PRO A 44 0.15 -4.84 -1.87
CA PRO A 44 0.95 -5.99 -2.39
C PRO A 44 0.08 -7.02 -3.11
N THR A 45 0.65 -7.69 -4.11
CA THR A 45 -0.11 -8.68 -4.87
C THR A 45 -0.12 -10.05 -4.18
N ASN A 46 -0.89 -10.97 -4.74
CA ASN A 46 -0.98 -12.30 -4.15
C ASN A 46 0.42 -12.92 -4.05
N ASP A 47 1.28 -12.61 -5.01
CA ASP A 47 2.64 -13.15 -5.02
C ASP A 47 3.39 -12.72 -3.77
N ALA A 48 2.93 -11.64 -3.17
CA ALA A 48 3.56 -11.12 -1.97
C ALA A 48 2.91 -11.72 -0.73
N PHE A 49 1.71 -12.26 -0.91
CA PHE A 49 0.98 -12.87 0.21
C PHE A 49 0.94 -14.38 0.06
N LYS A 50 1.54 -14.87 -1.01
CA LYS A 50 1.57 -16.31 -1.28
C LYS A 50 1.75 -17.09 0.02
N GLY A 51 0.67 -17.73 0.46
CA GLY A 51 0.66 -18.51 1.70
C GLY A 51 1.88 -18.23 2.56
N MET A 52 1.81 -17.15 3.33
CA MET A 52 2.90 -16.77 4.20
C MET A 52 3.04 -17.78 5.33
N THR A 53 4.23 -17.86 5.87
CA THR A 53 4.51 -18.79 6.94
C THR A 53 3.55 -18.58 8.09
N SER A 54 3.15 -19.67 8.72
CA SER A 54 2.22 -19.59 9.84
C SER A 54 2.68 -18.55 10.85
N GLU A 55 3.99 -18.37 10.95
CA GLU A 55 4.54 -17.39 11.87
C GLU A 55 4.40 -15.98 11.30
N GLU A 56 4.52 -15.87 9.99
CA GLU A 56 4.41 -14.57 9.33
C GLU A 56 3.01 -14.00 9.46
N LYS A 57 1.99 -14.85 9.29
CA LYS A 57 0.61 -14.39 9.38
C LYS A 57 0.17 -14.27 10.83
N GLU A 58 0.77 -15.09 11.68
CA GLU A 58 0.43 -15.07 13.09
C GLU A 58 0.93 -13.79 13.77
N ILE A 59 2.20 -13.46 13.53
CA ILE A 59 2.80 -12.27 14.13
C ILE A 59 1.89 -11.06 13.93
N LEU A 60 1.02 -11.12 12.92
CA LEU A 60 0.12 -10.01 12.65
C LEU A 60 -1.16 -10.14 13.48
N ILE A 61 -1.85 -11.26 13.34
CA ILE A 61 -3.09 -11.46 14.09
C ILE A 61 -2.78 -11.63 15.58
N ARG A 62 -1.50 -11.81 15.89
CA ARG A 62 -1.08 -11.99 17.28
C ARG A 62 -1.45 -10.78 18.11
N ASP A 63 -1.53 -9.62 17.47
CA ASP A 63 -1.88 -8.41 18.18
C ASP A 63 -2.71 -7.49 17.28
N LYS A 64 -3.86 -7.05 17.79
CA LYS A 64 -4.73 -6.18 17.02
C LYS A 64 -3.92 -5.01 16.46
N ASN A 65 -2.96 -4.54 17.23
CA ASN A 65 -2.15 -3.42 16.80
C ASN A 65 -1.21 -3.83 15.66
N ALA A 66 -0.75 -5.07 15.70
CA ALA A 66 0.16 -5.57 14.68
C ALA A 66 -0.49 -5.59 13.29
N LEU A 67 -1.56 -6.38 13.16
CA LEU A 67 -2.24 -6.44 11.88
C LEU A 67 -2.70 -5.05 11.49
N GLN A 68 -3.10 -4.24 12.48
CA GLN A 68 -3.58 -2.89 12.19
C GLN A 68 -2.51 -2.10 11.45
N ASN A 69 -1.27 -2.25 11.91
CA ASN A 69 -0.18 -1.54 11.27
C ASN A 69 -0.13 -1.91 9.81
N ILE A 70 -0.23 -3.21 9.53
CA ILE A 70 -0.19 -3.65 8.13
C ILE A 70 -1.47 -3.21 7.40
N ILE A 71 -2.60 -3.27 8.08
CA ILE A 71 -3.86 -2.86 7.47
C ILE A 71 -3.72 -1.53 6.76
N LEU A 72 -3.19 -0.53 7.47
CA LEU A 72 -3.03 0.79 6.87
C LEU A 72 -2.18 0.73 5.61
N TYR A 73 -1.60 -0.43 5.33
CA TYR A 73 -0.78 -0.58 4.14
C TYR A 73 0.25 0.54 4.04
N HIS A 74 0.73 1.01 5.20
CA HIS A 74 1.71 2.09 5.23
C HIS A 74 1.13 3.34 4.60
N LEU A 75 -0.12 3.68 4.97
CA LEU A 75 -0.76 4.87 4.44
C LEU A 75 0.15 6.07 4.63
N THR A 76 0.39 6.81 3.56
CA THR A 76 1.25 7.99 3.65
C THR A 76 0.50 9.25 3.17
N PRO A 77 0.40 10.27 3.99
CA PRO A 77 -0.26 11.54 3.55
C PRO A 77 0.33 12.10 2.26
N GLY A 78 -0.51 12.80 1.50
CA GLY A 78 -0.07 13.39 0.25
C GLY A 78 0.31 12.33 -0.77
N VAL A 79 -0.44 12.27 -1.85
CA VAL A 79 -0.19 11.29 -2.91
C VAL A 79 1.26 11.39 -3.38
N PHE A 80 1.80 10.27 -3.83
CA PHE A 80 3.18 10.22 -4.31
C PHE A 80 3.23 10.59 -5.80
N ILE A 81 4.15 11.49 -6.14
CA ILE A 81 4.29 11.93 -7.52
C ILE A 81 5.71 11.67 -8.02
N GLY A 82 5.83 10.81 -9.04
CA GLY A 82 7.13 10.49 -9.60
C GLY A 82 7.77 11.71 -10.25
N LYS A 83 7.10 12.85 -10.11
CA LYS A 83 7.59 14.10 -10.69
C LYS A 83 8.13 15.02 -9.60
N GLY A 84 8.08 14.55 -8.36
CA GLY A 84 8.56 15.34 -7.23
C GLY A 84 10.05 15.12 -7.00
N PHE A 85 10.40 13.94 -6.51
CA PHE A 85 11.80 13.62 -6.24
C PHE A 85 12.51 13.20 -7.53
N GLU A 86 13.84 13.26 -7.51
CA GLU A 86 14.61 12.89 -8.69
C GLU A 86 15.01 11.41 -8.64
N PRO A 87 15.16 10.78 -9.78
CA PRO A 87 15.58 9.34 -9.84
C PRO A 87 17.05 9.17 -9.48
N GLY A 88 17.34 8.19 -8.63
CA GLY A 88 18.72 7.93 -8.22
C GLY A 88 18.89 8.18 -6.72
N VAL A 89 18.28 9.26 -6.23
CA VAL A 89 18.40 9.59 -4.81
C VAL A 89 17.23 9.00 -4.03
N THR A 90 17.52 8.49 -2.83
CA THR A 90 16.49 7.90 -1.99
C THR A 90 15.85 8.96 -1.11
N ASN A 91 14.56 8.80 -0.82
CA ASN A 91 13.83 9.75 0.02
C ASN A 91 13.18 9.04 1.20
N ILE A 92 13.26 9.66 2.38
CA ILE A 92 12.68 9.09 3.58
C ILE A 92 11.26 9.64 3.79
N LEU A 93 10.26 8.81 3.53
CA LEU A 93 8.88 9.21 3.69
C LEU A 93 8.29 8.60 4.94
N LYS A 94 7.51 9.39 5.67
CA LYS A 94 6.87 8.92 6.89
C LYS A 94 5.42 8.56 6.64
N THR A 95 5.00 7.40 7.16
CA THR A 95 3.63 6.95 6.99
C THR A 95 2.88 6.97 8.31
N THR A 96 1.56 6.91 8.23
CA THR A 96 0.73 6.95 9.42
C THR A 96 0.92 5.68 10.24
N GLN A 97 1.28 4.59 9.58
CA GLN A 97 1.48 3.32 10.25
C GLN A 97 2.45 3.48 11.42
N GLY A 98 3.27 4.51 11.36
CA GLY A 98 4.24 4.77 12.43
C GLY A 98 5.62 4.28 12.05
N SER A 99 5.98 4.47 10.78
CA SER A 99 7.29 4.03 10.30
C SER A 99 7.71 4.84 9.09
N LYS A 100 8.95 4.65 8.66
CA LYS A 100 9.47 5.38 7.50
C LYS A 100 9.66 4.44 6.32
N ILE A 101 9.37 4.94 5.13
CA ILE A 101 9.51 4.15 3.91
C ILE A 101 10.52 4.79 2.96
N PHE A 102 11.44 3.99 2.44
CA PHE A 102 12.46 4.50 1.53
C PHE A 102 12.02 4.38 0.08
N LEU A 103 11.97 5.51 -0.61
CA LEU A 103 11.55 5.51 -2.02
C LEU A 103 12.71 5.91 -2.92
N LYS A 104 12.79 5.27 -4.07
CA LYS A 104 13.85 5.57 -5.02
C LYS A 104 13.44 5.14 -6.42
N GLU A 105 13.63 6.03 -7.39
CA GLU A 105 13.27 5.75 -8.78
C GLU A 105 14.53 5.64 -9.64
N VAL A 106 14.58 4.61 -10.46
CA VAL A 106 15.72 4.39 -11.33
C VAL A 106 15.28 3.77 -12.65
N ASN A 107 15.94 4.14 -13.73
CA ASN A 107 15.62 3.61 -15.05
C ASN A 107 14.11 3.60 -15.26
N ASP A 108 13.46 4.69 -14.90
CA ASP A 108 12.01 4.79 -15.06
C ASP A 108 11.31 3.64 -14.35
N THR A 109 11.87 3.22 -13.22
CA THR A 109 11.29 2.12 -12.45
C THR A 109 11.15 2.51 -10.99
N LEU A 110 9.93 2.38 -10.45
CA LEU A 110 9.68 2.72 -9.06
C LEU A 110 10.29 1.66 -8.15
N LEU A 111 11.40 2.00 -7.52
CA LEU A 111 12.08 1.08 -6.61
C LEU A 111 11.95 1.55 -5.17
N VAL A 112 11.29 0.72 -4.37
CA VAL A 112 11.07 1.05 -2.96
C VAL A 112 11.67 -0.02 -2.04
N ASN A 113 12.22 0.40 -0.91
CA ASN A 113 12.80 -0.54 0.03
C ASN A 113 13.70 -1.56 -0.67
N GLU A 114 14.14 -1.21 -1.88
CA GLU A 114 15.01 -2.11 -2.65
C GLU A 114 14.19 -3.23 -3.29
N LEU A 115 13.06 -2.88 -3.89
CA LEU A 115 12.21 -3.87 -4.54
C LEU A 115 11.56 -3.28 -5.80
N LYS A 116 11.48 -4.08 -6.85
CA LYS A 116 10.90 -3.62 -8.10
C LYS A 116 9.38 -3.61 -7.99
N SER A 117 8.79 -2.43 -8.15
CA SER A 117 7.34 -2.30 -8.07
C SER A 117 6.67 -2.87 -9.31
N LYS A 118 5.37 -3.16 -9.19
CA LYS A 118 4.62 -3.71 -10.32
C LYS A 118 3.83 -2.61 -11.03
N GLU A 119 3.11 -1.81 -10.25
CA GLU A 119 2.32 -0.73 -10.82
C GLU A 119 2.06 0.34 -9.77
N SER A 120 2.00 1.59 -10.22
CA SER A 120 1.75 2.69 -9.30
C SER A 120 1.41 3.96 -10.07
N ASP A 121 1.06 5.01 -9.33
CA ASP A 121 0.71 6.28 -9.95
C ASP A 121 -0.75 6.28 -10.38
N ILE A 122 -1.40 5.13 -10.23
CA ILE A 122 -2.79 5.01 -10.60
C ILE A 122 -3.60 6.07 -9.85
N MET A 123 -4.17 6.98 -10.61
CA MET A 123 -4.96 8.07 -10.04
C MET A 123 -6.34 7.58 -9.66
N THR A 124 -6.62 7.58 -8.36
CA THR A 124 -7.91 7.13 -7.86
C THR A 124 -8.86 8.32 -7.72
N THR A 125 -10.05 8.05 -7.20
CA THR A 125 -11.04 9.10 -7.02
C THR A 125 -10.84 9.81 -5.69
N ASN A 126 -9.89 9.32 -4.89
CA ASN A 126 -9.62 9.91 -3.58
C ASN A 126 -8.12 10.13 -3.38
N GLY A 127 -7.32 9.61 -4.30
CA GLY A 127 -5.87 9.76 -4.21
C GLY A 127 -5.15 8.93 -5.25
N VAL A 128 -4.01 8.33 -4.87
CA VAL A 128 -3.24 7.51 -5.80
C VAL A 128 -3.05 6.11 -5.24
N ILE A 129 -2.59 5.20 -6.08
CA ILE A 129 -2.37 3.82 -5.67
C ILE A 129 -0.94 3.38 -5.99
N HIS A 130 -0.43 2.45 -5.18
CA HIS A 130 0.91 1.92 -5.41
C HIS A 130 0.89 0.41 -5.22
N VAL A 131 1.03 -0.31 -6.32
CA VAL A 131 1.03 -1.76 -6.29
C VAL A 131 2.45 -2.31 -6.28
N VAL A 132 2.74 -3.14 -5.28
CA VAL A 132 4.07 -3.74 -5.18
C VAL A 132 3.98 -5.27 -5.11
N ASP A 133 5.14 -5.92 -5.08
CA ASP A 133 5.20 -7.38 -5.03
C ASP A 133 5.96 -7.86 -3.80
N LYS A 134 5.65 -7.28 -2.65
CA LYS A 134 6.30 -7.69 -1.41
C LYS A 134 5.59 -7.05 -0.22
N LEU A 135 5.49 -7.81 0.87
CA LEU A 135 4.84 -7.30 2.07
C LEU A 135 5.79 -6.42 2.86
N LEU A 136 5.47 -5.14 2.92
CA LEU A 136 6.30 -4.18 3.65
C LEU A 136 6.20 -4.44 5.15
N TYR A 137 7.06 -5.32 5.66
CA TYR A 137 7.07 -5.64 7.08
C TYR A 137 7.30 -4.39 7.92
N PRO A 138 6.94 -4.41 9.19
CA PRO A 138 7.13 -3.25 10.11
C PRO A 138 8.57 -2.69 10.06
N ALA A 139 9.03 -2.18 11.19
CA ALA A 139 10.38 -1.63 11.27
C ALA A 139 11.27 -2.49 12.15
N ASP A 140 11.85 -1.88 13.18
CA ASP A 140 12.73 -2.60 14.10
C ASP A 140 11.92 -3.27 15.20
N GLY A 1 -23.98 6.88 -13.97
CA GLY A 1 -23.52 6.22 -12.75
C GLY A 1 -22.41 7.04 -12.09
N ALA A 2 -21.19 6.52 -12.16
CA ALA A 2 -20.04 7.21 -11.56
C ALA A 2 -18.99 7.49 -12.62
N MET A 3 -18.68 6.48 -13.43
CA MET A 3 -17.69 6.63 -14.49
C MET A 3 -16.29 6.82 -13.90
N GLU A 4 -16.25 7.13 -12.62
CA GLU A 4 -14.98 7.36 -11.94
C GLU A 4 -14.62 6.19 -11.04
N LYS A 5 -13.34 5.86 -11.00
CA LYS A 5 -12.86 4.75 -10.19
C LYS A 5 -11.87 5.23 -9.14
N SER A 6 -12.28 5.17 -7.88
CA SER A 6 -11.42 5.60 -6.78
C SER A 6 -10.56 4.44 -6.29
N LEU A 7 -9.71 4.72 -5.32
CA LEU A 7 -8.83 3.70 -4.77
C LEU A 7 -9.62 2.45 -4.39
N HIS A 8 -10.55 2.61 -3.45
CA HIS A 8 -11.37 1.48 -3.02
C HIS A 8 -12.02 0.80 -4.22
N GLU A 9 -12.65 1.59 -5.08
CA GLU A 9 -13.30 1.05 -6.26
C GLU A 9 -12.35 0.12 -7.01
N LYS A 10 -11.08 0.49 -7.07
CA LYS A 10 -10.09 -0.33 -7.75
C LYS A 10 -9.87 -1.64 -7.00
N LEU A 11 -9.68 -1.55 -5.69
CA LEU A 11 -9.47 -2.74 -4.88
C LEU A 11 -10.68 -3.67 -4.96
N LYS A 12 -11.84 -3.10 -5.29
CA LYS A 12 -13.05 -3.88 -5.40
C LYS A 12 -13.15 -4.54 -6.78
N GLN A 13 -12.69 -3.82 -7.79
CA GLN A 13 -12.72 -4.34 -9.16
C GLN A 13 -11.60 -5.34 -9.38
N ASP A 14 -10.48 -5.13 -8.69
CA ASP A 14 -9.34 -6.03 -8.83
C ASP A 14 -9.52 -7.28 -7.97
N LYS A 15 -9.87 -8.39 -8.62
CA LYS A 15 -10.08 -9.63 -7.90
C LYS A 15 -8.82 -10.04 -7.15
N ARG A 16 -7.67 -9.55 -7.61
CA ARG A 16 -6.40 -9.86 -6.98
C ARG A 16 -6.38 -9.37 -5.53
N PHE A 17 -7.08 -8.27 -5.29
CA PHE A 17 -7.15 -7.69 -3.96
C PHE A 17 -8.52 -7.94 -3.32
N SER A 18 -9.14 -9.05 -3.67
CA SER A 18 -10.43 -9.40 -3.11
C SER A 18 -10.30 -9.67 -1.61
N THR A 19 -9.35 -10.51 -1.24
CA THR A 19 -9.14 -10.84 0.16
C THR A 19 -8.89 -9.57 0.96
N PHE A 20 -8.08 -8.69 0.38
CA PHE A 20 -7.75 -7.44 1.04
C PHE A 20 -9.03 -6.70 1.39
N LEU A 21 -9.97 -6.71 0.48
CA LEU A 21 -11.23 -6.04 0.72
C LEU A 21 -11.94 -6.66 1.91
N SER A 22 -11.81 -7.97 2.06
CA SER A 22 -12.47 -8.65 3.17
C SER A 22 -11.88 -8.28 4.52
N LEU A 23 -10.56 -8.37 4.62
CA LEU A 23 -9.87 -8.08 5.88
C LEU A 23 -9.80 -6.59 6.16
N LEU A 24 -9.49 -5.80 5.13
CA LEU A 24 -9.36 -4.37 5.32
C LEU A 24 -10.72 -3.78 5.66
N GLU A 25 -11.78 -4.32 5.05
CA GLU A 25 -13.13 -3.83 5.32
C GLU A 25 -13.56 -4.19 6.72
N ALA A 26 -13.15 -5.36 7.18
CA ALA A 26 -13.50 -5.79 8.52
C ALA A 26 -12.93 -4.84 9.56
N ALA A 27 -11.71 -4.37 9.33
CA ALA A 27 -11.06 -3.46 10.26
C ALA A 27 -11.54 -2.03 10.05
N ASP A 28 -12.21 -1.79 8.92
CA ASP A 28 -12.75 -0.47 8.59
C ASP A 28 -11.68 0.40 7.93
N LEU A 29 -11.07 -0.13 6.87
CA LEU A 29 -10.04 0.62 6.13
C LEU A 29 -10.56 1.09 4.78
N LYS A 30 -11.87 1.03 4.63
CA LYS A 30 -12.51 1.44 3.40
C LYS A 30 -13.22 2.78 3.57
N GLU A 31 -13.59 3.09 4.81
CA GLU A 31 -14.29 4.35 5.10
C GLU A 31 -13.39 5.54 4.79
N LEU A 32 -12.30 5.65 5.53
CA LEU A 32 -11.36 6.73 5.31
C LEU A 32 -10.91 6.76 3.86
N LEU A 33 -11.06 5.63 3.18
CA LEU A 33 -10.62 5.51 1.80
C LEU A 33 -11.51 6.33 0.87
N THR A 34 -12.81 6.26 1.10
CA THR A 34 -13.75 6.98 0.27
C THR A 34 -13.79 8.45 0.67
N GLN A 35 -13.26 8.74 1.85
CA GLN A 35 -13.27 10.12 2.33
C GLN A 35 -12.33 11.00 1.50
N PRO A 36 -12.85 12.00 0.81
CA PRO A 36 -12.01 12.90 -0.04
C PRO A 36 -10.63 13.17 0.56
N GLY A 37 -9.59 13.07 -0.29
CA GLY A 37 -8.24 13.30 0.16
C GLY A 37 -7.23 12.68 -0.82
N ASP A 38 -5.96 12.82 -0.48
CA ASP A 38 -4.90 12.28 -1.33
C ASP A 38 -3.84 11.58 -0.49
N TRP A 39 -3.66 10.28 -0.70
CA TRP A 39 -2.67 9.51 0.05
C TRP A 39 -2.07 8.42 -0.82
N THR A 40 -0.97 7.84 -0.34
CA THR A 40 -0.31 6.77 -1.07
C THR A 40 -0.74 5.42 -0.51
N LEU A 41 -1.15 4.53 -1.40
CA LEU A 41 -1.61 3.21 -0.98
C LEU A 41 -0.65 2.12 -1.48
N PHE A 42 -0.17 1.29 -0.56
CA PHE A 42 0.74 0.20 -0.92
C PHE A 42 0.02 -1.13 -0.83
N VAL A 43 -0.44 -1.64 -1.97
CA VAL A 43 -1.16 -2.91 -1.99
C VAL A 43 -0.29 -4.04 -2.55
N PRO A 44 0.27 -4.87 -1.70
CA PRO A 44 1.09 -6.03 -2.17
C PRO A 44 0.23 -7.14 -2.77
N THR A 45 0.76 -7.80 -3.80
CA THR A 45 0.01 -8.88 -4.45
C THR A 45 0.12 -10.18 -3.65
N ASN A 46 -0.66 -11.19 -4.05
CA ASN A 46 -0.64 -12.46 -3.36
C ASN A 46 0.77 -13.04 -3.34
N ASP A 47 1.56 -12.71 -4.35
CA ASP A 47 2.94 -13.19 -4.43
C ASP A 47 3.75 -12.72 -3.23
N ALA A 48 3.26 -11.69 -2.55
CA ALA A 48 3.96 -11.16 -1.39
C ALA A 48 3.87 -12.12 -0.22
N PHE A 49 2.89 -13.02 -0.26
CA PHE A 49 2.71 -13.99 0.81
C PHE A 49 3.77 -15.07 0.73
N LYS A 50 4.42 -15.18 -0.43
CA LYS A 50 5.45 -16.18 -0.63
C LYS A 50 6.47 -16.14 0.51
N GLY A 51 6.61 -17.26 1.22
CA GLY A 51 7.55 -17.34 2.32
C GLY A 51 6.83 -17.16 3.66
N MET A 52 5.87 -16.24 3.70
CA MET A 52 5.12 -15.98 4.91
C MET A 52 4.59 -17.28 5.51
N THR A 53 5.12 -17.65 6.66
CA THR A 53 4.69 -18.88 7.32
C THR A 53 3.34 -18.67 7.99
N SER A 54 2.63 -19.76 8.23
CA SER A 54 1.32 -19.70 8.87
C SER A 54 1.44 -19.09 10.26
N GLU A 55 2.59 -19.30 10.90
CA GLU A 55 2.82 -18.76 12.24
C GLU A 55 3.19 -17.29 12.17
N GLU A 56 4.00 -16.93 11.18
CA GLU A 56 4.45 -15.54 11.02
C GLU A 56 3.25 -14.62 10.88
N LYS A 57 2.22 -15.06 10.16
CA LYS A 57 1.03 -14.26 9.96
C LYS A 57 0.09 -14.37 11.16
N GLU A 58 0.03 -15.56 11.75
CA GLU A 58 -0.82 -15.77 12.91
C GLU A 58 -0.45 -14.83 14.04
N ILE A 59 0.84 -14.63 14.24
CA ILE A 59 1.31 -13.74 15.31
C ILE A 59 0.78 -12.32 15.09
N LEU A 60 0.37 -12.02 13.86
CA LEU A 60 -0.13 -10.69 13.54
C LEU A 60 -1.62 -10.58 13.86
N ILE A 61 -2.41 -11.52 13.33
CA ILE A 61 -3.85 -11.52 13.56
C ILE A 61 -4.17 -11.82 15.02
N ARG A 62 -3.18 -12.36 15.73
CA ARG A 62 -3.36 -12.70 17.14
C ARG A 62 -3.58 -11.43 17.96
N ASP A 63 -2.97 -10.34 17.52
CA ASP A 63 -3.09 -9.07 18.23
C ASP A 63 -3.78 -8.04 17.36
N LYS A 64 -4.85 -7.44 17.89
CA LYS A 64 -5.59 -6.46 17.14
C LYS A 64 -4.70 -5.30 16.76
N ASN A 65 -3.78 -4.94 17.65
CA ASN A 65 -2.88 -3.83 17.37
C ASN A 65 -1.85 -4.20 16.32
N ALA A 66 -1.43 -5.47 16.33
CA ALA A 66 -0.44 -5.94 15.38
C ALA A 66 -1.01 -5.95 13.96
N LEU A 67 -2.06 -6.72 13.75
CA LEU A 67 -2.66 -6.78 12.44
C LEU A 67 -3.04 -5.37 12.00
N GLN A 68 -3.47 -4.55 12.94
CA GLN A 68 -3.91 -3.20 12.60
C GLN A 68 -2.78 -2.42 11.94
N ASN A 69 -1.64 -2.37 12.62
CA ASN A 69 -0.50 -1.66 12.09
C ASN A 69 -0.18 -2.15 10.69
N ILE A 70 -0.37 -3.45 10.47
CA ILE A 70 -0.10 -4.02 9.15
C ILE A 70 -1.27 -3.77 8.20
N ILE A 71 -2.48 -3.81 8.73
CA ILE A 71 -3.65 -3.59 7.91
C ILE A 71 -3.48 -2.33 7.08
N LEU A 72 -3.10 -1.23 7.72
CA LEU A 72 -2.92 0.02 6.99
C LEU A 72 -1.92 -0.14 5.85
N TYR A 73 -1.39 -1.34 5.72
CA TYR A 73 -0.43 -1.64 4.66
C TYR A 73 0.52 -0.46 4.46
N HIS A 74 0.91 0.19 5.56
CA HIS A 74 1.81 1.33 5.49
C HIS A 74 1.21 2.45 4.68
N LEU A 75 0.04 2.94 5.10
CA LEU A 75 -0.61 4.02 4.39
C LEU A 75 0.14 5.31 4.65
N THR A 76 0.47 6.05 3.59
CA THR A 76 1.18 7.31 3.74
C THR A 76 0.36 8.48 3.15
N PRO A 77 0.35 9.63 3.79
CA PRO A 77 -0.36 10.83 3.26
C PRO A 77 0.42 11.52 2.14
N GLY A 78 -0.30 12.28 1.31
CA GLY A 78 0.33 12.99 0.21
C GLY A 78 0.75 12.04 -0.91
N VAL A 79 0.11 12.17 -2.06
CA VAL A 79 0.42 11.33 -3.20
C VAL A 79 1.88 11.50 -3.62
N PHE A 80 2.52 10.41 -4.00
CA PHE A 80 3.92 10.45 -4.42
C PHE A 80 4.01 10.50 -5.95
N ILE A 81 4.72 11.51 -6.47
CA ILE A 81 4.89 11.65 -7.91
C ILE A 81 6.36 11.51 -8.29
N GLY A 82 6.63 10.56 -9.17
CA GLY A 82 7.99 10.31 -9.62
C GLY A 82 8.39 11.33 -10.68
N LYS A 83 7.50 12.28 -10.96
CA LYS A 83 7.78 13.29 -11.97
C LYS A 83 8.25 14.58 -11.30
N GLY A 84 7.72 14.84 -10.11
CA GLY A 84 8.09 16.04 -9.37
C GLY A 84 9.33 15.80 -8.52
N PHE A 85 9.44 14.59 -7.97
CA PHE A 85 10.58 14.25 -7.13
C PHE A 85 11.80 13.93 -7.98
N GLU A 86 12.98 13.96 -7.37
CA GLU A 86 14.20 13.67 -8.10
C GLU A 86 14.47 12.16 -8.15
N PRO A 87 14.62 11.58 -9.32
CA PRO A 87 14.90 10.11 -9.45
C PRO A 87 16.37 9.78 -9.19
N GLY A 88 16.60 8.72 -8.43
CA GLY A 88 17.96 8.30 -8.12
C GLY A 88 18.28 8.51 -6.64
N VAL A 89 17.54 9.43 -6.01
CA VAL A 89 17.76 9.71 -4.60
C VAL A 89 16.71 9.02 -3.74
N THR A 90 17.12 8.55 -2.57
CA THR A 90 16.19 7.88 -1.67
C THR A 90 15.63 8.87 -0.65
N ASN A 91 14.30 8.90 -0.52
CA ASN A 91 13.66 9.82 0.42
C ASN A 91 12.96 9.05 1.53
N ILE A 92 13.10 9.53 2.76
CA ILE A 92 12.48 8.88 3.91
C ILE A 92 11.08 9.47 4.14
N LEU A 93 10.07 8.70 3.79
CA LEU A 93 8.69 9.15 3.95
C LEU A 93 8.05 8.50 5.17
N LYS A 94 7.24 9.27 5.88
CA LYS A 94 6.56 8.77 7.07
C LYS A 94 5.18 8.24 6.69
N THR A 95 4.76 7.18 7.36
CA THR A 95 3.47 6.57 7.10
C THR A 95 2.57 6.63 8.33
N THR A 96 1.28 6.43 8.11
CA THR A 96 0.32 6.47 9.21
C THR A 96 0.55 5.30 10.16
N GLN A 97 1.02 4.18 9.62
CA GLN A 97 1.26 2.99 10.43
C GLN A 97 2.14 3.35 11.63
N GLY A 98 2.94 4.40 11.49
CA GLY A 98 3.82 4.84 12.56
C GLY A 98 5.27 4.44 12.27
N SER A 99 5.60 4.38 10.99
CA SER A 99 6.95 4.01 10.57
C SER A 99 7.39 4.87 9.39
N LYS A 100 8.55 4.54 8.84
CA LYS A 100 9.10 5.28 7.71
C LYS A 100 9.34 4.35 6.52
N ILE A 101 9.12 4.87 5.32
CA ILE A 101 9.32 4.08 4.11
C ILE A 101 10.25 4.81 3.15
N PHE A 102 11.25 4.10 2.64
CA PHE A 102 12.21 4.68 1.72
C PHE A 102 11.74 4.54 0.27
N LEU A 103 11.61 5.68 -0.40
CA LEU A 103 11.18 5.68 -1.80
C LEU A 103 12.31 6.13 -2.72
N LYS A 104 12.46 5.42 -3.83
CA LYS A 104 13.50 5.76 -4.79
C LYS A 104 13.10 5.32 -6.19
N GLU A 105 13.22 6.24 -7.15
CA GLU A 105 12.86 5.94 -8.54
C GLU A 105 14.08 6.05 -9.44
N VAL A 106 14.30 5.02 -10.26
CA VAL A 106 15.44 5.00 -11.17
C VAL A 106 15.01 4.47 -12.54
N ASN A 107 15.49 5.14 -13.58
CA ASN A 107 15.15 4.72 -14.94
C ASN A 107 13.64 4.63 -15.11
N ASP A 108 12.92 5.56 -14.49
CA ASP A 108 11.45 5.57 -14.59
C ASP A 108 10.86 4.37 -13.85
N THR A 109 11.71 3.63 -13.15
CA THR A 109 11.26 2.46 -12.41
C THR A 109 11.09 2.78 -10.94
N LEU A 110 9.93 2.46 -10.40
CA LEU A 110 9.65 2.72 -8.99
C LEU A 110 10.31 1.67 -8.12
N LEU A 111 11.31 2.10 -7.34
CA LEU A 111 12.01 1.19 -6.44
C LEU A 111 11.84 1.64 -5.00
N VAL A 112 11.17 0.80 -4.21
CA VAL A 112 10.95 1.13 -2.80
C VAL A 112 11.84 0.26 -1.93
N ASN A 113 12.46 0.88 -0.93
CA ASN A 113 13.34 0.15 -0.01
C ASN A 113 14.44 -0.59 -0.79
N GLU A 114 14.05 -1.67 -1.45
CA GLU A 114 15.01 -2.44 -2.23
C GLU A 114 14.29 -3.51 -3.06
N LEU A 115 13.27 -3.09 -3.80
CA LEU A 115 12.50 -4.02 -4.63
C LEU A 115 11.81 -3.28 -5.77
N LYS A 116 11.51 -4.02 -6.84
CA LYS A 116 10.84 -3.45 -7.98
C LYS A 116 9.33 -3.53 -7.82
N SER A 117 8.65 -2.42 -8.12
CA SER A 117 7.20 -2.37 -8.00
C SER A 117 6.54 -2.95 -9.25
N LYS A 118 5.36 -3.53 -9.08
CA LYS A 118 4.63 -4.11 -10.21
C LYS A 118 3.89 -3.03 -10.98
N GLU A 119 3.17 -2.18 -10.25
CA GLU A 119 2.41 -1.11 -10.89
C GLU A 119 2.11 0.00 -9.89
N SER A 120 2.30 1.25 -10.31
CA SER A 120 2.04 2.38 -9.42
C SER A 120 1.83 3.65 -10.24
N ASP A 121 1.46 4.73 -9.55
CA ASP A 121 1.23 6.00 -10.23
C ASP A 121 -0.08 5.96 -11.01
N ILE A 122 -0.85 4.89 -10.83
CA ILE A 122 -2.11 4.74 -11.52
C ILE A 122 -2.92 6.04 -11.43
N MET A 123 -2.66 6.80 -10.38
CA MET A 123 -3.36 8.06 -10.17
C MET A 123 -4.86 7.83 -10.08
N THR A 124 -5.40 7.91 -8.87
CA THR A 124 -6.83 7.71 -8.66
C THR A 124 -7.54 9.06 -8.61
N THR A 125 -8.83 9.04 -8.29
CA THR A 125 -9.62 10.26 -8.21
C THR A 125 -9.48 10.90 -6.84
N ASN A 126 -9.02 10.12 -5.87
CA ASN A 126 -8.85 10.62 -4.51
C ASN A 126 -7.49 10.21 -3.94
N GLY A 127 -6.49 10.11 -4.81
CA GLY A 127 -5.15 9.72 -4.37
C GLY A 127 -4.45 8.88 -5.44
N VAL A 128 -3.35 8.26 -5.05
CA VAL A 128 -2.59 7.42 -5.98
C VAL A 128 -2.54 5.99 -5.47
N ILE A 129 -2.18 5.08 -6.36
CA ILE A 129 -2.08 3.67 -5.99
C ILE A 129 -0.67 3.14 -6.22
N HIS A 130 -0.30 2.16 -5.42
CA HIS A 130 1.02 1.55 -5.54
C HIS A 130 0.92 0.04 -5.34
N VAL A 131 1.17 -0.70 -6.41
CA VAL A 131 1.13 -2.17 -6.36
C VAL A 131 2.54 -2.75 -6.30
N VAL A 132 2.79 -3.48 -5.23
CA VAL A 132 4.12 -4.11 -5.04
C VAL A 132 3.97 -5.63 -4.95
N ASP A 133 5.11 -6.31 -4.88
CA ASP A 133 5.11 -7.78 -4.80
C ASP A 133 5.87 -8.25 -3.56
N LYS A 134 5.67 -7.55 -2.46
CA LYS A 134 6.34 -7.91 -1.22
C LYS A 134 5.78 -7.08 -0.05
N LEU A 135 5.50 -7.76 1.05
CA LEU A 135 4.97 -7.07 2.23
C LEU A 135 6.03 -6.16 2.83
N LEU A 136 5.66 -4.91 3.06
CA LEU A 136 6.59 -3.94 3.64
C LEU A 136 6.58 -4.02 5.15
N TYR A 137 7.68 -4.51 5.72
CA TYR A 137 7.77 -4.62 7.18
C TYR A 137 9.16 -4.20 7.66
N PRO A 138 9.27 -3.75 8.90
CA PRO A 138 10.57 -3.34 9.48
C PRO A 138 11.47 -4.54 9.79
N ALA A 139 12.53 -4.30 10.55
CA ALA A 139 13.46 -5.37 10.91
C ALA A 139 12.77 -6.41 11.78
N ASP A 140 12.25 -5.95 12.92
CA ASP A 140 11.56 -6.85 13.85
C ASP A 140 10.39 -6.13 14.50
N GLY A 1 -17.32 11.31 -19.44
CA GLY A 1 -17.09 11.53 -18.01
C GLY A 1 -18.40 11.47 -17.23
N ALA A 2 -18.53 10.43 -16.40
CA ALA A 2 -19.74 10.26 -15.60
C ALA A 2 -19.44 9.46 -14.34
N MET A 3 -18.63 8.41 -14.49
CA MET A 3 -18.27 7.58 -13.36
C MET A 3 -16.75 7.50 -13.20
N GLU A 4 -16.28 7.80 -11.98
CA GLU A 4 -14.84 7.77 -11.72
C GLU A 4 -14.48 6.55 -10.88
N LYS A 5 -13.25 6.06 -11.06
CA LYS A 5 -12.79 4.90 -10.32
C LYS A 5 -12.06 5.34 -9.04
N SER A 6 -12.54 4.89 -7.89
CA SER A 6 -11.93 5.23 -6.63
C SER A 6 -11.01 4.11 -6.15
N LEU A 7 -10.29 4.36 -5.06
CA LEU A 7 -9.38 3.37 -4.52
C LEU A 7 -10.11 2.05 -4.25
N HIS A 8 -11.08 2.09 -3.35
CA HIS A 8 -11.85 0.91 -3.01
C HIS A 8 -12.34 0.22 -4.29
N GLU A 9 -12.85 1.00 -5.23
CA GLU A 9 -13.35 0.47 -6.48
C GLU A 9 -12.30 -0.45 -7.11
N LYS A 10 -11.07 0.04 -7.20
CA LYS A 10 -9.98 -0.75 -7.77
C LYS A 10 -9.78 -2.04 -6.98
N LEU A 11 -9.68 -1.91 -5.66
CA LEU A 11 -9.49 -3.08 -4.80
C LEU A 11 -10.67 -4.03 -4.92
N LYS A 12 -11.83 -3.48 -5.26
CA LYS A 12 -13.03 -4.29 -5.39
C LYS A 12 -13.06 -4.99 -6.75
N GLN A 13 -12.53 -4.31 -7.77
CA GLN A 13 -12.50 -4.86 -9.11
C GLN A 13 -11.34 -5.84 -9.28
N ASP A 14 -10.24 -5.57 -8.59
CA ASP A 14 -9.08 -6.44 -8.68
C ASP A 14 -9.22 -7.64 -7.77
N LYS A 15 -9.52 -8.80 -8.36
CA LYS A 15 -9.69 -10.02 -7.59
C LYS A 15 -8.42 -10.33 -6.80
N ARG A 16 -7.28 -9.88 -7.31
CA ARG A 16 -6.01 -10.10 -6.64
C ARG A 16 -6.05 -9.57 -5.21
N PHE A 17 -6.80 -8.48 -5.02
CA PHE A 17 -6.93 -7.88 -3.68
C PHE A 17 -8.29 -8.19 -3.08
N SER A 18 -8.90 -9.29 -3.52
CA SER A 18 -10.20 -9.69 -3.00
C SER A 18 -10.12 -9.97 -1.50
N THR A 19 -9.11 -10.76 -1.11
CA THR A 19 -8.93 -11.10 0.30
C THR A 19 -8.71 -9.82 1.10
N PHE A 20 -7.88 -8.93 0.58
CA PHE A 20 -7.59 -7.66 1.25
C PHE A 20 -8.89 -6.99 1.63
N LEU A 21 -9.84 -6.98 0.71
CA LEU A 21 -11.12 -6.37 0.97
C LEU A 21 -11.86 -7.08 2.09
N SER A 22 -11.73 -8.38 2.12
CA SER A 22 -12.40 -9.19 3.13
C SER A 22 -11.86 -8.92 4.53
N LEU A 23 -10.56 -8.77 4.62
CA LEU A 23 -9.91 -8.55 5.90
C LEU A 23 -9.85 -7.07 6.26
N LEU A 24 -9.43 -6.25 5.28
CA LEU A 24 -9.27 -4.83 5.53
C LEU A 24 -10.61 -4.22 5.92
N GLU A 25 -11.69 -4.76 5.38
CA GLU A 25 -13.01 -4.24 5.67
C GLU A 25 -13.41 -4.64 7.09
N ALA A 26 -12.87 -5.77 7.55
CA ALA A 26 -13.17 -6.26 8.89
C ALA A 26 -12.55 -5.33 9.93
N ALA A 27 -11.35 -4.84 9.65
CA ALA A 27 -10.66 -3.94 10.57
C ALA A 27 -11.27 -2.55 10.52
N ASP A 28 -12.19 -2.35 9.57
CA ASP A 28 -12.86 -1.06 9.42
C ASP A 28 -11.95 -0.05 8.73
N LEU A 29 -11.26 -0.51 7.68
CA LEU A 29 -10.37 0.36 6.92
C LEU A 29 -11.01 0.79 5.62
N LYS A 30 -12.30 0.65 5.55
CA LYS A 30 -13.05 1.03 4.36
C LYS A 30 -13.71 2.40 4.55
N GLU A 31 -13.85 2.81 5.82
CA GLU A 31 -14.47 4.09 6.13
C GLU A 31 -13.56 5.25 5.72
N LEU A 32 -12.40 5.33 6.35
CA LEU A 32 -11.44 6.38 6.02
C LEU A 32 -11.05 6.30 4.55
N LEU A 33 -11.25 5.14 3.95
CA LEU A 33 -10.88 4.94 2.55
C LEU A 33 -11.82 5.68 1.63
N THR A 34 -13.11 5.65 1.98
CA THR A 34 -14.12 6.31 1.16
C THR A 34 -14.15 7.81 1.45
N GLN A 35 -13.17 8.27 2.23
CA GLN A 35 -13.10 9.67 2.59
C GLN A 35 -12.14 10.42 1.67
N PRO A 36 -12.65 11.30 0.84
CA PRO A 36 -11.81 12.08 -0.12
C PRO A 36 -10.47 12.51 0.49
N GLY A 37 -9.38 12.12 -0.16
CA GLY A 37 -8.05 12.48 0.31
C GLY A 37 -7.01 12.22 -0.77
N ASP A 38 -5.75 12.50 -0.44
CA ASP A 38 -4.65 12.27 -1.39
C ASP A 38 -3.46 11.66 -0.69
N TRP A 39 -3.21 10.38 -0.97
CA TRP A 39 -2.08 9.67 -0.38
C TRP A 39 -1.69 8.47 -1.22
N THR A 40 -0.58 7.82 -0.85
CA THR A 40 -0.13 6.64 -1.58
C THR A 40 -0.60 5.37 -0.89
N LEU A 41 -1.18 4.47 -1.68
CA LEU A 41 -1.67 3.22 -1.14
C LEU A 41 -0.82 2.04 -1.58
N PHE A 42 -0.13 1.41 -0.63
CA PHE A 42 0.69 0.25 -0.94
C PHE A 42 -0.09 -1.05 -0.79
N VAL A 43 -0.18 -1.82 -1.87
CA VAL A 43 -0.92 -3.05 -1.85
C VAL A 43 -0.08 -4.17 -2.49
N PRO A 44 0.53 -5.02 -1.70
CA PRO A 44 1.34 -6.15 -2.23
C PRO A 44 0.46 -7.27 -2.79
N THR A 45 0.98 -7.99 -3.78
CA THR A 45 0.24 -9.07 -4.40
C THR A 45 0.51 -10.40 -3.71
N ASN A 46 -0.14 -11.46 -4.16
CA ASN A 46 0.05 -12.78 -3.57
C ASN A 46 1.54 -13.14 -3.55
N ASP A 47 2.25 -12.74 -4.59
CA ASP A 47 3.67 -13.03 -4.70
C ASP A 47 4.39 -12.61 -3.42
N ALA A 48 3.75 -11.73 -2.66
CA ALA A 48 4.34 -11.25 -1.41
C ALA A 48 3.93 -12.15 -0.24
N PHE A 49 2.79 -12.81 -0.39
CA PHE A 49 2.29 -13.69 0.67
C PHE A 49 3.13 -14.97 0.75
N LYS A 50 3.75 -15.33 -0.38
CA LYS A 50 4.58 -16.52 -0.43
C LYS A 50 5.61 -16.50 0.69
N GLY A 51 5.43 -17.37 1.68
CA GLY A 51 6.35 -17.44 2.81
C GLY A 51 5.61 -17.35 4.13
N MET A 52 4.61 -16.48 4.19
CA MET A 52 3.83 -16.30 5.40
C MET A 52 3.37 -17.65 5.95
N THR A 53 3.82 -17.97 7.17
CA THR A 53 3.44 -19.24 7.79
C THR A 53 2.16 -19.07 8.60
N SER A 54 1.39 -20.15 8.70
CA SER A 54 0.14 -20.12 9.44
C SER A 54 0.35 -19.57 10.85
N GLU A 55 1.59 -19.65 11.32
CA GLU A 55 1.91 -19.15 12.65
C GLU A 55 2.14 -17.64 12.62
N GLU A 56 2.75 -17.17 11.55
CA GLU A 56 3.02 -15.74 11.39
C GLU A 56 1.72 -14.95 11.36
N LYS A 57 0.89 -15.22 10.35
CA LYS A 57 -0.39 -14.52 10.21
C LYS A 57 -1.18 -14.61 11.50
N GLU A 58 -0.98 -15.70 12.26
CA GLU A 58 -1.69 -15.90 13.51
C GLU A 58 -1.13 -14.96 14.58
N ILE A 59 0.15 -14.62 14.47
CA ILE A 59 0.78 -13.74 15.44
C ILE A 59 0.32 -12.30 15.22
N LEU A 60 -0.03 -11.98 13.98
CA LEU A 60 -0.49 -10.63 13.66
C LEU A 60 -1.90 -10.39 14.18
N ILE A 61 -2.80 -11.31 13.86
CA ILE A 61 -4.19 -11.19 14.30
C ILE A 61 -4.29 -11.33 15.82
N ARG A 62 -3.32 -12.01 16.41
CA ARG A 62 -3.32 -12.19 17.85
C ARG A 62 -3.28 -10.84 18.56
N ASP A 63 -2.64 -9.87 17.92
CA ASP A 63 -2.55 -8.52 18.49
C ASP A 63 -3.26 -7.52 17.58
N LYS A 64 -4.23 -6.81 18.13
CA LYS A 64 -4.98 -5.84 17.36
C LYS A 64 -4.05 -4.79 16.78
N ASN A 65 -3.05 -4.40 17.55
CA ASN A 65 -2.11 -3.38 17.10
C ASN A 65 -1.16 -3.94 16.05
N ALA A 66 -0.89 -5.24 16.15
CA ALA A 66 0.01 -5.89 15.20
C ALA A 66 -0.63 -5.96 13.82
N LEU A 67 -1.75 -6.66 13.73
CA LEU A 67 -2.43 -6.80 12.45
C LEU A 67 -2.77 -5.42 11.90
N GLN A 68 -3.08 -4.49 12.79
CA GLN A 68 -3.49 -3.16 12.37
C GLN A 68 -2.35 -2.48 11.62
N ASN A 69 -1.18 -2.47 12.26
CA ASN A 69 -0.01 -1.84 11.65
C ASN A 69 0.22 -2.42 10.25
N ILE A 70 0.03 -3.72 10.12
CA ILE A 70 0.22 -4.37 8.83
C ILE A 70 -0.94 -4.08 7.91
N ILE A 71 -2.15 -4.10 8.46
CA ILE A 71 -3.35 -3.84 7.67
C ILE A 71 -3.15 -2.62 6.79
N LEU A 72 -2.84 -1.48 7.40
CA LEU A 72 -2.63 -0.25 6.65
C LEU A 72 -1.63 -0.47 5.53
N TYR A 73 -1.04 -1.66 5.49
CA TYR A 73 -0.05 -1.98 4.46
C TYR A 73 0.90 -0.81 4.26
N HIS A 74 1.29 -0.17 5.36
CA HIS A 74 2.21 0.96 5.30
C HIS A 74 1.61 2.09 4.47
N LEU A 75 0.38 2.49 4.80
CA LEU A 75 -0.26 3.58 4.07
C LEU A 75 0.52 4.87 4.27
N THR A 76 0.95 5.46 3.17
CA THR A 76 1.68 6.71 3.23
C THR A 76 0.76 7.91 2.96
N PRO A 77 0.76 8.91 3.81
CA PRO A 77 -0.07 10.13 3.60
C PRO A 77 0.60 11.11 2.64
N GLY A 78 -0.04 11.33 1.49
CA GLY A 78 0.49 12.27 0.49
C GLY A 78 0.96 11.53 -0.75
N VAL A 79 0.20 11.71 -1.84
CA VAL A 79 0.54 11.05 -3.10
C VAL A 79 1.99 11.33 -3.48
N PHE A 80 2.64 10.33 -4.07
CA PHE A 80 4.04 10.48 -4.49
C PHE A 80 4.12 10.84 -5.97
N ILE A 81 4.89 11.87 -6.28
CA ILE A 81 5.03 12.30 -7.68
C ILE A 81 6.50 12.19 -8.11
N GLY A 82 6.71 11.64 -9.31
CA GLY A 82 8.06 11.48 -9.83
C GLY A 82 8.65 12.82 -10.25
N LYS A 83 7.77 13.78 -10.55
CA LYS A 83 8.22 15.10 -10.96
C LYS A 83 8.58 15.95 -9.75
N GLY A 84 7.83 15.78 -8.67
CA GLY A 84 8.07 16.53 -7.45
C GLY A 84 9.35 16.05 -6.76
N PHE A 85 9.59 14.74 -6.83
CA PHE A 85 10.78 14.16 -6.21
C PHE A 85 11.85 13.88 -7.26
N GLU A 86 13.07 13.63 -6.81
CA GLU A 86 14.16 13.36 -7.72
C GLU A 86 14.38 11.86 -7.89
N PRO A 87 14.35 11.35 -9.11
CA PRO A 87 14.56 9.90 -9.37
C PRO A 87 16.04 9.52 -9.30
N GLY A 88 16.39 8.64 -8.36
CA GLY A 88 17.77 8.21 -8.21
C GLY A 88 18.17 8.20 -6.73
N VAL A 89 17.59 9.12 -5.96
CA VAL A 89 17.89 9.21 -4.54
C VAL A 89 16.76 8.61 -3.71
N THR A 90 17.11 8.07 -2.55
CA THR A 90 16.11 7.46 -1.67
C THR A 90 15.41 8.54 -0.85
N ASN A 91 14.08 8.48 -0.82
CA ASN A 91 13.30 9.46 -0.07
C ASN A 91 12.66 8.81 1.16
N ILE A 92 12.92 9.38 2.33
CA ILE A 92 12.37 8.85 3.57
C ILE A 92 11.00 9.46 3.84
N LEU A 93 9.96 8.63 3.79
CA LEU A 93 8.60 9.10 4.03
C LEU A 93 8.00 8.40 5.25
N LYS A 94 7.41 9.18 6.14
CA LYS A 94 6.79 8.63 7.34
C LYS A 94 5.34 8.23 7.02
N THR A 95 5.07 6.93 7.07
CA THR A 95 3.73 6.44 6.79
C THR A 95 2.84 6.47 8.02
N THR A 96 1.54 6.38 7.81
CA THR A 96 0.60 6.41 8.93
C THR A 96 0.84 5.23 9.87
N GLN A 97 1.25 4.10 9.29
CA GLN A 97 1.49 2.90 10.08
C GLN A 97 2.42 3.20 11.24
N GLY A 98 3.25 4.24 11.07
CA GLY A 98 4.19 4.64 12.12
C GLY A 98 5.63 4.54 11.62
N SER A 99 5.91 3.49 10.87
CA SER A 99 7.26 3.29 10.34
C SER A 99 7.49 4.15 9.10
N LYS A 100 8.74 4.20 8.65
CA LYS A 100 9.08 4.99 7.47
C LYS A 100 9.30 4.09 6.27
N ILE A 101 9.11 4.65 5.07
CA ILE A 101 9.30 3.89 3.85
C ILE A 101 10.23 4.62 2.90
N PHE A 102 11.21 3.89 2.36
CA PHE A 102 12.18 4.48 1.44
C PHE A 102 11.70 4.35 0.00
N LEU A 103 11.57 5.47 -0.69
CA LEU A 103 11.12 5.47 -2.07
C LEU A 103 12.24 5.87 -3.01
N LYS A 104 12.29 5.21 -4.17
CA LYS A 104 13.32 5.51 -5.16
C LYS A 104 12.87 5.10 -6.55
N GLU A 105 12.73 6.08 -7.44
CA GLU A 105 12.28 5.82 -8.80
C GLU A 105 13.42 6.06 -9.78
N VAL A 106 13.73 5.05 -10.59
CA VAL A 106 14.80 5.15 -11.58
C VAL A 106 14.37 4.56 -12.91
N ASN A 107 14.83 5.16 -14.00
CA ASN A 107 14.47 4.68 -15.34
C ASN A 107 12.99 4.36 -15.42
N ASP A 108 12.16 5.36 -15.12
CA ASP A 108 10.72 5.19 -15.16
C ASP A 108 10.30 3.92 -14.42
N THR A 109 11.11 3.53 -13.43
CA THR A 109 10.81 2.34 -12.64
C THR A 109 10.77 2.67 -11.17
N LEU A 110 9.65 2.34 -10.53
CA LEU A 110 9.48 2.61 -9.11
C LEU A 110 10.18 1.54 -8.27
N LEU A 111 11.24 1.97 -7.57
CA LEU A 111 11.98 1.06 -6.71
C LEU A 111 11.89 1.49 -5.26
N VAL A 112 11.19 0.70 -4.45
CA VAL A 112 11.00 1.03 -3.04
C VAL A 112 11.63 -0.03 -2.14
N ASN A 113 12.18 0.39 -1.01
CA ASN A 113 12.79 -0.54 -0.07
C ASN A 113 13.71 -1.51 -0.81
N GLU A 114 14.13 -1.11 -2.01
CA GLU A 114 15.01 -1.96 -2.81
C GLU A 114 14.23 -3.12 -3.43
N LEU A 115 13.33 -2.80 -4.35
CA LEU A 115 12.53 -3.82 -5.00
C LEU A 115 11.78 -3.22 -6.19
N LYS A 116 11.47 -4.05 -7.17
CA LYS A 116 10.75 -3.60 -8.35
C LYS A 116 9.24 -3.68 -8.13
N SER A 117 8.55 -2.58 -8.42
CA SER A 117 7.10 -2.53 -8.25
C SER A 117 6.41 -3.21 -9.43
N LYS A 118 5.14 -3.58 -9.22
CA LYS A 118 4.38 -4.23 -10.28
C LYS A 118 3.54 -3.22 -11.05
N GLU A 119 2.88 -2.32 -10.31
CA GLU A 119 2.06 -1.31 -10.94
C GLU A 119 1.77 -0.17 -9.95
N SER A 120 2.25 1.02 -10.26
CA SER A 120 2.03 2.16 -9.39
C SER A 120 1.87 3.42 -10.21
N ASP A 121 1.57 4.54 -9.54
CA ASP A 121 1.38 5.82 -10.22
C ASP A 121 -0.03 5.93 -10.78
N ILE A 122 -0.86 4.93 -10.50
CA ILE A 122 -2.23 4.91 -10.98
C ILE A 122 -3.02 6.05 -10.35
N MET A 123 -3.84 6.72 -11.15
CA MET A 123 -4.63 7.84 -10.66
C MET A 123 -5.88 7.35 -9.96
N THR A 124 -6.06 7.79 -8.71
CA THR A 124 -7.25 7.40 -7.94
C THR A 124 -7.97 8.64 -7.42
N THR A 125 -9.23 8.47 -7.08
CA THR A 125 -10.03 9.58 -6.58
C THR A 125 -9.60 9.97 -5.17
N ASN A 126 -8.79 9.12 -4.55
CA ASN A 126 -8.30 9.36 -3.21
C ASN A 126 -6.79 9.60 -3.21
N GLY A 127 -6.22 9.71 -4.41
CA GLY A 127 -4.78 9.95 -4.54
C GLY A 127 -4.17 9.06 -5.62
N VAL A 128 -3.11 8.35 -5.27
CA VAL A 128 -2.45 7.46 -6.21
C VAL A 128 -2.32 6.06 -5.61
N ILE A 129 -2.31 5.06 -6.47
CA ILE A 129 -2.18 3.68 -6.02
C ILE A 129 -0.76 3.18 -6.23
N HIS A 130 -0.37 2.18 -5.42
CA HIS A 130 0.94 1.58 -5.56
C HIS A 130 0.86 0.06 -5.34
N VAL A 131 1.08 -0.70 -6.40
CA VAL A 131 1.05 -2.15 -6.31
C VAL A 131 2.46 -2.73 -6.33
N VAL A 132 2.76 -3.56 -5.33
CA VAL A 132 4.08 -4.18 -5.25
C VAL A 132 3.97 -5.69 -5.11
N ASP A 133 5.12 -6.36 -5.06
CA ASP A 133 5.14 -7.81 -4.92
C ASP A 133 6.03 -8.23 -3.76
N LYS A 134 5.91 -7.51 -2.64
CA LYS A 134 6.70 -7.82 -1.46
C LYS A 134 6.18 -7.03 -0.26
N LEU A 135 6.03 -7.71 0.87
CA LEU A 135 5.55 -7.08 2.09
C LEU A 135 6.64 -6.24 2.72
N LEU A 136 6.36 -4.96 2.95
CA LEU A 136 7.33 -4.06 3.56
C LEU A 136 7.18 -4.05 5.08
N TYR A 137 8.20 -4.54 5.76
CA TYR A 137 8.17 -4.59 7.22
C TYR A 137 8.64 -3.26 7.83
N PRO A 138 8.24 -2.96 9.04
CA PRO A 138 8.65 -1.72 9.73
C PRO A 138 10.12 -1.36 9.47
N ALA A 139 11.01 -2.14 10.08
CA ALA A 139 12.44 -1.89 9.92
C ALA A 139 12.88 -0.72 10.79
N ASP A 140 11.91 0.07 11.23
CA ASP A 140 12.21 1.23 12.08
C ASP A 140 13.13 2.21 11.34
N GLY A 1 -9.76 4.05 -18.40
CA GLY A 1 -10.91 4.77 -18.95
C GLY A 1 -12.08 4.73 -17.96
N ALA A 2 -13.29 4.97 -18.48
CA ALA A 2 -14.47 4.97 -17.64
C ALA A 2 -14.41 6.09 -16.60
N MET A 3 -15.56 6.46 -16.07
CA MET A 3 -15.62 7.52 -15.07
C MET A 3 -14.58 7.28 -13.97
N GLU A 4 -14.28 8.34 -13.21
CA GLU A 4 -13.29 8.23 -12.14
C GLU A 4 -13.51 6.95 -11.34
N LYS A 5 -12.56 6.64 -10.46
CA LYS A 5 -12.66 5.43 -9.65
C LYS A 5 -12.00 5.66 -8.28
N SER A 6 -12.62 5.14 -7.24
CA SER A 6 -12.08 5.28 -5.89
C SER A 6 -11.19 4.10 -5.56
N LEU A 7 -10.54 4.16 -4.39
CA LEU A 7 -9.65 3.09 -3.99
C LEU A 7 -10.40 1.76 -3.89
N HIS A 8 -11.35 1.69 -2.97
CA HIS A 8 -12.13 0.47 -2.78
C HIS A 8 -12.69 0.00 -4.11
N GLU A 9 -13.17 0.95 -4.91
CA GLU A 9 -13.73 0.61 -6.21
C GLU A 9 -12.80 -0.35 -6.95
N LYS A 10 -11.56 0.07 -7.14
CA LYS A 10 -10.57 -0.75 -7.84
C LYS A 10 -10.37 -2.08 -7.11
N LEU A 11 -10.14 -2.01 -5.79
CA LEU A 11 -9.93 -3.23 -5.01
C LEU A 11 -11.20 -4.07 -4.94
N LYS A 12 -12.34 -3.44 -5.20
CA LYS A 12 -13.62 -4.13 -5.15
C LYS A 12 -13.81 -4.98 -6.39
N GLN A 13 -13.46 -4.44 -7.55
CA GLN A 13 -13.62 -5.17 -8.79
C GLN A 13 -12.43 -6.10 -9.03
N ASP A 14 -11.31 -5.81 -8.38
CA ASP A 14 -10.11 -6.61 -8.54
C ASP A 14 -10.13 -7.81 -7.59
N LYS A 15 -10.18 -9.01 -8.15
CA LYS A 15 -10.20 -10.22 -7.35
C LYS A 15 -8.81 -10.49 -6.75
N ARG A 16 -7.81 -9.76 -7.23
CA ARG A 16 -6.45 -9.92 -6.75
C ARG A 16 -6.30 -9.29 -5.37
N PHE A 17 -7.09 -8.25 -5.11
CA PHE A 17 -7.02 -7.57 -3.82
C PHE A 17 -8.29 -7.79 -3.00
N SER A 18 -9.29 -8.42 -3.62
CA SER A 18 -10.54 -8.72 -2.92
C SER A 18 -10.28 -9.10 -1.46
N THR A 19 -9.21 -9.86 -1.25
CA THR A 19 -8.86 -10.28 0.09
C THR A 19 -8.78 -9.07 1.01
N PHE A 20 -8.14 -8.01 0.52
CA PHE A 20 -8.00 -6.80 1.31
C PHE A 20 -9.37 -6.31 1.75
N LEU A 21 -10.32 -6.32 0.83
CA LEU A 21 -11.65 -5.86 1.16
C LEU A 21 -12.15 -6.59 2.40
N SER A 22 -11.87 -7.89 2.47
CA SER A 22 -12.35 -8.69 3.59
C SER A 22 -11.66 -8.34 4.91
N LEU A 23 -10.34 -8.50 4.94
CA LEU A 23 -9.58 -8.25 6.16
C LEU A 23 -9.64 -6.77 6.56
N LEU A 24 -9.54 -5.88 5.58
CA LEU A 24 -9.59 -4.46 5.87
C LEU A 24 -10.96 -4.07 6.38
N GLU A 25 -11.99 -4.75 5.89
CA GLU A 25 -13.34 -4.48 6.33
C GLU A 25 -13.56 -4.98 7.75
N ALA A 26 -12.86 -6.04 8.11
CA ALA A 26 -12.98 -6.59 9.46
C ALA A 26 -12.44 -5.60 10.48
N ALA A 27 -11.32 -4.97 10.16
CA ALA A 27 -10.72 -3.99 11.07
C ALA A 27 -11.43 -2.65 10.97
N ASP A 28 -12.38 -2.55 10.03
CA ASP A 28 -13.13 -1.32 9.84
C ASP A 28 -12.26 -0.27 9.15
N LEU A 29 -11.58 -0.66 8.07
CA LEU A 29 -10.71 0.25 7.34
C LEU A 29 -11.30 0.59 5.97
N LYS A 30 -12.60 0.39 5.86
CA LYS A 30 -13.31 0.66 4.62
C LYS A 30 -13.95 2.04 4.66
N GLU A 31 -14.25 2.52 5.86
CA GLU A 31 -14.88 3.83 6.02
C GLU A 31 -13.92 4.95 5.64
N LEU A 32 -12.85 5.09 6.39
CA LEU A 32 -11.88 6.12 6.09
C LEU A 32 -11.39 6.01 4.64
N LEU A 33 -11.58 4.83 4.06
CA LEU A 33 -11.12 4.56 2.70
C LEU A 33 -12.00 5.22 1.68
N THR A 34 -13.31 5.16 1.89
CA THR A 34 -14.23 5.76 0.95
C THR A 34 -14.32 7.25 1.19
N GLN A 35 -13.79 7.67 2.34
CA GLN A 35 -13.82 9.09 2.69
C GLN A 35 -12.99 9.92 1.70
N PRO A 36 -13.27 11.20 1.60
CA PRO A 36 -12.52 12.10 0.67
C PRO A 36 -11.17 12.53 1.23
N GLY A 37 -10.14 12.48 0.39
CA GLY A 37 -8.80 12.87 0.80
C GLY A 37 -7.76 12.36 -0.18
N ASP A 38 -6.51 12.72 0.04
CA ASP A 38 -5.42 12.29 -0.82
C ASP A 38 -4.33 11.60 -0.01
N TRP A 39 -4.15 10.30 -0.27
CA TRP A 39 -3.12 9.53 0.43
C TRP A 39 -2.53 8.48 -0.50
N THR A 40 -1.39 7.93 -0.10
CA THR A 40 -0.74 6.90 -0.88
C THR A 40 -1.10 5.52 -0.35
N LEU A 41 -1.50 4.63 -1.27
CA LEU A 41 -1.89 3.28 -0.88
C LEU A 41 -0.93 2.23 -1.42
N PHE A 42 -0.34 1.47 -0.51
CA PHE A 42 0.59 0.42 -0.87
C PHE A 42 -0.09 -0.94 -0.74
N VAL A 43 -0.38 -1.56 -1.88
CA VAL A 43 -1.05 -2.85 -1.90
C VAL A 43 -0.18 -3.92 -2.59
N PRO A 44 0.32 -4.90 -1.86
CA PRO A 44 1.15 -5.99 -2.44
C PRO A 44 0.28 -7.09 -3.06
N THR A 45 0.77 -7.74 -4.12
CA THR A 45 0.00 -8.79 -4.77
C THR A 45 0.09 -10.10 -4.01
N ASN A 46 -0.57 -11.13 -4.53
CA ASN A 46 -0.56 -12.42 -3.87
C ASN A 46 0.85 -13.02 -3.88
N ASP A 47 1.61 -12.72 -4.94
CA ASP A 47 2.96 -13.25 -5.05
C ASP A 47 3.86 -12.70 -3.94
N ALA A 48 3.41 -11.64 -3.29
CA ALA A 48 4.18 -11.03 -2.22
C ALA A 48 3.84 -11.63 -0.87
N PHE A 49 2.54 -11.87 -0.63
CA PHE A 49 2.10 -12.42 0.63
C PHE A 49 1.50 -13.80 0.46
N LYS A 50 1.72 -14.37 -0.72
CA LYS A 50 1.21 -15.69 -1.04
C LYS A 50 1.27 -16.60 0.17
N GLY A 51 0.10 -16.85 0.76
CA GLY A 51 -0.03 -17.70 1.93
C GLY A 51 1.24 -17.68 2.80
N MET A 52 1.57 -16.51 3.34
CA MET A 52 2.74 -16.38 4.19
C MET A 52 2.81 -17.52 5.18
N THR A 53 3.94 -17.64 5.84
CA THR A 53 4.14 -18.70 6.80
C THR A 53 3.12 -18.60 7.93
N SER A 54 2.85 -19.73 8.56
CA SER A 54 1.88 -19.76 9.64
C SER A 54 2.30 -18.81 10.75
N GLU A 55 3.61 -18.67 10.93
CA GLU A 55 4.14 -17.79 11.96
C GLU A 55 4.14 -16.34 11.50
N GLU A 56 4.29 -16.14 10.19
CA GLU A 56 4.31 -14.79 9.64
C GLU A 56 2.95 -14.12 9.77
N LYS A 57 1.89 -14.90 9.57
CA LYS A 57 0.54 -14.36 9.66
C LYS A 57 0.06 -14.33 11.11
N GLU A 58 0.49 -15.31 11.89
CA GLU A 58 0.10 -15.39 13.28
C GLU A 58 0.66 -14.22 14.08
N ILE A 59 1.96 -13.99 13.94
CA ILE A 59 2.60 -12.89 14.65
C ILE A 59 1.80 -11.61 14.49
N LEU A 60 0.97 -11.55 13.45
CA LEU A 60 0.15 -10.37 13.19
C LEU A 60 -1.15 -10.41 13.99
N ILE A 61 -1.92 -11.49 13.80
CA ILE A 61 -3.18 -11.64 14.50
C ILE A 61 -2.94 -11.86 15.99
N ARG A 62 -1.68 -12.10 16.35
CA ARG A 62 -1.31 -12.33 17.75
C ARG A 62 -1.65 -11.11 18.59
N ASP A 63 -1.62 -9.94 17.95
CA ASP A 63 -1.93 -8.70 18.65
C ASP A 63 -2.71 -7.76 17.73
N LYS A 64 -3.90 -7.38 18.17
CA LYS A 64 -4.72 -6.48 17.37
C LYS A 64 -3.88 -5.31 16.87
N ASN A 65 -2.97 -4.85 17.71
CA ASN A 65 -2.15 -3.73 17.34
C ASN A 65 -1.18 -4.11 16.23
N ALA A 66 -0.70 -5.35 16.26
CA ALA A 66 0.26 -5.83 15.27
C ALA A 66 -0.34 -5.84 13.87
N LEU A 67 -1.38 -6.64 13.69
CA LEU A 67 -2.01 -6.70 12.38
C LEU A 67 -2.50 -5.32 11.99
N GLN A 68 -2.88 -4.50 12.99
CA GLN A 68 -3.38 -3.16 12.69
C GLN A 68 -2.33 -2.35 11.95
N ASN A 69 -1.13 -2.32 12.50
CA ASN A 69 -0.05 -1.58 11.87
C ASN A 69 0.14 -2.05 10.45
N ILE A 70 0.06 -3.36 10.25
CA ILE A 70 0.22 -3.91 8.90
C ILE A 70 -1.03 -3.66 8.06
N ILE A 71 -2.20 -3.64 8.70
CA ILE A 71 -3.44 -3.41 7.99
C ILE A 71 -3.37 -2.12 7.20
N LEU A 72 -2.82 -1.08 7.82
CA LEU A 72 -2.72 0.20 7.12
C LEU A 72 -1.74 0.12 5.97
N TYR A 73 -1.05 -1.00 5.86
CA TYR A 73 -0.08 -1.17 4.80
C TYR A 73 0.74 0.09 4.60
N HIS A 74 1.30 0.62 5.69
CA HIS A 74 2.14 1.81 5.61
C HIS A 74 1.41 2.92 4.84
N LEU A 75 0.15 3.19 5.24
CA LEU A 75 -0.60 4.25 4.57
C LEU A 75 0.11 5.57 4.77
N THR A 76 0.37 6.29 3.69
CA THR A 76 1.04 7.59 3.80
C THR A 76 0.14 8.71 3.27
N PRO A 77 0.13 9.86 3.91
CA PRO A 77 -0.68 11.01 3.42
C PRO A 77 0.00 11.74 2.26
N GLY A 78 -0.82 12.38 1.42
CA GLY A 78 -0.30 13.12 0.27
C GLY A 78 0.19 12.17 -0.82
N VAL A 79 -0.48 12.20 -1.96
CA VAL A 79 -0.11 11.35 -3.09
C VAL A 79 1.37 11.52 -3.42
N PHE A 80 2.02 10.41 -3.74
CA PHE A 80 3.45 10.46 -4.07
C PHE A 80 3.63 10.66 -5.57
N ILE A 81 4.62 11.49 -5.93
CA ILE A 81 4.89 11.78 -7.34
C ILE A 81 6.34 11.50 -7.68
N GLY A 82 6.58 10.54 -8.56
CA GLY A 82 7.93 10.18 -8.96
C GLY A 82 8.57 11.32 -9.75
N LYS A 83 7.79 12.34 -10.07
CA LYS A 83 8.29 13.47 -10.82
C LYS A 83 8.79 14.56 -9.87
N GLY A 84 8.10 14.73 -8.76
CA GLY A 84 8.47 15.74 -7.78
C GLY A 84 9.70 15.30 -6.99
N PHE A 85 9.83 13.99 -6.79
CA PHE A 85 10.97 13.46 -6.05
C PHE A 85 12.20 13.38 -6.94
N GLU A 86 13.36 13.12 -6.33
CA GLU A 86 14.60 13.03 -7.11
C GLU A 86 14.92 11.56 -7.44
N PRO A 87 15.07 11.20 -8.70
CA PRO A 87 15.41 9.80 -9.09
C PRO A 87 16.89 9.48 -8.87
N GLY A 88 17.16 8.29 -8.33
CA GLY A 88 18.54 7.88 -8.08
C GLY A 88 18.84 7.83 -6.59
N VAL A 89 18.30 8.80 -5.85
CA VAL A 89 18.52 8.87 -4.42
C VAL A 89 17.31 8.34 -3.67
N THR A 90 17.55 7.73 -2.51
CA THR A 90 16.46 7.19 -1.70
C THR A 90 15.85 8.28 -0.83
N ASN A 91 14.53 8.25 -0.69
CA ASN A 91 13.81 9.24 0.12
C ASN A 91 13.09 8.57 1.27
N ILE A 92 13.27 9.11 2.48
CA ILE A 92 12.62 8.57 3.67
C ILE A 92 11.29 9.25 3.91
N LEU A 93 10.20 8.53 3.65
CA LEU A 93 8.87 9.07 3.85
C LEU A 93 8.19 8.42 5.05
N LYS A 94 7.49 9.24 5.83
CA LYS A 94 6.79 8.73 7.00
C LYS A 94 5.36 8.33 6.65
N THR A 95 4.88 7.28 7.28
CA THR A 95 3.53 6.79 7.02
C THR A 95 2.68 6.82 8.30
N THR A 96 1.38 6.72 8.12
CA THR A 96 0.46 6.74 9.26
C THR A 96 0.72 5.55 10.18
N GLN A 97 1.14 4.43 9.59
CA GLN A 97 1.41 3.22 10.36
C GLN A 97 2.38 3.53 11.50
N GLY A 98 3.19 4.57 11.32
CA GLY A 98 4.17 4.96 12.34
C GLY A 98 5.58 4.63 11.89
N SER A 99 5.69 3.91 10.77
CA SER A 99 7.00 3.53 10.25
C SER A 99 7.38 4.41 9.06
N LYS A 100 8.62 4.26 8.60
CA LYS A 100 9.10 5.04 7.46
C LYS A 100 9.31 4.15 6.25
N ILE A 101 8.93 4.67 5.08
CA ILE A 101 9.06 3.92 3.84
C ILE A 101 10.10 4.58 2.92
N PHE A 102 11.01 3.78 2.40
CA PHE A 102 12.07 4.29 1.53
C PHE A 102 11.66 4.19 0.06
N LEU A 103 11.66 5.34 -0.62
CA LEU A 103 11.28 5.38 -2.02
C LEU A 103 12.47 5.77 -2.89
N LYS A 104 12.51 5.23 -4.09
CA LYS A 104 13.59 5.52 -5.02
C LYS A 104 13.17 5.20 -6.45
N GLU A 105 13.34 6.19 -7.33
CA GLU A 105 12.98 6.00 -8.73
C GLU A 105 14.23 5.99 -9.60
N VAL A 106 14.28 5.05 -10.54
CA VAL A 106 15.43 4.94 -11.43
C VAL A 106 14.96 4.58 -12.84
N ASN A 107 15.65 5.11 -13.84
CA ASN A 107 15.30 4.83 -15.23
C ASN A 107 13.79 4.82 -15.42
N ASP A 108 13.10 5.77 -14.79
CA ASP A 108 11.65 5.86 -14.89
C ASP A 108 11.00 4.59 -14.33
N THR A 109 11.63 4.05 -13.29
CA THR A 109 11.12 2.83 -12.65
C THR A 109 10.92 3.06 -11.16
N LEU A 110 9.72 2.76 -10.67
CA LEU A 110 9.42 2.94 -9.26
C LEU A 110 10.05 1.82 -8.43
N LEU A 111 11.10 2.17 -7.69
CA LEU A 111 11.79 1.21 -6.85
C LEU A 111 11.67 1.61 -5.38
N VAL A 112 11.02 0.75 -4.61
CA VAL A 112 10.82 1.01 -3.18
C VAL A 112 11.48 -0.08 -2.34
N ASN A 113 11.97 0.28 -1.16
CA ASN A 113 12.63 -0.69 -0.29
C ASN A 113 13.55 -1.62 -1.08
N GLU A 114 13.93 -1.18 -2.28
CA GLU A 114 14.81 -1.96 -3.14
C GLU A 114 14.06 -3.10 -3.82
N LEU A 115 13.01 -2.75 -4.55
CA LEU A 115 12.21 -3.75 -5.24
C LEU A 115 11.44 -3.12 -6.40
N LYS A 116 11.26 -3.88 -7.47
CA LYS A 116 10.56 -3.40 -8.63
C LYS A 116 9.05 -3.44 -8.43
N SER A 117 8.41 -2.29 -8.63
CA SER A 117 6.97 -2.22 -8.48
C SER A 117 6.25 -2.84 -9.66
N LYS A 118 4.98 -3.17 -9.48
CA LYS A 118 4.18 -3.78 -10.54
C LYS A 118 3.35 -2.73 -11.26
N GLU A 119 2.65 -1.90 -10.50
CA GLU A 119 1.82 -0.86 -11.08
C GLU A 119 1.46 0.20 -10.06
N SER A 120 1.89 1.43 -10.30
CA SER A 120 1.62 2.51 -9.37
C SER A 120 1.45 3.83 -10.11
N ASP A 121 1.08 4.87 -9.38
CA ASP A 121 0.89 6.20 -9.97
C ASP A 121 -0.51 6.32 -10.55
N ILE A 122 -1.36 5.37 -10.20
CA ILE A 122 -2.73 5.37 -10.68
C ILE A 122 -3.53 6.43 -9.93
N MET A 123 -4.05 7.38 -10.68
CA MET A 123 -4.83 8.47 -10.10
C MET A 123 -6.20 7.99 -9.65
N THR A 124 -6.54 8.29 -8.40
CA THR A 124 -7.83 7.89 -7.85
C THR A 124 -8.56 9.09 -7.26
N THR A 125 -9.78 8.86 -6.79
CA THR A 125 -10.58 9.93 -6.20
C THR A 125 -10.24 10.11 -4.72
N ASN A 126 -9.36 9.25 -4.22
CA ASN A 126 -8.95 9.30 -2.81
C ASN A 126 -7.45 9.49 -2.71
N GLY A 127 -6.77 9.52 -3.86
CA GLY A 127 -5.33 9.70 -3.87
C GLY A 127 -4.68 8.96 -5.02
N VAL A 128 -3.68 8.15 -4.71
CA VAL A 128 -2.98 7.38 -5.74
C VAL A 128 -2.78 5.96 -5.29
N ILE A 129 -2.80 5.04 -6.25
CA ILE A 129 -2.63 3.63 -5.95
C ILE A 129 -1.21 3.18 -6.21
N HIS A 130 -0.74 2.23 -5.40
CA HIS A 130 0.60 1.69 -5.58
C HIS A 130 0.58 0.19 -5.40
N VAL A 131 0.82 -0.53 -6.50
CA VAL A 131 0.84 -1.99 -6.46
C VAL A 131 2.27 -2.50 -6.50
N VAL A 132 2.67 -3.16 -5.42
CA VAL A 132 4.03 -3.71 -5.35
C VAL A 132 3.99 -5.24 -5.38
N ASP A 133 5.16 -5.85 -5.53
CA ASP A 133 5.26 -7.30 -5.59
C ASP A 133 6.04 -7.85 -4.39
N LYS A 134 5.84 -7.22 -3.23
CA LYS A 134 6.51 -7.66 -2.01
C LYS A 134 5.98 -6.91 -0.80
N LEU A 135 5.85 -7.60 0.33
CA LEU A 135 5.36 -6.97 1.55
C LEU A 135 6.47 -6.15 2.20
N LEU A 136 6.12 -4.95 2.62
CA LEU A 136 7.09 -4.07 3.28
C LEU A 136 7.01 -4.26 4.79
N TYR A 137 8.00 -4.94 5.34
CA TYR A 137 8.02 -5.19 6.78
C TYR A 137 8.23 -3.89 7.55
N PRO A 138 7.80 -3.82 8.80
CA PRO A 138 7.98 -2.60 9.65
C PRO A 138 9.41 -2.06 9.63
N ALA A 139 9.86 -1.54 10.76
CA ALA A 139 11.22 -0.99 10.85
C ALA A 139 12.26 -2.05 10.48
N ASP A 140 13.50 -1.62 10.35
CA ASP A 140 14.59 -2.53 10.00
C ASP A 140 15.94 -1.90 10.31
N GLY A 1 -14.50 10.11 -19.67
CA GLY A 1 -13.93 11.41 -19.38
C GLY A 1 -14.80 12.17 -18.37
N ALA A 2 -15.01 11.56 -17.21
CA ALA A 2 -15.83 12.18 -16.16
C ALA A 2 -15.38 11.73 -14.79
N MET A 3 -15.52 10.43 -14.52
CA MET A 3 -15.12 9.88 -13.23
C MET A 3 -14.60 8.45 -13.38
N GLU A 4 -13.35 8.24 -12.99
CA GLU A 4 -12.74 6.92 -13.09
C GLU A 4 -13.17 6.05 -11.91
N LYS A 5 -12.26 5.19 -11.46
CA LYS A 5 -12.55 4.31 -10.34
C LYS A 5 -11.90 4.83 -9.06
N SER A 6 -12.56 4.58 -7.94
CA SER A 6 -12.04 5.04 -6.65
C SER A 6 -11.14 3.97 -6.03
N LEU A 7 -10.54 4.30 -4.90
CA LEU A 7 -9.65 3.36 -4.22
C LEU A 7 -10.39 2.07 -3.90
N HIS A 8 -11.44 2.17 -3.10
CA HIS A 8 -12.23 1.00 -2.73
C HIS A 8 -12.75 0.30 -3.98
N GLU A 9 -13.26 1.08 -4.92
CA GLU A 9 -13.79 0.53 -6.16
C GLU A 9 -12.80 -0.45 -6.75
N LYS A 10 -11.53 -0.04 -6.81
CA LYS A 10 -10.49 -0.89 -7.36
C LYS A 10 -10.33 -2.15 -6.51
N LEU A 11 -10.16 -1.97 -5.20
CA LEU A 11 -10.00 -3.11 -4.31
C LEU A 11 -11.16 -4.07 -4.45
N LYS A 12 -12.33 -3.55 -4.77
CA LYS A 12 -13.51 -4.37 -4.92
C LYS A 12 -13.55 -5.02 -6.31
N GLN A 13 -13.08 -4.28 -7.31
CA GLN A 13 -13.05 -4.79 -8.67
C GLN A 13 -11.89 -5.76 -8.87
N ASP A 14 -10.80 -5.53 -8.13
CA ASP A 14 -9.63 -6.38 -8.24
C ASP A 14 -9.71 -7.55 -7.27
N LYS A 15 -9.94 -8.75 -7.80
CA LYS A 15 -10.03 -9.94 -6.95
C LYS A 15 -8.68 -10.24 -6.32
N ARG A 16 -7.62 -9.64 -6.87
CA ARG A 16 -6.28 -9.85 -6.34
C ARG A 16 -6.17 -9.29 -4.93
N PHE A 17 -6.92 -8.23 -4.65
CA PHE A 17 -6.90 -7.61 -3.34
C PHE A 17 -8.16 -7.96 -2.54
N SER A 18 -8.81 -9.05 -2.94
CA SER A 18 -10.01 -9.48 -2.24
C SER A 18 -9.70 -9.73 -0.77
N THR A 19 -8.57 -10.36 -0.51
CA THR A 19 -8.16 -10.66 0.86
C THR A 19 -8.14 -9.37 1.68
N PHE A 20 -7.55 -8.33 1.10
CA PHE A 20 -7.47 -7.04 1.77
C PHE A 20 -8.86 -6.55 2.14
N LEU A 21 -9.78 -6.68 1.21
CA LEU A 21 -11.14 -6.24 1.46
C LEU A 21 -11.70 -6.92 2.70
N SER A 22 -11.34 -8.19 2.87
CA SER A 22 -11.84 -8.95 4.02
C SER A 22 -11.26 -8.46 5.33
N LEU A 23 -9.94 -8.52 5.43
CA LEU A 23 -9.26 -8.11 6.65
C LEU A 23 -9.46 -6.62 6.95
N LEU A 24 -9.31 -5.79 5.93
CA LEU A 24 -9.45 -4.36 6.11
C LEU A 24 -10.88 -4.03 6.49
N GLU A 25 -11.84 -4.83 6.02
CA GLU A 25 -13.23 -4.60 6.33
C GLU A 25 -13.51 -4.93 7.80
N ALA A 26 -12.80 -5.91 8.32
CA ALA A 26 -12.99 -6.31 9.70
C ALA A 26 -12.53 -5.19 10.63
N ALA A 27 -11.43 -4.55 10.27
CA ALA A 27 -10.89 -3.45 11.09
C ALA A 27 -11.65 -2.17 10.82
N ASP A 28 -12.59 -2.22 9.87
CA ASP A 28 -13.38 -1.04 9.54
C ASP A 28 -12.56 -0.03 8.75
N LEU A 29 -11.69 -0.53 7.88
CA LEU A 29 -10.83 0.35 7.09
C LEU A 29 -11.43 0.60 5.71
N LYS A 30 -12.72 0.39 5.61
CA LYS A 30 -13.44 0.57 4.37
C LYS A 30 -14.26 1.85 4.39
N GLU A 31 -14.60 2.31 5.59
CA GLU A 31 -15.40 3.53 5.73
C GLU A 31 -14.58 4.74 5.31
N LEU A 32 -13.54 5.03 6.07
CA LEU A 32 -12.67 6.16 5.75
C LEU A 32 -12.26 6.12 4.29
N LEU A 33 -12.37 4.95 3.69
CA LEU A 33 -11.96 4.77 2.30
C LEU A 33 -12.89 5.50 1.35
N THR A 34 -14.15 5.58 1.72
CA THR A 34 -15.14 6.26 0.89
C THR A 34 -15.12 7.75 1.17
N GLN A 35 -14.17 8.19 2.00
CA GLN A 35 -14.10 9.59 2.33
C GLN A 35 -13.08 10.30 1.44
N PRO A 36 -13.52 11.19 0.57
CA PRO A 36 -12.61 11.91 -0.36
C PRO A 36 -11.31 12.36 0.31
N GLY A 37 -10.19 11.91 -0.25
CA GLY A 37 -8.88 12.28 0.29
C GLY A 37 -7.77 11.59 -0.48
N ASP A 38 -6.87 12.39 -1.05
CA ASP A 38 -5.77 11.83 -1.81
C ASP A 38 -4.77 11.15 -0.90
N TRP A 39 -4.69 9.83 -1.01
CA TRP A 39 -3.77 9.05 -0.18
C TRP A 39 -3.01 8.03 -1.04
N THR A 40 -1.98 7.43 -0.45
CA THR A 40 -1.18 6.43 -1.16
C THR A 40 -1.17 5.12 -0.38
N LEU A 41 -1.73 4.09 -1.00
CA LEU A 41 -1.78 2.77 -0.36
C LEU A 41 -0.84 1.79 -1.04
N PHE A 42 -0.17 0.98 -0.24
CA PHE A 42 0.77 -0.02 -0.75
C PHE A 42 0.19 -1.41 -0.59
N VAL A 43 -0.49 -1.86 -1.64
CA VAL A 43 -1.11 -3.19 -1.58
C VAL A 43 -0.22 -4.26 -2.23
N PRO A 44 0.24 -5.24 -1.48
CA PRO A 44 1.08 -6.32 -2.03
C PRO A 44 0.24 -7.38 -2.75
N THR A 45 0.82 -8.01 -3.77
CA THR A 45 0.10 -9.04 -4.53
C THR A 45 0.32 -10.42 -3.90
N ASN A 46 -0.35 -11.42 -4.47
CA ASN A 46 -0.21 -12.79 -3.97
C ASN A 46 1.26 -13.21 -3.94
N ASP A 47 1.98 -12.88 -5.01
CA ASP A 47 3.39 -13.23 -5.10
C ASP A 47 4.15 -12.71 -3.89
N ALA A 48 3.52 -11.79 -3.17
CA ALA A 48 4.15 -11.22 -1.98
C ALA A 48 3.93 -12.14 -0.77
N PHE A 49 2.81 -12.84 -0.76
CA PHE A 49 2.50 -13.74 0.34
C PHE A 49 3.41 -14.95 0.30
N LYS A 50 3.78 -15.35 -0.91
CA LYS A 50 4.66 -16.51 -1.08
C LYS A 50 5.98 -16.28 -0.34
N GLY A 51 6.16 -16.99 0.78
CA GLY A 51 7.38 -16.84 1.57
C GLY A 51 7.09 -16.99 3.06
N MET A 52 6.00 -16.36 3.50
CA MET A 52 5.62 -16.43 4.91
C MET A 52 4.52 -17.47 5.11
N THR A 53 4.58 -18.18 6.23
CA THR A 53 3.58 -19.18 6.54
C THR A 53 2.40 -18.57 7.28
N SER A 54 1.22 -19.15 7.09
CA SER A 54 0.02 -18.65 7.75
C SER A 54 0.27 -18.46 9.24
N GLU A 55 1.10 -19.32 9.82
CA GLU A 55 1.39 -19.24 11.24
C GLU A 55 2.29 -18.04 11.52
N GLU A 56 3.24 -17.79 10.64
CA GLU A 56 4.16 -16.66 10.81
C GLU A 56 3.38 -15.35 10.94
N LYS A 57 2.46 -15.13 10.01
CA LYS A 57 1.67 -13.91 10.03
C LYS A 57 0.66 -13.95 11.18
N GLU A 58 0.13 -15.14 11.46
CA GLU A 58 -0.84 -15.29 12.54
C GLU A 58 -0.28 -14.74 13.85
N ILE A 59 0.94 -15.12 14.17
CA ILE A 59 1.56 -14.65 15.40
C ILE A 59 1.53 -13.13 15.47
N LEU A 60 1.40 -12.49 14.31
CA LEU A 60 1.37 -11.05 14.26
C LEU A 60 -0.06 -10.54 14.44
N ILE A 61 -0.96 -11.04 13.61
CA ILE A 61 -2.35 -10.61 13.68
C ILE A 61 -2.96 -10.92 15.05
N ARG A 62 -2.26 -11.74 15.82
CA ARG A 62 -2.75 -12.12 17.14
C ARG A 62 -2.99 -10.89 18.00
N ASP A 63 -2.13 -9.91 17.84
CA ASP A 63 -2.27 -8.67 18.61
C ASP A 63 -3.05 -7.63 17.81
N LYS A 64 -4.01 -6.99 18.49
CA LYS A 64 -4.83 -5.98 17.82
C LYS A 64 -3.93 -4.87 17.28
N ASN A 65 -2.98 -4.44 18.08
CA ASN A 65 -2.10 -3.36 17.67
C ASN A 65 -1.20 -3.81 16.53
N ALA A 66 -0.90 -5.11 16.50
CA ALA A 66 -0.03 -5.66 15.47
C ALA A 66 -0.73 -5.67 14.11
N LEU A 67 -1.84 -6.37 14.03
CA LEU A 67 -2.57 -6.43 12.78
C LEU A 67 -2.94 -5.04 12.33
N GLN A 68 -3.26 -4.17 13.29
CA GLN A 68 -3.68 -2.83 12.96
C GLN A 68 -2.59 -2.10 12.18
N ASN A 69 -1.40 -2.11 12.76
CA ASN A 69 -0.26 -1.46 12.12
C ASN A 69 -0.09 -2.00 10.71
N ILE A 70 -0.27 -3.31 10.56
CA ILE A 70 -0.13 -3.94 9.24
C ILE A 70 -1.36 -3.67 8.39
N ILE A 71 -2.53 -3.66 9.03
CA ILE A 71 -3.77 -3.43 8.31
C ILE A 71 -3.65 -2.21 7.42
N LEU A 72 -3.07 -1.14 7.98
CA LEU A 72 -2.92 0.09 7.20
C LEU A 72 -1.94 -0.09 6.05
N TYR A 73 -1.43 -1.31 5.90
CA TYR A 73 -0.48 -1.62 4.83
C TYR A 73 0.40 -0.42 4.53
N HIS A 74 0.75 0.33 5.58
CA HIS A 74 1.60 1.50 5.41
C HIS A 74 0.84 2.62 4.71
N LEU A 75 -0.39 2.87 5.16
CA LEU A 75 -1.18 3.93 4.57
C LEU A 75 -0.50 5.27 4.73
N THR A 76 -0.35 6.01 3.63
CA THR A 76 0.28 7.31 3.69
C THR A 76 -0.72 8.41 3.29
N PRO A 77 -0.59 9.61 3.79
CA PRO A 77 -1.48 10.75 3.44
C PRO A 77 -0.91 11.59 2.31
N GLY A 78 -1.74 11.87 1.31
CA GLY A 78 -1.30 12.66 0.17
C GLY A 78 -0.68 11.78 -0.89
N VAL A 79 -1.25 11.83 -2.09
CA VAL A 79 -0.74 11.01 -3.20
C VAL A 79 0.78 11.15 -3.31
N PHE A 80 1.45 10.04 -3.60
CA PHE A 80 2.89 10.04 -3.72
C PHE A 80 3.32 10.32 -5.16
N ILE A 81 4.17 11.32 -5.33
CA ILE A 81 4.67 11.70 -6.65
C ILE A 81 6.16 11.50 -6.73
N GLY A 82 6.67 11.41 -7.96
CA GLY A 82 8.12 11.24 -8.17
C GLY A 82 8.91 12.26 -7.35
N LYS A 83 8.19 13.14 -6.65
CA LYS A 83 8.83 14.17 -5.83
C LYS A 83 9.74 15.02 -6.67
N GLY A 84 9.42 15.11 -7.96
CA GLY A 84 10.23 15.92 -8.89
C GLY A 84 11.71 15.87 -8.50
N PHE A 85 12.14 14.75 -7.93
CA PHE A 85 13.52 14.59 -7.49
C PHE A 85 14.34 13.85 -8.54
N GLU A 86 15.64 13.76 -8.30
CA GLU A 86 16.51 13.10 -9.26
C GLU A 86 16.35 11.57 -9.18
N PRO A 87 16.17 10.89 -10.30
CA PRO A 87 16.00 9.41 -10.32
C PRO A 87 17.25 8.68 -9.84
N GLY A 88 17.09 7.86 -8.80
CA GLY A 88 18.21 7.10 -8.25
C GLY A 88 18.37 7.37 -6.76
N VAL A 89 17.86 8.51 -6.30
CA VAL A 89 17.97 8.87 -4.90
C VAL A 89 16.80 8.30 -4.10
N THR A 90 17.05 7.98 -2.84
CA THR A 90 15.99 7.44 -1.99
C THR A 90 15.39 8.54 -1.11
N ASN A 91 14.07 8.62 -1.09
CA ASN A 91 13.38 9.62 -0.28
C ASN A 91 12.69 8.97 0.91
N ILE A 92 12.81 9.59 2.08
CA ILE A 92 12.20 9.07 3.29
C ILE A 92 10.81 9.65 3.50
N LEU A 93 9.79 8.84 3.24
CA LEU A 93 8.42 9.29 3.39
C LEU A 93 7.81 8.74 4.66
N LYS A 94 6.86 9.48 5.22
CA LYS A 94 6.20 9.07 6.46
C LYS A 94 4.79 8.59 6.17
N THR A 95 4.38 7.52 6.86
CA THR A 95 3.05 6.96 6.67
C THR A 95 2.24 7.06 7.97
N THR A 96 0.94 6.86 7.85
CA THR A 96 0.05 6.93 9.01
C THR A 96 0.31 5.76 9.95
N GLN A 97 0.80 4.65 9.40
CA GLN A 97 1.07 3.47 10.20
C GLN A 97 2.01 3.82 11.35
N GLY A 98 2.74 4.92 11.20
CA GLY A 98 3.66 5.35 12.24
C GLY A 98 5.08 4.93 11.91
N SER A 99 5.37 4.76 10.63
CA SER A 99 6.71 4.35 10.19
C SER A 99 7.10 5.11 8.93
N LYS A 100 8.37 4.99 8.56
CA LYS A 100 8.89 5.66 7.38
C LYS A 100 9.09 4.67 6.24
N ILE A 101 9.02 5.16 5.01
CA ILE A 101 9.20 4.32 3.83
C ILE A 101 10.16 4.95 2.85
N PHE A 102 11.00 4.13 2.24
CA PHE A 102 11.99 4.62 1.28
C PHE A 102 11.51 4.46 -0.16
N LEU A 103 11.39 5.57 -0.87
CA LEU A 103 10.94 5.54 -2.26
C LEU A 103 12.06 5.94 -3.20
N LYS A 104 12.05 5.35 -4.39
CA LYS A 104 13.08 5.64 -5.37
C LYS A 104 12.58 5.34 -6.78
N GLU A 105 12.92 6.21 -7.73
CA GLU A 105 12.50 6.03 -9.11
C GLU A 105 13.72 5.99 -10.02
N VAL A 106 13.74 5.02 -10.94
CA VAL A 106 14.83 4.86 -11.88
C VAL A 106 14.34 4.26 -13.19
N ASN A 107 14.91 4.72 -14.30
CA ASN A 107 14.53 4.22 -15.62
C ASN A 107 13.01 4.23 -15.76
N ASP A 108 12.37 5.24 -15.20
CA ASP A 108 10.91 5.36 -15.27
C ASP A 108 10.24 4.20 -14.56
N THR A 109 10.96 3.61 -13.61
CA THR A 109 10.43 2.48 -12.85
C THR A 109 10.35 2.81 -11.36
N LEU A 110 9.19 2.55 -10.76
CA LEU A 110 9.01 2.83 -9.36
C LEU A 110 9.72 1.77 -8.52
N LEU A 111 10.81 2.17 -7.84
CA LEU A 111 11.55 1.26 -7.00
C LEU A 111 11.50 1.73 -5.55
N VAL A 112 11.01 0.87 -4.67
CA VAL A 112 10.89 1.23 -3.25
C VAL A 112 11.76 0.30 -2.41
N ASN A 113 12.40 0.87 -1.39
CA ASN A 113 13.27 0.09 -0.51
C ASN A 113 14.39 -0.56 -1.32
N GLU A 114 14.03 -1.61 -2.05
CA GLU A 114 15.00 -2.31 -2.88
C GLU A 114 14.32 -3.40 -3.70
N LEU A 115 13.17 -3.05 -4.30
CA LEU A 115 12.43 -4.00 -5.11
C LEU A 115 11.58 -3.27 -6.14
N LYS A 116 11.38 -3.90 -7.28
CA LYS A 116 10.58 -3.31 -8.35
C LYS A 116 9.09 -3.51 -8.10
N SER A 117 8.32 -2.44 -8.24
CA SER A 117 6.88 -2.52 -8.02
C SER A 117 6.20 -3.32 -9.14
N LYS A 118 4.99 -3.78 -8.88
CA LYS A 118 4.25 -4.55 -9.88
C LYS A 118 3.38 -3.64 -10.73
N GLU A 119 2.65 -2.73 -10.07
CA GLU A 119 1.79 -1.81 -10.79
C GLU A 119 1.37 -0.66 -9.87
N SER A 120 1.98 0.50 -10.06
CA SER A 120 1.66 1.65 -9.24
C SER A 120 1.52 2.89 -10.11
N ASP A 121 1.26 4.03 -9.47
CA ASP A 121 1.11 5.30 -10.19
C ASP A 121 -0.32 5.45 -10.73
N ILE A 122 -1.17 4.51 -10.39
CA ILE A 122 -2.55 4.52 -10.85
C ILE A 122 -3.30 5.65 -10.16
N MET A 123 -3.73 6.62 -10.95
CA MET A 123 -4.46 7.76 -10.43
C MET A 123 -5.93 7.44 -10.25
N THR A 124 -6.37 7.44 -9.00
CA THR A 124 -7.77 7.16 -8.69
C THR A 124 -8.54 8.46 -8.52
N THR A 125 -9.83 8.34 -8.22
CA THR A 125 -10.68 9.51 -8.02
C THR A 125 -10.58 10.00 -6.57
N ASN A 126 -9.82 9.27 -5.76
CA ASN A 126 -9.65 9.64 -4.35
C ASN A 126 -8.18 9.59 -3.96
N GLY A 127 -7.30 9.55 -4.95
CA GLY A 127 -5.87 9.50 -4.67
C GLY A 127 -5.16 8.60 -5.68
N VAL A 128 -4.02 8.06 -5.26
CA VAL A 128 -3.24 7.18 -6.13
C VAL A 128 -3.14 5.78 -5.53
N ILE A 129 -2.69 4.84 -6.34
CA ILE A 129 -2.55 3.46 -5.88
C ILE A 129 -1.14 2.94 -6.12
N HIS A 130 -0.72 1.99 -5.29
CA HIS A 130 0.61 1.42 -5.42
C HIS A 130 0.57 -0.07 -5.13
N VAL A 131 0.83 -0.87 -6.16
CA VAL A 131 0.83 -2.33 -6.02
C VAL A 131 2.26 -2.86 -5.99
N VAL A 132 2.64 -3.44 -4.85
CA VAL A 132 3.98 -4.00 -4.70
C VAL A 132 3.94 -5.53 -4.71
N ASP A 133 5.10 -6.15 -4.64
CA ASP A 133 5.18 -7.62 -4.65
C ASP A 133 6.00 -8.12 -3.46
N LYS A 134 5.88 -7.41 -2.34
CA LYS A 134 6.60 -7.81 -1.14
C LYS A 134 6.16 -6.97 0.05
N LEU A 135 6.30 -7.54 1.26
CA LEU A 135 5.90 -6.84 2.46
C LEU A 135 6.99 -5.88 2.90
N LEU A 136 6.60 -4.63 3.13
CA LEU A 136 7.57 -3.61 3.56
C LEU A 136 7.52 -3.42 5.07
N TYR A 137 8.22 -4.28 5.79
CA TYR A 137 8.23 -4.19 7.24
C TYR A 137 9.31 -3.22 7.71
N PRO A 138 9.18 -2.67 8.90
CA PRO A 138 10.19 -1.72 9.47
C PRO A 138 11.61 -2.29 9.45
N ALA A 139 12.38 -1.98 10.49
CA ALA A 139 13.74 -2.46 10.58
C ALA A 139 13.78 -3.99 10.66
N ASP A 140 13.37 -4.51 11.81
CA ASP A 140 13.35 -5.96 12.02
C ASP A 140 11.93 -6.44 12.27
N GLY A 1 -20.68 3.91 -17.51
CA GLY A 1 -19.27 3.94 -17.10
C GLY A 1 -18.82 5.37 -16.85
N ALA A 2 -17.71 5.52 -16.14
CA ALA A 2 -17.18 6.85 -15.84
C ALA A 2 -15.66 6.86 -15.99
N MET A 3 -15.06 8.03 -15.84
CA MET A 3 -13.61 8.18 -15.96
C MET A 3 -12.99 8.55 -14.61
N GLU A 4 -13.28 7.75 -13.59
CA GLU A 4 -12.75 8.01 -12.26
C GLU A 4 -13.10 6.86 -11.32
N LYS A 5 -12.08 6.25 -10.72
CA LYS A 5 -12.28 5.14 -9.80
C LYS A 5 -11.71 5.47 -8.43
N SER A 6 -12.40 5.05 -7.38
CA SER A 6 -11.94 5.31 -6.02
C SER A 6 -11.03 4.18 -5.54
N LEU A 7 -10.29 4.44 -4.49
CA LEU A 7 -9.38 3.45 -3.93
C LEU A 7 -10.10 2.11 -3.72
N HIS A 8 -11.12 2.13 -2.87
CA HIS A 8 -11.88 0.91 -2.59
C HIS A 8 -12.47 0.34 -3.87
N GLU A 9 -13.05 1.21 -4.69
CA GLU A 9 -13.65 0.78 -5.94
C GLU A 9 -12.68 -0.13 -6.69
N LYS A 10 -11.42 0.29 -6.75
CA LYS A 10 -10.40 -0.50 -7.44
C LYS A 10 -10.19 -1.85 -6.74
N LEU A 11 -9.91 -1.80 -5.44
CA LEU A 11 -9.70 -3.02 -4.67
C LEU A 11 -10.90 -3.96 -4.81
N LYS A 12 -12.07 -3.38 -5.09
CA LYS A 12 -13.28 -4.18 -5.24
C LYS A 12 -13.35 -4.80 -6.63
N GLN A 13 -12.94 -4.04 -7.64
CA GLN A 13 -12.97 -4.52 -9.01
C GLN A 13 -11.80 -5.46 -9.28
N ASP A 14 -10.69 -5.23 -8.58
CA ASP A 14 -9.51 -6.08 -8.76
C ASP A 14 -9.56 -7.27 -7.81
N LYS A 15 -9.92 -8.44 -8.36
CA LYS A 15 -10.01 -9.64 -7.55
C LYS A 15 -8.64 -10.01 -6.99
N ARG A 16 -7.60 -9.40 -7.55
CA ARG A 16 -6.23 -9.65 -7.11
C ARG A 16 -6.06 -9.21 -5.66
N PHE A 17 -6.95 -8.31 -5.22
CA PHE A 17 -6.90 -7.79 -3.84
C PHE A 17 -8.19 -8.11 -3.09
N SER A 18 -8.81 -9.23 -3.42
CA SER A 18 -10.04 -9.64 -2.76
C SER A 18 -9.78 -9.91 -1.28
N THR A 19 -8.65 -10.56 -1.00
CA THR A 19 -8.31 -10.87 0.38
C THR A 19 -8.25 -9.60 1.20
N PHE A 20 -7.59 -8.58 0.67
CA PHE A 20 -7.48 -7.30 1.35
C PHE A 20 -8.85 -6.78 1.71
N LEU A 21 -9.77 -6.87 0.77
CA LEU A 21 -11.14 -6.42 1.02
C LEU A 21 -11.72 -7.15 2.22
N SER A 22 -11.41 -8.43 2.34
CA SER A 22 -11.95 -9.22 3.45
C SER A 22 -11.37 -8.80 4.79
N LEU A 23 -10.06 -8.81 4.90
CA LEU A 23 -9.39 -8.46 6.15
C LEU A 23 -9.50 -6.97 6.47
N LEU A 24 -9.34 -6.11 5.45
CA LEU A 24 -9.41 -4.67 5.69
C LEU A 24 -10.81 -4.28 6.09
N GLU A 25 -11.81 -4.90 5.48
CA GLU A 25 -13.18 -4.61 5.81
C GLU A 25 -13.47 -5.01 7.26
N ALA A 26 -12.90 -6.13 7.70
CA ALA A 26 -13.11 -6.59 9.07
C ALA A 26 -12.65 -5.53 10.05
N ALA A 27 -11.50 -4.91 9.78
CA ALA A 27 -10.98 -3.87 10.66
C ALA A 27 -11.83 -2.61 10.54
N ASP A 28 -12.74 -2.61 9.58
CA ASP A 28 -13.61 -1.46 9.36
C ASP A 28 -12.82 -0.28 8.78
N LEU A 29 -12.03 -0.54 7.75
CA LEU A 29 -11.26 0.53 7.13
C LEU A 29 -11.89 0.92 5.80
N LYS A 30 -12.78 0.09 5.29
CA LYS A 30 -13.44 0.40 4.05
C LYS A 30 -14.01 1.81 4.08
N GLU A 31 -14.32 2.29 5.28
CA GLU A 31 -14.88 3.63 5.45
C GLU A 31 -13.76 4.67 5.36
N LEU A 32 -12.53 4.22 5.56
CA LEU A 32 -11.39 5.10 5.52
C LEU A 32 -10.94 5.31 4.07
N LEU A 33 -11.07 4.28 3.29
CA LEU A 33 -10.65 4.33 1.90
C LEU A 33 -11.51 5.31 1.11
N THR A 34 -12.73 5.58 1.59
CA THR A 34 -13.62 6.49 0.90
C THR A 34 -13.42 7.92 1.37
N GLN A 35 -12.38 8.14 2.18
CA GLN A 35 -12.11 9.48 2.71
C GLN A 35 -11.47 10.38 1.64
N PRO A 36 -11.78 11.67 1.66
CA PRO A 36 -11.21 12.64 0.67
C PRO A 36 -9.79 13.07 1.03
N GLY A 37 -8.86 12.87 0.11
CA GLY A 37 -7.48 13.25 0.32
C GLY A 37 -6.57 12.47 -0.62
N ASP A 38 -5.33 12.91 -0.73
CA ASP A 38 -4.37 12.23 -1.59
C ASP A 38 -3.35 11.46 -0.75
N TRP A 39 -3.41 10.13 -0.81
CA TRP A 39 -2.50 9.30 -0.03
C TRP A 39 -1.92 8.19 -0.91
N THR A 40 -0.86 7.53 -0.42
CA THR A 40 -0.22 6.46 -1.16
C THR A 40 -0.56 5.10 -0.55
N LEU A 41 -1.29 4.28 -1.31
CA LEU A 41 -1.71 2.95 -0.85
C LEU A 41 -0.74 1.88 -1.37
N PHE A 42 -0.16 1.11 -0.44
CA PHE A 42 0.77 0.05 -0.82
C PHE A 42 0.08 -1.32 -0.73
N VAL A 43 -0.07 -1.99 -1.87
CA VAL A 43 -0.75 -3.29 -1.91
C VAL A 43 0.11 -4.36 -2.59
N PRO A 44 0.55 -5.38 -1.87
CA PRO A 44 1.37 -6.48 -2.47
C PRO A 44 0.48 -7.52 -3.15
N THR A 45 0.94 -8.07 -4.27
CA THR A 45 0.15 -9.06 -5.01
C THR A 45 0.15 -10.42 -4.30
N ASN A 46 -0.60 -11.37 -4.86
CA ASN A 46 -0.66 -12.69 -4.27
C ASN A 46 0.73 -13.34 -4.29
N ASP A 47 1.49 -13.05 -5.34
CA ASP A 47 2.84 -13.60 -5.46
C ASP A 47 3.72 -13.13 -4.32
N ALA A 48 3.29 -12.08 -3.65
CA ALA A 48 4.04 -11.54 -2.52
C ALA A 48 3.56 -12.15 -1.21
N PHE A 49 2.29 -12.53 -1.18
CA PHE A 49 1.69 -13.10 0.03
C PHE A 49 2.16 -14.54 0.25
N LYS A 50 2.48 -15.22 -0.84
CA LYS A 50 2.92 -16.62 -0.75
C LYS A 50 4.14 -16.75 0.16
N GLY A 51 3.94 -17.37 1.32
CA GLY A 51 5.04 -17.55 2.27
C GLY A 51 4.56 -17.30 3.70
N MET A 52 3.53 -16.48 3.83
CA MET A 52 2.99 -16.16 5.15
C MET A 52 2.54 -17.43 5.87
N THR A 53 3.33 -17.84 6.85
CA THR A 53 3.03 -19.04 7.62
C THR A 53 1.87 -18.79 8.59
N SER A 54 1.26 -19.88 9.04
CA SER A 54 0.14 -19.76 9.96
C SER A 54 0.55 -19.02 11.23
N GLU A 55 1.81 -19.16 11.62
CA GLU A 55 2.31 -18.49 12.80
C GLU A 55 2.46 -16.99 12.56
N GLU A 56 3.01 -16.64 11.40
CA GLU A 56 3.20 -15.24 11.05
C GLU A 56 1.89 -14.47 11.15
N LYS A 57 0.87 -14.95 10.43
CA LYS A 57 -0.44 -14.30 10.45
C LYS A 57 -1.03 -14.30 11.86
N GLU A 58 -0.76 -15.38 12.61
CA GLU A 58 -1.26 -15.50 13.97
C GLU A 58 -0.64 -14.44 14.87
N ILE A 59 0.62 -14.13 14.63
CA ILE A 59 1.31 -13.12 15.44
C ILE A 59 0.72 -11.74 15.21
N LEU A 60 0.06 -11.57 14.07
CA LEU A 60 -0.54 -10.29 13.73
C LEU A 60 -1.90 -10.10 14.44
N ILE A 61 -2.76 -11.11 14.30
CA ILE A 61 -4.08 -11.05 14.92
C ILE A 61 -3.96 -11.16 16.43
N ARG A 62 -2.80 -11.62 16.91
CA ARG A 62 -2.58 -11.77 18.34
C ARG A 62 -2.71 -10.43 19.03
N ASP A 63 -2.47 -9.35 18.29
CA ASP A 63 -2.56 -8.01 18.85
C ASP A 63 -3.31 -7.08 17.90
N LYS A 64 -4.40 -6.49 18.38
CA LYS A 64 -5.20 -5.59 17.57
C LYS A 64 -4.30 -4.54 16.92
N ASN A 65 -3.37 -4.00 17.70
CA ASN A 65 -2.46 -2.98 17.21
C ASN A 65 -1.48 -3.53 16.18
N ALA A 66 -1.18 -4.83 16.28
CA ALA A 66 -0.24 -5.43 15.36
C ALA A 66 -0.83 -5.55 13.96
N LEU A 67 -1.91 -6.30 13.83
CA LEU A 67 -2.52 -6.44 12.52
C LEU A 67 -2.91 -5.07 11.99
N GLN A 68 -3.36 -4.19 12.88
CA GLN A 68 -3.78 -2.86 12.45
C GLN A 68 -2.62 -2.16 11.74
N ASN A 69 -1.48 -2.11 12.42
CA ASN A 69 -0.32 -1.47 11.85
C ASN A 69 -0.09 -2.02 10.45
N ILE A 70 -0.32 -3.33 10.29
CA ILE A 70 -0.15 -3.96 8.98
C ILE A 70 -1.33 -3.65 8.08
N ILE A 71 -2.52 -3.53 8.65
CA ILE A 71 -3.70 -3.25 7.84
C ILE A 71 -3.46 -2.02 6.99
N LEU A 72 -2.79 -1.02 7.55
CA LEU A 72 -2.53 0.20 6.79
C LEU A 72 -1.47 -0.03 5.72
N TYR A 73 -0.94 -1.23 5.66
CA TYR A 73 0.09 -1.55 4.67
C TYR A 73 1.07 -0.40 4.51
N HIS A 74 1.36 0.31 5.60
CA HIS A 74 2.28 1.45 5.55
C HIS A 74 1.68 2.59 4.74
N LEU A 75 0.39 2.86 5.01
CA LEU A 75 -0.30 3.94 4.31
C LEU A 75 0.41 5.26 4.55
N THR A 76 0.53 6.08 3.52
CA THR A 76 1.22 7.36 3.64
C THR A 76 0.41 8.49 2.98
N PRO A 77 0.47 9.69 3.49
CA PRO A 77 -0.25 10.85 2.87
C PRO A 77 0.54 11.46 1.72
N GLY A 78 -0.19 12.11 0.81
CA GLY A 78 0.46 12.73 -0.34
C GLY A 78 0.88 11.69 -1.37
N VAL A 79 0.21 11.70 -2.52
CA VAL A 79 0.53 10.74 -3.57
C VAL A 79 1.97 10.91 -4.07
N PHE A 80 2.63 9.80 -4.34
CA PHE A 80 4.00 9.84 -4.82
C PHE A 80 4.04 10.01 -6.33
N ILE A 81 4.65 11.09 -6.78
CA ILE A 81 4.76 11.36 -8.22
C ILE A 81 6.21 11.53 -8.64
N GLY A 82 6.51 11.17 -9.88
CA GLY A 82 7.87 11.28 -10.40
C GLY A 82 8.21 12.73 -10.72
N LYS A 83 7.20 13.58 -10.75
CA LYS A 83 7.41 15.00 -11.04
C LYS A 83 7.38 15.82 -9.75
N GLY A 84 7.23 15.13 -8.63
CA GLY A 84 7.18 15.80 -7.33
C GLY A 84 8.56 15.79 -6.67
N PHE A 85 9.15 14.60 -6.57
CA PHE A 85 10.46 14.46 -5.95
C PHE A 85 11.54 14.23 -7.01
N GLU A 86 12.80 14.41 -6.62
CA GLU A 86 13.91 14.23 -7.55
C GLU A 86 14.24 12.74 -7.74
N PRO A 87 14.26 12.24 -8.96
CA PRO A 87 14.58 10.81 -9.20
C PRO A 87 16.08 10.52 -9.09
N GLY A 88 16.42 9.41 -8.44
CA GLY A 88 17.82 9.05 -8.26
C GLY A 88 18.20 9.05 -6.79
N VAL A 89 17.64 9.99 -6.03
CA VAL A 89 17.94 10.09 -4.62
C VAL A 89 16.85 9.43 -3.79
N THR A 90 17.26 8.62 -2.81
CA THR A 90 16.31 7.92 -1.94
C THR A 90 15.67 8.90 -0.97
N ASN A 91 14.35 8.80 -0.80
CA ASN A 91 13.62 9.68 0.10
C ASN A 91 13.17 8.90 1.34
N ILE A 92 13.53 9.41 2.51
CA ILE A 92 13.15 8.78 3.78
C ILE A 92 12.06 9.57 4.47
N LEU A 93 10.86 8.99 4.52
CA LEU A 93 9.75 9.68 5.17
C LEU A 93 8.92 8.73 6.01
N LYS A 94 8.18 9.31 6.95
CA LYS A 94 7.34 8.53 7.83
C LYS A 94 5.98 8.27 7.21
N THR A 95 5.35 7.17 7.62
CA THR A 95 4.03 6.80 7.11
C THR A 95 2.99 6.89 8.22
N THR A 96 1.72 6.80 7.85
CA THR A 96 0.65 6.88 8.82
C THR A 96 0.72 5.69 9.79
N GLN A 97 1.17 4.54 9.29
CA GLN A 97 1.30 3.34 10.12
C GLN A 97 2.22 3.59 11.32
N GLY A 98 3.20 4.48 11.14
CA GLY A 98 4.14 4.80 12.21
C GLY A 98 5.51 4.17 11.96
N SER A 99 6.10 4.50 10.81
CA SER A 99 7.42 3.96 10.45
C SER A 99 8.00 4.70 9.25
N LYS A 100 9.31 4.56 9.04
CA LYS A 100 9.96 5.23 7.91
C LYS A 100 10.11 4.30 6.73
N ILE A 101 9.85 4.84 5.54
CA ILE A 101 9.97 4.07 4.33
C ILE A 101 10.85 4.81 3.33
N PHE A 102 11.62 4.04 2.57
CA PHE A 102 12.55 4.60 1.59
C PHE A 102 11.92 4.57 0.19
N LEU A 103 11.82 5.75 -0.43
CA LEU A 103 11.25 5.85 -1.76
C LEU A 103 12.32 6.32 -2.75
N LYS A 104 12.38 5.67 -3.91
CA LYS A 104 13.36 6.03 -4.91
C LYS A 104 12.80 5.78 -6.31
N GLU A 105 12.91 6.80 -7.16
CA GLU A 105 12.41 6.70 -8.53
C GLU A 105 13.56 6.87 -9.53
N VAL A 106 13.75 5.87 -10.37
CA VAL A 106 14.81 5.90 -11.37
C VAL A 106 14.31 5.41 -12.72
N ASN A 107 14.78 6.03 -13.80
CA ASN A 107 14.37 5.64 -15.13
C ASN A 107 12.84 5.53 -15.22
N ASP A 108 12.15 6.46 -14.56
CA ASP A 108 10.69 6.46 -14.57
C ASP A 108 10.15 5.18 -13.92
N THR A 109 10.98 4.53 -13.12
CA THR A 109 10.59 3.31 -12.44
C THR A 109 10.46 3.56 -10.94
N LEU A 110 9.34 3.15 -10.38
CA LEU A 110 9.11 3.33 -8.95
C LEU A 110 9.83 2.24 -8.17
N LEU A 111 10.87 2.62 -7.45
CA LEU A 111 11.63 1.69 -6.64
C LEU A 111 11.49 2.03 -5.17
N VAL A 112 10.83 1.13 -4.45
CA VAL A 112 10.61 1.32 -3.01
C VAL A 112 11.31 0.21 -2.23
N ASN A 113 11.89 0.56 -1.09
CA ASN A 113 12.58 -0.44 -0.28
C ASN A 113 13.56 -1.26 -1.14
N GLU A 114 13.99 -0.68 -2.26
CA GLU A 114 14.92 -1.36 -3.17
C GLU A 114 14.23 -2.51 -3.88
N LEU A 115 13.09 -2.24 -4.48
CA LEU A 115 12.35 -3.26 -5.21
C LEU A 115 11.51 -2.64 -6.32
N LYS A 116 11.41 -3.35 -7.44
CA LYS A 116 10.65 -2.87 -8.57
C LYS A 116 9.15 -3.08 -8.36
N SER A 117 8.40 -1.98 -8.44
CA SER A 117 6.95 -2.06 -8.24
C SER A 117 6.28 -2.71 -9.46
N LYS A 118 5.11 -3.31 -9.24
CA LYS A 118 4.39 -3.96 -10.32
C LYS A 118 3.46 -2.96 -11.01
N GLU A 119 2.69 -2.23 -10.21
CA GLU A 119 1.78 -1.24 -10.76
C GLU A 119 1.55 -0.12 -9.77
N SER A 120 2.16 1.02 -10.05
CA SER A 120 2.03 2.17 -9.16
C SER A 120 2.01 3.46 -9.96
N ASP A 121 1.61 4.54 -9.30
CA ASP A 121 1.55 5.85 -9.96
C ASP A 121 0.25 5.97 -10.74
N ILE A 122 -0.68 5.06 -10.46
CA ILE A 122 -1.96 5.07 -11.14
C ILE A 122 -2.68 6.38 -10.83
N MET A 123 -3.96 6.30 -10.48
CA MET A 123 -4.74 7.47 -10.15
C MET A 123 -6.08 7.08 -9.54
N THR A 124 -6.38 7.67 -8.39
CA THR A 124 -7.64 7.39 -7.70
C THR A 124 -8.28 8.68 -7.22
N THR A 125 -9.58 8.62 -6.94
CA THR A 125 -10.31 9.79 -6.47
C THR A 125 -9.90 10.14 -5.04
N ASN A 126 -9.06 9.29 -4.46
CA ASN A 126 -8.58 9.52 -3.09
C ASN A 126 -7.06 9.51 -3.04
N GLY A 127 -6.44 9.61 -4.20
CA GLY A 127 -4.98 9.64 -4.27
C GLY A 127 -4.46 8.77 -5.41
N VAL A 128 -3.47 7.96 -5.09
CA VAL A 128 -2.88 7.08 -6.09
C VAL A 128 -2.72 5.68 -5.52
N ILE A 129 -2.48 4.73 -6.41
CA ILE A 129 -2.29 3.35 -6.00
C ILE A 129 -0.84 2.91 -6.18
N HIS A 130 -0.38 2.01 -5.30
CA HIS A 130 0.97 1.49 -5.39
C HIS A 130 0.96 -0.01 -5.17
N VAL A 131 1.22 -0.75 -6.24
CA VAL A 131 1.23 -2.22 -6.17
C VAL A 131 2.67 -2.74 -6.21
N VAL A 132 3.05 -3.45 -5.16
CA VAL A 132 4.41 -4.00 -5.08
C VAL A 132 4.40 -5.53 -5.20
N ASP A 133 5.59 -6.09 -5.33
CA ASP A 133 5.74 -7.54 -5.46
C ASP A 133 6.37 -8.14 -4.20
N LYS A 134 6.10 -7.51 -3.07
CA LYS A 134 6.62 -7.99 -1.79
C LYS A 134 6.02 -7.18 -0.65
N LEU A 135 5.87 -7.81 0.52
CA LEU A 135 5.33 -7.12 1.68
C LEU A 135 6.47 -6.47 2.46
N LEU A 136 6.26 -5.22 2.87
CA LEU A 136 7.27 -4.50 3.63
C LEU A 136 7.11 -4.80 5.11
N TYR A 137 7.86 -5.78 5.60
CA TYR A 137 7.79 -6.17 7.00
C TYR A 137 8.23 -5.01 7.90
N PRO A 138 7.75 -4.96 9.13
CA PRO A 138 8.12 -3.89 10.09
C PRO A 138 9.59 -3.48 9.97
N ALA A 139 10.48 -4.42 10.24
CA ALA A 139 11.91 -4.16 10.16
C ALA A 139 12.51 -4.80 8.91
N ASP A 140 13.44 -5.73 9.12
CA ASP A 140 14.09 -6.41 8.00
C ASP A 140 13.37 -7.71 7.68
N GLY A 1 -23.44 9.94 -12.79
CA GLY A 1 -23.33 9.84 -14.24
C GLY A 1 -22.11 9.02 -14.65
N ALA A 2 -20.93 9.48 -14.24
CA ALA A 2 -19.70 8.77 -14.57
C ALA A 2 -19.41 7.69 -13.54
N MET A 3 -18.35 6.92 -13.76
CA MET A 3 -17.98 5.84 -12.84
C MET A 3 -16.80 6.26 -11.97
N GLU A 4 -15.91 7.04 -12.55
CA GLU A 4 -14.73 7.51 -11.84
C GLU A 4 -14.03 6.36 -11.12
N LYS A 5 -12.93 5.89 -11.71
CA LYS A 5 -12.18 4.79 -11.11
C LYS A 5 -11.46 5.25 -9.85
N SER A 6 -12.07 4.99 -8.69
CA SER A 6 -11.46 5.38 -7.42
C SER A 6 -10.74 4.20 -6.79
N LEU A 7 -9.90 4.47 -5.81
CA LEU A 7 -9.14 3.42 -5.15
C LEU A 7 -10.07 2.27 -4.75
N HIS A 8 -11.00 2.58 -3.84
CA HIS A 8 -11.95 1.57 -3.38
C HIS A 8 -12.44 0.72 -4.55
N GLU A 9 -12.95 1.37 -5.58
CA GLU A 9 -13.45 0.65 -6.74
C GLU A 9 -12.40 -0.33 -7.25
N LYS A 10 -11.17 0.14 -7.36
CA LYS A 10 -10.07 -0.71 -7.83
C LYS A 10 -9.95 -1.97 -6.99
N LEU A 11 -9.79 -1.79 -5.68
CA LEU A 11 -9.67 -2.94 -4.77
C LEU A 11 -10.89 -3.84 -4.88
N LYS A 12 -12.04 -3.23 -5.12
CA LYS A 12 -13.29 -3.99 -5.25
C LYS A 12 -13.43 -4.55 -6.66
N GLN A 13 -12.68 -4.00 -7.59
CA GLN A 13 -12.75 -4.47 -8.98
C GLN A 13 -11.58 -5.40 -9.27
N ASP A 14 -10.58 -5.38 -8.40
CA ASP A 14 -9.40 -6.23 -8.57
C ASP A 14 -9.54 -7.50 -7.76
N LYS A 15 -9.45 -8.65 -8.45
CA LYS A 15 -9.58 -9.94 -7.77
C LYS A 15 -8.27 -10.33 -7.09
N ARG A 16 -7.20 -9.59 -7.41
CA ARG A 16 -5.89 -9.86 -6.82
C ARG A 16 -5.84 -9.33 -5.39
N PHE A 17 -6.49 -8.20 -5.19
CA PHE A 17 -6.53 -7.57 -3.86
C PHE A 17 -7.85 -7.82 -3.16
N SER A 18 -8.54 -8.88 -3.55
CA SER A 18 -9.81 -9.22 -2.94
C SER A 18 -9.61 -9.62 -1.48
N THR A 19 -8.56 -10.39 -1.22
CA THR A 19 -8.28 -10.83 0.13
C THR A 19 -8.16 -9.64 1.07
N PHE A 20 -7.36 -8.67 0.64
CA PHE A 20 -7.15 -7.48 1.43
C PHE A 20 -8.49 -6.80 1.73
N LEU A 21 -9.36 -6.74 0.74
CA LEU A 21 -10.65 -6.14 0.92
C LEU A 21 -11.38 -6.81 2.08
N SER A 22 -11.26 -8.14 2.16
CA SER A 22 -11.93 -8.90 3.22
C SER A 22 -11.35 -8.60 4.60
N LEU A 23 -10.06 -8.85 4.77
CA LEU A 23 -9.41 -8.63 6.06
C LEU A 23 -9.38 -7.15 6.44
N LEU A 24 -9.07 -6.28 5.48
CA LEU A 24 -9.01 -4.84 5.76
C LEU A 24 -10.39 -4.33 6.09
N GLU A 25 -11.41 -4.97 5.52
CA GLU A 25 -12.78 -4.55 5.78
C GLU A 25 -13.16 -4.83 7.24
N ALA A 26 -12.75 -5.99 7.75
CA ALA A 26 -13.04 -6.34 9.13
C ALA A 26 -12.36 -5.36 10.08
N ALA A 27 -11.15 -4.93 9.72
CA ALA A 27 -10.41 -3.99 10.56
C ALA A 27 -11.10 -2.63 10.55
N ASP A 28 -12.05 -2.46 9.64
CA ASP A 28 -12.79 -1.20 9.53
C ASP A 28 -11.96 -0.15 8.80
N LEU A 29 -11.29 -0.56 7.73
CA LEU A 29 -10.48 0.37 6.94
C LEU A 29 -11.15 0.69 5.62
N LYS A 30 -12.46 0.47 5.59
CA LYS A 30 -13.25 0.75 4.39
C LYS A 30 -14.18 1.94 4.62
N GLU A 31 -14.15 2.47 5.84
CA GLU A 31 -14.99 3.62 6.16
C GLU A 31 -14.30 4.94 5.81
N LEU A 32 -12.97 4.92 5.85
CA LEU A 32 -12.19 6.11 5.53
C LEU A 32 -11.92 6.24 4.02
N LEU A 33 -11.72 5.10 3.37
CA LEU A 33 -11.41 5.10 1.94
C LEU A 33 -12.58 5.59 1.11
N THR A 34 -13.74 5.67 1.72
CA THR A 34 -14.93 6.12 1.02
C THR A 34 -15.08 7.62 1.13
N GLN A 35 -14.14 8.24 1.85
CA GLN A 35 -14.18 9.69 2.03
C GLN A 35 -13.14 10.38 1.12
N PRO A 36 -13.55 11.25 0.21
CA PRO A 36 -12.60 11.94 -0.71
C PRO A 36 -11.30 12.36 -0.01
N GLY A 37 -10.17 12.12 -0.68
CA GLY A 37 -8.88 12.48 -0.11
C GLY A 37 -7.76 11.94 -1.00
N ASP A 38 -6.56 12.51 -0.85
CA ASP A 38 -5.41 12.09 -1.63
C ASP A 38 -4.37 11.41 -0.75
N TRP A 39 -4.10 10.14 -1.01
CA TRP A 39 -3.12 9.39 -0.24
C TRP A 39 -2.49 8.28 -1.07
N THR A 40 -1.42 7.69 -0.56
CA THR A 40 -0.74 6.61 -1.26
C THR A 40 -0.84 5.31 -0.46
N LEU A 41 -1.11 4.22 -1.15
CA LEU A 41 -1.24 2.91 -0.50
C LEU A 41 -0.38 1.87 -1.22
N PHE A 42 0.16 0.93 -0.46
CA PHE A 42 0.98 -0.13 -1.02
C PHE A 42 0.19 -1.43 -1.07
N VAL A 43 -0.18 -1.86 -2.26
CA VAL A 43 -0.96 -3.08 -2.40
C VAL A 43 -0.08 -4.24 -2.90
N PRO A 44 0.42 -5.10 -2.04
CA PRO A 44 1.27 -6.26 -2.48
C PRO A 44 0.47 -7.31 -3.25
N THR A 45 1.08 -7.92 -4.25
CA THR A 45 0.39 -8.94 -5.04
C THR A 45 0.43 -10.29 -4.36
N ASN A 46 -0.24 -11.28 -4.96
CA ASN A 46 -0.26 -12.61 -4.39
C ASN A 46 1.15 -13.11 -4.11
N ASP A 47 2.04 -12.86 -5.07
CA ASP A 47 3.43 -13.30 -4.93
C ASP A 47 4.05 -12.75 -3.65
N ALA A 48 3.52 -11.63 -3.17
CA ALA A 48 4.01 -11.00 -1.97
C ALA A 48 3.25 -11.49 -0.75
N PHE A 49 2.01 -11.89 -0.97
CA PHE A 49 1.15 -12.36 0.13
C PHE A 49 1.23 -13.89 0.25
N LYS A 50 2.10 -14.50 -0.54
CA LYS A 50 2.26 -15.95 -0.51
C LYS A 50 2.10 -16.46 0.90
N GLY A 51 0.97 -17.13 1.15
CA GLY A 51 0.64 -17.68 2.46
C GLY A 51 1.82 -17.60 3.43
N MET A 52 1.98 -16.43 4.05
CA MET A 52 3.06 -16.22 5.00
C MET A 52 3.18 -17.40 5.95
N THR A 53 4.16 -17.34 6.83
CA THR A 53 4.38 -18.42 7.76
C THR A 53 3.43 -18.32 8.95
N SER A 54 3.26 -19.44 9.64
CA SER A 54 2.36 -19.47 10.79
C SER A 54 2.76 -18.39 11.79
N GLU A 55 4.06 -18.12 11.88
CA GLU A 55 4.55 -17.11 12.80
C GLU A 55 4.39 -15.72 12.21
N GLU A 56 4.57 -15.61 10.90
CA GLU A 56 4.44 -14.32 10.22
C GLU A 56 3.01 -13.78 10.33
N LYS A 57 2.04 -14.68 10.27
CA LYS A 57 0.64 -14.27 10.36
C LYS A 57 0.22 -14.11 11.82
N GLU A 58 0.80 -14.93 12.69
CA GLU A 58 0.48 -14.87 14.10
C GLU A 58 1.01 -13.58 14.74
N ILE A 59 2.24 -13.23 14.40
CA ILE A 59 2.85 -12.01 14.94
C ILE A 59 1.93 -10.83 14.74
N LEU A 60 1.06 -10.92 13.74
CA LEU A 60 0.12 -9.86 13.44
C LEU A 60 -1.10 -9.93 14.35
N ILE A 61 -1.83 -11.03 14.26
CA ILE A 61 -3.03 -11.20 15.08
C ILE A 61 -2.65 -11.25 16.56
N ARG A 62 -1.36 -11.32 16.84
CA ARG A 62 -0.87 -11.38 18.22
C ARG A 62 -1.19 -10.08 18.95
N ASP A 63 -1.27 -8.99 18.20
CA ASP A 63 -1.56 -7.70 18.78
C ASP A 63 -2.47 -6.90 17.86
N LYS A 64 -3.53 -6.33 18.42
CA LYS A 64 -4.47 -5.56 17.61
C LYS A 64 -3.77 -4.37 16.98
N ASN A 65 -2.92 -3.71 17.76
CA ASN A 65 -2.21 -2.55 17.26
C ASN A 65 -1.19 -2.97 16.22
N ALA A 66 -0.69 -4.20 16.33
CA ALA A 66 0.30 -4.70 15.40
C ALA A 66 -0.32 -4.95 14.03
N LEU A 67 -1.28 -5.86 13.96
CA LEU A 67 -1.90 -6.15 12.69
C LEU A 67 -2.47 -4.87 12.11
N GLN A 68 -2.95 -3.99 12.98
CA GLN A 68 -3.54 -2.75 12.51
C GLN A 68 -2.52 -1.96 11.72
N ASN A 69 -1.39 -1.67 12.35
CA ASN A 69 -0.35 -0.91 11.67
C ASN A 69 -0.07 -1.52 10.30
N ILE A 70 -0.08 -2.85 10.24
CA ILE A 70 0.17 -3.52 8.97
C ILE A 70 -1.06 -3.44 8.06
N ILE A 71 -2.24 -3.60 8.63
CA ILE A 71 -3.47 -3.54 7.85
C ILE A 71 -3.45 -2.33 6.92
N LEU A 72 -3.09 -1.18 7.46
CA LEU A 72 -3.05 0.04 6.66
C LEU A 72 -2.16 -0.14 5.43
N TYR A 73 -1.45 -1.26 5.39
CA TYR A 73 -0.58 -1.56 4.28
C TYR A 73 0.40 -0.42 4.02
N HIS A 74 0.82 0.25 5.09
CA HIS A 74 1.77 1.35 4.95
C HIS A 74 1.15 2.52 4.22
N LEU A 75 -0.09 2.88 4.59
CA LEU A 75 -0.78 4.00 3.97
C LEU A 75 -0.01 5.28 4.27
N THR A 76 0.12 6.13 3.27
CA THR A 76 0.83 7.40 3.45
C THR A 76 -0.02 8.56 2.92
N PRO A 77 0.01 9.71 3.57
CA PRO A 77 -0.75 10.90 3.10
C PRO A 77 -0.02 11.61 1.95
N GLY A 78 -0.78 12.21 1.05
CA GLY A 78 -0.21 12.93 -0.08
C GLY A 78 0.23 11.96 -1.18
N VAL A 79 -0.50 12.00 -2.30
CA VAL A 79 -0.18 11.14 -3.43
C VAL A 79 1.27 11.27 -3.85
N PHE A 80 1.91 10.13 -4.12
CA PHE A 80 3.31 10.13 -4.54
C PHE A 80 3.43 10.54 -6.00
N ILE A 81 4.55 11.17 -6.33
CA ILE A 81 4.80 11.60 -7.70
C ILE A 81 6.14 11.07 -8.21
N GLY A 82 6.09 10.19 -9.20
CA GLY A 82 7.31 9.62 -9.76
C GLY A 82 8.08 10.65 -10.59
N LYS A 83 7.65 11.91 -10.51
CA LYS A 83 8.30 12.96 -11.25
C LYS A 83 8.43 14.23 -10.39
N GLY A 84 8.15 14.07 -9.09
CA GLY A 84 8.23 15.19 -8.17
C GLY A 84 9.51 15.12 -7.33
N PHE A 85 10.02 13.91 -7.15
CA PHE A 85 11.23 13.70 -6.37
C PHE A 85 12.45 13.62 -7.28
N GLU A 86 13.64 13.61 -6.69
CA GLU A 86 14.86 13.54 -7.49
C GLU A 86 15.26 12.08 -7.74
N PRO A 87 15.45 11.68 -8.98
CA PRO A 87 15.82 10.27 -9.32
C PRO A 87 17.26 9.96 -8.95
N GLY A 88 17.44 8.89 -8.17
CA GLY A 88 18.76 8.47 -7.75
C GLY A 88 18.95 8.67 -6.26
N VAL A 89 18.13 9.54 -5.67
CA VAL A 89 18.23 9.80 -4.23
C VAL A 89 17.19 8.99 -3.45
N THR A 90 17.51 8.70 -2.20
CA THR A 90 16.59 7.94 -1.35
C THR A 90 15.77 8.89 -0.48
N ASN A 91 14.48 8.63 -0.38
CA ASN A 91 13.58 9.46 0.42
C ASN A 91 13.07 8.66 1.63
N ILE A 92 13.44 9.10 2.82
CA ILE A 92 13.00 8.43 4.05
C ILE A 92 11.92 9.25 4.72
N LEU A 93 10.71 8.71 4.73
CA LEU A 93 9.59 9.43 5.34
C LEU A 93 8.71 8.50 6.15
N LYS A 94 7.93 9.08 7.04
CA LYS A 94 7.02 8.32 7.88
C LYS A 94 5.64 8.20 7.23
N THR A 95 5.04 7.03 7.35
CA THR A 95 3.72 6.79 6.78
C THR A 95 2.64 6.99 7.85
N THR A 96 1.38 6.75 7.47
CA THR A 96 0.29 6.91 8.43
C THR A 96 0.32 5.81 9.48
N GLN A 97 0.70 4.60 9.07
CA GLN A 97 0.75 3.48 10.01
C GLN A 97 1.73 3.77 11.14
N GLY A 98 2.66 4.69 10.90
CA GLY A 98 3.66 5.04 11.92
C GLY A 98 4.97 4.31 11.66
N SER A 99 5.25 4.04 10.39
CA SER A 99 6.48 3.35 10.01
C SER A 99 7.22 4.11 8.91
N LYS A 100 8.55 4.08 8.95
CA LYS A 100 9.34 4.77 7.94
C LYS A 100 9.56 3.90 6.72
N ILE A 101 9.51 4.53 5.55
CA ILE A 101 9.71 3.81 4.31
C ILE A 101 10.66 4.58 3.40
N PHE A 102 11.48 3.83 2.67
CA PHE A 102 12.47 4.42 1.77
C PHE A 102 11.95 4.40 0.34
N LEU A 103 11.77 5.60 -0.22
CA LEU A 103 11.27 5.73 -1.58
C LEU A 103 12.38 6.23 -2.50
N LYS A 104 12.66 5.47 -3.55
CA LYS A 104 13.70 5.85 -4.49
C LYS A 104 13.29 5.46 -5.90
N GLU A 105 13.39 6.40 -6.83
CA GLU A 105 13.03 6.13 -8.21
C GLU A 105 14.25 6.27 -9.12
N VAL A 106 14.43 5.31 -10.02
CA VAL A 106 15.55 5.33 -10.94
C VAL A 106 15.12 4.99 -12.36
N ASN A 107 15.76 5.61 -13.34
CA ASN A 107 15.43 5.37 -14.73
C ASN A 107 13.93 5.39 -14.94
N ASP A 108 13.25 6.27 -14.20
CA ASP A 108 11.81 6.38 -14.30
C ASP A 108 11.14 5.10 -13.79
N THR A 109 11.68 4.55 -12.70
CA THR A 109 11.11 3.33 -12.12
C THR A 109 10.98 3.47 -10.62
N LEU A 110 9.77 3.30 -10.12
CA LEU A 110 9.52 3.42 -8.69
C LEU A 110 10.17 2.25 -7.95
N LEU A 111 11.28 2.54 -7.27
CA LEU A 111 11.98 1.52 -6.49
C LEU A 111 11.86 1.82 -5.00
N VAL A 112 11.10 0.97 -4.32
CA VAL A 112 10.91 1.14 -2.88
C VAL A 112 11.78 0.12 -2.15
N ASN A 113 12.71 0.62 -1.34
CA ASN A 113 13.60 -0.26 -0.58
C ASN A 113 14.25 -1.29 -1.53
N GLU A 114 14.88 -0.78 -2.58
CA GLU A 114 15.56 -1.65 -3.55
C GLU A 114 14.57 -2.62 -4.22
N LEU A 115 13.27 -2.41 -4.00
CA LEU A 115 12.27 -3.26 -4.57
C LEU A 115 11.54 -2.55 -5.71
N LYS A 116 11.64 -3.13 -6.89
CA LYS A 116 11.00 -2.54 -8.05
C LYS A 116 9.50 -2.77 -7.98
N SER A 117 8.75 -1.69 -8.09
CA SER A 117 7.29 -1.77 -8.01
C SER A 117 6.70 -2.25 -9.33
N LYS A 118 5.64 -3.04 -9.25
CA LYS A 118 4.99 -3.55 -10.45
C LYS A 118 4.20 -2.43 -11.12
N GLU A 119 3.40 -1.72 -10.34
CA GLU A 119 2.63 -0.61 -10.88
C GLU A 119 2.55 0.50 -9.87
N SER A 120 2.59 1.74 -10.35
CA SER A 120 2.52 2.89 -9.47
C SER A 120 2.11 4.13 -10.26
N ASP A 121 1.46 5.06 -9.57
CA ASP A 121 1.01 6.30 -10.21
C ASP A 121 -0.19 6.03 -11.08
N ILE A 122 -0.81 4.89 -10.89
CA ILE A 122 -1.98 4.51 -11.66
C ILE A 122 -2.92 5.72 -11.81
N MET A 123 -2.83 6.65 -10.87
CA MET A 123 -3.66 7.85 -10.89
C MET A 123 -5.13 7.49 -10.73
N THR A 124 -5.65 7.69 -9.53
CA THR A 124 -7.04 7.39 -9.26
C THR A 124 -7.85 8.68 -9.21
N THR A 125 -9.15 8.55 -8.97
CA THR A 125 -10.01 9.71 -8.90
C THR A 125 -10.00 10.33 -7.51
N ASN A 126 -9.52 9.55 -6.53
CA ASN A 126 -9.47 10.02 -5.16
C ASN A 126 -8.11 9.71 -4.53
N GLY A 127 -7.04 9.84 -5.32
CA GLY A 127 -5.70 9.58 -4.80
C GLY A 127 -4.86 8.80 -5.80
N VAL A 128 -3.87 8.09 -5.28
CA VAL A 128 -2.98 7.30 -6.13
C VAL A 128 -2.82 5.89 -5.58
N ILE A 129 -2.25 5.01 -6.40
CA ILE A 129 -2.05 3.63 -5.98
C ILE A 129 -0.60 3.19 -6.24
N HIS A 130 -0.13 2.26 -5.42
CA HIS A 130 1.21 1.72 -5.56
C HIS A 130 1.16 0.21 -5.40
N VAL A 131 1.38 -0.49 -6.50
CA VAL A 131 1.38 -1.95 -6.50
C VAL A 131 2.80 -2.47 -6.40
N VAL A 132 3.07 -3.22 -5.34
CA VAL A 132 4.40 -3.79 -5.12
C VAL A 132 4.35 -5.31 -5.15
N ASP A 133 5.52 -5.93 -5.14
CA ASP A 133 5.61 -7.38 -5.16
C ASP A 133 6.42 -7.91 -3.99
N LYS A 134 6.19 -7.34 -2.81
CA LYS A 134 6.88 -7.80 -1.60
C LYS A 134 6.29 -7.13 -0.37
N LEU A 135 6.43 -7.78 0.78
CA LEU A 135 5.90 -7.23 2.02
C LEU A 135 6.89 -6.26 2.65
N LEU A 136 6.45 -5.04 2.90
CA LEU A 136 7.32 -4.02 3.48
C LEU A 136 7.55 -4.22 4.97
N TYR A 137 6.49 -4.52 5.67
CA TYR A 137 6.58 -4.72 7.11
C TYR A 137 7.64 -5.77 7.45
N PRO A 138 8.21 -5.72 8.64
CA PRO A 138 9.25 -6.69 9.06
C PRO A 138 8.67 -8.07 9.36
N ALA A 139 9.42 -8.87 10.13
CA ALA A 139 8.96 -10.21 10.49
C ALA A 139 9.25 -10.49 11.95
N ASP A 140 10.53 -10.38 12.32
CA ASP A 140 10.94 -10.62 13.69
C ASP A 140 10.00 -9.92 14.67
N GLY A 1 -19.32 10.96 -19.05
CA GLY A 1 -18.94 12.36 -19.14
C GLY A 1 -17.50 12.57 -18.69
N ALA A 2 -16.91 11.54 -18.11
CA ALA A 2 -15.54 11.62 -17.64
C ALA A 2 -15.17 10.36 -16.85
N MET A 3 -13.88 10.06 -16.79
CA MET A 3 -13.41 8.88 -16.07
C MET A 3 -13.24 9.20 -14.58
N GLU A 4 -13.30 8.16 -13.75
CA GLU A 4 -13.17 8.32 -12.32
C GLU A 4 -12.31 7.22 -11.73
N LYS A 5 -12.97 6.23 -11.17
CA LYS A 5 -12.30 5.09 -10.55
C LYS A 5 -11.69 5.48 -9.21
N SER A 6 -12.34 5.08 -8.12
CA SER A 6 -11.85 5.40 -6.78
C SER A 6 -11.02 4.25 -6.23
N LEU A 7 -10.35 4.48 -5.11
CA LEU A 7 -9.51 3.47 -4.51
C LEU A 7 -10.30 2.16 -4.31
N HIS A 8 -11.32 2.23 -3.44
CA HIS A 8 -12.13 1.05 -3.18
C HIS A 8 -12.63 0.44 -4.49
N GLU A 9 -13.19 1.28 -5.36
CA GLU A 9 -13.70 0.82 -6.64
C GLU A 9 -12.68 -0.11 -7.31
N LYS A 10 -11.43 0.32 -7.33
CA LYS A 10 -10.37 -0.48 -7.94
C LYS A 10 -10.22 -1.81 -7.21
N LEU A 11 -10.10 -1.76 -5.89
CA LEU A 11 -9.94 -2.98 -5.10
C LEU A 11 -11.19 -3.85 -5.20
N LYS A 12 -12.33 -3.22 -5.49
CA LYS A 12 -13.58 -3.97 -5.62
C LYS A 12 -13.68 -4.62 -6.99
N GLN A 13 -13.09 -3.98 -7.99
CA GLN A 13 -13.12 -4.51 -9.35
C GLN A 13 -12.03 -5.56 -9.55
N ASP A 14 -10.91 -5.36 -8.87
CA ASP A 14 -9.79 -6.30 -8.99
C ASP A 14 -9.94 -7.44 -7.99
N LYS A 15 -9.82 -8.67 -8.47
CA LYS A 15 -9.94 -9.83 -7.60
C LYS A 15 -8.62 -10.11 -6.88
N ARG A 16 -7.52 -9.69 -7.50
CA ARG A 16 -6.19 -9.90 -6.91
C ARG A 16 -6.12 -9.24 -5.54
N PHE A 17 -6.85 -8.16 -5.36
CA PHE A 17 -6.86 -7.44 -4.09
C PHE A 17 -8.10 -7.79 -3.27
N SER A 18 -8.77 -8.87 -3.65
CA SER A 18 -9.96 -9.29 -2.93
C SER A 18 -9.63 -9.50 -1.45
N THR A 19 -8.43 -10.03 -1.20
CA THR A 19 -8.02 -10.26 0.18
C THR A 19 -8.07 -8.97 0.98
N PHE A 20 -7.58 -7.89 0.37
CA PHE A 20 -7.59 -6.60 1.04
C PHE A 20 -8.99 -6.22 1.48
N LEU A 21 -9.93 -6.38 0.58
CA LEU A 21 -11.29 -6.06 0.90
C LEU A 21 -11.75 -6.85 2.12
N SER A 22 -11.31 -8.10 2.19
CA SER A 22 -11.71 -8.95 3.29
C SER A 22 -11.10 -8.54 4.63
N LEU A 23 -9.78 -8.50 4.67
CA LEU A 23 -9.08 -8.16 5.90
C LEU A 23 -9.34 -6.73 6.32
N LEU A 24 -9.26 -5.80 5.37
CA LEU A 24 -9.47 -4.41 5.71
C LEU A 24 -10.87 -4.20 6.26
N GLU A 25 -11.87 -4.84 5.66
CA GLU A 25 -13.22 -4.68 6.14
C GLU A 25 -13.37 -5.25 7.55
N ALA A 26 -12.66 -6.34 7.83
CA ALA A 26 -12.72 -6.94 9.14
C ALA A 26 -12.05 -6.05 10.18
N ALA A 27 -10.97 -5.40 9.78
CA ALA A 27 -10.24 -4.51 10.68
C ALA A 27 -10.97 -3.19 10.84
N ASP A 28 -12.05 -3.03 10.09
CA ASP A 28 -12.85 -1.79 10.15
C ASP A 28 -12.17 -0.67 9.35
N LEU A 29 -11.42 -1.04 8.32
CA LEU A 29 -10.72 -0.07 7.48
C LEU A 29 -11.60 0.36 6.34
N LYS A 30 -12.90 0.19 6.53
CA LYS A 30 -13.86 0.57 5.54
C LYS A 30 -14.64 1.80 5.97
N GLU A 31 -14.30 2.32 7.15
CA GLU A 31 -14.98 3.52 7.64
C GLU A 31 -14.31 4.79 7.13
N LEU A 32 -13.02 4.69 6.87
CA LEU A 32 -12.23 5.83 6.38
C LEU A 32 -12.25 5.91 4.85
N LEU A 33 -12.26 4.74 4.20
CA LEU A 33 -12.23 4.68 2.74
C LEU A 33 -13.48 5.30 2.15
N THR A 34 -14.46 5.53 3.00
CA THR A 34 -15.73 6.08 2.55
C THR A 34 -15.67 7.61 2.54
N GLN A 35 -14.53 8.15 2.94
CA GLN A 35 -14.35 9.58 2.94
C GLN A 35 -13.35 9.99 1.85
N PRO A 36 -13.74 9.93 0.59
CA PRO A 36 -12.85 10.29 -0.54
C PRO A 36 -11.86 11.40 -0.21
N GLY A 37 -10.63 11.24 -0.68
CA GLY A 37 -9.58 12.22 -0.43
C GLY A 37 -8.35 11.94 -1.28
N ASP A 38 -7.17 12.18 -0.73
CA ASP A 38 -5.93 11.92 -1.45
C ASP A 38 -4.92 11.25 -0.54
N TRP A 39 -4.62 9.99 -0.81
CA TRP A 39 -3.65 9.26 0.00
C TRP A 39 -2.97 8.17 -0.83
N THR A 40 -1.91 7.59 -0.29
CA THR A 40 -1.19 6.54 -1.00
C THR A 40 -1.54 5.18 -0.44
N LEU A 41 -1.95 4.29 -1.32
CA LEU A 41 -2.32 2.93 -0.89
C LEU A 41 -1.31 1.90 -1.38
N PHE A 42 -0.71 1.20 -0.42
CA PHE A 42 0.25 0.15 -0.73
C PHE A 42 -0.39 -1.22 -0.56
N VAL A 43 -0.54 -1.93 -1.68
CA VAL A 43 -1.17 -3.25 -1.66
C VAL A 43 -0.26 -4.30 -2.31
N PRO A 44 0.19 -5.31 -1.59
CA PRO A 44 1.05 -6.38 -2.16
C PRO A 44 0.25 -7.46 -2.88
N THR A 45 0.82 -8.03 -3.93
CA THR A 45 0.14 -9.08 -4.69
C THR A 45 0.43 -10.45 -4.09
N ASN A 46 -0.19 -11.48 -4.65
CA ASN A 46 0.02 -12.84 -4.17
C ASN A 46 1.51 -13.14 -4.06
N ASP A 47 2.28 -12.69 -5.05
CA ASP A 47 3.72 -12.93 -5.06
C ASP A 47 4.34 -12.59 -3.71
N ALA A 48 3.58 -11.87 -2.90
CA ALA A 48 4.03 -11.47 -1.57
C ALA A 48 3.59 -12.46 -0.50
N PHE A 49 2.48 -13.15 -0.77
CA PHE A 49 1.92 -14.11 0.18
C PHE A 49 2.80 -15.34 0.24
N LYS A 50 3.35 -15.70 -0.90
CA LYS A 50 4.23 -16.86 -0.97
C LYS A 50 5.47 -16.65 -0.12
N GLY A 51 5.57 -17.43 0.96
CA GLY A 51 6.71 -17.33 1.86
C GLY A 51 6.26 -17.08 3.29
N MET A 52 5.19 -16.31 3.44
CA MET A 52 4.66 -16.01 4.76
C MET A 52 4.53 -17.27 5.59
N THR A 53 5.30 -17.34 6.67
CA THR A 53 5.26 -18.50 7.55
C THR A 53 4.03 -18.45 8.45
N SER A 54 3.61 -19.63 8.90
CA SER A 54 2.44 -19.74 9.76
C SER A 54 2.61 -18.85 10.99
N GLU A 55 3.85 -18.78 11.48
CA GLU A 55 4.15 -17.97 12.66
C GLU A 55 4.01 -16.48 12.35
N GLU A 56 4.37 -16.10 11.13
CA GLU A 56 4.29 -14.71 10.72
C GLU A 56 2.85 -14.20 10.83
N LYS A 57 1.93 -14.88 10.14
CA LYS A 57 0.54 -14.48 10.17
C LYS A 57 0.00 -14.53 11.60
N GLU A 58 0.48 -15.50 12.37
CA GLU A 58 0.06 -15.64 13.76
C GLU A 58 0.56 -14.48 14.60
N ILE A 59 1.84 -14.16 14.47
CA ILE A 59 2.40 -13.07 15.23
C ILE A 59 1.60 -11.80 15.00
N LEU A 60 1.02 -11.69 13.81
CA LEU A 60 0.23 -10.50 13.48
C LEU A 60 -1.09 -10.49 14.24
N ILE A 61 -1.93 -11.50 13.98
CA ILE A 61 -3.23 -11.61 14.64
C ILE A 61 -3.04 -11.80 16.14
N ARG A 62 -1.81 -12.09 16.56
CA ARG A 62 -1.52 -12.30 17.98
C ARG A 62 -1.86 -11.05 18.78
N ASP A 63 -1.87 -9.91 18.11
CA ASP A 63 -2.20 -8.65 18.77
C ASP A 63 -3.02 -7.77 17.84
N LYS A 64 -4.10 -7.21 18.38
CA LYS A 64 -4.95 -6.36 17.57
C LYS A 64 -4.15 -5.18 17.04
N ASN A 65 -3.34 -4.58 17.90
CA ASN A 65 -2.56 -3.42 17.52
C ASN A 65 -1.48 -3.79 16.50
N ALA A 66 -1.03 -5.03 16.56
CA ALA A 66 0.02 -5.49 15.66
C ALA A 66 -0.49 -5.57 14.22
N LEU A 67 -1.48 -6.41 13.99
CA LEU A 67 -2.01 -6.54 12.66
C LEU A 67 -2.54 -5.18 12.20
N GLN A 68 -3.05 -4.40 13.14
CA GLN A 68 -3.62 -3.11 12.79
C GLN A 68 -2.56 -2.21 12.15
N ASN A 69 -1.43 -2.12 12.82
CA ASN A 69 -0.34 -1.30 12.32
C ASN A 69 0.04 -1.75 10.92
N ILE A 70 0.04 -3.06 10.71
CA ILE A 70 0.39 -3.59 9.39
C ILE A 70 -0.79 -3.50 8.44
N ILE A 71 -2.00 -3.60 8.97
CA ILE A 71 -3.19 -3.51 8.14
C ILE A 71 -3.12 -2.27 7.28
N LEU A 72 -2.79 -1.13 7.90
CA LEU A 72 -2.72 0.10 7.14
C LEU A 72 -1.72 -0.01 6.00
N TYR A 73 -0.97 -1.09 5.98
CA TYR A 73 0.05 -1.30 4.96
C TYR A 73 0.80 -0.01 4.67
N HIS A 74 1.16 0.72 5.73
CA HIS A 74 1.90 1.97 5.59
C HIS A 74 1.08 2.99 4.80
N LEU A 75 -0.17 3.19 5.22
CA LEU A 75 -1.01 4.15 4.53
C LEU A 75 -0.44 5.55 4.73
N THR A 76 -0.16 6.24 3.63
CA THR A 76 0.37 7.60 3.73
C THR A 76 -0.67 8.63 3.30
N PRO A 77 -0.55 9.88 3.71
CA PRO A 77 -1.49 10.97 3.30
C PRO A 77 -0.99 11.72 2.07
N GLY A 78 -1.93 12.26 1.30
CA GLY A 78 -1.59 12.99 0.10
C GLY A 78 -0.89 12.08 -0.91
N VAL A 79 -1.38 12.12 -2.14
CA VAL A 79 -0.80 11.30 -3.20
C VAL A 79 0.72 11.41 -3.19
N PHE A 80 1.38 10.28 -3.42
CA PHE A 80 2.84 10.24 -3.43
C PHE A 80 3.38 10.57 -4.81
N ILE A 81 4.40 11.43 -4.85
CA ILE A 81 5.01 11.83 -6.11
C ILE A 81 6.52 11.59 -6.06
N GLY A 82 7.12 11.45 -7.23
CA GLY A 82 8.56 11.23 -7.30
C GLY A 82 9.33 12.38 -6.67
N LYS A 83 8.59 13.30 -6.03
CA LYS A 83 9.22 14.45 -5.39
C LYS A 83 10.14 15.16 -6.35
N GLY A 84 9.84 15.02 -7.63
CA GLY A 84 10.65 15.65 -8.66
C GLY A 84 12.14 15.40 -8.41
N PHE A 85 12.45 14.34 -7.69
CA PHE A 85 13.83 13.99 -7.37
C PHE A 85 14.48 13.28 -8.55
N GLU A 86 15.78 13.02 -8.44
CA GLU A 86 16.50 12.34 -9.51
C GLU A 86 16.40 10.82 -9.34
N PRO A 87 16.37 10.09 -10.43
CA PRO A 87 16.30 8.61 -10.40
C PRO A 87 17.61 8.00 -9.87
N GLY A 88 17.50 7.25 -8.77
CA GLY A 88 18.68 6.61 -8.19
C GLY A 88 18.79 6.95 -6.70
N VAL A 89 18.24 8.09 -6.30
CA VAL A 89 18.30 8.49 -4.91
C VAL A 89 17.11 7.96 -4.13
N THR A 90 17.30 7.65 -2.85
CA THR A 90 16.23 7.13 -2.02
C THR A 90 15.55 8.29 -1.27
N ASN A 91 14.24 8.17 -1.09
CA ASN A 91 13.47 9.20 -0.39
C ASN A 91 12.71 8.60 0.80
N ILE A 92 12.80 9.27 1.94
CA ILE A 92 12.13 8.80 3.15
C ILE A 92 10.76 9.47 3.28
N LEU A 93 9.73 8.65 3.46
CA LEU A 93 8.37 9.17 3.58
C LEU A 93 7.69 8.59 4.81
N LYS A 94 6.98 9.44 5.54
CA LYS A 94 6.27 9.02 6.73
C LYS A 94 4.83 8.68 6.41
N THR A 95 4.35 7.56 6.95
CA THR A 95 2.98 7.13 6.70
C THR A 95 2.16 7.17 8.00
N THR A 96 0.85 7.03 7.86
CA THR A 96 -0.03 7.05 9.02
C THR A 96 0.26 5.88 9.96
N GLN A 97 0.75 4.78 9.40
CA GLN A 97 1.04 3.60 10.19
C GLN A 97 1.95 3.96 11.37
N GLY A 98 2.73 5.02 11.20
CA GLY A 98 3.63 5.46 12.26
C GLY A 98 5.06 5.01 11.97
N SER A 99 5.40 4.90 10.70
CA SER A 99 6.74 4.48 10.30
C SER A 99 7.14 5.16 9.00
N LYS A 100 8.41 5.01 8.65
CA LYS A 100 8.94 5.62 7.44
C LYS A 100 9.16 4.56 6.36
N ILE A 101 8.90 4.94 5.11
CA ILE A 101 9.07 4.02 3.99
C ILE A 101 10.10 4.58 3.02
N PHE A 102 10.96 3.70 2.50
CA PHE A 102 12.01 4.11 1.57
C PHE A 102 11.53 4.01 0.13
N LEU A 103 11.56 5.13 -0.57
CA LEU A 103 11.13 5.16 -1.97
C LEU A 103 12.30 5.47 -2.88
N LYS A 104 12.22 4.95 -4.10
CA LYS A 104 13.28 5.16 -5.08
C LYS A 104 12.79 4.83 -6.49
N GLU A 105 13.19 5.65 -7.44
CA GLU A 105 12.79 5.45 -8.83
C GLU A 105 14.01 5.37 -9.75
N VAL A 106 13.95 4.46 -10.72
CA VAL A 106 15.06 4.29 -11.66
C VAL A 106 14.53 3.84 -13.01
N ASN A 107 15.18 4.31 -14.08
CA ASN A 107 14.78 3.94 -15.43
C ASN A 107 13.26 4.00 -15.58
N ASP A 108 12.65 5.00 -14.95
CA ASP A 108 11.20 5.17 -15.02
C ASP A 108 10.50 4.00 -14.34
N THR A 109 11.13 3.45 -13.31
CA THR A 109 10.56 2.32 -12.58
C THR A 109 10.44 2.64 -11.10
N LEU A 110 9.23 2.49 -10.57
CA LEU A 110 9.01 2.77 -9.16
C LEU A 110 9.64 1.68 -8.31
N LEU A 111 10.70 2.02 -7.59
CA LEU A 111 11.39 1.06 -6.74
C LEU A 111 11.25 1.44 -5.27
N VAL A 112 10.61 0.58 -4.50
CA VAL A 112 10.41 0.85 -3.07
C VAL A 112 11.05 -0.24 -2.21
N ASN A 113 11.54 0.12 -1.03
CA ASN A 113 12.14 -0.87 -0.15
C ASN A 113 13.03 -1.84 -0.94
N GLU A 114 13.78 -1.30 -1.90
CA GLU A 114 14.66 -2.12 -2.72
C GLU A 114 13.89 -3.25 -3.41
N LEU A 115 12.78 -2.90 -4.04
CA LEU A 115 11.96 -3.89 -4.74
C LEU A 115 11.19 -3.25 -5.87
N LYS A 116 11.08 -3.93 -7.00
CA LYS A 116 10.38 -3.38 -8.15
C LYS A 116 8.88 -3.55 -7.97
N SER A 117 8.12 -2.48 -8.19
CA SER A 117 6.66 -2.54 -8.05
C SER A 117 6.02 -3.21 -9.26
N LYS A 118 4.78 -3.67 -9.09
CA LYS A 118 4.06 -4.33 -10.17
C LYS A 118 3.18 -3.34 -10.91
N GLU A 119 2.44 -2.52 -10.16
CA GLU A 119 1.57 -1.54 -10.78
C GLU A 119 1.28 -0.39 -9.81
N SER A 120 1.91 0.75 -10.04
CA SER A 120 1.70 1.90 -9.18
C SER A 120 1.62 3.18 -10.01
N ASP A 121 1.35 4.29 -9.33
CA ASP A 121 1.26 5.59 -10.00
C ASP A 121 -0.13 5.81 -10.58
N ILE A 122 -0.97 4.80 -10.44
CA ILE A 122 -2.33 4.86 -10.94
C ILE A 122 -3.09 5.98 -10.25
N MET A 123 -3.54 6.93 -11.03
CA MET A 123 -4.27 8.07 -10.52
C MET A 123 -5.75 7.73 -10.32
N THR A 124 -6.21 7.87 -9.09
CA THR A 124 -7.60 7.58 -8.77
C THR A 124 -8.32 8.84 -8.29
N THR A 125 -9.60 8.69 -7.96
CA THR A 125 -10.39 9.82 -7.49
C THR A 125 -10.20 10.01 -5.99
N ASN A 126 -9.53 9.05 -5.36
CA ASN A 126 -9.29 9.10 -3.91
C ASN A 126 -7.80 9.25 -3.62
N GLY A 127 -7.00 9.33 -4.68
CA GLY A 127 -5.56 9.48 -4.53
C GLY A 127 -4.81 8.63 -5.55
N VAL A 128 -3.69 8.06 -5.13
CA VAL A 128 -2.88 7.22 -6.02
C VAL A 128 -2.79 5.81 -5.47
N ILE A 129 -2.62 4.85 -6.37
CA ILE A 129 -2.53 3.46 -5.99
C ILE A 129 -1.11 2.94 -6.17
N HIS A 130 -0.71 2.04 -5.26
CA HIS A 130 0.62 1.45 -5.35
C HIS A 130 0.54 -0.05 -5.11
N VAL A 131 0.82 -0.82 -6.16
CA VAL A 131 0.79 -2.28 -6.07
C VAL A 131 2.19 -2.84 -6.12
N VAL A 132 2.56 -3.53 -5.05
CA VAL A 132 3.89 -4.15 -4.94
C VAL A 132 3.79 -5.67 -4.91
N ASP A 133 4.95 -6.33 -4.86
CA ASP A 133 5.00 -7.79 -4.83
C ASP A 133 5.74 -8.27 -3.60
N LYS A 134 5.61 -7.55 -2.50
CA LYS A 134 6.28 -7.92 -1.26
C LYS A 134 5.71 -7.12 -0.09
N LEU A 135 5.73 -7.73 1.10
CA LEU A 135 5.21 -7.05 2.29
C LEU A 135 6.27 -6.14 2.90
N LEU A 136 5.96 -4.85 2.97
CA LEU A 136 6.88 -3.88 3.54
C LEU A 136 6.68 -3.80 5.04
N TYR A 137 7.74 -4.07 5.80
CA TYR A 137 7.65 -4.02 7.26
C TYR A 137 8.18 -2.68 7.77
N PRO A 138 7.76 -2.27 8.96
CA PRO A 138 8.21 -0.98 9.56
C PRO A 138 9.69 -0.70 9.32
N ALA A 139 10.51 -1.73 9.46
CA ALA A 139 11.95 -1.59 9.26
C ALA A 139 12.56 -2.91 8.78
N ASP A 140 12.77 -3.82 9.71
CA ASP A 140 13.35 -5.12 9.39
C ASP A 140 13.09 -6.12 10.51
N GLY A 1 -17.05 11.20 -7.11
CA GLY A 1 -17.80 11.72 -8.24
C GLY A 1 -18.92 10.77 -8.63
N ALA A 2 -18.76 10.12 -9.78
CA ALA A 2 -19.76 9.17 -10.27
C ALA A 2 -19.12 7.82 -10.57
N MET A 3 -18.52 7.70 -11.75
CA MET A 3 -17.87 6.46 -12.15
C MET A 3 -16.41 6.46 -11.75
N GLU A 4 -15.55 6.72 -12.73
CA GLU A 4 -14.11 6.75 -12.48
C GLU A 4 -13.66 5.48 -11.79
N LYS A 5 -12.42 5.46 -11.31
CA LYS A 5 -11.88 4.30 -10.63
C LYS A 5 -11.20 4.70 -9.33
N SER A 6 -11.95 4.66 -8.24
CA SER A 6 -11.42 5.02 -6.93
C SER A 6 -10.53 3.91 -6.38
N LEU A 7 -9.83 4.22 -5.31
CA LEU A 7 -8.93 3.24 -4.71
C LEU A 7 -9.67 1.93 -4.42
N HIS A 8 -10.65 2.00 -3.51
CA HIS A 8 -11.42 0.81 -3.15
C HIS A 8 -12.04 0.19 -4.40
N GLU A 9 -12.59 1.03 -5.26
CA GLU A 9 -13.21 0.55 -6.48
C GLU A 9 -12.29 -0.43 -7.19
N LYS A 10 -11.02 -0.04 -7.34
CA LYS A 10 -10.05 -0.89 -8.00
C LYS A 10 -9.86 -2.18 -7.21
N LEU A 11 -9.59 -2.04 -5.91
CA LEU A 11 -9.40 -3.22 -5.07
C LEU A 11 -10.65 -4.09 -5.07
N LYS A 12 -11.79 -3.50 -5.45
CA LYS A 12 -13.04 -4.24 -5.48
C LYS A 12 -13.15 -5.08 -6.74
N GLN A 13 -12.73 -4.51 -7.87
CA GLN A 13 -12.79 -5.22 -9.14
C GLN A 13 -11.53 -6.07 -9.35
N ASP A 14 -10.56 -5.91 -8.46
CA ASP A 14 -9.32 -6.68 -8.56
C ASP A 14 -9.38 -7.93 -7.68
N LYS A 15 -9.55 -9.08 -8.33
CA LYS A 15 -9.62 -10.34 -7.61
C LYS A 15 -8.31 -10.60 -6.86
N ARG A 16 -7.24 -9.98 -7.33
CA ARG A 16 -5.93 -10.16 -6.69
C ARG A 16 -5.89 -9.42 -5.36
N PHE A 17 -6.69 -8.37 -5.23
CA PHE A 17 -6.74 -7.58 -4.01
C PHE A 17 -8.08 -7.77 -3.30
N SER A 18 -8.90 -8.68 -3.82
CA SER A 18 -10.19 -8.95 -3.21
C SER A 18 -10.02 -9.30 -1.73
N THR A 19 -9.00 -10.11 -1.44
CA THR A 19 -8.75 -10.51 -0.06
C THR A 19 -8.61 -9.28 0.83
N PHE A 20 -7.84 -8.31 0.36
CA PHE A 20 -7.65 -7.08 1.12
C PHE A 20 -8.99 -6.44 1.42
N LEU A 21 -9.88 -6.46 0.46
CA LEU A 21 -11.18 -5.88 0.64
C LEU A 21 -11.88 -6.56 1.82
N SER A 22 -11.71 -7.87 1.94
CA SER A 22 -12.37 -8.61 3.03
C SER A 22 -11.80 -8.22 4.39
N LEU A 23 -10.50 -8.37 4.56
CA LEU A 23 -9.84 -8.08 5.83
C LEU A 23 -9.86 -6.59 6.16
N LEU A 24 -9.58 -5.76 5.16
CA LEU A 24 -9.55 -4.31 5.40
C LEU A 24 -10.94 -3.81 5.73
N GLU A 25 -11.94 -4.41 5.11
CA GLU A 25 -13.31 -4.02 5.37
C GLU A 25 -13.71 -4.44 6.79
N ALA A 26 -13.16 -5.55 7.26
CA ALA A 26 -13.46 -6.02 8.61
C ALA A 26 -12.92 -5.03 9.65
N ALA A 27 -11.76 -4.46 9.37
CA ALA A 27 -11.15 -3.49 10.30
C ALA A 27 -11.79 -2.11 10.14
N ASP A 28 -12.66 -1.97 9.14
CA ASP A 28 -13.33 -0.71 8.87
C ASP A 28 -12.37 0.29 8.21
N LEU A 29 -11.62 -0.17 7.20
CA LEU A 29 -10.67 0.68 6.50
C LEU A 29 -11.21 1.06 5.13
N LYS A 30 -12.52 0.95 5.00
CA LYS A 30 -13.20 1.29 3.75
C LYS A 30 -13.89 2.65 3.84
N GLU A 31 -14.31 3.02 5.04
CA GLU A 31 -15.00 4.30 5.25
C GLU A 31 -14.09 5.47 4.93
N LEU A 32 -13.02 5.62 5.69
CA LEU A 32 -12.08 6.70 5.46
C LEU A 32 -11.59 6.67 4.00
N LEU A 33 -11.66 5.50 3.39
CA LEU A 33 -11.20 5.31 2.02
C LEU A 33 -12.08 6.00 0.99
N THR A 34 -13.39 5.93 1.20
CA THR A 34 -14.33 6.54 0.26
C THR A 34 -14.27 8.06 0.40
N GLN A 35 -13.62 8.51 1.46
CA GLN A 35 -13.51 9.95 1.70
C GLN A 35 -12.61 10.61 0.66
N PRO A 36 -12.86 11.86 0.32
CA PRO A 36 -12.03 12.59 -0.69
C PRO A 36 -10.69 13.07 -0.11
N GLY A 37 -9.59 12.64 -0.71
CA GLY A 37 -8.27 13.04 -0.25
C GLY A 37 -7.19 12.34 -1.05
N ASP A 38 -6.01 12.98 -1.12
CA ASP A 38 -4.90 12.40 -1.87
C ASP A 38 -3.99 11.62 -0.93
N TRP A 39 -3.94 10.30 -1.12
CA TRP A 39 -3.11 9.44 -0.29
C TRP A 39 -2.40 8.40 -1.15
N THR A 40 -1.37 7.78 -0.59
CA THR A 40 -0.62 6.75 -1.29
C THR A 40 -0.74 5.44 -0.53
N LEU A 41 -1.36 4.46 -1.17
CA LEU A 41 -1.58 3.15 -0.55
C LEU A 41 -0.67 2.11 -1.19
N PHE A 42 -0.20 1.18 -0.36
CA PHE A 42 0.67 0.10 -0.84
C PHE A 42 -0.06 -1.23 -0.73
N VAL A 43 -0.13 -1.96 -1.85
CA VAL A 43 -0.81 -3.24 -1.86
C VAL A 43 0.07 -4.34 -2.48
N PRO A 44 0.54 -5.30 -1.71
CA PRO A 44 1.38 -6.41 -2.25
C PRO A 44 0.54 -7.49 -2.91
N THR A 45 1.12 -8.21 -3.87
CA THR A 45 0.39 -9.25 -4.56
C THR A 45 0.50 -10.59 -3.82
N ASN A 46 -0.20 -11.60 -4.33
CA ASN A 46 -0.15 -12.92 -3.69
C ASN A 46 1.28 -13.47 -3.68
N ASP A 47 2.00 -13.19 -4.77
CA ASP A 47 3.38 -13.66 -4.89
C ASP A 47 4.23 -13.12 -3.75
N ALA A 48 3.71 -12.09 -3.07
CA ALA A 48 4.42 -11.49 -1.94
C ALA A 48 4.04 -12.19 -0.65
N PHE A 49 2.90 -12.85 -0.64
CA PHE A 49 2.43 -13.55 0.55
C PHE A 49 3.20 -14.86 0.74
N LYS A 50 3.55 -15.49 -0.38
CA LYS A 50 4.29 -16.74 -0.33
C LYS A 50 5.35 -16.70 0.78
N GLY A 51 5.12 -17.46 1.84
CA GLY A 51 6.07 -17.50 2.94
C GLY A 51 5.34 -17.44 4.29
N MET A 52 4.40 -16.51 4.41
CA MET A 52 3.65 -16.36 5.64
C MET A 52 3.25 -17.72 6.20
N THR A 53 3.78 -18.05 7.39
CA THR A 53 3.49 -19.32 8.02
C THR A 53 2.27 -19.20 8.93
N SER A 54 1.57 -20.32 9.11
CA SER A 54 0.38 -20.33 9.96
C SER A 54 0.65 -19.60 11.27
N GLU A 55 1.86 -19.79 11.81
CA GLU A 55 2.23 -19.15 13.06
C GLU A 55 2.40 -17.65 12.88
N GLU A 56 3.08 -17.26 11.81
CA GLU A 56 3.31 -15.85 11.52
C GLU A 56 1.99 -15.08 11.51
N LYS A 57 1.09 -15.48 10.63
CA LYS A 57 -0.20 -14.80 10.53
C LYS A 57 -0.94 -14.85 11.87
N GLU A 58 -0.82 -15.97 12.57
CA GLU A 58 -1.49 -16.11 13.85
C GLU A 58 -0.98 -15.07 14.84
N ILE A 59 0.29 -14.70 14.72
CA ILE A 59 0.87 -13.71 15.62
C ILE A 59 0.42 -12.31 15.23
N LEU A 60 0.12 -12.11 13.95
CA LEU A 60 -0.32 -10.82 13.47
C LEU A 60 -1.78 -10.55 13.84
N ILE A 61 -2.61 -11.57 13.72
CA ILE A 61 -4.03 -11.43 14.03
C ILE A 61 -4.27 -11.50 15.53
N ARG A 62 -3.33 -12.11 16.25
CA ARG A 62 -3.46 -12.24 17.71
C ARG A 62 -3.46 -10.86 18.35
N ASP A 63 -2.62 -9.98 17.86
CA ASP A 63 -2.54 -8.63 18.41
C ASP A 63 -3.26 -7.66 17.49
N LYS A 64 -4.44 -7.21 17.92
CA LYS A 64 -5.21 -6.28 17.13
C LYS A 64 -4.32 -5.15 16.63
N ASN A 65 -3.42 -4.70 17.48
CA ASN A 65 -2.54 -3.60 17.11
C ASN A 65 -1.56 -4.04 16.02
N ALA A 66 -1.23 -5.33 16.01
CA ALA A 66 -0.28 -5.85 15.03
C ALA A 66 -0.87 -5.83 13.63
N LEU A 67 -1.95 -6.59 13.44
CA LEU A 67 -2.58 -6.61 12.13
C LEU A 67 -2.98 -5.20 11.72
N GLN A 68 -3.39 -4.39 12.70
CA GLN A 68 -3.83 -3.04 12.39
C GLN A 68 -2.71 -2.26 11.72
N ASN A 69 -1.55 -2.28 12.35
CA ASN A 69 -0.41 -1.58 11.79
C ASN A 69 -0.14 -2.08 10.38
N ILE A 70 -0.35 -3.38 10.17
CA ILE A 70 -0.12 -3.97 8.85
C ILE A 70 -1.30 -3.65 7.93
N ILE A 71 -2.50 -3.64 8.48
CA ILE A 71 -3.70 -3.35 7.69
C ILE A 71 -3.45 -2.10 6.85
N LEU A 72 -3.03 -1.03 7.51
CA LEU A 72 -2.79 0.22 6.78
C LEU A 72 -1.72 0.02 5.70
N TYR A 73 -1.07 -1.13 5.73
CA TYR A 73 -0.02 -1.43 4.76
C TYR A 73 0.82 -0.19 4.48
N HIS A 74 1.13 0.58 5.52
CA HIS A 74 1.93 1.78 5.36
C HIS A 74 1.18 2.84 4.57
N LEU A 75 -0.04 3.14 5.00
CA LEU A 75 -0.84 4.16 4.33
C LEU A 75 -0.17 5.53 4.53
N THR A 76 -0.03 6.28 3.44
CA THR A 76 0.58 7.59 3.51
C THR A 76 -0.34 8.66 2.89
N PRO A 77 -0.32 9.88 3.40
CA PRO A 77 -1.12 11.00 2.82
C PRO A 77 -0.36 11.74 1.72
N GLY A 78 -1.09 12.40 0.83
CA GLY A 78 -0.46 13.15 -0.24
C GLY A 78 0.10 12.23 -1.32
N VAL A 79 -0.45 12.33 -2.52
CA VAL A 79 -0.02 11.50 -3.64
C VAL A 79 1.44 11.80 -4.00
N PHE A 80 2.31 10.81 -3.84
CA PHE A 80 3.72 11.00 -4.16
C PHE A 80 4.04 10.51 -5.57
N ILE A 81 4.88 11.26 -6.28
CA ILE A 81 5.27 10.90 -7.63
C ILE A 81 6.78 10.72 -7.73
N GLY A 82 7.19 9.51 -8.11
CA GLY A 82 8.61 9.20 -8.24
C GLY A 82 9.29 10.16 -9.21
N LYS A 83 8.50 10.78 -10.08
CA LYS A 83 9.03 11.74 -11.04
C LYS A 83 9.05 13.14 -10.46
N GLY A 84 8.19 13.39 -9.49
CA GLY A 84 8.11 14.69 -8.86
C GLY A 84 9.37 14.98 -8.04
N PHE A 85 9.81 13.98 -7.30
CA PHE A 85 11.01 14.13 -6.47
C PHE A 85 12.26 13.76 -7.24
N GLU A 86 13.41 13.97 -6.63
CA GLU A 86 14.67 13.65 -7.28
C GLU A 86 14.80 12.13 -7.49
N PRO A 87 15.00 11.66 -8.71
CA PRO A 87 15.16 10.20 -8.99
C PRO A 87 16.57 9.71 -8.70
N GLY A 88 16.67 8.53 -8.10
CA GLY A 88 17.98 7.95 -7.78
C GLY A 88 18.23 7.98 -6.27
N VAL A 89 17.79 9.04 -5.62
CA VAL A 89 17.97 9.18 -4.19
C VAL A 89 16.79 8.60 -3.43
N THR A 90 17.03 8.17 -2.20
CA THR A 90 15.97 7.60 -1.39
C THR A 90 15.25 8.69 -0.59
N ASN A 91 13.95 8.51 -0.37
CA ASN A 91 13.18 9.50 0.38
C ASN A 91 12.45 8.84 1.55
N ILE A 92 12.76 9.28 2.76
CA ILE A 92 12.14 8.73 3.95
C ILE A 92 10.77 9.38 4.19
N LEU A 93 9.72 8.65 3.87
CA LEU A 93 8.36 9.18 4.03
C LEU A 93 7.70 8.57 5.26
N LYS A 94 7.18 9.43 6.13
CA LYS A 94 6.51 8.97 7.34
C LYS A 94 5.06 8.64 7.02
N THR A 95 4.74 7.35 7.01
CA THR A 95 3.39 6.92 6.71
C THR A 95 2.51 6.98 7.95
N THR A 96 1.21 6.92 7.75
CA THR A 96 0.26 6.97 8.85
C THR A 96 0.44 5.77 9.77
N GLN A 97 0.89 4.66 9.20
CA GLN A 97 1.09 3.44 9.98
C GLN A 97 2.00 3.73 11.18
N GLY A 98 2.75 4.82 11.12
CA GLY A 98 3.65 5.19 12.20
C GLY A 98 5.10 4.94 11.82
N SER A 99 5.29 4.11 10.80
CA SER A 99 6.64 3.80 10.34
C SER A 99 7.03 4.65 9.15
N LYS A 100 8.25 4.44 8.67
CA LYS A 100 8.76 5.21 7.55
C LYS A 100 9.00 4.30 6.35
N ILE A 101 8.95 4.89 5.15
CA ILE A 101 9.14 4.12 3.93
C ILE A 101 10.12 4.85 2.99
N PHE A 102 11.01 4.09 2.37
CA PHE A 102 12.01 4.66 1.47
C PHE A 102 11.55 4.58 0.02
N LEU A 103 11.47 5.75 -0.63
CA LEU A 103 11.05 5.80 -2.02
C LEU A 103 12.20 6.25 -2.92
N LYS A 104 12.29 5.60 -4.07
CA LYS A 104 13.34 5.91 -5.02
C LYS A 104 12.88 5.57 -6.44
N GLU A 105 13.08 6.50 -7.36
CA GLU A 105 12.70 6.29 -8.74
C GLU A 105 13.94 6.34 -9.65
N VAL A 106 14.10 5.33 -10.48
CA VAL A 106 15.23 5.26 -11.39
C VAL A 106 14.79 4.79 -12.77
N ASN A 107 15.38 5.36 -13.81
CA ASN A 107 15.04 4.98 -15.18
C ASN A 107 13.53 4.93 -15.37
N ASP A 108 12.83 5.88 -14.75
CA ASP A 108 11.38 5.93 -14.86
C ASP A 108 10.74 4.70 -14.24
N THR A 109 11.38 4.17 -13.19
CA THR A 109 10.86 2.99 -12.50
C THR A 109 10.68 3.28 -11.01
N LEU A 110 9.45 3.16 -10.53
CA LEU A 110 9.17 3.39 -9.13
C LEU A 110 9.78 2.27 -8.29
N LEU A 111 10.92 2.57 -7.68
CA LEU A 111 11.60 1.59 -6.85
C LEU A 111 11.45 1.96 -5.38
N VAL A 112 10.86 1.05 -4.63
CA VAL A 112 10.63 1.30 -3.20
C VAL A 112 11.30 0.23 -2.34
N ASN A 113 11.93 0.63 -1.24
CA ASN A 113 12.58 -0.33 -0.35
C ASN A 113 13.64 -1.14 -1.11
N GLU A 114 14.07 -0.62 -2.26
CA GLU A 114 15.07 -1.30 -3.07
C GLU A 114 14.45 -2.42 -3.90
N LEU A 115 13.15 -2.30 -4.17
CA LEU A 115 12.44 -3.31 -4.96
C LEU A 115 11.66 -2.65 -6.08
N LYS A 116 11.45 -3.36 -7.18
CA LYS A 116 10.71 -2.79 -8.30
C LYS A 116 9.21 -3.05 -8.13
N SER A 117 8.42 -1.98 -8.15
CA SER A 117 6.98 -2.13 -7.98
C SER A 117 6.38 -2.94 -9.13
N LYS A 118 5.20 -3.51 -8.90
CA LYS A 118 4.53 -4.31 -9.92
C LYS A 118 3.58 -3.44 -10.72
N GLU A 119 2.93 -2.50 -10.05
CA GLU A 119 1.98 -1.62 -10.72
C GLU A 119 1.64 -0.43 -9.84
N SER A 120 2.20 0.73 -10.15
CA SER A 120 1.96 1.93 -9.38
C SER A 120 1.86 3.15 -10.28
N ASP A 121 1.57 4.31 -9.68
CA ASP A 121 1.46 5.57 -10.43
C ASP A 121 0.05 5.74 -10.96
N ILE A 122 -0.77 4.71 -10.78
CA ILE A 122 -2.15 4.76 -11.24
C ILE A 122 -2.89 5.89 -10.54
N MET A 123 -3.29 6.89 -11.32
CA MET A 123 -3.98 8.05 -10.80
C MET A 123 -5.46 7.76 -10.62
N THR A 124 -5.92 7.83 -9.37
CA THR A 124 -7.33 7.57 -9.07
C THR A 124 -8.04 8.87 -8.76
N THR A 125 -9.30 8.74 -8.34
CA THR A 125 -10.10 9.92 -8.01
C THR A 125 -9.93 10.30 -6.54
N ASN A 126 -9.25 9.45 -5.78
CA ASN A 126 -9.05 9.71 -4.36
C ASN A 126 -7.58 9.50 -3.99
N GLY A 127 -6.70 9.58 -4.97
CA GLY A 127 -5.27 9.42 -4.73
C GLY A 127 -4.62 8.56 -5.80
N VAL A 128 -3.48 7.97 -5.45
CA VAL A 128 -2.75 7.11 -6.38
C VAL A 128 -2.67 5.69 -5.83
N ILE A 129 -2.35 4.76 -6.71
CA ILE A 129 -2.23 3.37 -6.31
C ILE A 129 -0.78 2.89 -6.44
N HIS A 130 -0.36 2.04 -5.49
CA HIS A 130 0.99 1.50 -5.52
C HIS A 130 0.95 0.01 -5.20
N VAL A 131 1.27 -0.80 -6.22
CA VAL A 131 1.28 -2.25 -6.04
C VAL A 131 2.71 -2.78 -6.05
N VAL A 132 3.05 -3.54 -5.01
CA VAL A 132 4.39 -4.11 -4.90
C VAL A 132 4.34 -5.64 -4.91
N ASP A 133 5.51 -6.27 -4.88
CA ASP A 133 5.60 -7.73 -4.88
C ASP A 133 6.43 -8.21 -3.70
N LYS A 134 6.30 -7.53 -2.58
CA LYS A 134 7.04 -7.90 -1.38
C LYS A 134 6.47 -7.19 -0.17
N LEU A 135 6.46 -7.89 0.96
CA LEU A 135 5.94 -7.32 2.19
C LEU A 135 6.96 -6.34 2.76
N LEU A 136 6.63 -5.05 2.72
CA LEU A 136 7.53 -4.03 3.25
C LEU A 136 7.94 -4.37 4.68
N TYR A 137 9.10 -5.00 4.82
CA TYR A 137 9.57 -5.38 6.15
C TYR A 137 10.06 -4.16 6.93
N PRO A 138 9.99 -4.19 8.24
CA PRO A 138 10.47 -3.05 9.09
C PRO A 138 11.99 -2.93 9.08
N ALA A 139 12.52 -2.11 9.99
CA ALA A 139 13.96 -1.90 10.08
C ALA A 139 14.71 -3.22 9.88
N ASP A 140 15.92 -3.13 9.36
CA ASP A 140 16.73 -4.32 9.12
C ASP A 140 18.15 -3.94 8.73
N GLY A 1 -17.43 9.48 -2.24
CA GLY A 1 -18.16 9.72 -3.49
C GLY A 1 -17.19 9.82 -4.67
N ALA A 2 -17.52 9.12 -5.75
CA ALA A 2 -16.68 9.14 -6.94
C ALA A 2 -17.49 8.79 -8.18
N MET A 3 -17.27 9.52 -9.26
CA MET A 3 -17.98 9.28 -10.51
C MET A 3 -17.03 8.84 -11.60
N GLU A 4 -15.80 8.53 -11.23
CA GLU A 4 -14.78 8.10 -12.19
C GLU A 4 -13.90 7.01 -11.58
N LYS A 5 -14.54 5.99 -11.01
CA LYS A 5 -13.80 4.89 -10.39
C LYS A 5 -12.90 5.41 -9.29
N SER A 6 -12.82 4.65 -8.20
CA SER A 6 -12.00 5.04 -7.06
C SER A 6 -11.15 3.86 -6.58
N LEU A 7 -10.46 4.04 -5.45
CA LEU A 7 -9.62 2.98 -4.92
C LEU A 7 -10.46 1.74 -4.60
N HIS A 8 -11.49 1.91 -3.77
CA HIS A 8 -12.33 0.79 -3.40
C HIS A 8 -12.68 -0.06 -4.63
N GLU A 9 -13.43 0.52 -5.54
CA GLU A 9 -13.82 -0.18 -6.77
C GLU A 9 -12.65 -0.99 -7.30
N LYS A 10 -11.47 -0.38 -7.33
CA LYS A 10 -10.28 -1.07 -7.82
C LYS A 10 -10.07 -2.37 -7.04
N LEU A 11 -10.18 -2.29 -5.72
CA LEU A 11 -10.00 -3.48 -4.88
C LEU A 11 -11.13 -4.48 -5.10
N LYS A 12 -12.33 -3.96 -5.30
CA LYS A 12 -13.49 -4.82 -5.52
C LYS A 12 -13.40 -5.52 -6.86
N GLN A 13 -12.80 -4.85 -7.83
CA GLN A 13 -12.66 -5.42 -9.16
C GLN A 13 -11.46 -6.37 -9.23
N ASP A 14 -10.41 -6.04 -8.48
CA ASP A 14 -9.22 -6.86 -8.47
C ASP A 14 -9.33 -7.97 -7.42
N LYS A 15 -9.68 -9.17 -7.87
CA LYS A 15 -9.83 -10.30 -6.97
C LYS A 15 -8.54 -10.53 -6.19
N ARG A 16 -7.41 -10.19 -6.81
CA ARG A 16 -6.11 -10.36 -6.16
C ARG A 16 -6.14 -9.74 -4.76
N PHE A 17 -6.75 -8.57 -4.67
CA PHE A 17 -6.84 -7.85 -3.39
C PHE A 17 -8.15 -8.18 -2.68
N SER A 18 -8.72 -9.33 -3.02
CA SER A 18 -9.97 -9.75 -2.40
C SER A 18 -9.80 -9.90 -0.88
N THR A 19 -8.71 -10.55 -0.49
CA THR A 19 -8.44 -10.76 0.93
C THR A 19 -8.42 -9.42 1.65
N PHE A 20 -7.75 -8.45 1.06
CA PHE A 20 -7.66 -7.12 1.65
C PHE A 20 -9.06 -6.57 1.90
N LEU A 21 -9.90 -6.69 0.89
CA LEU A 21 -11.26 -6.19 1.00
C LEU A 21 -11.93 -6.78 2.24
N SER A 22 -11.65 -8.05 2.51
CA SER A 22 -12.24 -8.72 3.66
C SER A 22 -11.74 -8.18 4.98
N LEU A 23 -10.45 -8.26 5.19
CA LEU A 23 -9.84 -7.80 6.44
C LEU A 23 -9.92 -6.29 6.59
N LEU A 24 -9.60 -5.57 5.53
CA LEU A 24 -9.64 -4.12 5.57
C LEU A 24 -11.06 -3.65 5.86
N GLU A 25 -12.05 -4.45 5.44
CA GLU A 25 -13.43 -4.09 5.67
C GLU A 25 -13.81 -4.31 7.13
N ALA A 26 -13.23 -5.35 7.72
CA ALA A 26 -13.52 -5.67 9.12
C ALA A 26 -12.92 -4.60 10.04
N ALA A 27 -11.73 -4.11 9.68
CA ALA A 27 -11.06 -3.10 10.48
C ALA A 27 -11.73 -1.75 10.28
N ASP A 28 -12.67 -1.68 9.34
CA ASP A 28 -13.38 -0.44 9.06
C ASP A 28 -12.50 0.53 8.29
N LEU A 29 -11.81 0.00 7.27
CA LEU A 29 -10.91 0.82 6.46
C LEU A 29 -11.45 1.00 5.05
N LYS A 30 -12.74 0.83 4.92
CA LYS A 30 -13.41 0.97 3.64
C LYS A 30 -14.05 2.35 3.52
N GLU A 31 -14.33 2.98 4.67
CA GLU A 31 -14.96 4.29 4.66
C GLU A 31 -13.99 5.36 4.17
N LEU A 32 -12.94 5.60 4.93
CA LEU A 32 -11.93 6.57 4.56
C LEU A 32 -11.38 6.26 3.17
N LEU A 33 -11.61 5.03 2.72
CA LEU A 33 -11.09 4.60 1.42
C LEU A 33 -11.94 5.11 0.29
N THR A 34 -13.25 5.04 0.47
CA THR A 34 -14.18 5.50 -0.55
C THR A 34 -14.40 7.00 -0.45
N GLN A 35 -13.63 7.65 0.43
CA GLN A 35 -13.77 9.09 0.61
C GLN A 35 -12.94 9.85 -0.42
N PRO A 36 -13.27 11.09 -0.67
CA PRO A 36 -12.53 11.93 -1.65
C PRO A 36 -11.27 12.56 -1.05
N GLY A 37 -10.12 12.24 -1.64
CA GLY A 37 -8.86 12.80 -1.16
C GLY A 37 -7.70 12.32 -2.02
N ASP A 38 -6.49 12.52 -1.53
CA ASP A 38 -5.30 12.10 -2.27
C ASP A 38 -4.26 11.48 -1.32
N TRP A 39 -3.99 10.20 -1.50
CA TRP A 39 -3.01 9.52 -0.67
C TRP A 39 -2.36 8.37 -1.44
N THR A 40 -1.30 7.82 -0.87
CA THR A 40 -0.59 6.71 -1.51
C THR A 40 -0.59 5.48 -0.60
N LEU A 41 -0.89 4.32 -1.18
CA LEU A 41 -0.93 3.09 -0.41
C LEU A 41 -0.10 1.99 -1.10
N PHE A 42 0.59 1.20 -0.30
CA PHE A 42 1.41 0.12 -0.83
C PHE A 42 0.70 -1.22 -0.64
N VAL A 43 -0.02 -1.65 -1.67
CA VAL A 43 -0.76 -2.89 -1.60
C VAL A 43 0.04 -4.07 -2.20
N PRO A 44 0.46 -5.02 -1.39
CA PRO A 44 1.21 -6.21 -1.89
C PRO A 44 0.28 -7.25 -2.52
N THR A 45 0.77 -7.93 -3.55
CA THR A 45 -0.03 -8.94 -4.22
C THR A 45 -0.10 -10.21 -3.39
N ASN A 46 -1.18 -10.97 -3.57
CA ASN A 46 -1.36 -12.22 -2.83
C ASN A 46 -0.10 -13.08 -2.91
N ASP A 47 0.57 -13.02 -4.06
CA ASP A 47 1.78 -13.80 -4.27
C ASP A 47 2.86 -13.39 -3.28
N ALA A 48 2.67 -12.23 -2.66
CA ALA A 48 3.63 -11.73 -1.68
C ALA A 48 3.57 -12.57 -0.41
N PHE A 49 2.45 -13.21 -0.18
CA PHE A 49 2.28 -14.04 1.01
C PHE A 49 3.04 -15.35 0.86
N LYS A 50 3.42 -15.67 -0.36
CA LYS A 50 4.14 -16.91 -0.63
C LYS A 50 5.52 -16.87 0.04
N GLY A 51 5.68 -17.68 1.08
CA GLY A 51 6.95 -17.73 1.81
C GLY A 51 6.71 -17.56 3.31
N MET A 52 5.72 -16.75 3.66
CA MET A 52 5.41 -16.50 5.07
C MET A 52 4.86 -17.76 5.71
N THR A 53 5.19 -17.96 6.98
CA THR A 53 4.72 -19.13 7.71
C THR A 53 3.43 -18.81 8.45
N SER A 54 2.55 -19.80 8.53
CA SER A 54 1.27 -19.62 9.22
C SER A 54 1.47 -19.02 10.60
N GLU A 55 2.59 -19.35 11.23
CA GLU A 55 2.90 -18.84 12.56
C GLU A 55 3.28 -17.37 12.48
N GLU A 56 4.05 -17.02 11.46
CA GLU A 56 4.49 -15.63 11.29
C GLU A 56 3.29 -14.71 11.15
N LYS A 57 2.52 -14.89 10.09
CA LYS A 57 1.34 -14.06 9.85
C LYS A 57 0.40 -14.12 11.05
N GLU A 58 0.36 -15.26 11.72
CA GLU A 58 -0.50 -15.42 12.87
C GLU A 58 -0.03 -14.54 14.02
N ILE A 59 1.29 -14.46 14.20
CA ILE A 59 1.85 -13.64 15.27
C ILE A 59 1.47 -12.18 15.07
N LEU A 60 1.37 -11.76 13.82
CA LEU A 60 1.01 -10.38 13.52
C LEU A 60 -0.47 -10.14 13.80
N ILE A 61 -1.34 -10.89 13.12
CA ILE A 61 -2.77 -10.74 13.30
C ILE A 61 -3.18 -11.09 14.73
N ARG A 62 -2.23 -11.60 15.50
CA ARG A 62 -2.51 -11.97 16.88
C ARG A 62 -2.95 -10.76 17.69
N ASP A 63 -2.42 -9.59 17.34
CA ASP A 63 -2.76 -8.35 18.04
C ASP A 63 -3.50 -7.40 17.10
N LYS A 64 -4.58 -6.83 17.61
CA LYS A 64 -5.36 -5.91 16.80
C LYS A 64 -4.50 -4.73 16.33
N ASN A 65 -3.62 -4.27 17.20
CA ASN A 65 -2.78 -3.13 16.86
C ASN A 65 -1.76 -3.52 15.79
N ALA A 66 -1.33 -4.77 15.83
CA ALA A 66 -0.34 -5.24 14.88
C ALA A 66 -0.88 -5.23 13.45
N LEU A 67 -1.91 -6.04 13.21
CA LEU A 67 -2.51 -6.10 11.89
C LEU A 67 -2.97 -4.71 11.48
N GLN A 68 -3.33 -3.88 12.46
CA GLN A 68 -3.82 -2.54 12.15
C GLN A 68 -2.75 -1.74 11.43
N ASN A 69 -1.52 -1.85 11.93
CA ASN A 69 -0.41 -1.16 11.32
C ASN A 69 -0.23 -1.64 9.89
N ILE A 70 -0.30 -2.94 9.70
CA ILE A 70 -0.15 -3.51 8.35
C ILE A 70 -1.38 -3.20 7.50
N ILE A 71 -2.54 -3.18 8.14
CA ILE A 71 -3.78 -2.90 7.43
C ILE A 71 -3.64 -1.63 6.61
N LEU A 72 -3.26 -0.53 7.26
CA LEU A 72 -3.11 0.74 6.55
C LEU A 72 -2.14 0.61 5.38
N TYR A 73 -1.58 -0.58 5.22
CA TYR A 73 -0.64 -0.81 4.13
C TYR A 73 0.30 0.36 3.96
N HIS A 74 0.67 1.00 5.07
CA HIS A 74 1.58 2.14 5.02
C HIS A 74 0.91 3.32 4.32
N LEU A 75 -0.31 3.62 4.72
CA LEU A 75 -1.04 4.72 4.12
C LEU A 75 -0.27 6.03 4.33
N THR A 76 0.05 6.70 3.23
CA THR A 76 0.77 7.96 3.31
C THR A 76 -0.06 9.11 2.71
N PRO A 77 0.01 10.29 3.25
CA PRO A 77 -0.73 11.47 2.71
C PRO A 77 0.01 12.11 1.54
N GLY A 78 -0.77 12.56 0.54
CA GLY A 78 -0.18 13.19 -0.63
C GLY A 78 0.25 12.15 -1.67
N VAL A 79 -0.42 12.16 -2.81
CA VAL A 79 -0.09 11.20 -3.88
C VAL A 79 1.37 11.35 -4.29
N PHE A 80 1.98 10.23 -4.66
CA PHE A 80 3.38 10.23 -5.07
C PHE A 80 3.50 10.64 -6.54
N ILE A 81 4.54 11.44 -6.83
CA ILE A 81 4.76 11.90 -8.20
C ILE A 81 6.20 11.61 -8.63
N GLY A 82 6.34 10.71 -9.59
CA GLY A 82 7.67 10.34 -10.08
C GLY A 82 8.25 11.46 -10.93
N LYS A 83 7.49 12.53 -11.11
CA LYS A 83 7.94 13.67 -11.91
C LYS A 83 8.22 14.87 -11.02
N GLY A 84 7.98 14.71 -9.72
CA GLY A 84 8.21 15.79 -8.77
C GLY A 84 9.41 15.49 -7.88
N PHE A 85 9.61 14.21 -7.56
CA PHE A 85 10.72 13.81 -6.72
C PHE A 85 11.99 13.64 -7.53
N GLU A 86 13.14 13.79 -6.87
CA GLU A 86 14.41 13.67 -7.58
C GLU A 86 14.83 12.20 -7.69
N PRO A 87 15.04 11.70 -8.89
CA PRO A 87 15.46 10.29 -9.09
C PRO A 87 16.96 10.08 -8.83
N GLY A 88 17.27 9.00 -8.11
CA GLY A 88 18.67 8.71 -7.79
C GLY A 88 18.91 8.77 -6.29
N VAL A 89 18.29 9.73 -5.62
CA VAL A 89 18.45 9.89 -4.18
C VAL A 89 17.26 9.30 -3.44
N THR A 90 17.49 8.85 -2.21
CA THR A 90 16.42 8.27 -1.41
C THR A 90 15.67 9.37 -0.66
N ASN A 91 14.35 9.17 -0.50
CA ASN A 91 13.53 10.15 0.19
C ASN A 91 12.79 9.50 1.36
N ILE A 92 12.98 10.06 2.55
CA ILE A 92 12.33 9.52 3.75
C ILE A 92 11.00 10.22 3.99
N LEU A 93 9.91 9.50 3.75
CA LEU A 93 8.57 10.05 3.94
C LEU A 93 7.87 9.37 5.09
N LYS A 94 7.09 10.14 5.84
CA LYS A 94 6.36 9.59 6.98
C LYS A 94 4.94 9.21 6.56
N THR A 95 4.47 8.08 7.08
CA THR A 95 3.13 7.60 6.74
C THR A 95 2.24 7.61 7.98
N THR A 96 0.93 7.50 7.78
CA THR A 96 0.00 7.51 8.88
C THR A 96 0.18 6.26 9.76
N GLN A 97 0.65 5.18 9.14
CA GLN A 97 0.85 3.94 9.86
C GLN A 97 1.73 4.19 11.09
N GLY A 98 2.48 5.28 11.07
CA GLY A 98 3.35 5.61 12.18
C GLY A 98 4.80 5.24 11.88
N SER A 99 5.04 4.81 10.65
CA SER A 99 6.39 4.42 10.24
C SER A 99 6.82 5.22 9.01
N LYS A 100 8.11 5.20 8.72
CA LYS A 100 8.66 5.93 7.57
C LYS A 100 8.91 4.98 6.40
N ILE A 101 8.87 5.52 5.20
CA ILE A 101 9.10 4.72 4.00
C ILE A 101 10.12 5.40 3.10
N PHE A 102 11.08 4.62 2.62
CA PHE A 102 12.13 5.16 1.76
C PHE A 102 11.78 4.97 0.29
N LEU A 103 11.74 6.06 -0.46
CA LEU A 103 11.41 6.01 -1.87
C LEU A 103 12.61 6.43 -2.72
N LYS A 104 12.75 5.79 -3.88
CA LYS A 104 13.86 6.11 -4.77
C LYS A 104 13.54 5.68 -6.19
N GLU A 105 13.67 6.62 -7.13
CA GLU A 105 13.40 6.33 -8.54
C GLU A 105 14.70 6.34 -9.34
N VAL A 106 14.93 5.28 -10.10
CA VAL A 106 16.15 5.18 -10.90
C VAL A 106 15.82 4.63 -12.29
N ASN A 107 16.50 5.17 -13.30
CA ASN A 107 16.27 4.72 -14.67
C ASN A 107 14.78 4.66 -14.98
N ASP A 108 14.05 5.69 -14.57
CA ASP A 108 12.61 5.74 -14.80
C ASP A 108 11.92 4.51 -14.22
N THR A 109 12.39 4.08 -13.05
CA THR A 109 11.82 2.91 -12.39
C THR A 109 11.55 3.19 -10.92
N LEU A 110 10.33 2.91 -10.48
CA LEU A 110 9.97 3.14 -9.09
C LEU A 110 10.58 2.07 -8.19
N LEU A 111 11.57 2.47 -7.40
CA LEU A 111 12.25 1.55 -6.48
C LEU A 111 12.04 1.99 -5.04
N VAL A 112 11.39 1.12 -4.26
CA VAL A 112 11.13 1.43 -2.86
C VAL A 112 12.01 0.57 -1.96
N ASN A 113 12.46 1.15 -0.85
CA ASN A 113 13.31 0.43 0.09
C ASN A 113 14.57 -0.08 -0.61
N GLU A 114 14.41 -1.13 -1.41
CA GLU A 114 15.53 -1.70 -2.15
C GLU A 114 15.05 -2.78 -3.12
N LEU A 115 14.05 -2.44 -3.92
CA LEU A 115 13.50 -3.39 -4.88
C LEU A 115 12.55 -2.68 -5.84
N LYS A 116 12.12 -3.41 -6.87
CA LYS A 116 11.22 -2.86 -7.86
C LYS A 116 9.77 -3.15 -7.53
N SER A 117 8.90 -2.19 -7.84
CA SER A 117 7.46 -2.35 -7.57
C SER A 117 6.78 -3.11 -8.69
N LYS A 118 5.65 -3.73 -8.37
CA LYS A 118 4.93 -4.50 -9.34
C LYS A 118 4.23 -3.58 -10.32
N GLU A 119 3.57 -2.55 -9.80
CA GLU A 119 2.86 -1.59 -10.64
C GLU A 119 2.27 -0.47 -9.79
N SER A 120 2.76 0.75 -9.99
CA SER A 120 2.28 1.89 -9.25
C SER A 120 2.06 3.08 -10.18
N ASP A 121 1.72 4.22 -9.59
CA ASP A 121 1.50 5.44 -10.38
C ASP A 121 0.07 5.50 -10.91
N ILE A 122 -0.69 4.44 -10.68
CA ILE A 122 -2.07 4.38 -11.12
C ILE A 122 -2.85 5.54 -10.54
N MET A 123 -3.27 6.44 -11.41
CA MET A 123 -4.02 7.61 -10.99
C MET A 123 -5.48 7.27 -10.77
N THR A 124 -5.98 7.58 -9.57
CA THR A 124 -7.37 7.32 -9.23
C THR A 124 -8.10 8.61 -8.91
N THR A 125 -9.34 8.47 -8.46
CA THR A 125 -10.16 9.63 -8.11
C THR A 125 -9.93 10.04 -6.66
N ASN A 126 -9.36 9.13 -5.88
CA ASN A 126 -9.09 9.39 -4.47
C ASN A 126 -7.60 9.48 -4.20
N GLY A 127 -6.82 9.47 -5.27
CA GLY A 127 -5.36 9.57 -5.14
C GLY A 127 -4.65 8.65 -6.12
N VAL A 128 -3.56 8.05 -5.67
CA VAL A 128 -2.79 7.14 -6.52
C VAL A 128 -2.66 5.77 -5.86
N ILE A 129 -2.24 4.79 -6.64
CA ILE A 129 -2.08 3.44 -6.13
C ILE A 129 -0.64 2.94 -6.33
N HIS A 130 -0.19 2.09 -5.40
CA HIS A 130 1.14 1.52 -5.50
C HIS A 130 1.09 0.05 -5.15
N VAL A 131 1.35 -0.79 -6.15
CA VAL A 131 1.33 -2.25 -5.95
C VAL A 131 2.75 -2.81 -5.86
N VAL A 132 2.98 -3.63 -4.83
CA VAL A 132 4.29 -4.25 -4.65
C VAL A 132 4.16 -5.77 -4.62
N ASP A 133 5.28 -6.46 -4.57
CA ASP A 133 5.28 -7.93 -4.54
C ASP A 133 5.98 -8.45 -3.30
N LYS A 134 5.91 -7.68 -2.22
CA LYS A 134 6.55 -8.07 -0.96
C LYS A 134 6.15 -7.11 0.15
N LEU A 135 6.39 -7.51 1.40
CA LEU A 135 6.07 -6.67 2.54
C LEU A 135 7.16 -5.63 2.76
N LEU A 136 6.73 -4.45 3.16
CA LEU A 136 7.67 -3.35 3.38
C LEU A 136 8.63 -3.67 4.52
N TYR A 137 8.80 -4.95 4.78
CA TYR A 137 9.70 -5.37 5.85
C TYR A 137 9.75 -6.89 5.92
N PRO A 138 10.77 -7.45 6.52
CA PRO A 138 10.91 -8.93 6.70
C PRO A 138 9.60 -9.59 7.17
N ALA A 139 9.72 -10.46 8.17
CA ALA A 139 8.55 -11.15 8.68
C ALA A 139 7.80 -10.28 9.68
N ASP A 140 8.55 -9.48 10.43
CA ASP A 140 7.95 -8.59 11.42
C ASP A 140 8.66 -7.24 11.43
N GLY A 1 -10.08 8.54 -17.43
CA GLY A 1 -10.36 9.58 -18.41
C GLY A 1 -11.85 9.89 -18.47
N ALA A 2 -12.67 8.88 -18.19
CA ALA A 2 -14.12 9.06 -18.21
C ALA A 2 -14.76 8.34 -17.04
N MET A 3 -14.36 7.09 -16.81
CA MET A 3 -14.91 6.31 -15.72
C MET A 3 -13.93 6.25 -14.56
N GLU A 4 -14.23 7.00 -13.50
CA GLU A 4 -13.36 7.03 -12.32
C GLU A 4 -13.74 5.93 -11.34
N LYS A 5 -13.01 5.85 -10.24
CA LYS A 5 -13.28 4.84 -9.22
C LYS A 5 -12.44 5.11 -7.97
N SER A 6 -13.07 4.98 -6.81
CA SER A 6 -12.39 5.21 -5.55
C SER A 6 -11.59 3.98 -5.13
N LEU A 7 -10.85 4.10 -4.04
CA LEU A 7 -10.06 3.00 -3.54
C LEU A 7 -10.94 1.77 -3.31
N HIS A 8 -11.91 1.89 -2.39
CA HIS A 8 -12.81 0.77 -2.10
C HIS A 8 -13.38 0.19 -3.38
N GLU A 9 -13.75 1.07 -4.31
CA GLU A 9 -14.30 0.63 -5.57
C GLU A 9 -13.31 -0.30 -6.29
N LYS A 10 -12.05 0.13 -6.34
CA LYS A 10 -11.02 -0.66 -6.98
C LYS A 10 -10.92 -2.03 -6.34
N LEU A 11 -10.75 -2.06 -5.02
CA LEU A 11 -10.63 -3.33 -4.31
C LEU A 11 -11.85 -4.20 -4.55
N LYS A 12 -13.01 -3.57 -4.67
CA LYS A 12 -14.25 -4.30 -4.91
C LYS A 12 -14.33 -4.78 -6.35
N GLN A 13 -13.65 -4.09 -7.25
CA GLN A 13 -13.65 -4.47 -8.66
C GLN A 13 -12.49 -5.40 -8.97
N ASP A 14 -11.39 -5.25 -8.23
CA ASP A 14 -10.22 -6.09 -8.43
C ASP A 14 -10.23 -7.29 -7.48
N LYS A 15 -10.39 -8.48 -8.04
CA LYS A 15 -10.41 -9.69 -7.23
C LYS A 15 -9.05 -9.95 -6.60
N ARG A 16 -8.01 -9.44 -7.26
CA ARG A 16 -6.65 -9.61 -6.76
C ARG A 16 -6.54 -9.14 -5.31
N PHE A 17 -7.42 -8.21 -4.94
CA PHE A 17 -7.43 -7.66 -3.59
C PHE A 17 -8.72 -8.00 -2.87
N SER A 18 -9.33 -9.12 -3.25
CA SER A 18 -10.57 -9.56 -2.61
C SER A 18 -10.32 -9.86 -1.13
N THR A 19 -9.19 -10.49 -0.87
CA THR A 19 -8.84 -10.84 0.50
C THR A 19 -8.73 -9.57 1.34
N PHE A 20 -8.16 -8.53 0.75
CA PHE A 20 -8.01 -7.26 1.43
C PHE A 20 -9.36 -6.72 1.85
N LEU A 21 -10.32 -6.82 0.96
CA LEU A 21 -11.65 -6.34 1.26
C LEU A 21 -12.18 -7.05 2.50
N SER A 22 -11.93 -8.35 2.58
CA SER A 22 -12.40 -9.14 3.71
C SER A 22 -11.78 -8.71 5.04
N LEU A 23 -10.47 -8.78 5.11
CA LEU A 23 -9.76 -8.43 6.34
C LEU A 23 -9.85 -6.93 6.65
N LEU A 24 -9.63 -6.08 5.65
CA LEU A 24 -9.69 -4.64 5.90
C LEU A 24 -11.06 -4.25 6.40
N GLU A 25 -12.07 -4.98 5.95
CA GLU A 25 -13.43 -4.71 6.37
C GLU A 25 -13.62 -5.11 7.84
N ALA A 26 -12.95 -6.19 8.25
CA ALA A 26 -13.06 -6.65 9.65
C ALA A 26 -12.39 -5.66 10.60
N ALA A 27 -11.36 -4.99 10.11
CA ALA A 27 -10.64 -4.01 10.91
C ALA A 27 -11.40 -2.70 10.98
N ASP A 28 -12.43 -2.57 10.16
CA ASP A 28 -13.24 -1.35 10.13
C ASP A 28 -12.56 -0.28 9.30
N LEU A 29 -11.85 -0.71 8.25
CA LEU A 29 -11.16 0.22 7.37
C LEU A 29 -12.02 0.51 6.15
N LYS A 30 -13.32 0.25 6.28
CA LYS A 30 -14.25 0.48 5.18
C LYS A 30 -15.14 1.69 5.46
N GLU A 31 -15.13 2.17 6.70
CA GLU A 31 -15.93 3.33 7.05
C GLU A 31 -15.23 4.60 6.60
N LEU A 32 -14.09 4.91 7.19
CA LEU A 32 -13.34 6.09 6.79
C LEU A 32 -13.25 6.20 5.27
N LEU A 33 -13.39 5.05 4.60
CA LEU A 33 -13.31 5.00 3.15
C LEU A 33 -14.38 5.87 2.49
N THR A 34 -15.45 6.12 3.22
CA THR A 34 -16.55 6.95 2.70
C THR A 34 -16.11 8.41 2.66
N GLN A 35 -14.99 8.70 3.31
CA GLN A 35 -14.44 10.06 3.33
C GLN A 35 -12.99 10.07 2.87
N PRO A 36 -12.76 9.90 1.59
CA PRO A 36 -11.39 9.89 1.00
C PRO A 36 -10.86 11.28 0.68
N GLY A 37 -9.68 11.32 0.03
CA GLY A 37 -9.05 12.58 -0.34
C GLY A 37 -7.90 12.31 -1.29
N ASP A 38 -6.69 12.59 -0.84
CA ASP A 38 -5.50 12.35 -1.64
C ASP A 38 -4.46 11.66 -0.79
N TRP A 39 -4.21 10.39 -1.07
CA TRP A 39 -3.25 9.60 -0.32
C TRP A 39 -2.59 8.56 -1.22
N THR A 40 -1.41 8.10 -0.83
CA THR A 40 -0.70 7.08 -1.59
C THR A 40 -0.98 5.71 -0.96
N LEU A 41 -1.71 4.86 -1.69
CA LEU A 41 -2.09 3.56 -1.17
C LEU A 41 -1.11 2.47 -1.61
N PHE A 42 -0.48 1.83 -0.64
CA PHE A 42 0.46 0.76 -0.88
C PHE A 42 -0.21 -0.58 -0.65
N VAL A 43 -0.29 -1.39 -1.70
CA VAL A 43 -0.95 -2.68 -1.59
C VAL A 43 -0.15 -3.81 -2.27
N PRO A 44 0.26 -4.82 -1.55
CA PRO A 44 1.02 -5.96 -2.14
C PRO A 44 0.07 -6.97 -2.80
N THR A 45 0.57 -7.65 -3.83
CA THR A 45 -0.23 -8.64 -4.53
C THR A 45 -0.07 -10.01 -3.87
N ASN A 46 -0.80 -11.00 -4.37
CA ASN A 46 -0.73 -12.35 -3.83
C ASN A 46 0.71 -12.85 -3.84
N ASP A 47 1.44 -12.51 -4.90
CA ASP A 47 2.83 -12.92 -5.03
C ASP A 47 3.61 -12.57 -3.77
N ALA A 48 3.03 -11.69 -2.95
CA ALA A 48 3.66 -11.25 -1.72
C ALA A 48 3.35 -12.20 -0.56
N PHE A 49 2.16 -12.76 -0.58
CA PHE A 49 1.74 -13.68 0.48
C PHE A 49 2.51 -14.99 0.37
N LYS A 50 2.98 -15.28 -0.83
CA LYS A 50 3.74 -16.52 -1.05
C LYS A 50 5.02 -16.52 -0.22
N GLY A 51 5.06 -17.38 0.80
CA GLY A 51 6.24 -17.48 1.66
C GLY A 51 5.86 -17.24 3.11
N MET A 52 4.83 -16.42 3.33
CA MET A 52 4.39 -16.11 4.67
C MET A 52 3.87 -17.36 5.37
N THR A 53 4.53 -17.73 6.46
CA THR A 53 4.13 -18.91 7.22
C THR A 53 2.94 -18.60 8.11
N SER A 54 2.11 -19.60 8.33
CA SER A 54 0.93 -19.42 9.17
C SER A 54 1.32 -18.87 10.53
N GLU A 55 2.53 -19.20 10.98
CA GLU A 55 3.01 -18.73 12.27
C GLU A 55 3.31 -17.23 12.22
N GLU A 56 4.05 -16.83 11.19
CA GLU A 56 4.40 -15.42 11.02
C GLU A 56 3.15 -14.55 11.17
N LYS A 57 2.18 -14.77 10.29
CA LYS A 57 0.95 -13.99 10.32
C LYS A 57 0.26 -14.13 11.67
N GLU A 58 0.24 -15.35 12.21
CA GLU A 58 -0.39 -15.59 13.48
C GLU A 58 0.17 -14.64 14.54
N ILE A 59 1.48 -14.55 14.61
CA ILE A 59 2.11 -13.67 15.58
C ILE A 59 1.64 -12.23 15.37
N LEU A 60 1.38 -11.88 14.12
CA LEU A 60 0.92 -10.53 13.80
C LEU A 60 -0.56 -10.34 14.15
N ILE A 61 -1.43 -11.14 13.54
CA ILE A 61 -2.86 -11.03 13.79
C ILE A 61 -3.18 -11.26 15.26
N ARG A 62 -2.19 -11.71 16.03
CA ARG A 62 -2.39 -11.95 17.45
C ARG A 62 -2.65 -10.65 18.19
N ASP A 63 -2.02 -9.58 17.72
CA ASP A 63 -2.19 -8.26 18.34
C ASP A 63 -2.98 -7.35 17.41
N LYS A 64 -4.07 -6.78 17.94
CA LYS A 64 -4.91 -5.89 17.14
C LYS A 64 -4.08 -4.73 16.60
N ASN A 65 -3.15 -4.24 17.41
CA ASN A 65 -2.31 -3.13 17.01
C ASN A 65 -1.36 -3.55 15.91
N ALA A 66 -0.88 -4.79 15.97
CA ALA A 66 0.07 -5.29 14.98
C ALA A 66 -0.54 -5.33 13.58
N LEU A 67 -1.62 -6.09 13.42
CA LEU A 67 -2.26 -6.17 12.12
C LEU A 67 -2.72 -4.80 11.69
N GLN A 68 -3.14 -3.97 12.65
CA GLN A 68 -3.63 -2.65 12.32
C GLN A 68 -2.55 -1.86 11.57
N ASN A 69 -1.34 -1.89 12.12
CA ASN A 69 -0.25 -1.17 11.47
C ASN A 69 -0.06 -1.70 10.05
N ILE A 70 -0.13 -3.02 9.90
CA ILE A 70 0.04 -3.61 8.57
C ILE A 70 -1.20 -3.34 7.71
N ILE A 71 -2.36 -3.33 8.33
CA ILE A 71 -3.60 -3.08 7.60
C ILE A 71 -3.47 -1.82 6.76
N LEU A 72 -3.10 -0.71 7.38
CA LEU A 72 -2.96 0.53 6.64
C LEU A 72 -1.90 0.41 5.58
N TYR A 73 -1.23 -0.74 5.56
CA TYR A 73 -0.17 -0.98 4.60
C TYR A 73 0.64 0.28 4.36
N HIS A 74 1.12 0.90 5.45
CA HIS A 74 1.92 2.11 5.33
C HIS A 74 1.20 3.16 4.47
N LEU A 75 -0.05 3.45 4.83
CA LEU A 75 -0.81 4.45 4.09
C LEU A 75 -0.21 5.83 4.30
N THR A 76 0.04 6.55 3.20
CA THR A 76 0.61 7.89 3.29
C THR A 76 -0.34 8.92 2.65
N PRO A 77 -0.47 10.11 3.22
CA PRO A 77 -1.32 11.18 2.61
C PRO A 77 -0.62 11.89 1.46
N GLY A 78 -1.41 12.33 0.49
CA GLY A 78 -0.85 13.03 -0.65
C GLY A 78 -0.37 12.08 -1.74
N VAL A 79 -0.88 12.29 -2.94
CA VAL A 79 -0.52 11.46 -4.09
C VAL A 79 0.88 11.78 -4.58
N PHE A 80 1.67 10.73 -4.83
CA PHE A 80 3.02 10.92 -5.33
C PHE A 80 3.05 10.78 -6.85
N ILE A 81 3.49 11.84 -7.53
CA ILE A 81 3.56 11.82 -8.99
C ILE A 81 4.87 11.24 -9.43
N GLY A 82 4.86 10.01 -9.91
CA GLY A 82 6.08 9.36 -10.40
C GLY A 82 7.27 9.61 -9.46
N LYS A 83 7.09 10.49 -8.48
CA LYS A 83 8.13 10.82 -7.54
C LYS A 83 9.18 11.69 -8.22
N GLY A 84 8.76 12.85 -8.71
CA GLY A 84 9.67 13.76 -9.39
C GLY A 84 10.81 14.18 -8.46
N PHE A 85 11.01 13.45 -7.38
CA PHE A 85 12.08 13.74 -6.43
C PHE A 85 13.42 13.29 -6.99
N GLU A 86 14.50 13.62 -6.28
CA GLU A 86 15.84 13.24 -6.73
C GLU A 86 15.96 11.72 -6.83
N PRO A 87 16.30 11.17 -7.98
CA PRO A 87 16.47 9.70 -8.15
C PRO A 87 17.84 9.22 -7.66
N GLY A 88 17.99 7.90 -7.59
CA GLY A 88 19.25 7.31 -7.14
C GLY A 88 19.41 7.40 -5.63
N VAL A 89 18.89 8.48 -5.05
CA VAL A 89 18.97 8.68 -3.61
C VAL A 89 17.70 8.22 -2.93
N THR A 90 17.81 7.84 -1.67
CA THR A 90 16.64 7.39 -0.91
C THR A 90 15.96 8.57 -0.22
N ASN A 91 14.64 8.49 -0.06
CA ASN A 91 13.89 9.56 0.59
C ASN A 91 13.09 9.01 1.78
N ILE A 92 13.28 9.63 2.94
CA ILE A 92 12.58 9.19 4.14
C ILE A 92 11.20 9.84 4.23
N LEU A 93 10.16 9.05 3.95
CA LEU A 93 8.79 9.56 4.00
C LEU A 93 8.07 8.98 5.20
N LYS A 94 7.07 9.72 5.69
CA LYS A 94 6.29 9.28 6.84
C LYS A 94 4.88 8.89 6.41
N THR A 95 4.39 7.76 6.93
CA THR A 95 3.05 7.30 6.58
C THR A 95 2.12 7.37 7.79
N THR A 96 0.82 7.30 7.53
CA THR A 96 -0.17 7.36 8.59
C THR A 96 0.04 6.22 9.59
N GLN A 97 0.57 5.09 9.10
CA GLN A 97 0.80 3.93 9.95
C GLN A 97 1.64 4.32 11.16
N GLY A 98 2.44 5.38 11.02
CA GLY A 98 3.28 5.85 12.11
C GLY A 98 4.74 5.51 11.84
N SER A 99 4.98 4.71 10.80
CA SER A 99 6.34 4.33 10.45
C SER A 99 6.83 5.12 9.24
N LYS A 100 8.12 4.98 8.95
CA LYS A 100 8.72 5.68 7.82
C LYS A 100 9.02 4.71 6.68
N ILE A 101 8.97 5.21 5.45
CA ILE A 101 9.23 4.39 4.28
C ILE A 101 10.28 5.05 3.39
N PHE A 102 11.19 4.24 2.85
CA PHE A 102 12.26 4.76 2.00
C PHE A 102 11.90 4.61 0.52
N LEU A 103 11.88 5.74 -0.20
CA LEU A 103 11.55 5.72 -1.62
C LEU A 103 12.77 6.05 -2.45
N LYS A 104 12.80 5.55 -3.68
CA LYS A 104 13.92 5.79 -4.56
C LYS A 104 13.53 5.52 -6.02
N GLU A 105 13.69 6.52 -6.87
CA GLU A 105 13.36 6.37 -8.28
C GLU A 105 14.62 6.14 -9.09
N VAL A 106 14.70 4.98 -9.74
CA VAL A 106 15.87 4.64 -10.55
C VAL A 106 15.44 4.03 -11.88
N ASN A 107 16.20 4.34 -12.93
CA ASN A 107 15.89 3.82 -14.25
C ASN A 107 14.42 4.04 -14.58
N ASP A 108 13.95 5.26 -14.35
CA ASP A 108 12.56 5.58 -14.62
C ASP A 108 11.63 4.53 -14.02
N THR A 109 12.06 3.93 -12.91
CA THR A 109 11.26 2.91 -12.24
C THR A 109 11.10 3.23 -10.77
N LEU A 110 9.87 3.11 -10.28
CA LEU A 110 9.59 3.38 -8.87
C LEU A 110 10.16 2.25 -8.02
N LEU A 111 11.23 2.57 -7.29
CA LEU A 111 11.89 1.59 -6.44
C LEU A 111 11.84 2.04 -4.97
N VAL A 112 11.22 1.23 -4.14
CA VAL A 112 11.09 1.53 -2.70
C VAL A 112 11.73 0.43 -1.87
N ASN A 113 12.29 0.79 -0.72
CA ASN A 113 12.92 -0.20 0.16
C ASN A 113 13.61 -1.29 -0.64
N GLU A 114 14.31 -0.90 -1.70
CA GLU A 114 15.01 -1.87 -2.55
C GLU A 114 14.04 -2.93 -3.07
N LEU A 115 13.02 -2.49 -3.82
CA LEU A 115 12.03 -3.41 -4.38
C LEU A 115 11.36 -2.77 -5.59
N LYS A 116 11.24 -3.53 -6.67
CA LYS A 116 10.62 -3.01 -7.88
C LYS A 116 9.10 -3.14 -7.79
N SER A 117 8.39 -2.01 -7.84
CA SER A 117 6.93 -2.05 -7.75
C SER A 117 6.35 -2.76 -8.97
N LYS A 118 5.11 -3.25 -8.83
CA LYS A 118 4.43 -3.95 -9.92
C LYS A 118 3.62 -2.97 -10.75
N GLU A 119 2.82 -2.14 -10.08
CA GLU A 119 2.00 -1.17 -10.77
C GLU A 119 1.62 -0.03 -9.84
N SER A 120 1.97 1.19 -10.21
CA SER A 120 1.67 2.34 -9.38
C SER A 120 1.50 3.59 -10.23
N ASP A 121 1.10 4.68 -9.59
CA ASP A 121 0.89 5.95 -10.29
C ASP A 121 -0.46 5.93 -10.99
N ILE A 122 -1.31 5.01 -10.57
CA ILE A 122 -2.64 4.88 -11.16
C ILE A 122 -3.41 6.17 -10.94
N MET A 123 -4.74 6.08 -10.88
CA MET A 123 -5.58 7.26 -10.66
C MET A 123 -6.90 6.88 -10.02
N THR A 124 -7.10 7.33 -8.78
CA THR A 124 -8.34 7.05 -8.06
C THR A 124 -8.95 8.34 -7.53
N THR A 125 -10.22 8.27 -7.13
CA THR A 125 -10.90 9.45 -6.63
C THR A 125 -10.41 9.80 -5.22
N ASN A 126 -9.62 8.90 -4.65
CA ASN A 126 -9.08 9.10 -3.30
C ASN A 126 -7.61 9.48 -3.38
N GLY A 127 -7.08 9.49 -4.59
CA GLY A 127 -5.68 9.84 -4.80
C GLY A 127 -5.03 8.94 -5.83
N VAL A 128 -3.99 8.21 -5.41
CA VAL A 128 -3.29 7.32 -6.30
C VAL A 128 -3.08 5.96 -5.65
N ILE A 129 -2.72 4.96 -6.47
CA ILE A 129 -2.48 3.61 -5.96
C ILE A 129 -1.06 3.15 -6.25
N HIS A 130 -0.56 2.27 -5.38
CA HIS A 130 0.77 1.72 -5.55
C HIS A 130 0.72 0.22 -5.25
N VAL A 131 0.96 -0.58 -6.28
CA VAL A 131 0.94 -2.02 -6.14
C VAL A 131 2.35 -2.56 -6.06
N VAL A 132 2.69 -3.19 -4.93
CA VAL A 132 4.03 -3.75 -4.76
C VAL A 132 3.96 -5.28 -4.80
N ASP A 133 5.13 -5.92 -4.72
CA ASP A 133 5.20 -7.39 -4.77
C ASP A 133 5.84 -7.96 -3.51
N LYS A 134 5.70 -7.26 -2.39
CA LYS A 134 6.26 -7.72 -1.13
C LYS A 134 5.78 -6.86 0.03
N LEU A 135 5.96 -7.34 1.25
CA LEU A 135 5.54 -6.60 2.43
C LEU A 135 6.68 -5.73 2.93
N LEU A 136 6.41 -4.43 3.05
CA LEU A 136 7.43 -3.50 3.51
C LEU A 136 8.02 -3.96 4.84
N TYR A 137 9.01 -4.84 4.75
CA TYR A 137 9.66 -5.36 5.96
C TYR A 137 10.79 -4.43 6.41
N PRO A 138 11.12 -4.42 7.68
CA PRO A 138 12.21 -3.56 8.23
C PRO A 138 13.43 -3.52 7.30
N ALA A 139 13.64 -4.59 6.56
CA ALA A 139 14.77 -4.68 5.65
C ALA A 139 14.40 -5.42 4.37
N ASP A 140 15.38 -6.02 3.73
CA ASP A 140 15.15 -6.76 2.50
C ASP A 140 14.07 -7.82 2.71
N GLY A 1 -21.80 1.16 -9.89
CA GLY A 1 -20.37 1.30 -10.14
C GLY A 1 -20.05 2.63 -10.79
N ALA A 2 -20.90 3.04 -11.74
CA ALA A 2 -20.69 4.31 -12.44
C ALA A 2 -19.29 4.37 -13.03
N MET A 3 -18.96 5.49 -13.64
CA MET A 3 -17.64 5.67 -14.24
C MET A 3 -16.63 6.11 -13.19
N GLU A 4 -15.58 6.80 -13.65
CA GLU A 4 -14.54 7.27 -12.75
C GLU A 4 -13.90 6.11 -11.99
N LYS A 5 -12.58 6.14 -11.88
CA LYS A 5 -11.86 5.07 -11.17
C LYS A 5 -11.41 5.56 -9.79
N SER A 6 -12.09 5.08 -8.76
CA SER A 6 -11.75 5.47 -7.40
C SER A 6 -10.90 4.39 -6.73
N LEU A 7 -10.40 4.71 -5.54
CA LEU A 7 -9.55 3.76 -4.82
C LEU A 7 -10.30 2.47 -4.52
N HIS A 8 -11.38 2.57 -3.74
CA HIS A 8 -12.17 1.40 -3.39
C HIS A 8 -12.59 0.66 -4.65
N GLU A 9 -12.98 1.41 -5.67
CA GLU A 9 -13.41 0.82 -6.93
C GLU A 9 -12.34 -0.14 -7.44
N LYS A 10 -11.09 0.31 -7.40
CA LYS A 10 -9.97 -0.52 -7.85
C LYS A 10 -9.88 -1.79 -7.01
N LEU A 11 -9.91 -1.62 -5.68
CA LEU A 11 -9.82 -2.76 -4.78
C LEU A 11 -11.02 -3.68 -4.95
N LYS A 12 -12.15 -3.10 -5.34
CA LYS A 12 -13.37 -3.88 -5.54
C LYS A 12 -13.42 -4.44 -6.95
N GLN A 13 -12.59 -3.89 -7.83
CA GLN A 13 -12.55 -4.36 -9.22
C GLN A 13 -11.46 -5.39 -9.41
N ASP A 14 -10.40 -5.30 -8.60
CA ASP A 14 -9.29 -6.23 -8.70
C ASP A 14 -9.46 -7.37 -7.70
N LYS A 15 -9.64 -8.58 -8.21
CA LYS A 15 -9.83 -9.75 -7.36
C LYS A 15 -8.56 -10.03 -6.55
N ARG A 16 -7.42 -9.63 -7.08
CA ARG A 16 -6.15 -9.84 -6.40
C ARG A 16 -6.17 -9.21 -5.01
N PHE A 17 -6.91 -8.12 -4.88
CA PHE A 17 -6.99 -7.42 -3.60
C PHE A 17 -8.32 -7.68 -2.91
N SER A 18 -8.98 -8.76 -3.32
CA SER A 18 -10.26 -9.13 -2.71
C SER A 18 -10.07 -9.41 -1.22
N THR A 19 -9.02 -10.15 -0.89
CA THR A 19 -8.74 -10.47 0.49
C THR A 19 -8.63 -9.19 1.30
N PHE A 20 -7.87 -8.23 0.78
CA PHE A 20 -7.70 -6.95 1.44
C PHE A 20 -9.06 -6.34 1.75
N LEU A 21 -9.96 -6.40 0.79
CA LEU A 21 -11.28 -5.85 0.99
C LEU A 21 -11.92 -6.46 2.23
N SER A 22 -11.71 -7.76 2.42
CA SER A 22 -12.29 -8.46 3.56
C SER A 22 -11.68 -8.02 4.89
N LEU A 23 -10.37 -8.18 5.02
CA LEU A 23 -9.67 -7.82 6.25
C LEU A 23 -9.71 -6.31 6.51
N LEU A 24 -9.54 -5.52 5.46
CA LEU A 24 -9.54 -4.07 5.62
C LEU A 24 -10.93 -3.58 6.01
N GLU A 25 -11.94 -4.26 5.50
CA GLU A 25 -13.31 -3.88 5.81
C GLU A 25 -13.61 -4.15 7.28
N ALA A 26 -13.07 -5.24 7.81
CA ALA A 26 -13.30 -5.57 9.22
C ALA A 26 -12.65 -4.55 10.13
N ALA A 27 -11.48 -4.05 9.72
CA ALA A 27 -10.76 -3.05 10.51
C ALA A 27 -11.33 -1.65 10.25
N ASP A 28 -12.26 -1.56 9.30
CA ASP A 28 -12.87 -0.28 8.95
C ASP A 28 -11.89 0.59 8.17
N LEU A 29 -11.19 -0.02 7.21
CA LEU A 29 -10.23 0.71 6.40
C LEU A 29 -10.85 1.08 5.05
N LYS A 30 -12.17 1.07 5.01
CA LYS A 30 -12.90 1.38 3.79
C LYS A 30 -13.53 2.78 3.86
N GLU A 31 -13.86 3.21 5.08
CA GLU A 31 -14.49 4.52 5.27
C GLU A 31 -13.53 5.65 4.87
N LEU A 32 -12.44 5.77 5.61
CA LEU A 32 -11.45 6.80 5.32
C LEU A 32 -11.00 6.73 3.87
N LEU A 33 -11.15 5.54 3.29
CA LEU A 33 -10.73 5.31 1.91
C LEU A 33 -11.63 6.04 0.93
N THR A 34 -12.93 6.01 1.18
CA THR A 34 -13.87 6.68 0.30
C THR A 34 -13.92 8.16 0.61
N GLN A 35 -13.36 8.53 1.75
CA GLN A 35 -13.33 9.93 2.16
C GLN A 35 -12.56 10.80 1.16
N PRO A 36 -12.77 12.10 1.19
CA PRO A 36 -12.06 13.03 0.28
C PRO A 36 -10.67 13.40 0.80
N GLY A 37 -9.63 13.03 0.06
CA GLY A 37 -8.26 13.33 0.47
C GLY A 37 -7.26 12.53 -0.35
N ASP A 38 -6.09 13.11 -0.55
CA ASP A 38 -5.04 12.45 -1.32
C ASP A 38 -4.03 11.77 -0.40
N TRP A 39 -3.85 10.47 -0.59
CA TRP A 39 -2.90 9.71 0.22
C TRP A 39 -2.23 8.62 -0.61
N THR A 40 -1.18 8.01 -0.06
CA THR A 40 -0.45 6.95 -0.76
C THR A 40 -0.51 5.65 0.04
N LEU A 41 -0.78 4.55 -0.65
CA LEU A 41 -0.86 3.24 0.01
C LEU A 41 -0.11 2.20 -0.80
N PHE A 42 0.51 1.26 -0.11
CA PHE A 42 1.26 0.20 -0.79
C PHE A 42 0.52 -1.13 -0.68
N VAL A 43 -0.14 -1.53 -1.76
CA VAL A 43 -0.90 -2.77 -1.77
C VAL A 43 -0.10 -3.90 -2.43
N PRO A 44 0.29 -4.93 -1.70
CA PRO A 44 1.04 -6.08 -2.28
C PRO A 44 0.12 -7.08 -2.96
N THR A 45 0.66 -7.83 -3.92
CA THR A 45 -0.12 -8.83 -4.64
C THR A 45 -0.03 -10.18 -3.94
N ASN A 46 -0.72 -11.18 -4.49
CA ASN A 46 -0.71 -12.51 -3.91
C ASN A 46 0.70 -13.09 -3.93
N ASP A 47 1.54 -12.57 -4.82
CA ASP A 47 2.91 -13.05 -4.93
C ASP A 47 3.69 -12.69 -3.67
N ALA A 48 3.22 -11.69 -2.96
CA ALA A 48 3.89 -11.26 -1.73
C ALA A 48 3.67 -12.26 -0.61
N PHE A 49 2.64 -13.10 -0.76
CA PHE A 49 2.33 -14.09 0.25
C PHE A 49 3.27 -15.29 0.11
N LYS A 50 4.02 -15.33 -0.98
CA LYS A 50 4.95 -16.43 -1.20
C LYS A 50 5.98 -16.49 -0.09
N GLY A 51 5.88 -17.52 0.74
CA GLY A 51 6.81 -17.68 1.86
C GLY A 51 6.10 -17.53 3.19
N MET A 52 5.07 -16.68 3.22
CA MET A 52 4.31 -16.45 4.44
C MET A 52 3.77 -17.77 4.98
N THR A 53 4.24 -18.14 6.16
CA THR A 53 3.79 -19.38 6.78
C THR A 53 2.48 -19.17 7.52
N SER A 54 1.74 -20.25 7.73
CA SER A 54 0.47 -20.18 8.42
C SER A 54 0.62 -19.49 9.78
N GLU A 55 1.77 -19.72 10.42
CA GLU A 55 2.03 -19.12 11.73
C GLU A 55 2.26 -17.62 11.59
N GLU A 56 2.93 -17.23 10.52
CA GLU A 56 3.21 -15.82 10.30
C GLU A 56 1.91 -15.01 10.27
N LYS A 57 1.01 -15.39 9.36
CA LYS A 57 -0.26 -14.68 9.25
C LYS A 57 -1.03 -14.77 10.56
N GLU A 58 -0.91 -15.91 11.23
CA GLU A 58 -1.60 -16.11 12.49
C GLU A 58 -1.05 -15.17 13.56
N ILE A 59 0.27 -15.03 13.58
CA ILE A 59 0.91 -14.13 14.54
C ILE A 59 0.36 -12.72 14.38
N LEU A 60 0.06 -12.35 13.13
CA LEU A 60 -0.47 -11.02 12.87
C LEU A 60 -1.82 -10.82 13.55
N ILE A 61 -2.76 -11.73 13.30
CA ILE A 61 -4.09 -11.63 13.89
C ILE A 61 -4.01 -11.72 15.42
N ARG A 62 -2.97 -12.42 15.89
CA ARG A 62 -2.79 -12.63 17.31
C ARG A 62 -2.71 -11.30 18.05
N ASP A 63 -2.19 -10.29 17.39
CA ASP A 63 -2.07 -8.97 17.99
C ASP A 63 -2.87 -7.97 17.17
N LYS A 64 -3.85 -7.34 17.81
CA LYS A 64 -4.67 -6.36 17.13
C LYS A 64 -3.81 -5.22 16.63
N ASN A 65 -2.85 -4.81 17.43
CA ASN A 65 -1.99 -3.71 17.04
C ASN A 65 -1.07 -4.11 15.89
N ALA A 66 -0.73 -5.40 15.83
CA ALA A 66 0.15 -5.90 14.79
C ALA A 66 -0.52 -5.83 13.42
N LEU A 67 -1.62 -6.56 13.27
CA LEU A 67 -2.32 -6.55 12.01
C LEU A 67 -2.73 -5.13 11.67
N GLN A 68 -3.08 -4.35 12.68
CA GLN A 68 -3.51 -2.98 12.43
C GLN A 68 -2.42 -2.18 11.75
N ASN A 69 -1.22 -2.25 12.30
CA ASN A 69 -0.09 -1.54 11.72
C ASN A 69 0.08 -1.92 10.26
N ILE A 70 -0.01 -3.21 9.97
CA ILE A 70 0.14 -3.66 8.59
C ILE A 70 -1.11 -3.34 7.77
N ILE A 71 -2.27 -3.42 8.40
CA ILE A 71 -3.52 -3.12 7.70
C ILE A 71 -3.39 -1.81 6.94
N LEU A 72 -2.93 -0.78 7.63
CA LEU A 72 -2.79 0.53 6.98
C LEU A 72 -1.88 0.46 5.77
N TYR A 73 -1.29 -0.72 5.54
CA TYR A 73 -0.40 -0.91 4.42
C TYR A 73 0.54 0.29 4.27
N HIS A 74 1.03 0.79 5.40
CA HIS A 74 1.93 1.94 5.39
C HIS A 74 1.27 3.13 4.71
N LEU A 75 0.03 3.42 5.11
CA LEU A 75 -0.69 4.55 4.52
C LEU A 75 0.08 5.84 4.80
N THR A 76 0.34 6.61 3.75
CA THR A 76 1.05 7.87 3.90
C THR A 76 0.18 9.03 3.41
N PRO A 77 0.25 10.18 4.06
CA PRO A 77 -0.54 11.38 3.62
C PRO A 77 0.09 12.07 2.42
N GLY A 78 -0.75 12.65 1.57
CA GLY A 78 -0.27 13.36 0.39
C GLY A 78 0.27 12.39 -0.66
N VAL A 79 -0.43 12.31 -1.79
CA VAL A 79 -0.02 11.42 -2.87
C VAL A 79 1.46 11.63 -3.19
N PHE A 80 2.21 10.53 -3.26
CA PHE A 80 3.62 10.60 -3.56
C PHE A 80 3.86 10.43 -5.06
N ILE A 81 4.76 11.24 -5.61
CA ILE A 81 5.07 11.18 -7.04
C ILE A 81 6.56 10.95 -7.25
N GLY A 82 6.89 9.93 -8.05
CA GLY A 82 8.28 9.61 -8.32
C GLY A 82 8.96 10.76 -9.06
N LYS A 83 8.17 11.54 -9.79
CA LYS A 83 8.72 12.67 -10.54
C LYS A 83 8.84 13.90 -9.64
N GLY A 84 8.10 13.88 -8.53
CA GLY A 84 8.15 15.00 -7.59
C GLY A 84 9.41 14.95 -6.75
N PHE A 85 9.82 13.76 -6.34
CA PHE A 85 11.01 13.60 -5.53
C PHE A 85 12.23 13.37 -6.41
N GLU A 86 13.42 13.56 -5.84
CA GLU A 86 14.65 13.38 -6.60
C GLU A 86 14.89 11.89 -6.92
N PRO A 87 15.04 11.51 -8.17
CA PRO A 87 15.28 10.09 -8.56
C PRO A 87 16.73 9.67 -8.35
N GLY A 88 16.93 8.42 -7.94
CA GLY A 88 18.27 7.91 -7.72
C GLY A 88 18.59 7.86 -6.22
N VAL A 89 18.30 8.95 -5.52
CA VAL A 89 18.57 9.02 -4.10
C VAL A 89 17.36 8.53 -3.30
N THR A 90 17.60 7.60 -2.38
CA THR A 90 16.51 7.07 -1.57
C THR A 90 15.86 8.19 -0.77
N ASN A 91 14.53 8.17 -0.70
CA ASN A 91 13.79 9.20 0.03
C ASN A 91 13.01 8.59 1.19
N ILE A 92 13.19 9.16 2.37
CA ILE A 92 12.52 8.67 3.57
C ILE A 92 11.18 9.38 3.73
N LEU A 93 10.11 8.61 3.85
CA LEU A 93 8.77 9.19 4.02
C LEU A 93 8.08 8.58 5.24
N LYS A 94 7.47 9.44 6.04
CA LYS A 94 6.77 9.00 7.23
C LYS A 94 5.33 8.64 6.88
N THR A 95 4.89 7.47 7.33
CA THR A 95 3.53 7.02 7.06
C THR A 95 2.67 7.07 8.32
N THR A 96 1.37 7.05 8.12
CA THR A 96 0.43 7.10 9.24
C THR A 96 0.64 5.89 10.17
N GLN A 97 1.11 4.79 9.60
CA GLN A 97 1.34 3.58 10.38
C GLN A 97 2.22 3.89 11.59
N GLY A 98 3.04 4.93 11.48
CA GLY A 98 3.92 5.32 12.58
C GLY A 98 5.39 5.11 12.21
N SER A 99 5.61 4.36 11.14
CA SER A 99 6.98 4.08 10.68
C SER A 99 7.30 4.89 9.43
N LYS A 100 8.44 4.57 8.82
CA LYS A 100 8.86 5.27 7.60
C LYS A 100 9.10 4.28 6.47
N ILE A 101 9.01 4.77 5.24
CA ILE A 101 9.23 3.93 4.07
C ILE A 101 10.29 4.54 3.16
N PHE A 102 11.15 3.69 2.60
CA PHE A 102 12.22 4.15 1.72
C PHE A 102 11.79 4.05 0.26
N LEU A 103 11.70 5.20 -0.40
CA LEU A 103 11.31 5.23 -1.81
C LEU A 103 12.50 5.59 -2.68
N LYS A 104 12.43 5.19 -3.95
CA LYS A 104 13.51 5.47 -4.88
C LYS A 104 13.05 5.27 -6.31
N GLU A 105 13.45 6.19 -7.20
CA GLU A 105 13.08 6.11 -8.60
C GLU A 105 14.33 6.10 -9.48
N VAL A 106 14.42 5.10 -10.34
CA VAL A 106 15.57 4.99 -11.23
C VAL A 106 15.13 4.54 -12.62
N ASN A 107 15.77 5.10 -13.64
CA ASN A 107 15.43 4.76 -15.02
C ASN A 107 13.92 4.84 -15.24
N ASP A 108 13.29 5.82 -14.61
CA ASP A 108 11.85 6.00 -14.75
C ASP A 108 11.11 4.81 -14.17
N THR A 109 11.77 4.07 -13.28
CA THR A 109 11.16 2.91 -12.66
C THR A 109 10.96 3.13 -11.17
N LEU A 110 9.75 2.84 -10.68
CA LEU A 110 9.46 3.01 -9.27
C LEU A 110 10.11 1.90 -8.46
N LEU A 111 11.07 2.27 -7.62
CA LEU A 111 11.76 1.31 -6.79
C LEU A 111 11.63 1.66 -5.31
N VAL A 112 11.20 0.69 -4.51
CA VAL A 112 11.03 0.92 -3.08
C VAL A 112 11.95 -0.01 -2.30
N ASN A 113 12.56 0.51 -1.24
CA ASN A 113 13.45 -0.29 -0.42
C ASN A 113 14.55 -0.91 -1.27
N GLU A 114 14.22 -2.01 -1.95
CA GLU A 114 15.18 -2.69 -2.80
C GLU A 114 14.48 -3.70 -3.70
N LEU A 115 13.41 -3.25 -4.34
CA LEU A 115 12.64 -4.13 -5.23
C LEU A 115 11.82 -3.30 -6.21
N LYS A 116 11.58 -3.85 -7.39
CA LYS A 116 10.82 -3.16 -8.44
C LYS A 116 9.31 -3.27 -8.20
N SER A 117 8.62 -2.14 -8.24
CA SER A 117 7.17 -2.14 -8.05
C SER A 117 6.48 -2.84 -9.20
N LYS A 118 5.22 -3.23 -8.98
CA LYS A 118 4.45 -3.90 -10.01
C LYS A 118 3.67 -2.88 -10.83
N GLU A 119 3.13 -1.87 -10.16
CA GLU A 119 2.35 -0.83 -10.85
C GLU A 119 1.89 0.24 -9.87
N SER A 120 2.11 1.49 -10.24
CA SER A 120 1.72 2.60 -9.39
C SER A 120 1.39 3.82 -10.24
N ASP A 121 1.07 4.93 -9.58
CA ASP A 121 0.74 6.17 -10.28
C ASP A 121 -0.53 6.02 -11.10
N ILE A 122 -1.22 4.91 -10.90
CA ILE A 122 -2.47 4.65 -11.62
C ILE A 122 -3.34 5.89 -11.61
N MET A 123 -3.14 6.74 -10.60
CA MET A 123 -3.91 7.96 -10.48
C MET A 123 -5.39 7.65 -10.32
N THR A 124 -5.96 8.03 -9.17
CA THR A 124 -7.37 7.78 -8.91
C THR A 124 -8.11 9.10 -8.72
N THR A 125 -9.41 9.00 -8.46
CA THR A 125 -10.24 10.18 -8.26
C THR A 125 -10.19 10.65 -6.81
N ASN A 126 -9.51 9.88 -5.96
CA ASN A 126 -9.39 10.22 -4.55
C ASN A 126 -7.92 10.28 -4.13
N GLY A 127 -7.03 9.88 -5.04
CA GLY A 127 -5.61 9.89 -4.74
C GLY A 127 -4.84 9.03 -5.74
N VAL A 128 -3.74 8.43 -5.27
CA VAL A 128 -2.92 7.58 -6.12
C VAL A 128 -2.84 6.18 -5.56
N ILE A 129 -2.33 5.25 -6.36
CA ILE A 129 -2.21 3.87 -5.93
C ILE A 129 -0.82 3.33 -6.25
N HIS A 130 -0.35 2.42 -5.39
CA HIS A 130 0.97 1.82 -5.58
C HIS A 130 0.90 0.32 -5.31
N VAL A 131 1.15 -0.48 -6.35
CA VAL A 131 1.12 -1.92 -6.24
C VAL A 131 2.52 -2.52 -6.21
N VAL A 132 2.79 -3.33 -5.18
CA VAL A 132 4.09 -3.98 -5.04
C VAL A 132 3.94 -5.50 -5.00
N ASP A 133 5.07 -6.20 -4.92
CA ASP A 133 5.06 -7.66 -4.86
C ASP A 133 5.82 -8.16 -3.64
N LYS A 134 5.61 -7.49 -2.51
CA LYS A 134 6.28 -7.87 -1.28
C LYS A 134 5.67 -7.14 -0.09
N LEU A 135 5.99 -7.62 1.12
CA LEU A 135 5.47 -7.00 2.33
C LEU A 135 6.54 -6.17 3.02
N LEU A 136 6.22 -4.90 3.27
CA LEU A 136 7.17 -4.00 3.93
C LEU A 136 6.79 -3.82 5.39
N TYR A 137 7.57 -4.42 6.29
CA TYR A 137 7.30 -4.30 7.73
C TYR A 137 8.34 -3.41 8.39
N PRO A 138 8.00 -2.82 9.53
CA PRO A 138 8.94 -1.94 10.28
C PRO A 138 10.05 -2.71 10.97
N ALA A 139 11.29 -2.41 10.62
CA ALA A 139 12.42 -3.08 11.24
C ALA A 139 13.68 -2.86 10.41
N ASP A 140 13.83 -3.67 9.37
CA ASP A 140 14.99 -3.57 8.48
C ASP A 140 14.55 -3.55 7.02
N GLY A 1 -11.45 8.79 -23.12
CA GLY A 1 -11.38 7.73 -22.13
C GLY A 1 -11.93 8.19 -20.79
N ALA A 2 -11.37 7.65 -19.71
CA ALA A 2 -11.82 8.02 -18.37
C ALA A 2 -10.72 7.77 -17.35
N MET A 3 -10.82 8.44 -16.20
CA MET A 3 -9.82 8.29 -15.16
C MET A 3 -10.41 8.63 -13.79
N GLU A 4 -11.17 7.70 -13.24
CA GLU A 4 -11.80 7.90 -11.94
C GLU A 4 -11.46 6.73 -11.02
N LYS A 5 -12.49 5.97 -10.68
CA LYS A 5 -12.32 4.81 -9.79
C LYS A 5 -11.73 5.22 -8.44
N SER A 6 -12.34 4.76 -7.37
CA SER A 6 -11.85 5.09 -6.03
C SER A 6 -11.00 3.96 -5.48
N LEU A 7 -10.43 4.18 -4.30
CA LEU A 7 -9.58 3.16 -3.69
C LEU A 7 -10.38 1.87 -3.43
N HIS A 8 -11.38 1.97 -2.56
CA HIS A 8 -12.21 0.81 -2.23
C HIS A 8 -12.80 0.21 -3.49
N GLU A 9 -13.26 1.06 -4.40
CA GLU A 9 -13.84 0.59 -5.64
C GLU A 9 -12.89 -0.39 -6.33
N LYS A 10 -11.62 -0.01 -6.41
CA LYS A 10 -10.62 -0.88 -7.03
C LYS A 10 -10.49 -2.19 -6.26
N LEU A 11 -10.26 -2.08 -4.95
CA LEU A 11 -10.13 -3.27 -4.11
C LEU A 11 -11.39 -4.13 -4.23
N LYS A 12 -12.48 -3.52 -4.64
CA LYS A 12 -13.74 -4.23 -4.78
C LYS A 12 -13.86 -4.83 -6.18
N GLN A 13 -13.16 -4.24 -7.13
CA GLN A 13 -13.19 -4.73 -8.50
C GLN A 13 -11.97 -5.60 -8.79
N ASP A 14 -11.09 -5.71 -7.81
CA ASP A 14 -9.87 -6.51 -7.96
C ASP A 14 -9.88 -7.70 -7.01
N LYS A 15 -10.06 -8.90 -7.58
CA LYS A 15 -10.08 -10.11 -6.77
C LYS A 15 -8.73 -10.34 -6.10
N ARG A 16 -7.67 -9.89 -6.76
CA ARG A 16 -6.32 -10.05 -6.22
C ARG A 16 -6.23 -9.48 -4.81
N PHE A 17 -7.05 -8.47 -4.54
CA PHE A 17 -7.05 -7.83 -3.22
C PHE A 17 -8.34 -8.13 -2.46
N SER A 18 -8.93 -9.28 -2.74
CA SER A 18 -10.15 -9.69 -2.06
C SER A 18 -9.91 -9.86 -0.57
N THR A 19 -8.78 -10.48 -0.23
CA THR A 19 -8.46 -10.70 1.18
C THR A 19 -8.41 -9.36 1.91
N PHE A 20 -7.72 -8.40 1.31
CA PHE A 20 -7.58 -7.08 1.90
C PHE A 20 -8.96 -6.51 2.20
N LEU A 21 -9.87 -6.69 1.28
CA LEU A 21 -11.22 -6.19 1.48
C LEU A 21 -11.81 -6.76 2.76
N SER A 22 -11.65 -8.07 2.94
CA SER A 22 -12.21 -8.74 4.11
C SER A 22 -11.63 -8.20 5.42
N LEU A 23 -10.32 -8.27 5.55
CA LEU A 23 -9.65 -7.82 6.76
C LEU A 23 -9.79 -6.33 6.98
N LEU A 24 -9.49 -5.55 5.95
CA LEU A 24 -9.57 -4.09 6.10
C LEU A 24 -10.94 -3.66 6.55
N GLU A 25 -11.97 -4.38 6.11
CA GLU A 25 -13.34 -4.05 6.51
C GLU A 25 -13.54 -4.36 7.99
N ALA A 26 -12.99 -5.48 8.45
CA ALA A 26 -13.15 -5.87 9.85
C ALA A 26 -12.46 -4.88 10.77
N ALA A 27 -11.33 -4.34 10.34
CA ALA A 27 -10.59 -3.38 11.14
C ALA A 27 -11.25 -2.00 11.08
N ASP A 28 -12.18 -1.85 10.14
CA ASP A 28 -12.89 -0.58 9.98
C ASP A 28 -12.03 0.39 9.15
N LEU A 29 -11.39 -0.11 8.10
CA LEU A 29 -10.53 0.73 7.26
C LEU A 29 -11.28 1.12 5.99
N LYS A 30 -12.59 1.01 6.05
CA LYS A 30 -13.44 1.34 4.91
C LYS A 30 -14.08 2.72 5.06
N GLU A 31 -14.11 3.23 6.30
CA GLU A 31 -14.72 4.54 6.55
C GLU A 31 -13.78 5.67 6.10
N LEU A 32 -12.66 5.79 6.77
CA LEU A 32 -11.68 6.82 6.43
C LEU A 32 -11.27 6.72 4.96
N LEU A 33 -11.50 5.53 4.40
CA LEU A 33 -11.12 5.26 3.01
C LEU A 33 -12.04 5.95 2.01
N THR A 34 -13.24 6.25 2.46
CA THR A 34 -14.20 6.91 1.58
C THR A 34 -14.10 8.41 1.73
N GLN A 35 -13.31 8.84 2.72
CA GLN A 35 -13.15 10.26 2.98
C GLN A 35 -12.35 10.93 1.86
N PRO A 36 -12.53 12.22 1.66
CA PRO A 36 -11.79 12.98 0.61
C PRO A 36 -10.37 13.34 1.03
N GLY A 37 -9.42 13.19 0.10
CA GLY A 37 -8.03 13.50 0.39
C GLY A 37 -7.11 12.78 -0.60
N ASP A 38 -5.82 13.07 -0.51
CA ASP A 38 -4.83 12.44 -1.38
C ASP A 38 -3.82 11.67 -0.55
N TRP A 39 -3.82 10.35 -0.71
CA TRP A 39 -2.89 9.50 0.05
C TRP A 39 -2.30 8.43 -0.87
N THR A 40 -1.21 7.81 -0.43
CA THR A 40 -0.57 6.76 -1.21
C THR A 40 -0.91 5.39 -0.63
N LEU A 41 -1.63 4.59 -1.41
CA LEU A 41 -2.04 3.27 -0.95
C LEU A 41 -1.10 2.19 -1.46
N PHE A 42 -0.45 1.51 -0.53
CA PHE A 42 0.47 0.42 -0.87
C PHE A 42 -0.27 -0.90 -0.75
N VAL A 43 -0.43 -1.58 -1.89
CA VAL A 43 -1.13 -2.86 -1.89
C VAL A 43 -0.30 -3.95 -2.57
N PRO A 44 0.15 -4.96 -1.83
CA PRO A 44 0.94 -6.06 -2.42
C PRO A 44 0.06 -7.13 -3.08
N THR A 45 0.59 -7.82 -4.09
CA THR A 45 -0.17 -8.85 -4.77
C THR A 45 -0.02 -10.20 -4.07
N ASN A 46 -0.72 -11.21 -4.59
CA ASN A 46 -0.64 -12.54 -4.01
C ASN A 46 0.79 -13.05 -4.02
N ASP A 47 1.60 -12.50 -4.91
CA ASP A 47 3.00 -12.90 -5.03
C ASP A 47 3.78 -12.51 -3.77
N ALA A 48 3.16 -11.68 -2.94
CA ALA A 48 3.80 -11.24 -1.71
C ALA A 48 3.46 -12.15 -0.54
N PHE A 49 2.28 -12.76 -0.58
CA PHE A 49 1.84 -13.64 0.49
C PHE A 49 2.41 -15.04 0.36
N LYS A 50 2.66 -15.46 -0.87
CA LYS A 50 3.22 -16.79 -1.08
C LYS A 50 4.39 -17.03 -0.13
N GLY A 51 4.36 -18.15 0.58
CA GLY A 51 5.42 -18.48 1.52
C GLY A 51 4.97 -18.30 2.97
N MET A 52 4.28 -17.20 3.23
CA MET A 52 3.80 -16.92 4.58
C MET A 52 3.21 -18.19 5.20
N THR A 53 3.97 -18.79 6.11
CA THR A 53 3.51 -20.01 6.77
C THR A 53 2.27 -19.74 7.60
N SER A 54 1.49 -20.79 7.85
CA SER A 54 0.28 -20.65 8.64
C SER A 54 0.60 -20.12 10.02
N GLU A 55 1.73 -20.56 10.56
CA GLU A 55 2.14 -20.14 11.89
C GLU A 55 2.54 -18.67 11.88
N GLU A 56 3.19 -18.24 10.79
CA GLU A 56 3.61 -16.85 10.67
C GLU A 56 2.43 -15.91 10.82
N LYS A 57 1.40 -16.12 10.00
CA LYS A 57 0.22 -15.27 10.08
C LYS A 57 -0.44 -15.41 11.44
N GLU A 58 -0.40 -16.62 11.99
CA GLU A 58 -1.01 -16.86 13.29
C GLU A 58 -0.38 -15.96 14.35
N ILE A 59 0.94 -15.92 14.39
CA ILE A 59 1.63 -15.09 15.37
C ILE A 59 1.33 -13.62 15.11
N LEU A 60 1.05 -13.30 13.85
CA LEU A 60 0.74 -11.93 13.46
C LEU A 60 -0.64 -11.53 13.97
N ILE A 61 -1.65 -12.26 13.52
CA ILE A 61 -3.03 -11.99 13.90
C ILE A 61 -3.22 -12.20 15.40
N ARG A 62 -2.23 -12.82 16.05
CA ARG A 62 -2.30 -13.06 17.48
C ARG A 62 -2.41 -11.74 18.23
N ASP A 63 -1.81 -10.69 17.68
CA ASP A 63 -1.84 -9.38 18.30
C ASP A 63 -2.67 -8.41 17.48
N LYS A 64 -3.63 -7.76 18.12
CA LYS A 64 -4.48 -6.80 17.42
C LYS A 64 -3.62 -5.68 16.87
N ASN A 65 -2.67 -5.22 17.67
CA ASN A 65 -1.82 -4.13 17.26
C ASN A 65 -0.89 -4.54 16.13
N ALA A 66 -0.59 -5.84 16.04
CA ALA A 66 0.30 -6.35 15.00
C ALA A 66 -0.33 -6.23 13.63
N LEU A 67 -1.44 -6.94 13.45
CA LEU A 67 -2.12 -6.88 12.17
C LEU A 67 -2.48 -5.44 11.86
N GLN A 68 -2.89 -4.69 12.87
CA GLN A 68 -3.31 -3.31 12.66
C GLN A 68 -2.20 -2.51 11.99
N ASN A 69 -1.02 -2.56 12.57
CA ASN A 69 0.11 -1.85 12.01
C ASN A 69 0.25 -2.20 10.54
N ILE A 70 0.09 -3.49 10.23
CA ILE A 70 0.21 -3.93 8.85
C ILE A 70 -1.05 -3.62 8.06
N ILE A 71 -2.21 -3.59 8.72
CA ILE A 71 -3.46 -3.29 8.04
C ILE A 71 -3.31 -2.02 7.22
N LEU A 72 -2.75 -0.98 7.83
CA LEU A 72 -2.59 0.28 7.10
C LEU A 72 -1.65 0.11 5.91
N TYR A 73 -0.97 -1.03 5.86
CA TYR A 73 -0.04 -1.29 4.77
C TYR A 73 0.85 -0.08 4.51
N HIS A 74 1.28 0.58 5.58
CA HIS A 74 2.15 1.73 5.45
C HIS A 74 1.46 2.82 4.64
N LEU A 75 0.23 3.15 5.02
CA LEU A 75 -0.52 4.19 4.32
C LEU A 75 0.14 5.53 4.53
N THR A 76 0.36 6.28 3.45
CA THR A 76 1.00 7.58 3.54
C THR A 76 0.09 8.68 2.96
N PRO A 77 0.14 9.90 3.48
CA PRO A 77 -0.65 11.04 2.92
C PRO A 77 0.03 11.69 1.72
N GLY A 78 -0.76 12.38 0.90
CA GLY A 78 -0.23 13.06 -0.27
C GLY A 78 0.19 12.07 -1.33
N VAL A 79 -0.57 12.00 -2.41
CA VAL A 79 -0.26 11.10 -3.50
C VAL A 79 1.16 11.31 -4.01
N PHE A 80 1.82 10.22 -4.38
CA PHE A 80 3.19 10.30 -4.88
C PHE A 80 3.20 10.56 -6.38
N ILE A 81 4.15 11.37 -6.83
CA ILE A 81 4.26 11.69 -8.26
C ILE A 81 5.33 10.81 -8.91
N GLY A 82 4.98 10.19 -10.04
CA GLY A 82 5.91 9.33 -10.74
C GLY A 82 6.92 10.16 -11.53
N LYS A 83 6.71 11.47 -11.57
CA LYS A 83 7.61 12.36 -12.30
C LYS A 83 7.63 13.74 -11.66
N GLY A 84 7.81 13.78 -10.35
CA GLY A 84 7.85 15.05 -9.63
C GLY A 84 9.06 15.12 -8.70
N PHE A 85 9.24 14.09 -7.89
CA PHE A 85 10.37 14.05 -6.95
C PHE A 85 11.66 13.71 -7.69
N GLU A 86 12.79 14.14 -7.14
CA GLU A 86 14.08 13.87 -7.77
C GLU A 86 14.35 12.36 -7.82
N PRO A 87 14.61 11.79 -8.98
CA PRO A 87 14.90 10.33 -9.11
C PRO A 87 16.34 10.01 -8.73
N GLY A 88 16.63 8.73 -8.54
CA GLY A 88 17.97 8.30 -8.18
C GLY A 88 18.19 8.35 -6.68
N VAL A 89 17.68 9.41 -6.05
CA VAL A 89 17.85 9.56 -4.60
C VAL A 89 16.68 8.91 -3.87
N THR A 90 16.95 8.39 -2.67
CA THR A 90 15.91 7.75 -1.86
C THR A 90 15.18 8.77 -1.00
N ASN A 91 13.88 8.55 -0.80
CA ASN A 91 13.08 9.47 0.01
C ASN A 91 12.59 8.78 1.28
N ILE A 92 13.21 9.13 2.40
CA ILE A 92 12.84 8.54 3.70
C ILE A 92 11.78 9.39 4.38
N LEU A 93 10.58 8.84 4.46
CA LEU A 93 9.47 9.56 5.08
C LEU A 93 8.62 8.65 5.93
N LYS A 94 7.84 9.24 6.82
CA LYS A 94 6.98 8.47 7.70
C LYS A 94 5.55 8.42 7.16
N THR A 95 4.97 7.23 7.20
CA THR A 95 3.60 7.05 6.72
C THR A 95 2.61 7.10 7.87
N THR A 96 1.31 7.15 7.54
CA THR A 96 0.29 7.20 8.57
C THR A 96 0.52 6.09 9.60
N GLN A 97 0.99 4.94 9.13
CA GLN A 97 1.25 3.81 10.01
C GLN A 97 2.22 4.20 11.14
N GLY A 98 3.12 5.15 10.84
CA GLY A 98 4.10 5.60 11.83
C GLY A 98 5.51 5.20 11.42
N SER A 99 5.63 4.04 10.79
CA SER A 99 6.93 3.55 10.33
C SER A 99 7.46 4.40 9.19
N LYS A 100 8.70 4.15 8.79
CA LYS A 100 9.32 4.89 7.70
C LYS A 100 9.50 4.01 6.47
N ILE A 101 9.36 4.63 5.30
CA ILE A 101 9.50 3.92 4.05
C ILE A 101 10.42 4.70 3.10
N PHE A 102 11.20 3.96 2.32
CA PHE A 102 12.14 4.56 1.38
C PHE A 102 11.59 4.54 -0.03
N LEU A 103 11.43 5.71 -0.63
CA LEU A 103 10.92 5.80 -2.00
C LEU A 103 12.03 6.23 -2.94
N LYS A 104 11.99 5.69 -4.15
CA LYS A 104 12.99 6.01 -5.16
C LYS A 104 12.45 5.70 -6.55
N GLU A 105 12.72 6.61 -7.48
CA GLU A 105 12.26 6.43 -8.86
C GLU A 105 13.46 6.48 -9.80
N VAL A 106 13.52 5.52 -10.71
CA VAL A 106 14.62 5.45 -11.67
C VAL A 106 14.12 5.00 -13.04
N ASN A 107 14.64 5.62 -14.09
CA ASN A 107 14.23 5.26 -15.45
C ASN A 107 12.72 5.14 -15.54
N ASP A 108 12.02 5.99 -14.81
CA ASP A 108 10.56 5.97 -14.82
C ASP A 108 10.04 4.69 -14.14
N THR A 109 10.80 4.20 -13.17
CA THR A 109 10.42 3.00 -12.44
C THR A 109 10.24 3.30 -10.97
N LEU A 110 9.02 3.16 -10.47
CA LEU A 110 8.75 3.41 -9.07
C LEU A 110 9.42 2.35 -8.22
N LEU A 111 10.55 2.71 -7.63
CA LEU A 111 11.29 1.79 -6.79
C LEU A 111 11.14 2.15 -5.34
N VAL A 112 10.55 1.23 -4.59
CA VAL A 112 10.34 1.46 -3.16
C VAL A 112 11.17 0.48 -2.35
N ASN A 113 12.25 0.97 -1.75
CA ASN A 113 13.13 0.14 -0.96
C ASN A 113 13.91 -0.80 -1.87
N GLU A 114 14.16 -0.34 -3.10
CA GLU A 114 14.89 -1.13 -4.07
C GLU A 114 14.00 -2.20 -4.68
N LEU A 115 12.70 -2.15 -4.40
CA LEU A 115 11.79 -3.12 -4.93
C LEU A 115 11.07 -2.58 -6.16
N LYS A 116 11.20 -3.32 -7.24
CA LYS A 116 10.57 -2.93 -8.48
C LYS A 116 9.06 -3.05 -8.35
N SER A 117 8.39 -1.91 -8.29
CA SER A 117 6.93 -1.90 -8.16
C SER A 117 6.28 -2.59 -9.35
N LYS A 118 5.07 -3.11 -9.14
CA LYS A 118 4.35 -3.80 -10.21
C LYS A 118 3.51 -2.80 -11.01
N GLU A 119 2.75 -1.98 -10.30
CA GLU A 119 1.90 -0.99 -10.96
C GLU A 119 1.54 0.12 -9.97
N SER A 120 1.43 1.34 -10.48
CA SER A 120 1.08 2.47 -9.63
C SER A 120 0.70 3.66 -10.47
N ASP A 121 0.34 4.76 -9.82
CA ASP A 121 -0.04 5.98 -10.53
C ASP A 121 -1.40 5.81 -11.19
N ILE A 122 -2.03 4.67 -10.95
CA ILE A 122 -3.34 4.40 -11.53
C ILE A 122 -4.28 5.59 -11.33
N MET A 123 -3.98 6.42 -10.34
CA MET A 123 -4.79 7.57 -10.05
C MET A 123 -6.20 7.15 -9.67
N THR A 124 -6.65 7.65 -8.53
CA THR A 124 -7.98 7.33 -8.04
C THR A 124 -8.77 8.60 -7.72
N THR A 125 -10.02 8.42 -7.29
CA THR A 125 -10.87 9.55 -6.96
C THR A 125 -10.63 10.01 -5.54
N ASN A 126 -9.81 9.27 -4.82
CA ASN A 126 -9.50 9.60 -3.43
C ASN A 126 -7.99 9.64 -3.21
N GLY A 127 -7.23 9.58 -4.29
CA GLY A 127 -5.79 9.62 -4.21
C GLY A 127 -5.15 8.79 -5.31
N VAL A 128 -4.05 8.12 -4.99
CA VAL A 128 -3.34 7.30 -5.97
C VAL A 128 -3.12 5.89 -5.43
N ILE A 129 -2.96 4.95 -6.35
CA ILE A 129 -2.76 3.56 -5.99
C ILE A 129 -1.32 3.12 -6.27
N HIS A 130 -0.84 2.22 -5.41
CA HIS A 130 0.51 1.69 -5.57
C HIS A 130 0.50 0.18 -5.37
N VAL A 131 0.74 -0.54 -6.46
CA VAL A 131 0.78 -2.00 -6.44
C VAL A 131 2.21 -2.50 -6.41
N VAL A 132 2.52 -3.35 -5.43
CA VAL A 132 3.86 -3.92 -5.31
C VAL A 132 3.80 -5.45 -5.26
N ASP A 133 4.96 -6.08 -5.30
CA ASP A 133 5.02 -7.55 -5.27
C ASP A 133 5.84 -8.01 -4.07
N LYS A 134 5.57 -7.42 -2.91
CA LYS A 134 6.28 -7.79 -1.69
C LYS A 134 5.60 -7.16 -0.48
N LEU A 135 5.86 -7.72 0.69
CA LEU A 135 5.27 -7.21 1.93
C LEU A 135 6.29 -6.36 2.67
N LEU A 136 5.95 -5.09 2.90
CA LEU A 136 6.86 -4.20 3.62
C LEU A 136 6.71 -4.39 5.12
N TYR A 137 7.84 -4.56 5.80
CA TYR A 137 7.85 -4.75 7.25
C TYR A 137 8.76 -3.73 7.93
N PRO A 138 8.54 -3.47 9.20
CA PRO A 138 9.37 -2.50 9.98
C PRO A 138 10.80 -3.00 10.18
N ALA A 139 11.50 -2.37 11.13
CA ALA A 139 12.88 -2.75 11.42
C ALA A 139 13.15 -2.70 12.92
N ASP A 140 13.66 -1.58 13.38
CA ASP A 140 13.97 -1.41 14.80
C ASP A 140 12.70 -1.60 15.63
N GLY A 1 -22.48 5.84 -6.61
CA GLY A 1 -22.82 6.58 -7.82
C GLY A 1 -21.56 7.18 -8.45
N ALA A 2 -20.66 6.32 -8.90
CA ALA A 2 -19.42 6.77 -9.53
C ALA A 2 -19.11 5.93 -10.76
N MET A 3 -18.36 6.52 -11.70
CA MET A 3 -18.00 5.81 -12.92
C MET A 3 -16.52 5.98 -13.22
N GLU A 4 -15.74 6.27 -12.17
CA GLU A 4 -14.29 6.46 -12.32
C GLU A 4 -13.55 5.51 -11.39
N LYS A 5 -12.62 4.75 -11.96
CA LYS A 5 -11.83 3.80 -11.18
C LYS A 5 -11.37 4.43 -9.88
N SER A 6 -12.03 4.06 -8.80
CA SER A 6 -11.68 4.61 -7.49
C SER A 6 -10.92 3.59 -6.67
N LEU A 7 -10.30 4.06 -5.59
CA LEU A 7 -9.54 3.18 -4.74
C LEU A 7 -10.37 1.96 -4.33
N HIS A 8 -11.45 2.20 -3.59
CA HIS A 8 -12.31 1.11 -3.14
C HIS A 8 -12.88 0.36 -4.33
N GLU A 9 -13.36 1.10 -5.32
CA GLU A 9 -13.91 0.48 -6.51
C GLU A 9 -12.90 -0.48 -7.13
N LYS A 10 -11.64 -0.04 -7.18
CA LYS A 10 -10.58 -0.87 -7.73
C LYS A 10 -10.48 -2.18 -6.98
N LEU A 11 -10.29 -2.11 -5.66
CA LEU A 11 -10.19 -3.32 -4.85
C LEU A 11 -11.43 -4.19 -5.03
N LYS A 12 -12.59 -3.54 -5.19
CA LYS A 12 -13.84 -4.26 -5.37
C LYS A 12 -13.89 -4.92 -6.74
N GLN A 13 -13.14 -4.36 -7.69
CA GLN A 13 -13.11 -4.93 -9.04
C GLN A 13 -11.85 -5.77 -9.23
N ASP A 14 -10.90 -5.62 -8.32
CA ASP A 14 -9.64 -6.38 -8.41
C ASP A 14 -9.70 -7.65 -7.57
N LYS A 15 -9.84 -8.78 -8.24
CA LYS A 15 -9.90 -10.06 -7.55
C LYS A 15 -8.54 -10.40 -6.94
N ARG A 16 -7.52 -9.67 -7.36
CA ARG A 16 -6.16 -9.87 -6.85
C ARG A 16 -6.00 -9.24 -5.48
N PHE A 17 -6.90 -8.31 -5.15
CA PHE A 17 -6.85 -7.63 -3.85
C PHE A 17 -8.11 -7.91 -3.04
N SER A 18 -9.06 -8.61 -3.63
CA SER A 18 -10.30 -8.95 -2.93
C SER A 18 -10.03 -9.27 -1.46
N THR A 19 -8.93 -9.97 -1.19
CA THR A 19 -8.57 -10.32 0.17
C THR A 19 -8.43 -9.05 1.00
N PHE A 20 -7.78 -8.04 0.41
CA PHE A 20 -7.58 -6.78 1.11
C PHE A 20 -8.93 -6.19 1.46
N LEU A 21 -9.88 -6.32 0.56
CA LEU A 21 -11.21 -5.81 0.81
C LEU A 21 -11.79 -6.44 2.07
N SER A 22 -11.56 -7.74 2.23
CA SER A 22 -12.08 -8.46 3.39
C SER A 22 -11.46 -7.96 4.70
N LEU A 23 -10.14 -8.00 4.78
CA LEU A 23 -9.43 -7.58 5.99
C LEU A 23 -9.53 -6.07 6.24
N LEU A 24 -9.40 -5.26 5.18
CA LEU A 24 -9.46 -3.81 5.34
C LEU A 24 -10.86 -3.39 5.76
N GLU A 25 -11.85 -4.13 5.30
CA GLU A 25 -13.22 -3.83 5.63
C GLU A 25 -13.49 -4.21 7.08
N ALA A 26 -12.85 -5.27 7.55
CA ALA A 26 -13.05 -5.72 8.93
C ALA A 26 -12.60 -4.63 9.90
N ALA A 27 -11.47 -4.00 9.60
CA ALA A 27 -10.96 -2.93 10.46
C ALA A 27 -11.86 -1.71 10.37
N ASP A 28 -12.73 -1.70 9.36
CA ASP A 28 -13.65 -0.59 9.17
C ASP A 28 -12.95 0.59 8.47
N LEU A 29 -12.19 0.30 7.40
CA LEU A 29 -11.50 1.36 6.68
C LEU A 29 -12.28 1.71 5.41
N LYS A 30 -13.20 0.84 5.04
CA LYS A 30 -14.01 1.07 3.85
C LYS A 30 -14.55 2.50 3.85
N GLU A 31 -14.76 3.06 5.05
CA GLU A 31 -15.27 4.41 5.18
C GLU A 31 -14.15 5.43 5.08
N LEU A 32 -12.93 4.97 5.29
CA LEU A 32 -11.76 5.84 5.23
C LEU A 32 -11.42 6.14 3.78
N LEU A 33 -11.57 5.13 2.92
CA LEU A 33 -11.29 5.28 1.48
C LEU A 33 -12.31 6.21 0.82
N THR A 34 -13.36 6.55 1.54
CA THR A 34 -14.40 7.42 0.99
C THR A 34 -13.91 8.85 0.95
N GLN A 35 -12.99 9.16 1.84
CA GLN A 35 -12.42 10.50 1.92
C GLN A 35 -11.89 10.92 0.54
N PRO A 36 -11.73 12.20 0.31
CA PRO A 36 -11.20 12.77 -0.98
C PRO A 36 -10.16 11.89 -1.66
N GLY A 37 -9.66 10.97 -0.88
CA GLY A 37 -8.69 10.02 -1.31
C GLY A 37 -7.43 10.65 -1.90
N ASP A 38 -6.53 11.06 -1.02
CA ASP A 38 -5.26 11.56 -1.49
C ASP A 38 -4.18 11.06 -0.55
N TRP A 39 -3.55 9.98 -0.96
CA TRP A 39 -2.48 9.40 -0.17
C TRP A 39 -1.70 8.36 -0.98
N THR A 40 -0.60 7.87 -0.41
CA THR A 40 0.19 6.82 -1.06
C THR A 40 0.12 5.53 -0.24
N LEU A 41 -0.15 4.41 -0.93
CA LEU A 41 -0.28 3.12 -0.25
C LEU A 41 0.48 2.04 -1.02
N PHE A 42 1.02 1.07 -0.30
CA PHE A 42 1.75 -0.02 -0.93
C PHE A 42 0.96 -1.31 -0.84
N VAL A 43 0.48 -1.81 -1.98
CA VAL A 43 -0.31 -3.05 -1.98
C VAL A 43 0.47 -4.20 -2.61
N PRO A 44 0.95 -5.15 -1.83
CA PRO A 44 1.71 -6.32 -2.38
C PRO A 44 0.78 -7.37 -2.99
N THR A 45 1.28 -8.10 -3.98
CA THR A 45 0.46 -9.12 -4.62
C THR A 45 0.57 -10.45 -3.87
N ASN A 46 -0.35 -11.38 -4.18
CA ASN A 46 -0.34 -12.69 -3.53
C ASN A 46 1.07 -13.27 -3.50
N ASP A 47 1.78 -13.12 -4.61
CA ASP A 47 3.14 -13.64 -4.72
C ASP A 47 3.97 -13.22 -3.52
N ALA A 48 3.48 -12.23 -2.79
CA ALA A 48 4.17 -11.70 -1.61
C ALA A 48 3.76 -12.45 -0.35
N PHE A 49 2.51 -12.91 -0.33
CA PHE A 49 2.00 -13.64 0.83
C PHE A 49 2.63 -15.02 0.93
N LYS A 50 2.98 -15.57 -0.23
CA LYS A 50 3.60 -16.89 -0.28
C LYS A 50 4.83 -16.93 0.63
N GLY A 51 4.73 -17.68 1.73
CA GLY A 51 5.84 -17.79 2.67
C GLY A 51 5.37 -17.52 4.10
N MET A 52 4.19 -16.92 4.21
CA MET A 52 3.63 -16.60 5.52
C MET A 52 2.86 -17.78 6.08
N THR A 53 3.45 -18.48 7.04
CA THR A 53 2.81 -19.63 7.66
C THR A 53 1.58 -19.20 8.44
N SER A 54 0.65 -20.12 8.61
CA SER A 54 -0.57 -19.83 9.35
C SER A 54 -0.25 -19.31 10.74
N GLU A 55 0.81 -19.83 11.33
CA GLU A 55 1.21 -19.41 12.67
C GLU A 55 1.85 -18.02 12.62
N GLU A 56 2.67 -17.79 11.61
CA GLU A 56 3.35 -16.51 11.46
C GLU A 56 2.34 -15.37 11.41
N LYS A 57 1.27 -15.57 10.64
CA LYS A 57 0.24 -14.54 10.53
C LYS A 57 -0.63 -14.51 11.78
N GLU A 58 -0.84 -15.68 12.38
CA GLU A 58 -1.64 -15.77 13.58
C GLU A 58 -1.03 -14.95 14.70
N ILE A 59 0.28 -15.06 14.86
CA ILE A 59 0.97 -14.32 15.91
C ILE A 59 0.78 -12.82 15.72
N LEU A 60 0.51 -12.39 14.49
CA LEU A 60 0.31 -10.97 14.23
C LEU A 60 -1.14 -10.58 14.46
N ILE A 61 -2.05 -11.17 13.69
CA ILE A 61 -3.46 -10.85 13.83
C ILE A 61 -3.92 -10.99 15.28
N ARG A 62 -3.09 -11.66 16.09
CA ARG A 62 -3.43 -11.84 17.50
C ARG A 62 -3.57 -10.49 18.19
N ASP A 63 -2.76 -9.52 17.76
CA ASP A 63 -2.81 -8.19 18.35
C ASP A 63 -3.53 -7.22 17.43
N LYS A 64 -4.59 -6.59 17.93
CA LYS A 64 -5.36 -5.64 17.14
C LYS A 64 -4.42 -4.57 16.57
N ASN A 65 -3.43 -4.20 17.35
CA ASN A 65 -2.50 -3.18 16.91
C ASN A 65 -1.61 -3.68 15.78
N ALA A 66 -1.28 -4.96 15.83
CA ALA A 66 -0.41 -5.56 14.82
C ALA A 66 -1.06 -5.53 13.43
N LEU A 67 -2.21 -6.18 13.31
CA LEU A 67 -2.88 -6.20 12.03
C LEU A 67 -3.17 -4.76 11.61
N GLN A 68 -3.49 -3.91 12.58
CA GLN A 68 -3.82 -2.52 12.26
C GLN A 68 -2.65 -1.87 11.53
N ASN A 69 -1.45 -2.04 12.06
CA ASN A 69 -0.29 -1.45 11.44
C ASN A 69 -0.18 -1.94 10.00
N ILE A 70 -0.39 -3.22 9.79
CA ILE A 70 -0.32 -3.77 8.44
C ILE A 70 -1.51 -3.30 7.60
N ILE A 71 -2.68 -3.25 8.20
CA ILE A 71 -3.88 -2.81 7.50
C ILE A 71 -3.59 -1.54 6.72
N LEU A 72 -3.01 -0.57 7.39
CA LEU A 72 -2.71 0.70 6.73
C LEU A 72 -1.72 0.51 5.58
N TYR A 73 -1.12 -0.66 5.51
CA TYR A 73 -0.16 -0.95 4.45
C TYR A 73 0.73 0.26 4.17
N HIS A 74 1.28 0.87 5.23
CA HIS A 74 2.16 2.02 5.09
C HIS A 74 1.41 3.19 4.45
N LEU A 75 0.22 3.47 4.96
CA LEU A 75 -0.57 4.58 4.44
C LEU A 75 0.15 5.89 4.71
N THR A 76 0.46 6.63 3.65
CA THR A 76 1.13 7.92 3.81
C THR A 76 0.18 9.04 3.39
N PRO A 77 0.41 10.27 3.80
CA PRO A 77 -0.48 11.41 3.43
C PRO A 77 -0.08 12.07 2.12
N GLY A 78 -1.08 12.45 1.34
CA GLY A 78 -0.83 13.10 0.06
C GLY A 78 -0.09 12.16 -0.89
N VAL A 79 -0.71 11.87 -2.02
CA VAL A 79 -0.11 10.99 -3.01
C VAL A 79 1.33 11.41 -3.30
N PHE A 80 2.23 10.44 -3.34
CA PHE A 80 3.64 10.73 -3.60
C PHE A 80 3.94 10.61 -5.09
N ILE A 81 4.65 11.60 -5.63
CA ILE A 81 5.02 11.60 -7.03
C ILE A 81 6.52 11.81 -7.20
N GLY A 82 7.13 11.03 -8.07
CA GLY A 82 8.56 11.13 -8.30
C GLY A 82 8.96 12.55 -8.68
N LYS A 83 8.05 13.27 -9.34
CA LYS A 83 8.31 14.63 -9.75
C LYS A 83 8.59 15.52 -8.54
N GLY A 84 7.98 15.18 -7.42
CA GLY A 84 8.16 15.96 -6.19
C GLY A 84 9.63 16.04 -5.82
N PHE A 85 10.37 14.95 -6.03
CA PHE A 85 11.79 14.90 -5.72
C PHE A 85 12.60 14.57 -6.95
N GLU A 86 13.91 14.62 -6.82
CA GLU A 86 14.79 14.33 -7.95
C GLU A 86 15.17 12.84 -7.98
N PRO A 87 15.30 12.25 -9.16
CA PRO A 87 15.68 10.82 -9.29
C PRO A 87 17.12 10.57 -8.91
N GLY A 88 17.42 9.33 -8.54
CA GLY A 88 18.78 8.97 -8.16
C GLY A 88 18.96 9.00 -6.65
N VAL A 89 18.28 9.93 -5.99
CA VAL A 89 18.37 10.04 -4.54
C VAL A 89 17.16 9.43 -3.85
N THR A 90 17.37 8.88 -2.67
CA THR A 90 16.27 8.26 -1.92
C THR A 90 15.50 9.33 -1.15
N ASN A 91 14.19 9.13 -1.04
CA ASN A 91 13.33 10.08 -0.32
C ASN A 91 12.70 9.39 0.89
N ILE A 92 12.90 9.98 2.06
CA ILE A 92 12.33 9.44 3.29
C ILE A 92 10.99 10.09 3.60
N LEU A 93 9.92 9.30 3.52
CA LEU A 93 8.58 9.81 3.78
C LEU A 93 7.93 9.07 4.93
N LYS A 94 7.54 9.83 5.96
CA LYS A 94 6.90 9.24 7.13
C LYS A 94 5.45 8.87 6.82
N THR A 95 5.11 7.60 6.99
CA THR A 95 3.77 7.16 6.71
C THR A 95 2.90 7.20 7.95
N THR A 96 1.59 7.26 7.75
CA THR A 96 0.64 7.31 8.85
C THR A 96 0.81 6.10 9.77
N GLN A 97 1.21 4.97 9.17
CA GLN A 97 1.39 3.74 9.93
C GLN A 97 2.33 3.97 11.11
N GLY A 98 3.25 4.91 10.97
CA GLY A 98 4.19 5.22 12.05
C GLY A 98 5.63 5.17 11.55
N SER A 99 5.93 4.16 10.73
CA SER A 99 7.29 4.00 10.19
C SER A 99 7.48 4.92 8.98
N LYS A 100 8.64 4.77 8.34
CA LYS A 100 8.95 5.59 7.16
C LYS A 100 9.27 4.69 5.97
N ILE A 101 9.05 5.23 4.77
CA ILE A 101 9.31 4.49 3.55
C ILE A 101 10.28 5.24 2.66
N PHE A 102 11.23 4.51 2.08
CA PHE A 102 12.24 5.10 1.20
C PHE A 102 11.83 4.95 -0.26
N LEU A 103 11.76 6.08 -0.97
CA LEU A 103 11.37 6.07 -2.37
C LEU A 103 12.52 6.53 -3.25
N LYS A 104 12.63 5.92 -4.42
CA LYS A 104 13.69 6.28 -5.35
C LYS A 104 13.25 6.02 -6.79
N GLU A 105 13.31 7.06 -7.61
CA GLU A 105 12.91 6.95 -9.01
C GLU A 105 14.14 7.08 -9.92
N VAL A 106 14.28 6.14 -10.84
CA VAL A 106 15.40 6.16 -11.77
C VAL A 106 14.97 5.63 -13.14
N ASN A 107 15.56 6.21 -14.19
CA ASN A 107 15.23 5.79 -15.55
C ASN A 107 13.73 5.67 -15.73
N ASP A 108 12.99 6.63 -15.18
CA ASP A 108 11.54 6.63 -15.29
C ASP A 108 10.96 5.34 -14.69
N THR A 109 11.64 4.81 -13.68
CA THR A 109 11.20 3.59 -13.03
C THR A 109 11.01 3.81 -11.53
N LEU A 110 9.90 3.31 -10.99
CA LEU A 110 9.64 3.46 -9.58
C LEU A 110 10.36 2.38 -8.79
N LEU A 111 11.36 2.79 -8.03
CA LEU A 111 12.13 1.87 -7.22
C LEU A 111 11.97 2.22 -5.74
N VAL A 112 11.51 1.25 -4.97
CA VAL A 112 11.29 1.45 -3.53
C VAL A 112 12.20 0.50 -2.74
N ASN A 113 12.68 0.94 -1.59
CA ASN A 113 13.54 0.10 -0.76
C ASN A 113 14.50 -0.73 -1.61
N GLU A 114 14.96 -0.14 -2.71
CA GLU A 114 15.88 -0.83 -3.63
C GLU A 114 15.23 -2.07 -4.23
N LEU A 115 14.25 -1.86 -5.11
CA LEU A 115 13.55 -2.98 -5.75
C LEU A 115 12.58 -2.46 -6.81
N LYS A 116 12.37 -3.26 -7.86
CA LYS A 116 11.47 -2.87 -8.93
C LYS A 116 10.03 -3.24 -8.60
N SER A 117 9.12 -2.28 -8.75
CA SER A 117 7.72 -2.53 -8.46
C SER A 117 7.00 -3.11 -9.67
N LYS A 118 5.86 -3.76 -9.42
CA LYS A 118 5.08 -4.36 -10.50
C LYS A 118 4.28 -3.30 -11.23
N GLU A 119 3.61 -2.43 -10.47
CA GLU A 119 2.81 -1.37 -11.07
C GLU A 119 2.54 -0.28 -10.05
N SER A 120 2.51 0.97 -10.52
CA SER A 120 2.26 2.08 -9.62
C SER A 120 1.96 3.35 -10.41
N ASP A 121 1.50 4.38 -9.72
CA ASP A 121 1.19 5.65 -10.37
C ASP A 121 -0.09 5.54 -11.20
N ILE A 122 -0.84 4.47 -10.97
CA ILE A 122 -2.08 4.24 -11.70
C ILE A 122 -2.94 5.50 -11.71
N MET A 123 -2.83 6.31 -10.66
CA MET A 123 -3.59 7.52 -10.56
C MET A 123 -5.08 7.22 -10.55
N THR A 124 -5.71 7.51 -9.41
CA THR A 124 -7.15 7.27 -9.27
C THR A 124 -7.86 8.57 -8.94
N THR A 125 -9.16 8.45 -8.65
CA THR A 125 -9.95 9.63 -8.32
C THR A 125 -9.91 9.88 -6.81
N ASN A 126 -9.41 8.91 -6.06
CA ASN A 126 -9.32 9.03 -4.61
C ASN A 126 -7.93 8.58 -4.12
N GLY A 127 -6.90 9.01 -4.85
CA GLY A 127 -5.51 8.73 -4.45
C GLY A 127 -4.77 7.93 -5.50
N VAL A 128 -3.54 7.52 -5.15
CA VAL A 128 -2.73 6.76 -6.07
C VAL A 128 -2.56 5.34 -5.55
N ILE A 129 -2.08 4.47 -6.41
CA ILE A 129 -1.88 3.09 -6.04
C ILE A 129 -0.46 2.63 -6.38
N HIS A 130 0.13 1.83 -5.50
CA HIS A 130 1.47 1.31 -5.73
C HIS A 130 1.47 -0.19 -5.50
N VAL A 131 1.60 -0.93 -6.60
CA VAL A 131 1.62 -2.39 -6.53
C VAL A 131 3.04 -2.92 -6.49
N VAL A 132 3.37 -3.60 -5.40
CA VAL A 132 4.70 -4.17 -5.23
C VAL A 132 4.62 -5.69 -5.14
N ASP A 133 5.78 -6.34 -5.07
CA ASP A 133 5.83 -7.79 -4.97
C ASP A 133 6.59 -8.21 -3.72
N LYS A 134 6.30 -7.56 -2.61
CA LYS A 134 6.97 -7.87 -1.35
C LYS A 134 6.29 -7.13 -0.20
N LEU A 135 6.48 -7.63 1.01
CA LEU A 135 5.87 -7.00 2.18
C LEU A 135 6.88 -6.07 2.87
N LEU A 136 6.50 -4.81 3.02
CA LEU A 136 7.38 -3.84 3.67
C LEU A 136 7.31 -3.99 5.19
N TYR A 137 7.92 -5.06 5.71
CA TYR A 137 7.92 -5.29 7.15
C TYR A 137 9.32 -5.70 7.63
N PRO A 138 9.66 -5.44 8.87
CA PRO A 138 11.01 -5.82 9.42
C PRO A 138 11.15 -7.32 9.63
N ALA A 139 12.19 -7.72 10.34
CA ALA A 139 12.44 -9.13 10.61
C ALA A 139 11.57 -9.61 11.76
N ASP A 140 11.93 -9.18 12.96
CA ASP A 140 11.20 -9.55 14.16
C ASP A 140 10.42 -8.35 14.72
N GLY A 1 -11.91 11.03 -20.93
CA GLY A 1 -13.20 10.78 -21.58
C GLY A 1 -13.85 9.53 -21.01
N ALA A 2 -13.09 8.74 -20.28
CA ALA A 2 -13.60 7.51 -19.69
C ALA A 2 -13.93 7.72 -18.21
N MET A 3 -14.70 6.79 -17.65
CA MET A 3 -15.09 6.89 -16.25
C MET A 3 -13.90 6.55 -15.34
N GLU A 4 -13.91 7.10 -14.13
CA GLU A 4 -12.83 6.85 -13.18
C GLU A 4 -13.30 5.93 -12.06
N LYS A 5 -12.38 5.55 -11.18
CA LYS A 5 -12.70 4.66 -10.08
C LYS A 5 -12.04 5.14 -8.79
N SER A 6 -12.58 4.70 -7.66
CA SER A 6 -12.04 5.09 -6.37
C SER A 6 -11.16 3.99 -5.79
N LEU A 7 -10.31 4.35 -4.84
CA LEU A 7 -9.42 3.37 -4.23
C LEU A 7 -10.18 2.11 -3.84
N HIS A 8 -11.12 2.25 -2.90
CA HIS A 8 -11.90 1.11 -2.46
C HIS A 8 -12.65 0.48 -3.63
N GLU A 9 -13.29 1.32 -4.44
CA GLU A 9 -14.03 0.84 -5.60
C GLU A 9 -13.18 -0.19 -6.36
N LYS A 10 -11.92 0.17 -6.61
CA LYS A 10 -11.03 -0.73 -7.33
C LYS A 10 -10.79 -2.00 -6.53
N LEU A 11 -10.33 -1.86 -5.30
CA LEU A 11 -10.08 -3.01 -4.45
C LEU A 11 -11.29 -3.94 -4.43
N LYS A 12 -12.48 -3.36 -4.46
CA LYS A 12 -13.71 -4.15 -4.44
C LYS A 12 -13.86 -4.92 -5.75
N GLN A 13 -13.61 -4.24 -6.87
CA GLN A 13 -13.73 -4.87 -8.18
C GLN A 13 -12.51 -5.74 -8.48
N ASP A 14 -11.46 -5.57 -7.68
CA ASP A 14 -10.24 -6.35 -7.88
C ASP A 14 -10.22 -7.57 -6.97
N LYS A 15 -10.55 -8.73 -7.53
CA LYS A 15 -10.57 -9.96 -6.75
C LYS A 15 -9.18 -10.28 -6.20
N ARG A 16 -8.16 -9.67 -6.80
CA ARG A 16 -6.79 -9.88 -6.36
C ARG A 16 -6.56 -9.28 -4.99
N PHE A 17 -7.39 -8.30 -4.64
CA PHE A 17 -7.27 -7.63 -3.35
C PHE A 17 -8.53 -7.83 -2.51
N SER A 18 -9.25 -8.92 -2.79
CA SER A 18 -10.45 -9.23 -2.03
C SER A 18 -10.13 -9.43 -0.55
N THR A 19 -9.04 -10.17 -0.30
CA THR A 19 -8.63 -10.43 1.07
C THR A 19 -8.49 -9.12 1.82
N PHE A 20 -7.82 -8.15 1.19
CA PHE A 20 -7.62 -6.85 1.79
C PHE A 20 -8.96 -6.27 2.21
N LEU A 21 -9.94 -6.38 1.34
CA LEU A 21 -11.26 -5.87 1.63
C LEU A 21 -11.79 -6.50 2.90
N SER A 22 -11.46 -7.75 3.12
CA SER A 22 -11.95 -8.45 4.31
C SER A 22 -11.28 -7.97 5.60
N LEU A 23 -9.97 -7.99 5.60
CA LEU A 23 -9.19 -7.58 6.78
C LEU A 23 -9.24 -6.08 7.01
N LEU A 24 -9.22 -5.31 5.92
CA LEU A 24 -9.25 -3.85 6.05
C LEU A 24 -10.61 -3.39 6.50
N GLU A 25 -11.65 -4.04 5.99
CA GLU A 25 -13.01 -3.68 6.35
C GLU A 25 -13.30 -4.11 7.79
N ALA A 26 -12.64 -5.18 8.24
CA ALA A 26 -12.83 -5.66 9.60
C ALA A 26 -12.30 -4.63 10.59
N ALA A 27 -11.15 -4.03 10.29
CA ALA A 27 -10.57 -3.03 11.18
C ALA A 27 -11.26 -1.68 11.00
N ASP A 28 -12.16 -1.61 10.02
CA ASP A 28 -12.89 -0.37 9.74
C ASP A 28 -11.98 0.63 9.01
N LEU A 29 -11.23 0.14 8.03
CA LEU A 29 -10.33 1.01 7.26
C LEU A 29 -10.94 1.36 5.91
N LYS A 30 -12.24 1.24 5.84
CA LYS A 30 -12.97 1.53 4.61
C LYS A 30 -13.64 2.91 4.70
N GLU A 31 -13.88 3.38 5.92
CA GLU A 31 -14.53 4.68 6.12
C GLU A 31 -13.61 5.83 5.70
N LEU A 32 -12.48 5.95 6.39
CA LEU A 32 -11.52 7.00 6.09
C LEU A 32 -11.08 6.89 4.62
N LEU A 33 -11.19 5.70 4.07
CA LEU A 33 -10.79 5.43 2.70
C LEU A 33 -11.73 6.09 1.70
N THR A 34 -13.02 5.94 1.94
CA THR A 34 -14.00 6.52 1.03
C THR A 34 -14.06 8.03 1.22
N GLN A 35 -13.56 8.50 2.35
CA GLN A 35 -13.58 9.92 2.65
C GLN A 35 -12.53 10.68 1.82
N PRO A 36 -12.88 11.79 1.21
CA PRO A 36 -11.93 12.60 0.39
C PRO A 36 -10.54 12.68 1.02
N GLY A 37 -9.54 12.95 0.18
CA GLY A 37 -8.16 13.07 0.65
C GLY A 37 -7.20 12.29 -0.24
N ASP A 38 -6.03 12.86 -0.49
CA ASP A 38 -5.04 12.20 -1.34
C ASP A 38 -3.99 11.49 -0.49
N TRP A 39 -3.78 10.21 -0.79
CA TRP A 39 -2.80 9.42 -0.05
C TRP A 39 -2.26 8.29 -0.93
N THR A 40 -1.20 7.64 -0.45
CA THR A 40 -0.58 6.54 -1.18
C THR A 40 -0.75 5.22 -0.42
N LEU A 41 -1.44 4.26 -1.06
CA LEU A 41 -1.68 2.96 -0.44
C LEU A 41 -0.82 1.90 -1.12
N PHE A 42 -0.31 0.97 -0.31
CA PHE A 42 0.53 -0.10 -0.83
C PHE A 42 -0.18 -1.45 -0.70
N VAL A 43 -0.54 -2.04 -1.84
CA VAL A 43 -1.23 -3.32 -1.85
C VAL A 43 -0.40 -4.42 -2.55
N PRO A 44 0.05 -5.44 -1.84
CA PRO A 44 0.85 -6.55 -2.45
C PRO A 44 -0.06 -7.59 -3.11
N THR A 45 0.46 -8.27 -4.13
CA THR A 45 -0.33 -9.30 -4.82
C THR A 45 -0.12 -10.66 -4.17
N ASN A 46 -0.82 -11.67 -4.67
CA ASN A 46 -0.70 -13.03 -4.12
C ASN A 46 0.76 -13.48 -4.12
N ASP A 47 1.48 -13.14 -5.18
CA ASP A 47 2.89 -13.50 -5.29
C ASP A 47 3.65 -13.08 -4.04
N ALA A 48 3.00 -12.26 -3.22
CA ALA A 48 3.61 -11.78 -1.98
C ALA A 48 3.29 -12.73 -0.82
N PHE A 49 2.17 -13.45 -0.94
CA PHE A 49 1.75 -14.37 0.10
C PHE A 49 2.66 -15.59 0.13
N LYS A 50 3.12 -16.00 -1.04
CA LYS A 50 4.00 -17.16 -1.15
C LYS A 50 5.28 -16.93 -0.35
N GLY A 51 5.45 -17.68 0.73
CA GLY A 51 6.64 -17.54 1.58
C GLY A 51 6.25 -17.38 3.04
N MET A 52 5.15 -16.67 3.29
CA MET A 52 4.68 -16.45 4.64
C MET A 52 4.34 -17.78 5.31
N THR A 53 5.06 -18.10 6.37
CA THR A 53 4.82 -19.34 7.10
C THR A 53 3.50 -19.26 7.86
N SER A 54 2.96 -20.42 8.20
CA SER A 54 1.71 -20.47 8.94
C SER A 54 1.84 -19.75 10.28
N GLU A 55 2.99 -19.89 10.90
CA GLU A 55 3.24 -19.26 12.19
C GLU A 55 3.34 -17.74 12.03
N GLU A 56 3.88 -17.31 10.89
CA GLU A 56 4.03 -15.88 10.62
C GLU A 56 2.67 -15.20 10.49
N LYS A 57 1.85 -15.69 9.58
CA LYS A 57 0.53 -15.10 9.36
C LYS A 57 -0.28 -15.16 10.65
N GLU A 58 -0.07 -16.21 11.43
CA GLU A 58 -0.79 -16.36 12.69
C GLU A 58 -0.35 -15.29 13.68
N ILE A 59 0.93 -15.27 14.01
CA ILE A 59 1.43 -14.28 14.95
C ILE A 59 0.85 -12.90 14.62
N LEU A 60 0.71 -12.61 13.33
CA LEU A 60 0.18 -11.31 12.91
C LEU A 60 -1.26 -11.12 13.38
N ILE A 61 -2.16 -11.96 12.89
CA ILE A 61 -3.57 -11.87 13.25
C ILE A 61 -3.75 -12.12 14.74
N ARG A 62 -2.74 -12.72 15.37
CA ARG A 62 -2.80 -13.01 16.79
C ARG A 62 -2.80 -11.72 17.59
N ASP A 63 -1.96 -10.77 17.16
CA ASP A 63 -1.89 -9.49 17.86
C ASP A 63 -2.60 -8.41 17.06
N LYS A 64 -3.47 -7.65 17.74
CA LYS A 64 -4.23 -6.60 17.08
C LYS A 64 -3.30 -5.49 16.62
N ASN A 65 -2.31 -5.18 17.42
CA ASN A 65 -1.38 -4.10 17.07
C ASN A 65 -0.55 -4.47 15.85
N ALA A 66 -0.25 -5.76 15.72
CA ALA A 66 0.56 -6.22 14.60
C ALA A 66 -0.18 -6.09 13.28
N LEU A 67 -1.31 -6.79 13.16
CA LEU A 67 -2.07 -6.70 11.92
C LEU A 67 -2.44 -5.25 11.65
N GLN A 68 -2.67 -4.49 12.72
CA GLN A 68 -3.06 -3.10 12.55
C GLN A 68 -1.99 -2.32 11.80
N ASN A 69 -0.76 -2.43 12.28
CA ASN A 69 0.34 -1.74 11.64
C ASN A 69 0.42 -2.14 10.17
N ILE A 70 0.20 -3.42 9.91
CA ILE A 70 0.24 -3.93 8.55
C ILE A 70 -1.02 -3.53 7.78
N ILE A 71 -2.14 -3.48 8.48
CA ILE A 71 -3.40 -3.10 7.85
C ILE A 71 -3.21 -1.81 7.08
N LEU A 72 -2.60 -0.82 7.73
CA LEU A 72 -2.39 0.46 7.06
C LEU A 72 -1.37 0.33 5.95
N TYR A 73 -0.85 -0.88 5.74
CA TYR A 73 0.14 -1.12 4.71
C TYR A 73 1.07 0.08 4.54
N HIS A 74 1.40 0.73 5.65
CA HIS A 74 2.28 1.90 5.61
C HIS A 74 1.59 3.04 4.87
N LEU A 75 0.32 3.26 5.18
CA LEU A 75 -0.43 4.32 4.54
C LEU A 75 0.30 5.65 4.69
N THR A 76 0.51 6.33 3.59
CA THR A 76 1.20 7.62 3.62
C THR A 76 0.28 8.74 3.09
N PRO A 77 0.34 9.93 3.64
CA PRO A 77 -0.47 11.07 3.14
C PRO A 77 0.17 11.74 1.92
N GLY A 78 -0.67 12.32 1.08
CA GLY A 78 -0.18 13.01 -0.12
C GLY A 78 0.20 12.01 -1.21
N VAL A 79 -0.57 12.01 -2.29
CA VAL A 79 -0.31 11.10 -3.41
C VAL A 79 1.13 11.25 -3.90
N PHE A 80 1.79 10.13 -4.14
CA PHE A 80 3.17 10.15 -4.62
C PHE A 80 3.22 10.52 -6.10
N ILE A 81 4.17 11.39 -6.46
CA ILE A 81 4.32 11.81 -7.85
C ILE A 81 5.70 11.43 -8.38
N GLY A 82 5.70 10.66 -9.46
CA GLY A 82 6.95 10.23 -10.09
C GLY A 82 7.69 11.42 -10.70
N LYS A 83 7.11 12.61 -10.57
CA LYS A 83 7.72 13.82 -11.11
C LYS A 83 7.90 14.86 -10.02
N GLY A 84 7.57 14.48 -8.79
CA GLY A 84 7.70 15.38 -7.66
C GLY A 84 8.96 15.09 -6.87
N PHE A 85 9.30 13.81 -6.73
CA PHE A 85 10.50 13.43 -5.98
C PHE A 85 11.70 13.36 -6.92
N GLU A 86 12.90 13.41 -6.34
CA GLU A 86 14.12 13.35 -7.14
C GLU A 86 14.55 11.89 -7.37
N PRO A 87 14.73 11.47 -8.62
CA PRO A 87 15.14 10.06 -8.92
C PRO A 87 16.65 9.85 -8.71
N GLY A 88 17.01 8.65 -8.26
CA GLY A 88 18.42 8.33 -8.03
C GLY A 88 18.73 8.30 -6.54
N VAL A 89 18.09 9.19 -5.78
CA VAL A 89 18.31 9.25 -4.35
C VAL A 89 17.11 8.67 -3.60
N THR A 90 17.38 8.03 -2.45
CA THR A 90 16.32 7.44 -1.65
C THR A 90 15.56 8.53 -0.89
N ASN A 91 14.25 8.32 -0.73
CA ASN A 91 13.41 9.29 -0.03
C ASN A 91 12.85 8.68 1.26
N ILE A 92 13.40 9.10 2.39
CA ILE A 92 12.95 8.59 3.69
C ILE A 92 11.88 9.48 4.27
N LEU A 93 10.70 8.91 4.45
CA LEU A 93 9.57 9.66 5.00
C LEU A 93 8.79 8.84 6.01
N LYS A 94 8.00 9.52 6.83
CA LYS A 94 7.19 8.86 7.83
C LYS A 94 5.76 8.66 7.35
N THR A 95 5.24 7.46 7.56
CA THR A 95 3.88 7.15 7.15
C THR A 95 2.92 7.24 8.34
N THR A 96 1.62 7.18 8.07
CA THR A 96 0.62 7.25 9.12
C THR A 96 0.78 6.08 10.09
N GLN A 97 1.22 4.94 9.56
CA GLN A 97 1.39 3.75 10.39
C GLN A 97 2.29 4.06 11.59
N GLY A 98 3.21 5.00 11.40
CA GLY A 98 4.13 5.38 12.48
C GLY A 98 5.58 5.15 12.09
N SER A 99 5.81 4.15 11.24
CA SER A 99 7.17 3.83 10.80
C SER A 99 7.53 4.63 9.56
N LYS A 100 8.79 4.52 9.13
CA LYS A 100 9.26 5.23 7.95
C LYS A 100 9.55 4.26 6.81
N ILE A 101 9.27 4.71 5.59
CA ILE A 101 9.50 3.90 4.42
C ILE A 101 10.46 4.60 3.46
N PHE A 102 11.23 3.81 2.74
CA PHE A 102 12.21 4.34 1.80
C PHE A 102 11.66 4.29 0.37
N LEU A 103 11.55 5.45 -0.25
CA LEU A 103 11.03 5.54 -1.61
C LEU A 103 12.12 5.99 -2.57
N LYS A 104 12.27 5.26 -3.67
CA LYS A 104 13.28 5.60 -4.66
C LYS A 104 12.75 5.38 -6.07
N GLU A 105 12.94 6.38 -6.93
CA GLU A 105 12.46 6.29 -8.31
C GLU A 105 13.64 6.33 -9.29
N VAL A 106 13.68 5.36 -10.19
CA VAL A 106 14.75 5.30 -11.18
C VAL A 106 14.20 4.80 -12.52
N ASN A 107 14.76 5.32 -13.61
CA ASN A 107 14.33 4.92 -14.94
C ASN A 107 12.81 4.80 -15.01
N ASP A 108 12.11 5.89 -14.70
CA ASP A 108 10.65 5.89 -14.73
C ASP A 108 10.10 4.62 -14.09
N THR A 109 10.75 4.16 -13.02
CA THR A 109 10.31 2.95 -12.33
C THR A 109 10.23 3.21 -10.82
N LEU A 110 9.09 2.87 -10.23
CA LEU A 110 8.91 3.05 -8.80
C LEU A 110 9.57 1.91 -8.04
N LEU A 111 10.61 2.25 -7.29
CA LEU A 111 11.33 1.28 -6.50
C LEU A 111 11.21 1.61 -5.01
N VAL A 112 10.59 0.69 -4.27
CA VAL A 112 10.40 0.88 -2.84
C VAL A 112 11.20 -0.17 -2.05
N ASN A 113 11.82 0.26 -0.96
CA ASN A 113 12.61 -0.65 -0.14
C ASN A 113 13.61 -1.42 -1.00
N GLU A 114 13.83 -0.93 -2.21
CA GLU A 114 14.78 -1.57 -3.13
C GLU A 114 14.12 -2.77 -3.81
N LEU A 115 12.92 -2.56 -4.36
CA LEU A 115 12.20 -3.62 -5.05
C LEU A 115 11.31 -3.04 -6.14
N LYS A 116 11.11 -3.81 -7.20
CA LYS A 116 10.28 -3.36 -8.31
C LYS A 116 8.79 -3.55 -8.00
N SER A 117 8.03 -2.47 -8.08
CA SER A 117 6.60 -2.55 -7.82
C SER A 117 5.87 -3.25 -8.96
N LYS A 118 4.63 -3.67 -8.71
CA LYS A 118 3.85 -4.36 -9.74
C LYS A 118 3.13 -3.35 -10.62
N GLU A 119 2.46 -2.40 -10.00
CA GLU A 119 1.74 -1.38 -10.75
C GLU A 119 1.36 -0.22 -9.83
N SER A 120 1.76 0.98 -10.20
CA SER A 120 1.45 2.15 -9.39
C SER A 120 1.26 3.38 -10.26
N ASP A 121 0.89 4.48 -9.61
CA ASP A 121 0.68 5.73 -10.34
C ASP A 121 -0.64 5.67 -11.11
N ILE A 122 -1.45 4.68 -10.79
CA ILE A 122 -2.74 4.51 -11.45
C ILE A 122 -3.52 5.81 -11.46
N MET A 123 -3.85 6.27 -10.25
CA MET A 123 -4.60 7.52 -10.04
C MET A 123 -6.08 7.25 -9.84
N THR A 124 -6.55 7.49 -8.62
CA THR A 124 -7.96 7.27 -8.29
C THR A 124 -8.70 8.60 -8.19
N THR A 125 -9.95 8.53 -7.78
CA THR A 125 -10.76 9.74 -7.65
C THR A 125 -10.46 10.46 -6.34
N ASN A 126 -9.93 9.72 -5.36
CA ASN A 126 -9.61 10.32 -4.07
C ASN A 126 -8.23 9.88 -3.59
N GLY A 127 -7.28 9.77 -4.52
CA GLY A 127 -5.92 9.37 -4.18
C GLY A 127 -5.29 8.54 -5.30
N VAL A 128 -4.14 7.93 -5.00
CA VAL A 128 -3.44 7.11 -5.97
C VAL A 128 -3.27 5.69 -5.46
N ILE A 129 -2.89 4.79 -6.35
CA ILE A 129 -2.70 3.39 -5.97
C ILE A 129 -1.27 2.93 -6.26
N HIS A 130 -0.78 2.01 -5.43
CA HIS A 130 0.56 1.47 -5.61
C HIS A 130 0.56 -0.03 -5.27
N VAL A 131 0.76 -0.85 -6.30
CA VAL A 131 0.78 -2.30 -6.12
C VAL A 131 2.20 -2.83 -6.15
N VAL A 132 2.49 -3.75 -5.23
CA VAL A 132 3.82 -4.35 -5.16
C VAL A 132 3.72 -5.87 -5.21
N ASP A 133 4.88 -6.53 -5.21
CA ASP A 133 4.94 -7.98 -5.25
C ASP A 133 5.58 -8.52 -3.97
N LYS A 134 5.60 -7.70 -2.93
CA LYS A 134 6.20 -8.12 -1.67
C LYS A 134 5.65 -7.26 -0.53
N LEU A 135 5.46 -7.89 0.62
CA LEU A 135 4.95 -7.16 1.78
C LEU A 135 6.10 -6.55 2.58
N LEU A 136 5.87 -5.33 3.06
CA LEU A 136 6.89 -4.63 3.84
C LEU A 136 6.55 -4.73 5.32
N TYR A 137 7.57 -4.52 6.16
CA TYR A 137 7.39 -4.58 7.61
C TYR A 137 7.99 -3.35 8.28
N PRO A 138 7.54 -3.01 9.47
CA PRO A 138 8.06 -1.84 10.22
C PRO A 138 9.46 -2.07 10.76
N ALA A 139 10.17 -0.98 11.05
CA ALA A 139 11.53 -1.07 11.58
C ALA A 139 12.48 -1.63 10.52
N ASP A 140 13.44 -2.43 10.96
CA ASP A 140 14.41 -3.02 10.05
C ASP A 140 15.08 -4.24 10.68
N GLY A 1 -19.29 16.64 -6.36
CA GLY A 1 -20.26 15.61 -6.72
C GLY A 1 -19.69 14.69 -7.81
N ALA A 2 -18.39 14.42 -7.72
CA ALA A 2 -17.74 13.55 -8.70
C ALA A 2 -17.27 12.25 -8.04
N MET A 3 -17.31 11.17 -8.80
CA MET A 3 -16.87 9.88 -8.28
C MET A 3 -16.58 8.91 -9.42
N GLU A 4 -15.39 8.32 -9.39
CA GLU A 4 -14.99 7.37 -10.43
C GLU A 4 -14.18 6.22 -9.83
N LYS A 5 -13.52 5.47 -10.69
CA LYS A 5 -12.70 4.35 -10.25
C LYS A 5 -11.87 4.74 -9.02
N SER A 6 -12.45 4.55 -7.84
CA SER A 6 -11.76 4.88 -6.60
C SER A 6 -10.88 3.72 -6.16
N LEU A 7 -10.23 3.88 -5.01
CA LEU A 7 -9.35 2.84 -4.48
C LEU A 7 -10.12 1.52 -4.32
N HIS A 8 -11.14 1.54 -3.46
CA HIS A 8 -11.95 0.35 -3.23
C HIS A 8 -12.46 -0.22 -4.53
N GLU A 9 -12.92 0.66 -5.42
CA GLU A 9 -13.43 0.22 -6.71
C GLU A 9 -12.45 -0.73 -7.39
N LYS A 10 -11.18 -0.32 -7.42
CA LYS A 10 -10.14 -1.14 -8.04
C LYS A 10 -10.03 -2.47 -7.32
N LEU A 11 -9.80 -2.43 -6.02
CA LEU A 11 -9.65 -3.65 -5.23
C LEU A 11 -10.88 -4.54 -5.38
N LYS A 12 -12.06 -3.92 -5.47
CA LYS A 12 -13.30 -4.66 -5.60
C LYS A 12 -13.35 -5.38 -6.95
N GLN A 13 -12.87 -4.73 -7.99
CA GLN A 13 -12.86 -5.33 -9.32
C GLN A 13 -11.63 -6.22 -9.51
N ASP A 14 -10.57 -5.92 -8.78
CA ASP A 14 -9.34 -6.70 -8.87
C ASP A 14 -9.41 -7.91 -7.93
N LYS A 15 -9.53 -9.10 -8.52
CA LYS A 15 -9.61 -10.31 -7.73
C LYS A 15 -8.28 -10.61 -7.04
N ARG A 16 -7.19 -10.26 -7.69
CA ARG A 16 -5.86 -10.49 -7.13
C ARG A 16 -5.75 -9.85 -5.75
N PHE A 17 -6.59 -8.85 -5.50
CA PHE A 17 -6.57 -8.16 -4.21
C PHE A 17 -7.78 -8.53 -3.37
N SER A 18 -8.34 -9.70 -3.66
CA SER A 18 -9.49 -10.18 -2.91
C SER A 18 -9.17 -10.27 -1.42
N THR A 19 -7.99 -10.81 -1.11
CA THR A 19 -7.58 -10.94 0.28
C THR A 19 -7.67 -9.60 1.00
N PHE A 20 -7.18 -8.56 0.34
CA PHE A 20 -7.22 -7.22 0.91
C PHE A 20 -8.65 -6.84 1.27
N LEU A 21 -9.55 -7.06 0.35
CA LEU A 21 -10.94 -6.73 0.60
C LEU A 21 -11.44 -7.44 1.83
N SER A 22 -10.94 -8.65 2.05
CA SER A 22 -11.38 -9.44 3.20
C SER A 22 -10.88 -8.87 4.53
N LEU A 23 -9.58 -8.75 4.65
CA LEU A 23 -8.97 -8.23 5.88
C LEU A 23 -9.29 -6.75 6.10
N LEU A 24 -9.17 -5.96 5.05
CA LEU A 24 -9.43 -4.54 5.16
C LEU A 24 -10.90 -4.30 5.51
N GLU A 25 -11.78 -5.19 5.05
CA GLU A 25 -13.19 -5.03 5.33
C GLU A 25 -13.47 -5.41 6.78
N ALA A 26 -12.75 -6.42 7.26
CA ALA A 26 -12.94 -6.87 8.65
C ALA A 26 -12.67 -5.72 9.61
N ALA A 27 -11.63 -4.95 9.33
CA ALA A 27 -11.28 -3.83 10.18
C ALA A 27 -12.25 -2.67 9.96
N ASP A 28 -13.02 -2.74 8.85
CA ASP A 28 -14.00 -1.70 8.51
C ASP A 28 -13.32 -0.52 7.79
N LEU A 29 -12.28 -0.82 7.04
CA LEU A 29 -11.56 0.24 6.35
C LEU A 29 -12.15 0.50 4.97
N LYS A 30 -13.02 -0.38 4.55
CA LYS A 30 -13.66 -0.25 3.26
C LYS A 30 -14.33 1.12 3.14
N GLU A 31 -14.73 1.67 4.28
CA GLU A 31 -15.37 2.97 4.31
C GLU A 31 -14.33 4.06 4.32
N LEU A 32 -13.09 3.71 4.65
CA LEU A 32 -12.01 4.67 4.69
C LEU A 32 -11.46 4.96 3.31
N LEU A 33 -11.25 3.91 2.55
CA LEU A 33 -10.72 4.06 1.19
C LEU A 33 -11.50 5.08 0.40
N THR A 34 -12.61 5.54 0.97
CA THR A 34 -13.43 6.52 0.30
C THR A 34 -13.07 7.92 0.74
N GLN A 35 -12.58 8.04 1.98
CA GLN A 35 -12.22 9.33 2.55
C GLN A 35 -11.71 10.26 1.44
N PRO A 36 -12.56 11.06 0.87
CA PRO A 36 -12.18 11.97 -0.25
C PRO A 36 -10.88 12.73 0.02
N GLY A 37 -9.85 12.45 -0.79
CA GLY A 37 -8.57 13.13 -0.64
C GLY A 37 -7.52 12.51 -1.54
N ASP A 38 -6.25 12.71 -1.20
CA ASP A 38 -5.16 12.15 -1.99
C ASP A 38 -4.18 11.42 -1.08
N TRP A 39 -4.14 10.09 -1.22
CA TRP A 39 -3.26 9.27 -0.39
C TRP A 39 -2.62 8.18 -1.24
N THR A 40 -1.63 7.50 -0.68
CA THR A 40 -0.93 6.43 -1.39
C THR A 40 -1.01 5.14 -0.59
N LEU A 41 -1.43 4.07 -1.25
CA LEU A 41 -1.56 2.77 -0.60
C LEU A 41 -0.67 1.73 -1.29
N PHE A 42 -0.08 0.84 -0.48
CA PHE A 42 0.78 -0.20 -1.01
C PHE A 42 0.06 -1.54 -0.94
N VAL A 43 -0.19 -2.13 -2.09
CA VAL A 43 -0.89 -3.41 -2.15
C VAL A 43 0.00 -4.51 -2.77
N PRO A 44 0.35 -5.53 -2.02
CA PRO A 44 1.19 -6.65 -2.54
C PRO A 44 0.34 -7.69 -3.27
N THR A 45 0.86 -8.21 -4.39
CA THR A 45 0.14 -9.21 -5.15
C THR A 45 0.17 -10.57 -4.46
N ASN A 46 -0.46 -11.56 -5.08
CA ASN A 46 -0.49 -12.90 -4.50
C ASN A 46 0.92 -13.47 -4.39
N ASP A 47 1.75 -13.18 -5.40
CA ASP A 47 3.12 -13.67 -5.41
C ASP A 47 3.89 -13.15 -4.19
N ALA A 48 3.40 -12.07 -3.60
CA ALA A 48 4.04 -11.48 -2.44
C ALA A 48 3.49 -12.08 -1.16
N PHE A 49 2.21 -12.45 -1.19
CA PHE A 49 1.58 -13.03 -0.01
C PHE A 49 2.13 -14.43 0.26
N LYS A 50 2.62 -15.07 -0.79
CA LYS A 50 3.19 -16.41 -0.65
C LYS A 50 4.42 -16.39 0.24
N GLY A 51 4.29 -16.95 1.43
CA GLY A 51 5.40 -16.98 2.37
C GLY A 51 4.91 -16.80 3.80
N MET A 52 3.83 -16.04 3.97
CA MET A 52 3.28 -15.79 5.29
C MET A 52 3.02 -17.11 6.01
N THR A 53 3.93 -17.47 6.92
CA THR A 53 3.79 -18.71 7.68
C THR A 53 2.72 -18.54 8.74
N SER A 54 2.18 -19.66 9.20
CA SER A 54 1.14 -19.64 10.23
C SER A 54 1.56 -18.77 11.42
N GLU A 55 2.85 -18.80 11.72
CA GLU A 55 3.38 -18.02 12.83
C GLU A 55 3.59 -16.56 12.41
N GLU A 56 4.09 -16.36 11.20
CA GLU A 56 4.33 -15.02 10.69
C GLU A 56 3.09 -14.15 10.83
N LYS A 57 1.93 -14.74 10.57
CA LYS A 57 0.68 -14.01 10.67
C LYS A 57 0.21 -13.94 12.11
N GLU A 58 0.39 -15.03 12.86
CA GLU A 58 -0.04 -15.07 14.25
C GLU A 58 0.57 -13.92 15.04
N ILE A 59 1.77 -13.52 14.65
CA ILE A 59 2.46 -12.44 15.33
C ILE A 59 1.84 -11.08 15.00
N LEU A 60 1.32 -10.96 13.78
CA LEU A 60 0.71 -9.71 13.36
C LEU A 60 -0.71 -9.57 13.92
N ILE A 61 -1.41 -10.69 14.02
CA ILE A 61 -2.77 -10.69 14.53
C ILE A 61 -2.77 -10.84 16.05
N ARG A 62 -1.61 -11.14 16.61
CA ARG A 62 -1.49 -11.31 18.06
C ARG A 62 -1.93 -10.04 18.77
N ASP A 63 -2.02 -8.95 18.03
CA ASP A 63 -2.44 -7.68 18.61
C ASP A 63 -3.24 -6.87 17.60
N LYS A 64 -4.38 -6.34 18.03
CA LYS A 64 -5.22 -5.57 17.15
C LYS A 64 -4.43 -4.41 16.55
N ASN A 65 -3.51 -3.86 17.31
CA ASN A 65 -2.72 -2.74 16.84
C ASN A 65 -1.74 -3.20 15.76
N ALA A 66 -1.26 -4.43 15.90
CA ALA A 66 -0.28 -4.95 14.94
C ALA A 66 -0.90 -5.10 13.54
N LEU A 67 -1.90 -5.94 13.44
CA LEU A 67 -2.55 -6.15 12.16
C LEU A 67 -3.03 -4.81 11.62
N GLN A 68 -3.46 -3.92 12.52
CA GLN A 68 -3.98 -2.64 12.09
C GLN A 68 -2.92 -1.88 11.32
N ASN A 69 -1.71 -1.91 11.84
CA ASN A 69 -0.60 -1.23 11.19
C ASN A 69 -0.48 -1.72 9.76
N ILE A 70 -0.56 -3.04 9.59
CA ILE A 70 -0.45 -3.62 8.24
C ILE A 70 -1.71 -3.34 7.43
N ILE A 71 -2.84 -3.24 8.12
CA ILE A 71 -4.10 -2.96 7.44
C ILE A 71 -3.98 -1.69 6.61
N LEU A 72 -3.35 -0.67 7.17
CA LEU A 72 -3.20 0.58 6.43
C LEU A 72 -2.22 0.42 5.29
N TYR A 73 -1.71 -0.80 5.08
CA TYR A 73 -0.76 -1.06 4.01
C TYR A 73 0.17 0.13 3.82
N HIS A 74 0.67 0.68 4.93
CA HIS A 74 1.58 1.82 4.87
C HIS A 74 0.88 3.01 4.21
N LEU A 75 -0.39 3.21 4.56
CA LEU A 75 -1.14 4.31 4.00
C LEU A 75 -0.37 5.60 4.15
N THR A 76 -0.30 6.37 3.08
CA THR A 76 0.42 7.64 3.13
C THR A 76 -0.45 8.78 2.54
N PRO A 77 -0.43 9.95 3.14
CA PRO A 77 -1.19 11.12 2.61
C PRO A 77 -0.49 11.79 1.43
N GLY A 78 -1.29 12.37 0.54
CA GLY A 78 -0.74 13.05 -0.63
C GLY A 78 -0.11 12.06 -1.59
N VAL A 79 -0.69 11.95 -2.79
CA VAL A 79 -0.17 11.03 -3.79
C VAL A 79 1.33 11.22 -3.97
N PHE A 80 2.05 10.12 -4.03
CA PHE A 80 3.50 10.17 -4.21
C PHE A 80 3.88 10.07 -5.68
N ILE A 81 4.82 10.90 -6.11
CA ILE A 81 5.27 10.88 -7.50
C ILE A 81 6.76 10.60 -7.58
N GLY A 82 7.09 9.40 -8.06
CA GLY A 82 8.49 9.00 -8.20
C GLY A 82 9.17 9.82 -9.28
N LYS A 83 8.43 10.76 -9.86
CA LYS A 83 8.98 11.61 -10.91
C LYS A 83 9.34 12.99 -10.35
N GLY A 84 8.61 13.39 -9.32
CA GLY A 84 8.84 14.69 -8.71
C GLY A 84 10.04 14.65 -7.77
N PHE A 85 10.20 13.52 -7.09
CA PHE A 85 11.32 13.36 -6.16
C PHE A 85 12.61 13.06 -6.91
N GLU A 86 13.74 13.37 -6.29
CA GLU A 86 15.03 13.13 -6.93
C GLU A 86 15.27 11.62 -7.10
N PRO A 87 15.50 11.15 -8.32
CA PRO A 87 15.77 9.70 -8.56
C PRO A 87 17.21 9.32 -8.28
N GLY A 88 17.43 8.08 -7.83
CA GLY A 88 18.77 7.61 -7.52
C GLY A 88 19.00 7.60 -6.01
N VAL A 89 18.50 8.63 -5.34
CA VAL A 89 18.67 8.72 -3.89
C VAL A 89 17.39 8.31 -3.18
N THR A 90 17.53 7.54 -2.10
CA THR A 90 16.38 7.09 -1.34
C THR A 90 15.61 8.28 -0.78
N ASN A 91 14.29 8.13 -0.67
CA ASN A 91 13.44 9.20 -0.16
C ASN A 91 12.69 8.73 1.09
N ILE A 92 12.81 9.49 2.17
CA ILE A 92 12.14 9.15 3.42
C ILE A 92 10.75 9.76 3.46
N LEU A 93 9.73 8.89 3.42
CA LEU A 93 8.35 9.35 3.45
C LEU A 93 7.63 8.80 4.66
N LYS A 94 7.01 9.70 5.43
CA LYS A 94 6.28 9.31 6.62
C LYS A 94 4.87 8.87 6.25
N THR A 95 4.51 7.66 6.64
CA THR A 95 3.18 7.13 6.33
C THR A 95 2.24 7.32 7.52
N THR A 96 0.96 7.17 7.27
CA THR A 96 -0.04 7.33 8.32
C THR A 96 0.09 6.22 9.36
N GLN A 97 0.56 5.05 8.93
CA GLN A 97 0.72 3.92 9.83
C GLN A 97 1.55 4.31 11.03
N GLY A 98 2.31 5.40 10.90
CA GLY A 98 3.16 5.88 11.99
C GLY A 98 4.63 5.69 11.65
N SER A 99 4.91 4.72 10.80
CA SER A 99 6.29 4.44 10.40
C SER A 99 6.63 5.18 9.12
N LYS A 100 7.88 5.03 8.67
CA LYS A 100 8.33 5.70 7.44
C LYS A 100 8.74 4.66 6.40
N ILE A 101 8.63 5.04 5.13
CA ILE A 101 8.97 4.15 4.03
C ILE A 101 10.02 4.79 3.13
N PHE A 102 10.95 3.97 2.65
CA PHE A 102 12.01 4.47 1.78
C PHE A 102 11.64 4.30 0.31
N LEU A 103 11.61 5.40 -0.42
CA LEU A 103 11.26 5.38 -1.83
C LEU A 103 12.46 5.72 -2.69
N LYS A 104 12.66 4.97 -3.76
CA LYS A 104 13.79 5.20 -4.65
C LYS A 104 13.39 4.98 -6.10
N GLU A 105 13.61 5.98 -6.93
CA GLU A 105 13.28 5.89 -8.35
C GLU A 105 14.55 5.89 -9.19
N VAL A 106 14.72 4.85 -10.01
CA VAL A 106 15.88 4.73 -10.86
C VAL A 106 15.48 4.32 -12.27
N ASN A 107 16.03 5.00 -13.27
CA ASN A 107 15.72 4.69 -14.66
C ASN A 107 14.21 4.69 -14.87
N ASP A 108 13.52 5.66 -14.29
CA ASP A 108 12.08 5.76 -14.44
C ASP A 108 11.39 4.56 -13.80
N THR A 109 12.15 3.74 -13.09
CA THR A 109 11.61 2.56 -12.44
C THR A 109 11.33 2.83 -10.98
N LEU A 110 10.17 2.38 -10.52
CA LEU A 110 9.79 2.59 -9.12
C LEU A 110 10.41 1.50 -8.25
N LEU A 111 11.41 1.87 -7.46
CA LEU A 111 12.08 0.93 -6.58
C LEU A 111 11.91 1.34 -5.12
N VAL A 112 11.13 0.54 -4.40
CA VAL A 112 10.89 0.83 -2.99
C VAL A 112 11.79 -0.05 -2.13
N ASN A 113 12.35 0.53 -1.07
CA ASN A 113 13.22 -0.21 -0.17
C ASN A 113 14.36 -0.84 -0.93
N GLU A 114 14.08 -1.96 -1.60
CA GLU A 114 15.08 -2.65 -2.38
C GLU A 114 14.43 -3.69 -3.30
N LEU A 115 13.44 -3.25 -4.07
CA LEU A 115 12.74 -4.14 -4.98
C LEU A 115 11.93 -3.35 -6.01
N LYS A 116 11.65 -3.99 -7.14
CA LYS A 116 10.89 -3.34 -8.20
C LYS A 116 9.40 -3.63 -8.07
N SER A 117 8.60 -2.60 -8.29
CA SER A 117 7.15 -2.75 -8.19
C SER A 117 6.59 -3.37 -9.46
N LYS A 118 5.37 -3.90 -9.36
CA LYS A 118 4.73 -4.52 -10.51
C LYS A 118 3.89 -3.50 -11.25
N GLU A 119 3.33 -2.55 -10.51
CA GLU A 119 2.50 -1.51 -11.11
C GLU A 119 2.27 -0.37 -10.14
N SER A 120 2.27 0.86 -10.65
CA SER A 120 2.07 2.03 -9.80
C SER A 120 1.71 3.24 -10.65
N ASP A 121 1.17 4.26 -10.00
CA ASP A 121 0.79 5.48 -10.70
C ASP A 121 -0.56 5.32 -11.40
N ILE A 122 -1.26 4.26 -11.05
CA ILE A 122 -2.57 3.99 -11.64
C ILE A 122 -3.45 5.23 -11.60
N MET A 123 -3.28 6.04 -10.55
CA MET A 123 -4.05 7.24 -10.39
C MET A 123 -5.51 6.92 -10.12
N THR A 124 -6.03 7.48 -9.04
CA THR A 124 -7.43 7.26 -8.67
C THR A 124 -8.12 8.57 -8.32
N THR A 125 -9.36 8.47 -7.85
CA THR A 125 -10.12 9.66 -7.48
C THR A 125 -9.87 10.05 -6.03
N ASN A 126 -9.24 9.15 -5.28
CA ASN A 126 -8.93 9.40 -3.87
C ASN A 126 -7.43 9.44 -3.64
N GLY A 127 -6.66 9.23 -4.70
CA GLY A 127 -5.22 9.25 -4.59
C GLY A 127 -4.57 8.41 -5.68
N VAL A 128 -3.53 7.67 -5.30
CA VAL A 128 -2.83 6.82 -6.26
C VAL A 128 -2.66 5.42 -5.69
N ILE A 129 -2.35 4.48 -6.57
CA ILE A 129 -2.16 3.09 -6.15
C ILE A 129 -0.73 2.62 -6.42
N HIS A 130 -0.24 1.74 -5.55
CA HIS A 130 1.09 1.20 -5.71
C HIS A 130 1.07 -0.31 -5.53
N VAL A 131 1.29 -1.02 -6.63
CA VAL A 131 1.30 -2.48 -6.62
C VAL A 131 2.73 -2.99 -6.51
N VAL A 132 3.02 -3.65 -5.38
CA VAL A 132 4.35 -4.20 -5.15
C VAL A 132 4.35 -5.72 -5.26
N ASP A 133 5.55 -6.30 -5.34
CA ASP A 133 5.69 -7.74 -5.45
C ASP A 133 6.32 -8.32 -4.20
N LYS A 134 6.00 -7.73 -3.06
CA LYS A 134 6.50 -8.23 -1.78
C LYS A 134 5.85 -7.50 -0.61
N LEU A 135 5.65 -8.22 0.49
CA LEU A 135 5.04 -7.62 1.67
C LEU A 135 6.04 -6.70 2.38
N LEU A 136 5.71 -5.42 2.44
CA LEU A 136 6.58 -4.46 3.09
C LEU A 136 6.63 -4.69 4.59
N TYR A 137 7.62 -4.11 5.24
CA TYR A 137 7.74 -4.28 6.67
C TYR A 137 8.24 -2.99 7.33
N PRO A 138 7.96 -2.79 8.60
CA PRO A 138 8.43 -1.57 9.34
C PRO A 138 9.94 -1.34 9.20
N ALA A 139 10.58 -0.95 10.29
CA ALA A 139 12.03 -0.69 10.29
C ALA A 139 12.76 -1.72 11.14
N ASP A 140 12.01 -2.40 11.99
CA ASP A 140 12.61 -3.41 12.87
C ASP A 140 11.64 -4.58 13.07
N GLY A 1 -22.04 10.07 -18.40
CA GLY A 1 -21.50 8.84 -17.81
C GLY A 1 -20.18 9.12 -17.11
N ALA A 2 -20.24 9.81 -15.98
CA ALA A 2 -19.04 10.13 -15.22
C ALA A 2 -18.48 8.88 -14.54
N MET A 3 -17.56 8.22 -15.21
CA MET A 3 -16.95 7.00 -14.66
C MET A 3 -15.74 7.36 -13.80
N GLU A 4 -15.98 7.52 -12.50
CA GLU A 4 -14.92 7.86 -11.57
C GLU A 4 -14.37 6.61 -10.89
N LYS A 5 -13.08 6.36 -11.09
CA LYS A 5 -12.44 5.19 -10.49
C LYS A 5 -11.74 5.56 -9.19
N SER A 6 -12.31 5.10 -8.08
CA SER A 6 -11.73 5.39 -6.77
C SER A 6 -10.84 4.23 -6.31
N LEU A 7 -10.19 4.42 -5.17
CA LEU A 7 -9.31 3.39 -4.65
C LEU A 7 -10.06 2.07 -4.47
N HIS A 8 -11.06 2.09 -3.60
CA HIS A 8 -11.85 0.89 -3.34
C HIS A 8 -12.40 0.32 -4.64
N GLU A 9 -12.91 1.21 -5.49
CA GLU A 9 -13.46 0.78 -6.78
C GLU A 9 -12.50 -0.18 -7.47
N LYS A 10 -11.23 0.17 -7.47
CA LYS A 10 -10.21 -0.67 -8.11
C LYS A 10 -10.04 -1.97 -7.34
N LEU A 11 -9.82 -1.86 -6.04
CA LEU A 11 -9.64 -3.03 -5.19
C LEU A 11 -10.88 -3.91 -5.22
N LYS A 12 -12.00 -3.32 -5.62
CA LYS A 12 -13.25 -4.05 -5.68
C LYS A 12 -13.38 -4.82 -6.99
N GLN A 13 -12.97 -4.17 -8.08
CA GLN A 13 -13.05 -4.80 -9.39
C GLN A 13 -11.96 -5.85 -9.54
N ASP A 14 -10.85 -5.65 -8.85
CA ASP A 14 -9.74 -6.59 -8.91
C ASP A 14 -9.89 -7.66 -7.84
N LYS A 15 -9.82 -8.93 -8.24
CA LYS A 15 -9.96 -10.04 -7.30
C LYS A 15 -8.64 -10.29 -6.57
N ARG A 16 -7.54 -9.95 -7.22
CA ARG A 16 -6.22 -10.14 -6.62
C ARG A 16 -6.16 -9.44 -5.26
N PHE A 17 -6.92 -8.36 -5.11
CA PHE A 17 -6.94 -7.60 -3.86
C PHE A 17 -8.23 -7.85 -3.08
N SER A 18 -8.87 -8.98 -3.37
CA SER A 18 -10.11 -9.33 -2.68
C SER A 18 -9.86 -9.42 -1.17
N THR A 19 -8.73 -10.00 -0.81
CA THR A 19 -8.38 -10.12 0.60
C THR A 19 -8.39 -8.75 1.25
N PHE A 20 -7.70 -7.80 0.64
CA PHE A 20 -7.64 -6.44 1.16
C PHE A 20 -9.03 -5.97 1.53
N LEU A 21 -9.95 -6.11 0.59
CA LEU A 21 -11.32 -5.68 0.84
C LEU A 21 -11.85 -6.33 2.13
N SER A 22 -11.52 -7.61 2.30
CA SER A 22 -11.99 -8.34 3.47
C SER A 22 -11.34 -7.89 4.78
N LEU A 23 -10.03 -8.00 4.83
CA LEU A 23 -9.29 -7.64 6.04
C LEU A 23 -9.49 -6.17 6.37
N LEU A 24 -9.39 -5.31 5.36
CA LEU A 24 -9.53 -3.88 5.59
C LEU A 24 -10.94 -3.58 6.10
N GLU A 25 -11.91 -4.37 5.66
CA GLU A 25 -13.29 -4.14 6.09
C GLU A 25 -13.46 -4.50 7.57
N ALA A 26 -12.75 -5.52 8.01
CA ALA A 26 -12.84 -5.93 9.41
C ALA A 26 -12.28 -4.87 10.34
N ALA A 27 -11.18 -4.24 9.93
CA ALA A 27 -10.56 -3.20 10.75
C ALA A 27 -11.28 -1.88 10.58
N ASP A 28 -12.30 -1.87 9.73
CA ASP A 28 -13.07 -0.66 9.48
C ASP A 28 -12.25 0.35 8.68
N LEU A 29 -11.45 -0.16 7.74
CA LEU A 29 -10.61 0.73 6.93
C LEU A 29 -11.28 1.06 5.61
N LYS A 30 -12.56 0.80 5.56
CA LYS A 30 -13.36 1.03 4.39
C LYS A 30 -14.00 2.43 4.43
N GLU A 31 -14.17 2.96 5.64
CA GLU A 31 -14.77 4.28 5.80
C GLU A 31 -13.89 5.38 5.23
N LEU A 32 -12.71 5.55 5.81
CA LEU A 32 -11.78 6.55 5.34
C LEU A 32 -11.46 6.34 3.87
N LEU A 33 -11.66 5.12 3.39
CA LEU A 33 -11.35 4.78 2.00
C LEU A 33 -12.36 5.41 1.05
N THR A 34 -13.64 5.30 1.38
CA THR A 34 -14.67 5.86 0.53
C THR A 34 -14.68 7.37 0.65
N GLN A 35 -14.14 7.88 1.75
CA GLN A 35 -14.12 9.32 1.95
C GLN A 35 -13.24 10.01 0.93
N PRO A 36 -13.51 11.25 0.61
CA PRO A 36 -12.72 12.03 -0.39
C PRO A 36 -11.38 12.52 0.17
N GLY A 37 -10.29 12.06 -0.40
CA GLY A 37 -8.97 12.47 0.05
C GLY A 37 -7.88 11.81 -0.78
N ASP A 38 -6.69 12.39 -0.79
CA ASP A 38 -5.59 11.85 -1.57
C ASP A 38 -4.59 11.14 -0.65
N TRP A 39 -4.49 9.83 -0.80
CA TRP A 39 -3.58 9.03 0.02
C TRP A 39 -2.86 8.01 -0.84
N THR A 40 -1.85 7.36 -0.27
CA THR A 40 -1.10 6.36 -0.99
C THR A 40 -1.46 4.97 -0.49
N LEU A 41 -1.67 4.06 -1.42
CA LEU A 41 -2.05 2.70 -1.06
C LEU A 41 -1.03 1.68 -1.54
N PHE A 42 -0.43 0.96 -0.60
CA PHE A 42 0.54 -0.07 -0.93
C PHE A 42 -0.09 -1.44 -0.74
N VAL A 43 -0.47 -2.08 -1.85
CA VAL A 43 -1.10 -3.38 -1.80
C VAL A 43 -0.20 -4.46 -2.42
N PRO A 44 0.25 -5.45 -1.67
CA PRO A 44 1.11 -6.51 -2.22
C PRO A 44 0.29 -7.64 -2.86
N THR A 45 0.86 -8.28 -3.88
CA THR A 45 0.16 -9.37 -4.56
C THR A 45 0.44 -10.71 -3.89
N ASN A 46 -0.20 -11.77 -4.38
CA ASN A 46 0.00 -13.10 -3.82
C ASN A 46 1.49 -13.43 -3.73
N ASP A 47 2.25 -12.97 -4.73
CA ASP A 47 3.69 -13.23 -4.76
C ASP A 47 4.34 -12.81 -3.45
N ALA A 48 3.61 -12.02 -2.67
CA ALA A 48 4.12 -11.55 -1.39
C ALA A 48 3.71 -12.49 -0.26
N PHE A 49 2.57 -13.16 -0.43
CA PHE A 49 2.05 -14.06 0.60
C PHE A 49 2.92 -15.31 0.69
N LYS A 50 3.42 -15.74 -0.45
CA LYS A 50 4.28 -16.94 -0.49
C LYS A 50 5.45 -16.78 0.46
N GLY A 51 5.49 -17.64 1.48
CA GLY A 51 6.58 -17.58 2.46
C GLY A 51 6.02 -17.43 3.88
N MET A 52 4.93 -16.67 4.00
CA MET A 52 4.32 -16.45 5.30
C MET A 52 3.61 -17.72 5.77
N THR A 53 4.15 -18.35 6.79
CA THR A 53 3.56 -19.56 7.33
C THR A 53 2.32 -19.25 8.15
N SER A 54 1.36 -20.16 8.13
CA SER A 54 0.12 -19.95 8.88
C SER A 54 0.42 -19.48 10.29
N GLU A 55 1.51 -19.98 10.86
CA GLU A 55 1.90 -19.59 12.21
C GLU A 55 2.44 -18.18 12.24
N GLU A 56 3.22 -17.83 11.22
CA GLU A 56 3.80 -16.49 11.13
C GLU A 56 2.69 -15.43 11.20
N LYS A 57 1.80 -15.47 10.22
CA LYS A 57 0.71 -14.50 10.19
C LYS A 57 -0.12 -14.59 11.45
N GLU A 58 -0.26 -15.80 11.99
CA GLU A 58 -1.03 -15.99 13.20
C GLU A 58 -0.44 -15.19 14.36
N ILE A 59 0.89 -15.24 14.49
CA ILE A 59 1.56 -14.52 15.55
C ILE A 59 1.35 -13.02 15.40
N LEU A 60 1.28 -12.56 14.14
CA LEU A 60 1.08 -11.14 13.88
C LEU A 60 -0.36 -10.73 14.13
N ILE A 61 -1.29 -11.38 13.45
CA ILE A 61 -2.71 -11.06 13.59
C ILE A 61 -3.18 -11.31 15.02
N ARG A 62 -2.35 -11.99 15.80
CA ARG A 62 -2.69 -12.30 17.18
C ARG A 62 -2.95 -11.01 17.98
N ASP A 63 -2.21 -9.97 17.64
CA ASP A 63 -2.37 -8.70 18.33
C ASP A 63 -3.12 -7.71 17.45
N LYS A 64 -4.11 -7.03 18.03
CA LYS A 64 -4.89 -6.07 17.28
C LYS A 64 -4.01 -4.94 16.80
N ASN A 65 -3.00 -4.58 17.60
CA ASN A 65 -2.12 -3.50 17.23
C ASN A 65 -1.19 -3.93 16.10
N ALA A 66 -0.80 -5.21 16.11
CA ALA A 66 0.10 -5.74 15.10
C ALA A 66 -0.53 -5.71 13.73
N LEU A 67 -1.66 -6.41 13.59
CA LEU A 67 -2.33 -6.45 12.32
C LEU A 67 -2.67 -5.02 11.90
N GLN A 68 -2.99 -4.18 12.87
CA GLN A 68 -3.38 -2.81 12.55
C GLN A 68 -2.27 -2.10 11.77
N ASN A 69 -1.06 -2.19 12.31
CA ASN A 69 0.07 -1.57 11.66
C ASN A 69 0.21 -2.08 10.24
N ILE A 70 0.02 -3.39 10.08
CA ILE A 70 0.13 -3.98 8.74
C ILE A 70 -1.10 -3.66 7.90
N ILE A 71 -2.25 -3.60 8.54
CA ILE A 71 -3.50 -3.30 7.84
C ILE A 71 -3.31 -2.06 6.97
N LEU A 72 -2.78 -1.00 7.56
CA LEU A 72 -2.58 0.22 6.80
C LEU A 72 -1.52 0.03 5.72
N TYR A 73 -0.79 -1.08 5.81
CA TYR A 73 0.25 -1.36 4.84
C TYR A 73 1.06 -0.11 4.54
N HIS A 74 1.45 0.62 5.58
CA HIS A 74 2.24 1.84 5.41
C HIS A 74 1.46 2.88 4.64
N LEU A 75 0.21 3.09 5.02
CA LEU A 75 -0.62 4.08 4.33
C LEU A 75 -0.01 5.44 4.50
N THR A 76 -0.08 6.26 3.45
CA THR A 76 0.46 7.61 3.52
C THR A 76 -0.53 8.63 2.92
N PRO A 77 -0.67 9.80 3.50
CA PRO A 77 -1.55 10.87 2.96
C PRO A 77 -0.90 11.60 1.78
N GLY A 78 -1.74 12.25 0.97
CA GLY A 78 -1.25 12.97 -0.19
C GLY A 78 -0.56 12.02 -1.15
N VAL A 79 -1.02 12.01 -2.40
CA VAL A 79 -0.45 11.13 -3.41
C VAL A 79 1.07 11.21 -3.40
N PHE A 80 1.71 10.05 -3.43
CA PHE A 80 3.16 9.98 -3.41
C PHE A 80 3.72 10.25 -4.82
N ILE A 81 4.49 11.34 -4.94
CA ILE A 81 5.09 11.69 -6.23
C ILE A 81 6.61 11.69 -6.10
N GLY A 82 7.29 11.53 -7.21
CA GLY A 82 8.75 11.52 -7.21
C GLY A 82 9.29 12.83 -6.62
N LYS A 83 8.39 13.65 -6.07
CA LYS A 83 8.80 14.92 -5.47
C LYS A 83 9.79 15.63 -6.37
N GLY A 84 9.58 15.47 -7.67
CA GLY A 84 10.47 16.10 -8.64
C GLY A 84 11.94 15.97 -8.21
N PHE A 85 12.20 15.01 -7.33
CA PHE A 85 13.55 14.79 -6.83
C PHE A 85 14.40 14.06 -7.86
N GLU A 86 15.69 13.89 -7.56
CA GLU A 86 16.57 13.21 -8.49
C GLU A 86 16.37 11.69 -8.46
N PRO A 87 16.19 11.05 -9.60
CA PRO A 87 15.99 9.57 -9.66
C PRO A 87 17.23 8.83 -9.15
N GLY A 88 17.04 7.97 -8.15
CA GLY A 88 18.15 7.21 -7.58
C GLY A 88 18.33 7.54 -6.10
N VAL A 89 17.62 8.58 -5.64
CA VAL A 89 17.71 8.97 -4.25
C VAL A 89 16.56 8.36 -3.44
N THR A 90 16.90 7.72 -2.33
CA THR A 90 15.88 7.11 -1.48
C THR A 90 15.14 8.17 -0.67
N ASN A 91 13.89 8.43 -1.02
CA ASN A 91 13.09 9.42 -0.32
C ASN A 91 12.54 8.85 0.99
N ILE A 92 13.09 9.31 2.10
CA ILE A 92 12.66 8.84 3.43
C ILE A 92 11.59 9.75 3.98
N LEU A 93 10.39 9.18 4.14
CA LEU A 93 9.25 9.94 4.65
C LEU A 93 8.45 9.11 5.66
N LYS A 94 7.65 9.79 6.46
CA LYS A 94 6.84 9.10 7.46
C LYS A 94 5.44 8.80 6.91
N THR A 95 4.97 7.58 7.18
CA THR A 95 3.64 7.18 6.73
C THR A 95 2.63 7.24 7.88
N THR A 96 1.35 7.04 7.55
CA THR A 96 0.32 7.08 8.57
C THR A 96 0.52 5.95 9.58
N GLN A 97 1.02 4.82 9.10
CA GLN A 97 1.25 3.66 9.96
C GLN A 97 2.12 4.04 11.15
N GLY A 98 2.99 5.02 10.96
CA GLY A 98 3.87 5.48 12.03
C GLY A 98 5.33 5.31 11.62
N SER A 99 5.62 4.23 10.91
CA SER A 99 6.99 3.96 10.47
C SER A 99 7.31 4.76 9.20
N LYS A 100 8.58 4.78 8.83
CA LYS A 100 9.01 5.50 7.63
C LYS A 100 9.31 4.53 6.50
N ILE A 101 8.98 4.95 5.28
CA ILE A 101 9.23 4.13 4.10
C ILE A 101 10.19 4.84 3.16
N PHE A 102 11.00 4.04 2.47
CA PHE A 102 12.00 4.58 1.55
C PHE A 102 11.50 4.46 0.11
N LEU A 103 11.48 5.58 -0.60
CA LEU A 103 11.03 5.60 -1.99
C LEU A 103 12.18 5.94 -2.93
N LYS A 104 12.34 5.15 -3.97
CA LYS A 104 13.40 5.37 -4.93
C LYS A 104 12.90 5.16 -6.34
N GLU A 105 13.20 6.12 -7.21
CA GLU A 105 12.79 6.04 -8.61
C GLU A 105 14.01 6.02 -9.51
N VAL A 106 14.09 5.01 -10.38
CA VAL A 106 15.20 4.87 -11.30
C VAL A 106 14.73 4.32 -12.64
N ASN A 107 15.35 4.79 -13.72
CA ASN A 107 14.97 4.34 -15.05
C ASN A 107 13.45 4.29 -15.20
N ASP A 108 12.79 5.36 -14.80
CA ASP A 108 11.33 5.42 -14.90
C ASP A 108 10.69 4.22 -14.22
N THR A 109 11.43 3.62 -13.28
CA THR A 109 10.92 2.45 -12.56
C THR A 109 10.73 2.79 -11.08
N LEU A 110 9.57 2.43 -10.56
CA LEU A 110 9.27 2.70 -9.15
C LEU A 110 9.94 1.65 -8.27
N LEU A 111 10.97 2.07 -7.54
CA LEU A 111 11.68 1.17 -6.65
C LEU A 111 11.52 1.60 -5.20
N VAL A 112 10.74 0.83 -4.46
CA VAL A 112 10.50 1.12 -3.05
C VAL A 112 11.38 0.22 -2.19
N ASN A 113 12.01 0.82 -1.18
CA ASN A 113 12.88 0.07 -0.27
C ASN A 113 14.00 -0.59 -1.05
N GLU A 114 13.66 -1.64 -1.79
CA GLU A 114 14.66 -2.35 -2.58
C GLU A 114 13.96 -3.38 -3.49
N LEU A 115 12.93 -2.95 -4.20
CA LEU A 115 12.22 -3.85 -5.10
C LEU A 115 11.35 -3.07 -6.07
N LYS A 116 11.09 -3.66 -7.23
CA LYS A 116 10.29 -3.00 -8.24
C LYS A 116 8.81 -3.29 -8.06
N SER A 117 7.98 -2.28 -8.30
CA SER A 117 6.54 -2.45 -8.17
C SER A 117 5.95 -3.13 -9.39
N LYS A 118 4.74 -3.66 -9.24
CA LYS A 118 4.08 -4.34 -10.35
C LYS A 118 3.23 -3.35 -11.15
N GLU A 119 2.44 -2.55 -10.45
CA GLU A 119 1.60 -1.57 -11.13
C GLU A 119 1.26 -0.44 -10.17
N SER A 120 1.91 0.70 -10.37
CA SER A 120 1.68 1.85 -9.51
C SER A 120 1.64 3.12 -10.35
N ASP A 121 1.39 4.26 -9.69
CA ASP A 121 1.33 5.55 -10.37
C ASP A 121 -0.05 5.79 -10.97
N ILE A 122 -0.97 4.89 -10.66
CA ILE A 122 -2.34 4.98 -11.16
C ILE A 122 -3.09 6.05 -10.37
N MET A 123 -3.51 7.09 -11.08
CA MET A 123 -4.23 8.19 -10.47
C MET A 123 -5.69 7.84 -10.28
N THR A 124 -6.15 7.98 -9.04
CA THR A 124 -7.55 7.69 -8.71
C THR A 124 -8.27 8.94 -8.23
N THR A 125 -9.54 8.79 -7.88
CA THR A 125 -10.34 9.91 -7.41
C THR A 125 -10.12 10.14 -5.91
N ASN A 126 -9.35 9.25 -5.29
CA ASN A 126 -9.06 9.35 -3.86
C ASN A 126 -7.56 9.31 -3.60
N GLY A 127 -6.78 9.58 -4.65
CA GLY A 127 -5.34 9.60 -4.52
C GLY A 127 -4.67 8.76 -5.61
N VAL A 128 -3.63 8.03 -5.23
CA VAL A 128 -2.91 7.19 -6.17
C VAL A 128 -2.91 5.74 -5.71
N ILE A 129 -2.51 4.85 -6.61
CA ILE A 129 -2.45 3.42 -6.30
C ILE A 129 -1.04 2.88 -6.45
N HIS A 130 -0.69 1.93 -5.59
CA HIS A 130 0.63 1.31 -5.65
C HIS A 130 0.52 -0.19 -5.43
N VAL A 131 0.81 -0.96 -6.48
CA VAL A 131 0.75 -2.41 -6.40
C VAL A 131 2.16 -3.01 -6.42
N VAL A 132 2.49 -3.71 -5.35
CA VAL A 132 3.81 -4.34 -5.21
C VAL A 132 3.68 -5.86 -5.09
N ASP A 133 4.83 -6.54 -5.00
CA ASP A 133 4.84 -8.00 -4.87
C ASP A 133 5.71 -8.43 -3.70
N LYS A 134 5.55 -7.73 -2.57
CA LYS A 134 6.33 -8.04 -1.38
C LYS A 134 5.76 -7.31 -0.17
N LEU A 135 5.89 -7.91 1.01
CA LEU A 135 5.38 -7.29 2.23
C LEU A 135 6.42 -6.35 2.84
N LEU A 136 6.17 -5.05 2.74
CA LEU A 136 7.09 -4.07 3.29
C LEU A 136 7.42 -4.39 4.74
N TYR A 137 8.69 -4.69 5.01
CA TYR A 137 9.12 -5.01 6.37
C TYR A 137 9.87 -3.83 6.99
N PRO A 138 9.89 -3.73 8.29
CA PRO A 138 10.62 -2.64 9.00
C PRO A 138 12.12 -2.91 9.08
N ALA A 139 12.80 -2.18 9.95
CA ALA A 139 14.24 -2.34 10.12
C ALA A 139 14.55 -2.91 11.50
N ASP A 140 15.06 -2.06 12.38
CA ASP A 140 15.39 -2.49 13.73
C ASP A 140 16.39 -3.65 13.70
N GLY A 1 -22.65 8.81 -17.97
CA GLY A 1 -22.86 7.72 -17.01
C GLY A 1 -22.17 8.02 -15.69
N ALA A 2 -21.07 7.33 -15.44
CA ALA A 2 -20.32 7.52 -14.21
C ALA A 2 -18.94 6.88 -14.31
N MET A 3 -17.92 7.71 -14.50
CA MET A 3 -16.55 7.21 -14.62
C MET A 3 -15.78 7.48 -13.33
N GLU A 4 -14.56 7.97 -13.49
CA GLU A 4 -13.71 8.27 -12.33
C GLU A 4 -13.41 6.99 -11.55
N LYS A 5 -12.12 6.71 -11.34
CA LYS A 5 -11.72 5.51 -10.62
C LYS A 5 -11.18 5.86 -9.23
N SER A 6 -11.85 5.34 -8.20
CA SER A 6 -11.44 5.60 -6.82
C SER A 6 -10.59 4.45 -6.29
N LEU A 7 -10.04 4.65 -5.10
CA LEU A 7 -9.19 3.63 -4.51
C LEU A 7 -9.97 2.34 -4.29
N HIS A 8 -11.01 2.41 -3.46
CA HIS A 8 -11.84 1.24 -3.18
C HIS A 8 -12.37 0.64 -4.49
N GLU A 9 -12.61 1.50 -5.46
CA GLU A 9 -13.11 1.04 -6.76
C GLU A 9 -12.13 0.03 -7.36
N LYS A 10 -10.86 0.38 -7.36
CA LYS A 10 -9.84 -0.51 -7.90
C LYS A 10 -9.77 -1.79 -7.09
N LEU A 11 -9.66 -1.65 -5.77
CA LEU A 11 -9.58 -2.82 -4.90
C LEU A 11 -10.83 -3.67 -5.05
N LYS A 12 -11.92 -3.04 -5.49
CA LYS A 12 -13.17 -3.76 -5.68
C LYS A 12 -13.22 -4.42 -7.05
N GLN A 13 -12.53 -3.83 -8.01
CA GLN A 13 -12.50 -4.37 -9.36
C GLN A 13 -11.29 -5.28 -9.55
N ASP A 14 -10.35 -5.22 -8.60
CA ASP A 14 -9.15 -6.03 -8.68
C ASP A 14 -9.35 -7.36 -7.96
N LYS A 15 -9.58 -8.42 -8.73
CA LYS A 15 -9.79 -9.74 -8.15
C LYS A 15 -8.56 -10.20 -7.37
N ARG A 16 -7.44 -9.51 -7.59
CA ARG A 16 -6.19 -9.85 -6.91
C ARG A 16 -6.19 -9.31 -5.49
N PHE A 17 -6.91 -8.20 -5.28
CA PHE A 17 -6.99 -7.58 -3.96
C PHE A 17 -8.36 -7.79 -3.33
N SER A 18 -9.02 -8.88 -3.71
CA SER A 18 -10.32 -9.21 -3.16
C SER A 18 -10.20 -9.53 -1.67
N THR A 19 -9.19 -10.31 -1.33
CA THR A 19 -8.98 -10.68 0.06
C THR A 19 -8.82 -9.42 0.90
N PHE A 20 -8.07 -8.46 0.35
CA PHE A 20 -7.85 -7.20 1.04
C PHE A 20 -9.16 -6.55 1.39
N LEU A 21 -10.06 -6.51 0.43
CA LEU A 21 -11.37 -5.92 0.66
C LEU A 21 -12.03 -6.58 1.86
N SER A 22 -11.89 -7.90 1.95
CA SER A 22 -12.50 -8.65 3.05
C SER A 22 -11.90 -8.28 4.41
N LEU A 23 -10.61 -8.48 4.56
CA LEU A 23 -9.91 -8.19 5.81
C LEU A 23 -9.90 -6.70 6.14
N LEU A 24 -9.62 -5.86 5.15
CA LEU A 24 -9.56 -4.43 5.39
C LEU A 24 -10.94 -3.90 5.77
N GLU A 25 -11.97 -4.55 5.26
CA GLU A 25 -13.32 -4.14 5.57
C GLU A 25 -13.68 -4.49 7.02
N ALA A 26 -13.20 -5.64 7.50
CA ALA A 26 -13.47 -6.06 8.87
C ALA A 26 -12.81 -5.13 9.87
N ALA A 27 -11.61 -4.67 9.52
CA ALA A 27 -10.86 -3.76 10.40
C ALA A 27 -11.45 -2.36 10.34
N ASP A 28 -12.33 -2.13 9.36
CA ASP A 28 -12.96 -0.83 9.20
C ASP A 28 -12.02 0.13 8.46
N LEU A 29 -11.35 -0.37 7.42
CA LEU A 29 -10.43 0.45 6.64
C LEU A 29 -11.07 0.85 5.32
N LYS A 30 -12.38 0.78 5.27
CA LYS A 30 -13.13 1.14 4.08
C LYS A 30 -13.85 2.46 4.26
N GLU A 31 -14.00 2.89 5.51
CA GLU A 31 -14.69 4.14 5.80
C GLU A 31 -13.81 5.34 5.43
N LEU A 32 -12.68 5.47 6.11
CA LEU A 32 -11.76 6.56 5.84
C LEU A 32 -11.34 6.57 4.37
N LEU A 33 -11.52 5.42 3.71
CA LEU A 33 -11.12 5.26 2.31
C LEU A 33 -12.14 5.87 1.37
N THR A 34 -13.32 6.19 1.88
CA THR A 34 -14.34 6.77 1.05
C THR A 34 -14.30 8.28 1.12
N GLN A 35 -13.43 8.79 2.00
CA GLN A 35 -13.30 10.22 2.18
C GLN A 35 -12.40 10.84 1.11
N PRO A 36 -12.54 12.12 0.84
CA PRO A 36 -11.71 12.83 -0.17
C PRO A 36 -10.36 13.26 0.39
N GLY A 37 -9.28 12.79 -0.23
CA GLY A 37 -7.95 13.15 0.23
C GLY A 37 -6.88 12.48 -0.64
N ASP A 38 -5.67 12.99 -0.57
CA ASP A 38 -4.57 12.42 -1.34
C ASP A 38 -3.72 11.52 -0.46
N TRP A 39 -3.71 10.22 -0.77
CA TRP A 39 -2.93 9.26 0.02
C TRP A 39 -2.33 8.19 -0.90
N THR A 40 -1.42 7.40 -0.35
CA THR A 40 -0.78 6.33 -1.12
C THR A 40 -0.60 5.10 -0.25
N LEU A 41 -1.13 3.98 -0.72
CA LEU A 41 -1.04 2.73 0.02
C LEU A 41 -0.24 1.70 -0.79
N PHE A 42 0.53 0.87 -0.08
CA PHE A 42 1.35 -0.15 -0.73
C PHE A 42 0.64 -1.49 -0.67
N VAL A 43 0.00 -1.88 -1.77
CA VAL A 43 -0.73 -3.16 -1.78
C VAL A 43 0.11 -4.28 -2.42
N PRO A 44 0.59 -5.24 -1.65
CA PRO A 44 1.38 -6.37 -2.20
C PRO A 44 0.48 -7.40 -2.87
N THR A 45 0.91 -7.95 -3.99
CA THR A 45 0.11 -8.95 -4.69
C THR A 45 0.11 -10.28 -3.95
N ASN A 46 -0.86 -11.13 -4.28
CA ASN A 46 -0.98 -12.41 -3.62
C ASN A 46 0.39 -13.09 -3.50
N ASP A 47 1.14 -13.08 -4.59
CA ASP A 47 2.47 -13.70 -4.62
C ASP A 47 3.33 -13.18 -3.46
N ALA A 48 3.08 -11.95 -3.05
CA ALA A 48 3.83 -11.34 -1.96
C ALA A 48 3.18 -11.65 -0.62
N PHE A 49 1.89 -11.95 -0.65
CA PHE A 49 1.16 -12.27 0.57
C PHE A 49 1.16 -13.77 0.82
N LYS A 50 1.84 -14.50 -0.05
CA LYS A 50 1.92 -15.95 0.08
C LYS A 50 1.98 -16.32 1.55
N GLY A 51 0.85 -16.87 2.03
CA GLY A 51 0.72 -17.27 3.43
C GLY A 51 2.07 -17.40 4.12
N MET A 52 2.52 -16.30 4.73
CA MET A 52 3.79 -16.28 5.44
C MET A 52 3.97 -17.53 6.28
N THR A 53 5.04 -17.57 7.04
CA THR A 53 5.31 -18.73 7.87
C THR A 53 4.24 -18.86 8.93
N SER A 54 3.95 -20.10 9.29
CA SER A 54 2.94 -20.38 10.30
C SER A 54 3.13 -19.49 11.51
N GLU A 55 4.38 -19.08 11.74
CA GLU A 55 4.69 -18.23 12.86
C GLU A 55 4.54 -16.76 12.48
N GLU A 56 4.78 -16.46 11.21
CA GLU A 56 4.67 -15.09 10.74
C GLU A 56 3.22 -14.63 10.74
N LYS A 57 2.41 -15.27 9.90
CA LYS A 57 0.99 -14.93 9.81
C LYS A 57 0.40 -14.75 11.19
N GLU A 58 0.91 -15.51 12.15
CA GLU A 58 0.41 -15.43 13.49
C GLU A 58 0.84 -14.13 14.16
N ILE A 59 2.14 -13.85 14.11
CA ILE A 59 2.67 -12.62 14.73
C ILE A 59 1.79 -11.43 14.36
N LEU A 60 1.19 -11.47 13.19
CA LEU A 60 0.35 -10.35 12.76
C LEU A 60 -1.03 -10.42 13.41
N ILE A 61 -1.67 -11.58 13.36
CA ILE A 61 -3.00 -11.73 13.94
C ILE A 61 -2.89 -11.97 15.45
N ARG A 62 -1.67 -12.12 15.95
CA ARG A 62 -1.44 -12.36 17.37
C ARG A 62 -1.97 -11.20 18.21
N ASP A 63 -1.80 -9.98 17.71
CA ASP A 63 -2.27 -8.80 18.43
C ASP A 63 -3.05 -7.89 17.50
N LYS A 64 -4.21 -7.44 17.95
CA LYS A 64 -5.04 -6.56 17.15
C LYS A 64 -4.22 -5.38 16.64
N ASN A 65 -3.32 -4.88 17.47
CA ASN A 65 -2.49 -3.76 17.09
C ASN A 65 -1.48 -4.17 16.01
N ALA A 66 -1.09 -5.43 16.04
CA ALA A 66 -0.12 -5.92 15.07
C ALA A 66 -0.73 -6.02 13.68
N LEU A 67 -1.78 -6.81 13.54
CA LEU A 67 -2.39 -6.92 12.23
C LEU A 67 -2.81 -5.54 11.77
N GLN A 68 -3.23 -4.69 12.72
CA GLN A 68 -3.67 -3.36 12.36
C GLN A 68 -2.55 -2.59 11.66
N ASN A 69 -1.37 -2.63 12.27
CA ASN A 69 -0.23 -1.93 11.70
C ASN A 69 -0.03 -2.36 10.25
N ILE A 70 -0.13 -3.65 9.99
CA ILE A 70 0.05 -4.16 8.64
C ILE A 70 -1.18 -3.89 7.79
N ILE A 71 -2.36 -3.98 8.40
CA ILE A 71 -3.60 -3.74 7.68
C ILE A 71 -3.48 -2.47 6.84
N LEU A 72 -3.13 -1.36 7.50
CA LEU A 72 -3.00 -0.10 6.78
C LEU A 72 -2.10 -0.24 5.57
N TYR A 73 -1.49 -1.41 5.45
CA TYR A 73 -0.58 -1.66 4.33
C TYR A 73 0.32 -0.47 4.08
N HIS A 74 0.79 0.15 5.16
CA HIS A 74 1.68 1.30 5.04
C HIS A 74 0.96 2.49 4.42
N LEU A 75 -0.24 2.79 4.92
CA LEU A 75 -1.01 3.91 4.40
C LEU A 75 -0.25 5.20 4.63
N THR A 76 -0.08 5.99 3.57
CA THR A 76 0.63 7.25 3.67
C THR A 76 -0.19 8.41 3.09
N PRO A 77 -0.07 9.61 3.60
CA PRO A 77 -0.80 10.80 3.05
C PRO A 77 -0.02 11.46 1.92
N GLY A 78 -0.74 12.18 1.07
CA GLY A 78 -0.12 12.87 -0.05
C GLY A 78 0.28 11.89 -1.14
N VAL A 79 -0.36 12.01 -2.29
CA VAL A 79 -0.08 11.12 -3.42
C VAL A 79 1.40 11.21 -3.81
N PHE A 80 2.03 10.05 -3.98
CA PHE A 80 3.44 10.02 -4.35
C PHE A 80 3.60 10.33 -5.83
N ILE A 81 4.55 11.20 -6.15
CA ILE A 81 4.82 11.59 -7.53
C ILE A 81 6.25 11.25 -7.92
N GLY A 82 6.40 10.26 -8.79
CA GLY A 82 7.72 9.86 -9.24
C GLY A 82 8.33 10.90 -10.17
N LYS A 83 7.68 12.06 -10.26
CA LYS A 83 8.16 13.14 -11.12
C LYS A 83 8.44 14.38 -10.28
N GLY A 84 8.09 14.32 -9.01
CA GLY A 84 8.31 15.44 -8.11
C GLY A 84 9.45 15.14 -7.14
N PHE A 85 9.65 13.86 -6.85
CA PHE A 85 10.72 13.46 -5.93
C PHE A 85 12.03 13.32 -6.69
N GLU A 86 13.15 13.37 -5.96
CA GLU A 86 14.45 13.26 -6.60
C GLU A 86 14.79 11.78 -6.88
N PRO A 87 15.09 11.42 -8.11
CA PRO A 87 15.43 10.00 -8.46
C PRO A 87 16.87 9.65 -8.08
N GLY A 88 17.09 8.39 -7.74
CA GLY A 88 18.43 7.92 -7.36
C GLY A 88 18.63 7.97 -5.85
N VAL A 89 18.14 9.05 -5.23
CA VAL A 89 18.27 9.21 -3.80
C VAL A 89 17.12 8.54 -3.07
N THR A 90 17.36 8.13 -1.83
CA THR A 90 16.33 7.49 -1.04
C THR A 90 15.47 8.53 -0.34
N ASN A 91 14.15 8.34 -0.43
CA ASN A 91 13.21 9.26 0.20
C ASN A 91 12.56 8.59 1.40
N ILE A 92 12.70 9.22 2.57
CA ILE A 92 12.12 8.71 3.80
C ILE A 92 10.73 9.28 4.00
N LEU A 93 9.70 8.46 3.74
CA LEU A 93 8.33 8.90 3.90
C LEU A 93 7.70 8.27 5.14
N LYS A 94 7.17 9.11 6.03
CA LYS A 94 6.54 8.62 7.25
C LYS A 94 5.08 8.27 6.99
N THR A 95 4.76 6.98 7.09
CA THR A 95 3.40 6.53 6.86
C THR A 95 2.58 6.60 8.14
N THR A 96 1.27 6.51 7.97
CA THR A 96 0.36 6.58 9.11
C THR A 96 0.53 5.35 10.02
N GLN A 97 0.97 4.24 9.42
CA GLN A 97 1.16 3.02 10.18
C GLN A 97 2.05 3.28 11.39
N GLY A 98 2.90 4.31 11.30
CA GLY A 98 3.79 4.65 12.40
C GLY A 98 5.23 4.30 12.07
N SER A 99 5.47 3.87 10.83
CA SER A 99 6.80 3.51 10.39
C SER A 99 7.22 4.33 9.17
N LYS A 100 8.51 4.33 8.89
CA LYS A 100 9.04 5.09 7.75
C LYS A 100 9.39 4.15 6.61
N ILE A 101 9.05 4.56 5.40
CA ILE A 101 9.33 3.75 4.21
C ILE A 101 10.31 4.47 3.30
N PHE A 102 11.44 3.83 3.04
CA PHE A 102 12.46 4.44 2.18
C PHE A 102 12.38 3.90 0.76
N LEU A 103 12.23 4.79 -0.20
CA LEU A 103 12.16 4.38 -1.60
C LEU A 103 12.81 5.40 -2.53
N LYS A 104 13.05 4.97 -3.76
CA LYS A 104 13.68 5.83 -4.74
C LYS A 104 13.23 5.48 -6.15
N GLU A 105 13.26 6.48 -7.03
CA GLU A 105 12.86 6.28 -8.43
C GLU A 105 14.08 6.36 -9.34
N VAL A 106 14.32 5.29 -10.08
CA VAL A 106 15.46 5.25 -11.00
C VAL A 106 15.04 4.65 -12.34
N ASN A 107 15.63 5.16 -13.42
CA ASN A 107 15.31 4.68 -14.75
C ASN A 107 13.80 4.56 -14.94
N ASP A 108 13.08 5.61 -14.58
CA ASP A 108 11.63 5.62 -14.73
C ASP A 108 11.02 4.37 -14.10
N THR A 109 11.67 3.87 -13.05
CA THR A 109 11.17 2.68 -12.36
C THR A 109 11.13 2.92 -10.86
N LEU A 110 9.97 2.66 -10.27
CA LEU A 110 9.79 2.84 -8.84
C LEU A 110 10.49 1.71 -8.09
N LEU A 111 11.55 2.06 -7.36
CA LEU A 111 12.30 1.06 -6.60
C LEU A 111 12.19 1.36 -5.13
N VAL A 112 11.39 0.57 -4.43
CA VAL A 112 11.22 0.76 -3.01
C VAL A 112 12.07 -0.26 -2.25
N ASN A 113 12.62 0.17 -1.11
CA ASN A 113 13.47 -0.71 -0.30
C ASN A 113 14.62 -1.28 -1.13
N GLU A 114 14.32 -2.27 -1.96
CA GLU A 114 15.32 -2.90 -2.80
C GLU A 114 14.67 -3.81 -3.83
N LEU A 115 13.71 -3.27 -4.57
CA LEU A 115 13.01 -4.05 -5.59
C LEU A 115 12.07 -3.16 -6.39
N LYS A 116 11.68 -3.63 -7.56
CA LYS A 116 10.79 -2.86 -8.42
C LYS A 116 9.33 -3.17 -8.10
N SER A 117 8.49 -2.14 -8.18
CA SER A 117 7.06 -2.31 -7.90
C SER A 117 6.35 -2.95 -9.08
N LYS A 118 5.20 -3.58 -8.80
CA LYS A 118 4.43 -4.24 -9.85
C LYS A 118 3.63 -3.21 -10.65
N GLU A 119 2.93 -2.33 -9.95
CA GLU A 119 2.15 -1.30 -10.61
C GLU A 119 1.80 -0.18 -9.64
N SER A 120 2.16 1.03 -10.02
CA SER A 120 1.90 2.19 -9.17
C SER A 120 1.67 3.42 -10.02
N ASP A 121 1.31 4.53 -9.38
CA ASP A 121 1.08 5.78 -10.10
C ASP A 121 -0.20 5.68 -10.92
N ILE A 122 -1.04 4.73 -10.57
CA ILE A 122 -2.30 4.54 -11.28
C ILE A 122 -3.09 5.84 -11.35
N MET A 123 -3.23 6.51 -10.21
CA MET A 123 -3.95 7.77 -10.07
C MET A 123 -5.44 7.54 -9.87
N THR A 124 -5.94 8.02 -8.74
CA THR A 124 -7.36 7.88 -8.42
C THR A 124 -7.96 9.24 -8.07
N THR A 125 -9.26 9.22 -7.74
CA THR A 125 -9.95 10.46 -7.40
C THR A 125 -9.80 10.78 -5.92
N ASN A 126 -9.30 9.82 -5.16
CA ASN A 126 -9.10 10.01 -3.72
C ASN A 126 -7.68 9.66 -3.32
N GLY A 127 -6.76 9.72 -4.28
CA GLY A 127 -5.36 9.42 -3.99
C GLY A 127 -4.74 8.61 -5.11
N VAL A 128 -3.66 7.91 -4.79
CA VAL A 128 -2.95 7.09 -5.77
C VAL A 128 -2.81 5.67 -5.26
N ILE A 129 -2.43 4.77 -6.17
CA ILE A 129 -2.27 3.37 -5.81
C ILE A 129 -0.83 2.91 -6.05
N HIS A 130 -0.34 2.04 -5.16
CA HIS A 130 1.00 1.51 -5.28
C HIS A 130 0.98 0.01 -5.04
N VAL A 131 1.24 -0.75 -6.11
CA VAL A 131 1.26 -2.20 -6.01
C VAL A 131 2.70 -2.71 -6.02
N VAL A 132 3.06 -3.44 -4.98
CA VAL A 132 4.42 -3.98 -4.87
C VAL A 132 4.41 -5.50 -4.98
N ASP A 133 5.61 -6.08 -5.08
CA ASP A 133 5.74 -7.53 -5.19
C ASP A 133 6.36 -8.13 -3.92
N LYS A 134 6.10 -7.49 -2.78
CA LYS A 134 6.62 -7.97 -1.51
C LYS A 134 6.06 -7.13 -0.36
N LEU A 135 5.90 -7.76 0.80
CA LEU A 135 5.39 -7.06 1.97
C LEU A 135 6.49 -6.16 2.52
N LEU A 136 6.14 -4.94 2.90
CA LEU A 136 7.12 -4.00 3.43
C LEU A 136 6.98 -3.90 4.95
N TYR A 137 7.99 -4.38 5.67
CA TYR A 137 7.97 -4.34 7.12
C TYR A 137 8.09 -2.90 7.63
N PRO A 138 7.60 -2.61 8.81
CA PRO A 138 7.68 -1.25 9.41
C PRO A 138 9.12 -0.81 9.67
N ALA A 139 10.03 -1.77 9.64
CA ALA A 139 11.44 -1.48 9.88
C ALA A 139 12.30 -2.71 9.62
N ASP A 140 13.51 -2.50 9.12
CA ASP A 140 14.42 -3.59 8.84
C ASP A 140 15.15 -4.03 10.11
N GLY A 1 -10.36 13.29 -9.35
CA GLY A 1 -11.08 13.97 -10.42
C GLY A 1 -12.57 13.64 -10.37
N ALA A 2 -13.28 13.96 -11.45
CA ALA A 2 -14.70 13.68 -11.53
C ALA A 2 -14.99 12.24 -11.13
N MET A 3 -16.28 11.90 -11.06
CA MET A 3 -16.68 10.54 -10.69
C MET A 3 -15.97 9.52 -11.57
N GLU A 4 -14.93 8.90 -11.02
CA GLU A 4 -14.17 7.90 -11.76
C GLU A 4 -13.85 6.71 -10.86
N LYS A 5 -12.91 5.88 -11.30
CA LYS A 5 -12.52 4.71 -10.52
C LYS A 5 -11.85 5.13 -9.21
N SER A 6 -12.22 4.46 -8.13
CA SER A 6 -11.65 4.74 -6.82
C SER A 6 -10.82 3.57 -6.34
N LEU A 7 -10.13 3.79 -5.23
CA LEU A 7 -9.30 2.73 -4.66
C LEU A 7 -10.14 1.51 -4.28
N HIS A 8 -11.07 1.68 -3.34
CA HIS A 8 -11.92 0.57 -2.90
C HIS A 8 -12.57 -0.11 -4.10
N GLU A 9 -13.06 0.70 -5.03
CA GLU A 9 -13.70 0.17 -6.23
C GLU A 9 -12.78 -0.85 -6.91
N LYS A 10 -11.54 -0.45 -7.16
CA LYS A 10 -10.59 -1.33 -7.80
C LYS A 10 -10.43 -2.61 -7.00
N LEU A 11 -10.10 -2.48 -5.72
CA LEU A 11 -9.92 -3.66 -4.87
C LEU A 11 -11.16 -4.56 -4.93
N LYS A 12 -12.32 -3.94 -5.05
CA LYS A 12 -13.57 -4.68 -5.11
C LYS A 12 -13.75 -5.30 -6.50
N GLN A 13 -13.09 -4.73 -7.49
CA GLN A 13 -13.18 -5.25 -8.85
C GLN A 13 -11.98 -6.14 -9.17
N ASP A 14 -10.96 -6.07 -8.32
CA ASP A 14 -9.76 -6.87 -8.51
C ASP A 14 -9.68 -7.99 -7.48
N LYS A 15 -9.86 -9.22 -7.93
CA LYS A 15 -9.81 -10.37 -7.03
C LYS A 15 -8.39 -10.56 -6.47
N ARG A 16 -7.40 -10.16 -7.26
CA ARG A 16 -6.01 -10.28 -6.84
C ARG A 16 -5.81 -9.62 -5.47
N PHE A 17 -6.65 -8.64 -5.17
CA PHE A 17 -6.56 -7.93 -3.89
C PHE A 17 -7.75 -8.27 -3.01
N SER A 18 -8.37 -9.40 -3.25
CA SER A 18 -9.52 -9.84 -2.45
C SER A 18 -9.12 -9.93 -0.98
N THR A 19 -7.88 -10.30 -0.73
CA THR A 19 -7.40 -10.40 0.64
C THR A 19 -7.58 -9.09 1.37
N PHE A 20 -7.25 -7.98 0.72
CA PHE A 20 -7.38 -6.66 1.33
C PHE A 20 -8.80 -6.44 1.79
N LEU A 21 -9.75 -6.79 0.94
CA LEU A 21 -11.15 -6.61 1.30
C LEU A 21 -11.48 -7.45 2.52
N SER A 22 -10.86 -8.63 2.60
CA SER A 22 -11.13 -9.53 3.72
C SER A 22 -10.61 -8.98 5.05
N LEU A 23 -9.34 -8.58 5.06
CA LEU A 23 -8.72 -8.06 6.28
C LEU A 23 -9.22 -6.65 6.61
N LEU A 24 -9.25 -5.78 5.61
CA LEU A 24 -9.69 -4.41 5.84
C LEU A 24 -11.13 -4.36 6.28
N GLU A 25 -11.91 -5.33 5.82
CA GLU A 25 -13.31 -5.38 6.21
C GLU A 25 -13.44 -5.85 7.65
N ALA A 26 -12.64 -6.84 8.03
CA ALA A 26 -12.69 -7.36 9.39
C ALA A 26 -12.40 -6.25 10.40
N ALA A 27 -11.46 -5.37 10.04
CA ALA A 27 -11.11 -4.26 10.92
C ALA A 27 -12.12 -3.13 10.76
N ASP A 28 -12.97 -3.25 9.75
CA ASP A 28 -13.99 -2.25 9.48
C ASP A 28 -13.38 -0.97 8.90
N LEU A 29 -12.57 -1.13 7.84
CA LEU A 29 -11.94 0.03 7.21
C LEU A 29 -12.64 0.35 5.90
N LYS A 30 -13.52 -0.53 5.49
CA LYS A 30 -14.27 -0.32 4.26
C LYS A 30 -14.96 1.05 4.30
N GLU A 31 -15.24 1.52 5.52
CA GLU A 31 -15.89 2.82 5.71
C GLU A 31 -14.86 3.95 5.65
N LEU A 32 -13.60 3.60 5.82
CA LEU A 32 -12.52 4.58 5.79
C LEU A 32 -12.12 4.92 4.36
N LEU A 33 -12.10 3.92 3.50
CA LEU A 33 -11.73 4.14 2.10
C LEU A 33 -12.68 5.13 1.45
N THR A 34 -13.95 5.11 1.88
CA THR A 34 -14.94 6.02 1.32
C THR A 34 -14.79 7.42 1.91
N GLN A 35 -13.65 7.69 2.55
CA GLN A 35 -13.41 9.00 3.12
C GLN A 35 -12.53 9.84 2.18
N PRO A 36 -13.13 10.64 1.29
CA PRO A 36 -12.37 11.48 0.33
C PRO A 36 -11.02 11.95 0.86
N GLY A 37 -9.99 11.83 0.02
CA GLY A 37 -8.66 12.25 0.41
C GLY A 37 -7.62 11.62 -0.50
N ASP A 38 -6.56 12.37 -0.81
CA ASP A 38 -5.51 11.87 -1.68
C ASP A 38 -4.38 11.24 -0.88
N TRP A 39 -4.16 9.95 -1.06
CA TRP A 39 -3.09 9.26 -0.35
C TRP A 39 -2.50 8.14 -1.20
N THR A 40 -1.36 7.61 -0.77
CA THR A 40 -0.71 6.53 -1.49
C THR A 40 -1.08 5.17 -0.88
N LEU A 41 -1.45 4.23 -1.76
CA LEU A 41 -1.85 2.91 -1.30
C LEU A 41 -0.89 1.82 -1.78
N PHE A 42 -0.24 1.16 -0.82
CA PHE A 42 0.69 0.09 -1.11
C PHE A 42 -0.01 -1.25 -0.94
N VAL A 43 -0.20 -1.95 -2.06
CA VAL A 43 -0.88 -3.24 -2.04
C VAL A 43 0.01 -4.34 -2.64
N PRO A 44 0.48 -5.29 -1.85
CA PRO A 44 1.33 -6.40 -2.38
C PRO A 44 0.48 -7.52 -3.00
N THR A 45 1.04 -8.19 -4.01
CA THR A 45 0.33 -9.27 -4.67
C THR A 45 0.47 -10.58 -3.91
N ASN A 46 -0.12 -11.65 -4.44
CA ASN A 46 -0.04 -12.95 -3.79
C ASN A 46 1.41 -13.43 -3.73
N ASP A 47 2.15 -13.21 -4.82
CA ASP A 47 3.54 -13.64 -4.89
C ASP A 47 4.33 -13.11 -3.70
N ALA A 48 3.82 -12.07 -3.06
CA ALA A 48 4.47 -11.47 -1.91
C ALA A 48 4.02 -12.15 -0.63
N PHE A 49 2.80 -12.69 -0.65
CA PHE A 49 2.26 -13.34 0.54
C PHE A 49 2.89 -14.71 0.72
N LYS A 50 3.45 -15.24 -0.36
CA LYS A 50 4.10 -16.55 -0.32
C LYS A 50 5.23 -16.55 0.70
N GLY A 51 5.02 -17.24 1.82
CA GLY A 51 6.03 -17.31 2.87
C GLY A 51 5.39 -17.25 4.25
N MET A 52 4.40 -16.39 4.40
CA MET A 52 3.71 -16.24 5.68
C MET A 52 3.34 -17.61 6.24
N THR A 53 3.82 -17.89 7.44
CA THR A 53 3.54 -19.17 8.09
C THR A 53 2.35 -19.04 9.03
N SER A 54 1.63 -20.14 9.21
CA SER A 54 0.46 -20.13 10.09
C SER A 54 0.76 -19.38 11.39
N GLU A 55 1.94 -19.63 11.94
CA GLU A 55 2.35 -18.98 13.18
C GLU A 55 2.54 -17.49 12.96
N GLU A 56 3.13 -17.14 11.83
CA GLU A 56 3.37 -15.74 11.51
C GLU A 56 2.07 -14.96 11.52
N LYS A 57 1.16 -15.33 10.63
CA LYS A 57 -0.12 -14.64 10.55
C LYS A 57 -0.84 -14.64 11.90
N GLU A 58 -0.63 -15.68 12.69
CA GLU A 58 -1.26 -15.78 13.98
C GLU A 58 -0.65 -14.78 14.95
N ILE A 59 0.63 -14.49 14.77
CA ILE A 59 1.33 -13.54 15.63
C ILE A 59 0.81 -12.13 15.38
N LEU A 60 0.42 -11.85 14.13
CA LEU A 60 -0.09 -10.52 13.80
C LEU A 60 -1.49 -10.33 14.37
N ILE A 61 -2.42 -11.20 13.99
CA ILE A 61 -3.79 -11.10 14.47
C ILE A 61 -3.84 -11.24 15.99
N ARG A 62 -2.75 -11.72 16.59
CA ARG A 62 -2.71 -11.90 18.02
C ARG A 62 -2.94 -10.57 18.73
N ASP A 63 -2.68 -9.47 18.03
CA ASP A 63 -2.86 -8.14 18.60
C ASP A 63 -3.64 -7.26 17.64
N LYS A 64 -4.65 -6.59 18.17
CA LYS A 64 -5.48 -5.71 17.34
C LYS A 64 -4.64 -4.59 16.76
N ASN A 65 -3.67 -4.10 17.53
CA ASN A 65 -2.83 -3.02 17.06
C ASN A 65 -1.90 -3.50 15.96
N ALA A 66 -1.57 -4.78 15.99
CA ALA A 66 -0.68 -5.36 14.99
C ALA A 66 -1.38 -5.50 13.66
N LEU A 67 -2.44 -6.29 13.62
CA LEU A 67 -3.15 -6.47 12.37
C LEU A 67 -3.55 -5.10 11.85
N GLN A 68 -3.85 -4.16 12.76
CA GLN A 68 -4.26 -2.83 12.34
C GLN A 68 -3.14 -2.17 11.54
N ASN A 69 -1.94 -2.19 12.12
CA ASN A 69 -0.79 -1.58 11.47
C ASN A 69 -0.70 -2.06 10.03
N ILE A 70 -0.93 -3.36 9.84
CA ILE A 70 -0.87 -3.92 8.50
C ILE A 70 -2.02 -3.41 7.63
N ILE A 71 -3.22 -3.33 8.21
CA ILE A 71 -4.37 -2.85 7.49
C ILE A 71 -3.99 -1.59 6.72
N LEU A 72 -3.36 -0.63 7.39
CA LEU A 72 -2.98 0.60 6.71
C LEU A 72 -1.99 0.33 5.59
N TYR A 73 -1.36 -0.84 5.64
CA TYR A 73 -0.39 -1.20 4.62
C TYR A 73 0.47 0.01 4.25
N HIS A 74 0.93 0.74 5.27
CA HIS A 74 1.77 1.92 5.03
C HIS A 74 0.98 3.03 4.33
N LEU A 75 -0.21 3.31 4.84
CA LEU A 75 -1.03 4.37 4.26
C LEU A 75 -0.31 5.69 4.42
N THR A 76 -0.03 6.36 3.31
CA THR A 76 0.67 7.64 3.38
C THR A 76 -0.19 8.77 2.83
N PRO A 77 0.07 10.02 3.19
CA PRO A 77 -0.71 11.18 2.68
C PRO A 77 -0.04 11.84 1.47
N GLY A 78 -0.83 12.42 0.59
CA GLY A 78 -0.28 13.08 -0.59
C GLY A 78 0.24 12.06 -1.59
N VAL A 79 -0.44 11.97 -2.73
CA VAL A 79 -0.04 11.01 -3.77
C VAL A 79 1.45 11.15 -4.08
N PHE A 80 2.08 10.02 -4.42
CA PHE A 80 3.49 10.03 -4.75
C PHE A 80 3.69 10.39 -6.22
N ILE A 81 4.64 11.28 -6.49
CA ILE A 81 4.93 11.69 -7.86
C ILE A 81 6.39 11.45 -8.20
N GLY A 82 6.64 10.72 -9.28
CA GLY A 82 8.00 10.43 -9.70
C GLY A 82 8.55 11.53 -10.59
N LYS A 83 7.86 12.67 -10.62
CA LYS A 83 8.28 13.80 -11.43
C LYS A 83 8.54 15.03 -10.56
N GLY A 84 8.83 14.79 -9.30
CA GLY A 84 9.10 15.88 -8.37
C GLY A 84 10.12 15.47 -7.32
N PHE A 85 10.68 14.27 -7.47
CA PHE A 85 11.67 13.76 -6.53
C PHE A 85 12.98 13.46 -7.26
N GLU A 86 14.07 13.36 -6.50
CA GLU A 86 15.37 13.08 -7.09
C GLU A 86 15.52 11.58 -7.41
N PRO A 87 15.81 11.21 -8.65
CA PRO A 87 15.99 9.77 -9.04
C PRO A 87 17.36 9.24 -8.64
N GLY A 88 17.44 7.93 -8.44
CA GLY A 88 18.71 7.31 -8.06
C GLY A 88 18.85 7.24 -6.54
N VAL A 89 18.42 8.29 -5.86
CA VAL A 89 18.49 8.34 -4.40
C VAL A 89 17.15 7.99 -3.78
N THR A 90 17.20 7.39 -2.60
CA THR A 90 15.97 7.01 -1.90
C THR A 90 15.36 8.19 -1.17
N ASN A 91 14.03 8.17 -1.02
CA ASN A 91 13.34 9.27 -0.34
C ASN A 91 12.56 8.73 0.86
N ILE A 92 12.86 9.28 2.03
CA ILE A 92 12.18 8.85 3.26
C ILE A 92 10.82 9.50 3.37
N LEU A 93 9.77 8.69 3.26
CA LEU A 93 8.41 9.19 3.35
C LEU A 93 7.73 8.66 4.60
N LYS A 94 7.09 9.55 5.33
CA LYS A 94 6.38 9.16 6.55
C LYS A 94 4.95 8.77 6.23
N THR A 95 4.55 7.59 6.67
CA THR A 95 3.20 7.12 6.40
C THR A 95 2.33 7.23 7.65
N THR A 96 1.02 7.31 7.45
CA THR A 96 0.08 7.43 8.55
C THR A 96 0.21 6.22 9.49
N GLN A 97 0.60 5.08 8.94
CA GLN A 97 0.75 3.86 9.73
C GLN A 97 1.64 4.11 10.94
N GLY A 98 2.55 5.07 10.82
CA GLY A 98 3.45 5.41 11.91
C GLY A 98 4.90 5.21 11.51
N SER A 99 5.14 4.30 10.58
CA SER A 99 6.49 4.02 10.12
C SER A 99 6.80 4.82 8.85
N LYS A 100 8.07 4.80 8.45
CA LYS A 100 8.49 5.52 7.25
C LYS A 100 8.87 4.53 6.15
N ILE A 101 8.67 4.96 4.90
CA ILE A 101 8.97 4.12 3.76
C ILE A 101 9.95 4.83 2.83
N PHE A 102 10.90 4.07 2.28
CA PHE A 102 11.91 4.63 1.38
C PHE A 102 11.52 4.42 -0.07
N LEU A 103 11.44 5.52 -0.82
CA LEU A 103 11.05 5.45 -2.22
C LEU A 103 12.20 5.84 -3.14
N LYS A 104 12.31 5.13 -4.25
CA LYS A 104 13.35 5.40 -5.22
C LYS A 104 12.85 5.17 -6.64
N GLU A 105 13.17 6.11 -7.53
CA GLU A 105 12.78 6.00 -8.93
C GLU A 105 14.01 6.03 -9.83
N VAL A 106 14.11 5.03 -10.69
CA VAL A 106 15.24 4.94 -11.62
C VAL A 106 14.76 4.48 -13.00
N ASN A 107 15.36 5.05 -14.04
CA ASN A 107 14.99 4.69 -15.42
C ASN A 107 13.48 4.77 -15.59
N ASP A 108 12.86 5.80 -15.02
CA ASP A 108 11.43 5.96 -15.12
C ASP A 108 10.70 4.79 -14.49
N THR A 109 11.40 4.07 -13.62
CA THR A 109 10.81 2.92 -12.94
C THR A 109 10.73 3.16 -11.44
N LEU A 110 9.55 2.93 -10.86
CA LEU A 110 9.40 3.13 -9.43
C LEU A 110 9.99 1.97 -8.68
N LEU A 111 11.01 2.27 -7.90
CA LEU A 111 11.69 1.26 -7.10
C LEU A 111 11.57 1.59 -5.63
N VAL A 112 10.97 0.69 -4.86
CA VAL A 112 10.79 0.93 -3.42
C VAL A 112 11.72 0.00 -2.63
N ASN A 113 12.42 0.58 -1.66
CA ASN A 113 13.33 -0.20 -0.83
C ASN A 113 14.42 -0.86 -1.69
N GLU A 114 14.03 -1.89 -2.43
CA GLU A 114 14.97 -2.60 -3.30
C GLU A 114 14.22 -3.62 -4.16
N LEU A 115 13.08 -3.21 -4.68
CA LEU A 115 12.28 -4.10 -5.52
C LEU A 115 11.51 -3.28 -6.54
N LYS A 116 11.38 -3.81 -7.75
CA LYS A 116 10.68 -3.11 -8.82
C LYS A 116 9.18 -3.25 -8.64
N SER A 117 8.48 -2.13 -8.70
CA SER A 117 7.03 -2.13 -8.54
C SER A 117 6.37 -2.91 -9.68
N LYS A 118 5.18 -3.43 -9.42
CA LYS A 118 4.45 -4.18 -10.43
C LYS A 118 3.53 -3.26 -11.21
N GLU A 119 2.81 -2.41 -10.48
CA GLU A 119 1.89 -1.47 -11.13
C GLU A 119 1.50 -0.36 -10.17
N SER A 120 2.04 0.82 -10.40
CA SER A 120 1.76 1.96 -9.55
C SER A 120 1.61 3.22 -10.38
N ASP A 121 1.44 4.36 -9.69
CA ASP A 121 1.29 5.66 -10.35
C ASP A 121 -0.12 5.83 -10.88
N ILE A 122 -0.92 4.79 -10.73
CA ILE A 122 -2.30 4.82 -11.19
C ILE A 122 -3.08 5.86 -10.39
N MET A 123 -3.48 6.92 -11.07
CA MET A 123 -4.22 8.00 -10.43
C MET A 123 -5.68 7.60 -10.20
N THR A 124 -6.08 7.67 -8.93
CA THR A 124 -7.45 7.32 -8.58
C THR A 124 -8.23 8.56 -8.16
N THR A 125 -9.46 8.36 -7.71
CA THR A 125 -10.30 9.47 -7.30
C THR A 125 -10.02 9.85 -5.84
N ASN A 126 -9.24 9.03 -5.15
CA ASN A 126 -8.90 9.29 -3.75
C ASN A 126 -7.40 9.21 -3.54
N GLY A 127 -6.65 9.36 -4.62
CA GLY A 127 -5.19 9.33 -4.52
C GLY A 127 -4.57 8.53 -5.65
N VAL A 128 -3.50 7.82 -5.34
CA VAL A 128 -2.81 7.01 -6.32
C VAL A 128 -2.62 5.59 -5.81
N ILE A 129 -2.54 4.66 -6.74
CA ILE A 129 -2.38 3.27 -6.38
C ILE A 129 -0.93 2.82 -6.51
N HIS A 130 -0.54 1.86 -5.68
CA HIS A 130 0.81 1.33 -5.73
C HIS A 130 0.81 -0.18 -5.49
N VAL A 131 1.13 -0.93 -6.53
CA VAL A 131 1.17 -2.39 -6.45
C VAL A 131 2.60 -2.89 -6.46
N VAL A 132 2.97 -3.57 -5.37
CA VAL A 132 4.32 -4.12 -5.25
C VAL A 132 4.28 -5.64 -5.22
N ASP A 133 5.47 -6.25 -5.27
CA ASP A 133 5.57 -7.71 -5.24
C ASP A 133 6.33 -8.19 -4.01
N LYS A 134 6.03 -7.57 -2.87
CA LYS A 134 6.67 -7.95 -1.62
C LYS A 134 6.02 -7.22 -0.45
N LEU A 135 6.24 -7.73 0.76
CA LEU A 135 5.67 -7.12 1.95
C LEU A 135 6.68 -6.20 2.62
N LEU A 136 6.35 -4.92 2.68
CA LEU A 136 7.25 -3.94 3.30
C LEU A 136 6.97 -3.85 4.79
N TYR A 137 8.03 -3.73 5.59
CA TYR A 137 7.87 -3.63 7.03
C TYR A 137 8.91 -2.68 7.63
N PRO A 138 8.65 -2.10 8.79
CA PRO A 138 9.61 -1.18 9.47
C PRO A 138 11.03 -1.78 9.55
N ALA A 139 11.87 -1.18 10.39
CA ALA A 139 13.24 -1.65 10.55
C ALA A 139 14.07 -1.33 9.32
N ASP A 140 15.27 -1.89 9.25
CA ASP A 140 16.16 -1.65 8.11
C ASP A 140 16.22 -0.16 7.79
#